data_4UJ3
#
_entry.id   4UJ3
#
_cell.length_a   67.498
_cell.length_b   165.374
_cell.length_c   218.687
_cell.angle_alpha   90.00
_cell.angle_beta   95.93
_cell.angle_gamma   90.00
#
_symmetry.space_group_name_H-M   'P 1 21 1'
#
loop_
_entity.id
_entity.type
_entity.pdbx_description
1 polymer 'RAS-RELATED PROTEIN RAB-11A'
2 polymer 'RAB-3A-INTERACTING PROTEIN'
3 polymer 'RAB11 FAMILY-INTERACTING PROTEIN 3'
4 non-polymer 'PHOSPHOAMINOPHOSPHONIC ACID-GUANYLATE ESTER'
5 non-polymer 'MAGNESIUM ION'
6 non-polymer 'SULFATE ION'
7 non-polymer 'TETRAETHYLENE GLYCOL'
8 water water
#
loop_
_entity_poly.entity_id
_entity_poly.type
_entity_poly.pdbx_seq_one_letter_code
_entity_poly.pdbx_strand_id
1 'polypeptide(L)'
;GAASRDDEYDYLFKVVLIGDSGVGKSNLLSRFTRNEFNLESKSTIGVEFATRSIQVDGKTIKAQIWDTAGLERYRAITSA
YYRGAVGALLVYDIAKHLTYENVERWLKELRDHADSNIVIMLVGNKSDLRHLRAVPTDEARAFAEKNGLSFIETSALDST
NVEAAFQTILTEIYRIVSQKQMSDRRE
;
A,D,G,J,M,P,S,V
2 'polypeptide(L)'
;GAASNKSTSSAMSGSHQDLSVIQPIVKDCKEADLSLYNEFRLWKDEPTMDRTCPFLDKIYQEDIFPCLTFSKSELASAVL
EAVENNTLSIEPVGLQPIRFVKASAVECGGPKKCALTGQSKSCKHRIKLGDSSNYYYISPFCRYRITSVCNFFTYIRYIQ
QGLVKQQDVDQMFWEVMQLRKEMSLAKLGYFKEEL
;
B,E,H,K,N,Q,T,W
3 'polypeptide(L)' GAASGAKSLFSTAFSESLAAEISSVSRDELMEAIQKQEEINFRLQDYIDRIIVAIMETNPSILEVK C,F,I,L,O,R,U,X
#
loop_
_chem_comp.id
_chem_comp.type
_chem_comp.name
_chem_comp.formula
GNP non-polymer 'PHOSPHOAMINOPHOSPHONIC ACID-GUANYLATE ESTER' 'C10 H17 N6 O13 P3'
MG non-polymer 'MAGNESIUM ION' 'Mg 2'
PG4 non-polymer 'TETRAETHYLENE GLYCOL' 'C8 H18 O5'
SO4 non-polymer 'SULFATE ION' 'O4 S -2'
#
# COMPACT_ATOMS: atom_id res chain seq x y z
N ARG A 5 -86.94 -28.14 19.58
CA ARG A 5 -85.53 -28.16 19.97
C ARG A 5 -85.05 -26.77 20.37
N ASP A 6 -84.74 -26.59 21.66
CA ASP A 6 -84.23 -25.32 22.13
C ASP A 6 -82.71 -25.26 22.03
N ASP A 7 -82.26 -24.62 20.95
CA ASP A 7 -80.85 -24.36 20.66
C ASP A 7 -80.47 -22.94 21.04
N GLU A 8 -81.42 -22.21 21.63
CA GLU A 8 -81.19 -20.80 21.95
C GLU A 8 -80.05 -20.51 22.87
N TYR A 9 -79.50 -19.32 22.69
CA TYR A 9 -78.42 -18.83 23.51
C TYR A 9 -78.66 -17.34 23.68
N ASP A 10 -78.22 -16.77 24.78
CA ASP A 10 -78.43 -15.36 25.06
C ASP A 10 -77.27 -14.51 24.58
N TYR A 11 -76.05 -15.04 24.73
CA TYR A 11 -74.87 -14.33 24.28
C TYR A 11 -74.00 -15.30 23.48
N LEU A 12 -73.34 -14.78 22.44
CA LEU A 12 -72.39 -15.59 21.68
C LEU A 12 -71.00 -14.96 21.70
N PHE A 13 -70.10 -15.59 22.44
CA PHE A 13 -68.75 -15.08 22.61
C PHE A 13 -67.76 -15.90 21.78
N LYS A 14 -66.94 -15.22 20.99
CA LYS A 14 -65.89 -15.86 20.23
C LYS A 14 -64.61 -15.86 21.05
N VAL A 15 -64.08 -17.04 21.33
CA VAL A 15 -62.82 -17.10 22.06
C VAL A 15 -61.77 -17.82 21.22
N VAL A 16 -60.60 -17.20 21.08
CA VAL A 16 -59.53 -17.78 20.28
C VAL A 16 -58.43 -18.44 21.12
N LEU A 17 -57.88 -19.54 20.61
CA LEU A 17 -56.74 -20.19 21.23
C LEU A 17 -55.43 -19.76 20.60
N ILE A 18 -54.52 -19.23 21.42
CA ILE A 18 -53.19 -18.88 20.93
C ILE A 18 -52.10 -19.46 21.84
N GLY A 19 -50.91 -19.58 21.30
CA GLY A 19 -49.78 -20.10 22.06
C GLY A 19 -48.86 -20.89 21.17
N ASP A 20 -47.68 -21.20 21.70
CA ASP A 20 -46.68 -21.94 20.96
C ASP A 20 -47.21 -23.28 20.47
N SER A 21 -46.67 -23.73 19.35
CA SER A 21 -47.05 -25.03 18.82
C SER A 21 -46.71 -26.12 19.82
N GLY A 22 -47.69 -26.99 20.08
CA GLY A 22 -47.50 -28.14 20.93
C GLY A 22 -47.86 -27.99 22.39
N VAL A 23 -48.38 -26.83 22.78
CA VAL A 23 -48.72 -26.64 24.19
C VAL A 23 -50.04 -27.34 24.51
N GLY A 24 -50.79 -27.72 23.48
CA GLY A 24 -52.00 -28.48 23.71
C GLY A 24 -53.30 -27.73 23.45
N LYS A 25 -53.23 -26.69 22.62
CA LYS A 25 -54.43 -25.91 22.32
C LYS A 25 -55.57 -26.78 21.80
N SER A 26 -55.29 -27.55 20.74
CA SER A 26 -56.28 -28.40 20.09
C SER A 26 -56.94 -29.40 21.05
N ASN A 27 -56.18 -29.87 22.03
CA ASN A 27 -56.74 -30.82 22.98
C ASN A 27 -57.55 -30.13 24.08
N LEU A 28 -57.18 -28.91 24.42
CA LEU A 28 -58.03 -28.12 25.29
C LEU A 28 -59.37 -27.95 24.62
N LEU A 29 -59.35 -27.68 23.31
CA LEU A 29 -60.59 -27.52 22.56
C LEU A 29 -61.44 -28.78 22.61
N SER A 30 -60.84 -29.91 22.20
CA SER A 30 -61.56 -31.19 22.15
C SER A 30 -62.02 -31.62 23.55
N ARG A 31 -61.22 -31.32 24.57
CA ARG A 31 -61.58 -31.69 25.92
C ARG A 31 -62.84 -30.96 26.39
N PHE A 32 -62.88 -29.65 26.13
CA PHE A 32 -64.00 -28.82 26.55
C PHE A 32 -65.26 -29.09 25.73
N THR A 33 -65.11 -29.15 24.41
CA THR A 33 -66.25 -29.26 23.49
C THR A 33 -66.78 -30.69 23.33
N ARG A 34 -65.91 -31.69 23.16
CA ARG A 34 -66.39 -33.07 23.01
C ARG A 34 -65.81 -34.08 24.03
N ASN A 35 -65.29 -33.58 25.15
CA ASN A 35 -64.69 -34.41 26.19
C ASN A 35 -63.79 -35.54 25.66
N GLU A 36 -62.95 -35.21 24.70
CA GLU A 36 -62.01 -36.16 24.10
C GLU A 36 -60.57 -35.65 24.17
N PHE A 37 -59.63 -36.57 24.38
CA PHE A 37 -58.21 -36.24 24.35
C PHE A 37 -57.47 -37.17 23.37
N ASN A 38 -56.48 -36.63 22.70
CA ASN A 38 -55.70 -37.40 21.75
C ASN A 38 -54.22 -37.26 22.09
N LEU A 39 -53.59 -38.36 22.48
CA LEU A 39 -52.19 -38.32 22.88
C LEU A 39 -51.33 -38.09 21.67
N GLU A 40 -51.78 -38.62 20.55
CA GLU A 40 -51.02 -38.65 19.32
C GLU A 40 -51.38 -37.51 18.38
N SER A 41 -52.21 -36.58 18.87
CA SER A 41 -52.75 -35.50 18.05
C SER A 41 -51.66 -34.76 17.29
N LYS A 42 -51.96 -34.47 16.03
CA LYS A 42 -51.02 -33.83 15.13
C LYS A 42 -51.22 -32.32 15.02
N SER A 43 -50.35 -31.65 14.29
CA SER A 43 -50.41 -30.21 14.17
C SER A 43 -51.67 -29.84 13.39
N THR A 44 -52.29 -28.74 13.77
CA THR A 44 -53.58 -28.34 13.22
C THR A 44 -53.41 -27.67 11.87
N ILE A 45 -54.10 -28.19 10.84
CA ILE A 45 -54.08 -27.55 9.52
C ILE A 45 -55.34 -26.72 9.32
N GLY A 46 -55.17 -25.54 8.73
CA GLY A 46 -56.29 -24.64 8.51
C GLY A 46 -56.76 -23.95 9.77
N VAL A 47 -58.07 -23.72 9.85
CA VAL A 47 -58.69 -23.10 11.02
C VAL A 47 -60.01 -23.79 11.36
N GLU A 48 -60.27 -23.95 12.65
CA GLU A 48 -61.48 -24.64 13.09
C GLU A 48 -62.12 -23.93 14.24
N PHE A 49 -63.35 -24.30 14.54
CA PHE A 49 -63.94 -23.92 15.80
C PHE A 49 -65.03 -24.92 16.14
N ALA A 50 -65.24 -25.12 17.43
CA ALA A 50 -66.31 -25.97 17.94
C ALA A 50 -67.03 -25.15 19.00
N THR A 51 -68.29 -25.47 19.27
CA THR A 51 -69.10 -24.63 20.15
C THR A 51 -69.62 -25.36 21.36
N ARG A 52 -69.79 -24.62 22.44
CA ARG A 52 -70.46 -25.17 23.61
C ARG A 52 -71.19 -24.09 24.37
N SER A 53 -72.37 -24.43 24.90
CA SER A 53 -73.19 -23.48 25.64
C SER A 53 -73.16 -23.77 27.13
N ILE A 54 -73.13 -22.72 27.94
CA ILE A 54 -73.07 -22.86 29.38
C ILE A 54 -73.99 -21.84 30.02
N GLN A 55 -74.30 -22.03 31.29
CA GLN A 55 -75.16 -21.11 32.02
C GLN A 55 -74.33 -20.18 32.90
N VAL A 56 -74.53 -18.88 32.71
CA VAL A 56 -73.83 -17.88 33.50
C VAL A 56 -74.81 -16.81 33.98
N ASP A 57 -75.05 -16.76 35.29
CA ASP A 57 -75.99 -15.80 35.86
C ASP A 57 -77.36 -15.99 35.23
N GLY A 58 -77.75 -17.26 35.08
CA GLY A 58 -79.06 -17.58 34.53
C GLY A 58 -79.10 -17.46 33.02
N LYS A 59 -78.19 -16.68 32.45
CA LYS A 59 -78.16 -16.48 30.99
C LYS A 59 -77.31 -17.57 30.33
N THR A 60 -77.77 -18.04 29.18
CA THR A 60 -77.04 -19.08 28.43
C THR A 60 -75.98 -18.47 27.53
N ILE A 61 -74.74 -18.92 27.70
CA ILE A 61 -73.63 -18.43 26.87
C ILE A 61 -73.21 -19.48 25.86
N LYS A 62 -73.26 -19.14 24.58
CA LYS A 62 -72.80 -20.05 23.55
C LYS A 62 -71.37 -19.69 23.26
N ALA A 63 -70.45 -20.60 23.58
CA ALA A 63 -69.04 -20.31 23.40
C ALA A 63 -68.59 -20.82 22.06
N GLN A 64 -67.88 -19.96 21.34
CA GLN A 64 -67.30 -20.33 20.06
C GLN A 64 -65.78 -20.40 20.18
N ILE A 65 -65.25 -21.60 20.37
CA ILE A 65 -63.83 -21.76 20.60
C ILE A 65 -63.11 -22.00 19.27
N TRP A 66 -62.32 -21.02 18.84
CA TRP A 66 -61.55 -21.15 17.59
C TRP A 66 -60.12 -21.65 17.85
N ASP A 67 -59.62 -22.45 16.92
CA ASP A 67 -58.29 -23.05 17.04
C ASP A 67 -57.59 -22.97 15.68
N THR A 68 -56.29 -22.81 15.70
CA THR A 68 -55.50 -22.80 14.47
C THR A 68 -54.06 -23.20 14.75
N ALA A 69 -53.26 -23.30 13.69
CA ALA A 69 -51.89 -23.77 13.82
C ALA A 69 -51.09 -22.86 14.73
N GLY A 70 -50.46 -23.47 15.72
CA GLY A 70 -49.66 -22.75 16.71
C GLY A 70 -48.46 -22.04 16.11
N LEU A 71 -48.02 -22.52 14.94
CA LEU A 71 -46.94 -21.85 14.24
C LEU A 71 -47.52 -20.67 13.50
N GLU A 72 -47.06 -19.49 13.90
CA GLU A 72 -47.53 -18.24 13.32
C GLU A 72 -46.34 -17.32 13.12
N ARG A 73 -46.06 -16.98 11.87
CA ARG A 73 -45.37 -15.74 11.59
C ARG A 73 -46.05 -15.00 10.44
N TYR A 74 -45.92 -15.59 9.26
CA TYR A 74 -46.29 -14.95 8.00
C TYR A 74 -47.74 -15.21 7.58
N ARG A 75 -48.52 -15.87 8.43
CA ARG A 75 -49.86 -16.33 8.06
C ARG A 75 -50.71 -15.27 7.37
N ALA A 76 -50.77 -14.07 7.94
CA ALA A 76 -51.56 -12.97 7.37
C ALA A 76 -53.06 -13.27 7.40
N ILE A 77 -53.39 -14.51 7.75
CA ILE A 77 -54.76 -14.99 7.88
C ILE A 77 -55.13 -14.82 9.35
N THR A 78 -54.37 -13.98 10.02
CA THR A 78 -54.50 -13.80 11.46
C THR A 78 -55.52 -12.71 11.75
N SER A 79 -55.60 -11.74 10.84
CA SER A 79 -56.54 -10.64 11.03
C SER A 79 -57.93 -11.22 11.20
N ALA A 80 -58.25 -12.19 10.36
CA ALA A 80 -59.53 -12.88 10.39
C ALA A 80 -59.69 -13.70 11.66
N TYR A 81 -58.59 -14.30 12.11
CA TYR A 81 -58.62 -15.14 13.29
C TYR A 81 -59.04 -14.34 14.53
N TYR A 82 -58.42 -13.18 14.73
CA TYR A 82 -58.66 -12.37 15.93
C TYR A 82 -59.92 -11.55 15.81
N ARG A 83 -60.38 -11.33 14.58
CA ARG A 83 -61.55 -10.51 14.34
C ARG A 83 -62.74 -11.06 15.13
N GLY A 84 -63.39 -10.18 15.89
CA GLY A 84 -64.56 -10.57 16.65
C GLY A 84 -64.28 -11.36 17.90
N ALA A 85 -63.01 -11.62 18.17
CA ALA A 85 -62.66 -12.34 19.39
C ALA A 85 -62.81 -11.42 20.58
N VAL A 86 -63.61 -11.84 21.56
CA VAL A 86 -63.80 -11.06 22.77
C VAL A 86 -63.04 -11.66 23.95
N GLY A 87 -62.45 -12.82 23.71
CA GLY A 87 -61.69 -13.53 24.72
C GLY A 87 -60.57 -14.35 24.10
N ALA A 88 -59.52 -14.57 24.87
CA ALA A 88 -58.41 -15.34 24.35
C ALA A 88 -57.78 -16.22 25.44
N LEU A 89 -57.59 -17.49 25.12
CA LEU A 89 -56.87 -18.37 26.01
C LEU A 89 -55.43 -18.49 25.52
N LEU A 90 -54.52 -17.81 26.22
CA LEU A 90 -53.10 -17.82 25.88
C LEU A 90 -52.42 -19.00 26.58
N VAL A 91 -52.00 -19.98 25.79
CA VAL A 91 -51.58 -21.26 26.36
C VAL A 91 -50.07 -21.49 26.30
N TYR A 92 -49.50 -22.01 27.39
CA TYR A 92 -48.11 -22.46 27.39
C TYR A 92 -47.98 -23.85 28.03
N ASP A 93 -46.85 -24.50 27.79
CA ASP A 93 -46.57 -25.84 28.35
C ASP A 93 -45.78 -25.71 29.65
N ILE A 94 -46.37 -26.12 30.77
CA ILE A 94 -45.70 -26.05 32.07
C ILE A 94 -44.31 -26.65 32.03
N ALA A 95 -44.14 -27.67 31.19
CA ALA A 95 -42.91 -28.44 31.14
C ALA A 95 -41.93 -27.96 30.07
N LYS A 96 -42.31 -26.96 29.29
CA LYS A 96 -41.34 -26.36 28.37
C LYS A 96 -41.24 -24.85 28.60
N HIS A 97 -40.19 -24.43 29.28
CA HIS A 97 -40.04 -23.05 29.72
C HIS A 97 -40.11 -22.09 28.54
N LEU A 98 -39.59 -22.54 27.41
CA LEU A 98 -39.55 -21.73 26.20
C LEU A 98 -40.94 -21.26 25.83
N THR A 99 -41.93 -22.12 26.01
CA THR A 99 -43.29 -21.75 25.63
C THR A 99 -43.86 -20.71 26.58
N TYR A 100 -43.32 -20.63 27.79
CA TYR A 100 -43.73 -19.58 28.72
C TYR A 100 -43.05 -18.29 28.36
N GLU A 101 -41.77 -18.39 27.99
CA GLU A 101 -41.00 -17.24 27.53
C GLU A 101 -41.72 -16.50 26.40
N ASN A 102 -42.24 -17.27 25.45
CA ASN A 102 -42.90 -16.70 24.27
C ASN A 102 -44.29 -16.12 24.56
N VAL A 103 -44.76 -16.24 25.80
CA VAL A 103 -46.05 -15.69 26.18
C VAL A 103 -46.06 -14.19 25.93
N GLU A 104 -44.92 -13.55 26.16
CA GLU A 104 -44.81 -12.12 25.92
C GLU A 104 -45.04 -11.82 24.45
N ARG A 105 -44.47 -12.64 23.57
CA ARG A 105 -44.59 -12.42 22.14
C ARG A 105 -46.05 -12.56 21.72
N TRP A 106 -46.77 -13.46 22.38
CA TRP A 106 -48.18 -13.68 22.08
C TRP A 106 -49.01 -12.51 22.56
N LEU A 107 -48.65 -11.95 23.71
CA LEU A 107 -49.31 -10.75 24.21
C LEU A 107 -49.15 -9.63 23.20
N LYS A 108 -48.03 -9.63 22.50
CA LYS A 108 -47.78 -8.64 21.46
C LYS A 108 -48.83 -8.72 20.36
N GLU A 109 -49.02 -9.91 19.80
CA GLU A 109 -50.01 -10.08 18.73
C GLU A 109 -51.39 -9.65 19.20
N LEU A 110 -51.72 -9.98 20.44
CA LEU A 110 -53.03 -9.63 20.98
C LEU A 110 -53.17 -8.11 21.05
N ARG A 111 -52.13 -7.45 21.51
CA ARG A 111 -52.16 -5.99 21.63
C ARG A 111 -52.06 -5.32 20.26
N ASP A 112 -51.75 -6.10 19.23
CA ASP A 112 -51.56 -5.54 17.89
C ASP A 112 -52.74 -5.83 16.98
N HIS A 113 -53.07 -7.11 16.86
CA HIS A 113 -54.04 -7.56 15.86
C HIS A 113 -55.40 -7.86 16.45
N ALA A 114 -55.52 -7.80 17.77
CA ALA A 114 -56.80 -8.10 18.39
C ALA A 114 -57.40 -6.88 19.03
N ASP A 115 -58.72 -6.89 19.19
CA ASP A 115 -59.42 -5.82 19.87
C ASP A 115 -58.90 -5.66 21.28
N SER A 116 -58.90 -4.43 21.79
CA SER A 116 -58.65 -4.21 23.20
C SER A 116 -59.89 -4.69 23.95
N ASN A 117 -59.88 -4.58 25.27
CA ASN A 117 -61.02 -5.01 26.07
C ASN A 117 -61.23 -6.53 25.97
N ILE A 118 -60.45 -7.17 25.10
CA ILE A 118 -60.52 -8.62 24.95
C ILE A 118 -60.04 -9.26 26.24
N VAL A 119 -60.86 -10.14 26.80
CA VAL A 119 -60.49 -10.84 28.02
C VAL A 119 -59.38 -11.85 27.72
N ILE A 120 -58.27 -11.73 28.44
CA ILE A 120 -57.13 -12.62 28.20
C ILE A 120 -56.87 -13.51 29.41
N MET A 121 -56.85 -14.82 29.19
CA MET A 121 -56.49 -15.72 30.26
C MET A 121 -55.24 -16.50 29.94
N LEU A 122 -54.33 -16.54 30.91
CA LEU A 122 -53.10 -17.30 30.78
C LEU A 122 -53.37 -18.70 31.31
N VAL A 123 -53.04 -19.69 30.50
CA VAL A 123 -53.27 -21.08 30.89
C VAL A 123 -52.00 -21.90 30.81
N GLY A 124 -51.66 -22.50 31.94
CA GLY A 124 -50.55 -23.43 32.00
C GLY A 124 -51.11 -24.84 31.85
N ASN A 125 -50.77 -25.47 30.74
CA ASN A 125 -51.35 -26.75 30.39
C ASN A 125 -50.33 -27.88 30.61
N LYS A 126 -50.83 -29.12 30.62
CA LYS A 126 -50.00 -30.28 30.89
C LYS A 126 -49.55 -30.30 32.34
N SER A 127 -50.44 -29.88 33.24
CA SER A 127 -50.15 -29.89 34.67
C SER A 127 -49.96 -31.31 35.16
N ASP A 128 -50.36 -32.26 34.32
CA ASP A 128 -50.26 -33.67 34.64
C ASP A 128 -48.82 -34.17 34.61
N LEU A 129 -47.89 -33.43 33.98
CA LEU A 129 -46.51 -33.87 34.07
C LEU A 129 -45.88 -33.19 35.26
N ARG A 130 -45.80 -33.94 36.36
CA ARG A 130 -45.46 -33.38 37.65
C ARG A 130 -43.96 -33.32 37.84
N HIS A 131 -43.26 -34.27 37.23
CA HIS A 131 -41.82 -34.34 37.39
C HIS A 131 -41.07 -33.49 36.37
N LEU A 132 -41.79 -33.03 35.35
CA LEU A 132 -41.16 -32.25 34.27
C LEU A 132 -41.34 -30.73 34.35
N ARG A 133 -42.02 -30.27 35.41
CA ARG A 133 -42.42 -28.86 35.48
C ARG A 133 -41.26 -27.87 35.37
N ALA A 134 -41.29 -27.01 34.34
CA ALA A 134 -40.29 -25.96 34.15
C ALA A 134 -40.71 -24.53 34.55
N VAL A 135 -41.99 -24.34 34.87
CA VAL A 135 -42.52 -23.00 35.13
C VAL A 135 -43.36 -23.00 36.38
N PRO A 136 -42.75 -22.65 37.51
CA PRO A 136 -43.44 -22.63 38.82
C PRO A 136 -44.70 -21.75 38.78
N THR A 137 -45.76 -22.27 39.36
CA THR A 137 -47.07 -21.63 39.30
C THR A 137 -47.06 -20.17 39.75
N ASP A 138 -46.32 -19.89 40.82
CA ASP A 138 -46.28 -18.55 41.39
C ASP A 138 -45.75 -17.53 40.40
N GLU A 139 -44.69 -17.90 39.69
CA GLU A 139 -44.09 -16.99 38.71
C GLU A 139 -45.08 -16.63 37.63
N ALA A 140 -45.91 -17.59 37.25
CA ALA A 140 -46.89 -17.36 36.19
C ALA A 140 -48.03 -16.50 36.74
N ARG A 141 -48.60 -16.93 37.87
CA ARG A 141 -49.69 -16.20 38.51
C ARG A 141 -49.29 -14.75 38.77
N ALA A 142 -48.02 -14.55 39.13
CA ALA A 142 -47.50 -13.21 39.35
C ALA A 142 -47.49 -12.42 38.04
N PHE A 143 -46.92 -13.03 37.00
CA PHE A 143 -46.87 -12.39 35.69
C PHE A 143 -48.26 -12.07 35.20
N ALA A 144 -49.19 -12.97 35.52
CA ALA A 144 -50.58 -12.81 35.11
C ALA A 144 -51.22 -11.63 35.82
N GLU A 145 -51.06 -11.57 37.15
CA GLU A 145 -51.69 -10.52 37.95
C GLU A 145 -51.20 -9.13 37.57
N LYS A 146 -49.91 -9.00 37.30
CA LYS A 146 -49.33 -7.70 36.95
C LYS A 146 -49.65 -7.28 35.52
N ASN A 147 -49.94 -8.25 34.65
CA ASN A 147 -50.21 -7.94 33.25
C ASN A 147 -51.70 -7.93 32.92
N GLY A 148 -52.53 -8.03 33.95
CA GLY A 148 -53.98 -7.96 33.80
C GLY A 148 -54.55 -9.18 33.12
N LEU A 149 -54.01 -10.35 33.44
CA LEU A 149 -54.48 -11.60 32.87
C LEU A 149 -54.98 -12.51 33.99
N SER A 150 -56.04 -13.27 33.72
CA SER A 150 -56.40 -14.36 34.62
C SER A 150 -55.41 -15.50 34.41
N PHE A 151 -55.35 -16.41 35.37
CA PHE A 151 -54.40 -17.51 35.29
C PHE A 151 -54.95 -18.78 35.93
N ILE A 152 -54.69 -19.91 35.29
CA ILE A 152 -55.09 -21.21 35.82
C ILE A 152 -54.23 -22.30 35.19
N GLU A 153 -54.05 -23.41 35.88
CA GLU A 153 -53.29 -24.51 35.32
C GLU A 153 -54.23 -25.67 34.98
N THR A 154 -54.11 -26.15 33.76
CA THR A 154 -55.03 -27.15 33.24
C THR A 154 -54.30 -28.38 32.77
N SER A 155 -55.02 -29.49 32.71
CA SER A 155 -54.53 -30.65 32.00
C SER A 155 -55.60 -31.15 31.04
N ALA A 156 -55.32 -31.06 29.75
CA ALA A 156 -56.25 -31.62 28.80
C ALA A 156 -56.26 -33.14 28.96
N LEU A 157 -55.13 -33.69 29.40
CA LEU A 157 -54.99 -35.15 29.50
C LEU A 157 -55.83 -35.76 30.65
N ASP A 158 -55.70 -35.25 31.87
CA ASP A 158 -56.51 -35.77 32.97
C ASP A 158 -57.72 -34.89 33.27
N SER A 159 -57.92 -33.84 32.46
CA SER A 159 -59.12 -33.00 32.51
C SER A 159 -59.11 -31.88 33.55
N THR A 160 -58.12 -31.88 34.43
CA THR A 160 -58.12 -30.96 35.57
C THR A 160 -58.25 -29.50 35.13
N ASN A 161 -59.26 -28.83 35.67
CA ASN A 161 -59.44 -27.39 35.46
C ASN A 161 -59.75 -26.92 34.03
N VAL A 162 -59.86 -27.85 33.08
CA VAL A 162 -60.21 -27.47 31.72
C VAL A 162 -61.57 -26.82 31.70
N GLU A 163 -62.52 -27.51 32.31
CA GLU A 163 -63.89 -27.00 32.48
C GLU A 163 -63.85 -25.63 33.14
N ALA A 164 -63.14 -25.59 34.25
CA ALA A 164 -62.98 -24.39 35.06
C ALA A 164 -62.40 -23.24 34.24
N ALA A 165 -61.44 -23.57 33.38
CA ALA A 165 -60.75 -22.56 32.60
C ALA A 165 -61.71 -21.77 31.73
N PHE A 166 -62.58 -22.49 31.01
CA PHE A 166 -63.54 -21.85 30.13
C PHE A 166 -64.67 -21.12 30.90
N GLN A 167 -65.18 -21.76 31.95
CA GLN A 167 -66.21 -21.12 32.77
C GLN A 167 -65.70 -19.79 33.28
N THR A 168 -64.42 -19.72 33.58
CA THR A 168 -63.83 -18.49 34.11
C THR A 168 -63.76 -17.36 33.07
N ILE A 169 -63.11 -17.61 31.93
CA ILE A 169 -62.93 -16.57 30.92
C ILE A 169 -64.27 -16.15 30.32
N LEU A 170 -65.21 -17.09 30.24
CA LEU A 170 -66.52 -16.84 29.69
C LEU A 170 -67.34 -15.93 30.61
N THR A 171 -67.23 -16.13 31.93
CA THR A 171 -67.96 -15.28 32.89
C THR A 171 -67.35 -13.88 32.98
N GLU A 172 -66.02 -13.75 32.86
CA GLU A 172 -65.41 -12.41 32.86
C GLU A 172 -65.85 -11.61 31.65
N ILE A 173 -66.08 -12.30 30.55
CA ILE A 173 -66.56 -11.67 29.34
C ILE A 173 -68.03 -11.27 29.51
N TYR A 174 -68.78 -12.09 30.24
CA TYR A 174 -70.16 -11.74 30.54
C TYR A 174 -70.22 -10.42 31.29
N ARG A 175 -69.46 -10.32 32.37
CA ARG A 175 -69.54 -9.12 33.22
C ARG A 175 -69.21 -7.84 32.46
N ILE A 176 -68.19 -7.88 31.61
CA ILE A 176 -67.82 -6.71 30.83
C ILE A 176 -68.85 -6.35 29.74
N VAL A 177 -69.45 -7.37 29.12
CA VAL A 177 -70.38 -7.11 28.04
C VAL A 177 -71.74 -6.67 28.57
N SER A 178 -72.15 -7.23 29.71
CA SER A 178 -73.42 -6.84 30.31
C SER A 178 -73.38 -5.42 30.84
N GLN A 179 -72.25 -5.03 31.43
CA GLN A 179 -72.10 -3.71 32.07
C GLN A 179 -72.20 -2.56 31.08
N LYS A 180 -71.39 -2.59 30.02
CA LYS A 180 -71.43 -1.53 29.01
C LYS A 180 -72.69 -1.62 28.16
N VAL B 26 -16.46 -47.60 14.01
CA VAL B 26 -17.52 -48.38 14.62
C VAL B 26 -18.91 -47.81 14.31
N LYS B 27 -19.86 -48.68 14.02
CA LYS B 27 -21.22 -48.25 13.68
C LYS B 27 -22.20 -48.51 14.84
N ASP B 28 -23.17 -47.62 15.00
CA ASP B 28 -24.17 -47.76 16.06
C ASP B 28 -25.42 -48.48 15.55
N CYS B 29 -25.70 -49.69 16.05
CA CYS B 29 -26.88 -50.42 15.59
C CYS B 29 -27.83 -50.77 16.73
N LYS B 30 -28.98 -51.34 16.39
CA LYS B 30 -29.89 -51.84 17.42
C LYS B 30 -30.64 -53.06 16.90
N GLU B 31 -30.80 -54.06 17.76
CA GLU B 31 -31.57 -55.25 17.47
C GLU B 31 -32.35 -55.63 18.72
N ALA B 32 -33.65 -55.85 18.61
CA ALA B 32 -34.44 -56.18 19.79
C ALA B 32 -34.06 -57.55 20.35
N ASP B 33 -33.84 -57.61 21.66
CA ASP B 33 -33.64 -58.89 22.33
C ASP B 33 -34.96 -59.64 22.33
N LEU B 34 -35.01 -60.73 21.56
CA LEU B 34 -36.27 -61.46 21.32
C LEU B 34 -36.96 -61.84 22.62
N SER B 35 -36.17 -62.21 23.61
CA SER B 35 -36.72 -62.58 24.91
C SER B 35 -37.50 -61.40 25.51
N LEU B 36 -36.88 -60.22 25.47
CA LEU B 36 -37.48 -59.01 26.02
C LEU B 36 -38.67 -58.59 25.20
N TYR B 37 -38.56 -58.79 23.90
CA TYR B 37 -39.57 -58.35 22.95
C TYR B 37 -40.86 -59.11 23.19
N ASN B 38 -40.74 -60.43 23.30
CA ASN B 38 -41.89 -61.27 23.56
C ASN B 38 -42.52 -60.96 24.91
N GLU B 39 -41.70 -60.75 25.93
CA GLU B 39 -42.22 -60.42 27.25
C GLU B 39 -43.09 -59.17 27.20
N PHE B 40 -42.63 -58.17 26.47
CA PHE B 40 -43.36 -56.91 26.36
C PHE B 40 -44.61 -57.05 25.54
N ARG B 41 -44.45 -57.60 24.34
CA ARG B 41 -45.54 -57.71 23.37
C ARG B 41 -46.70 -58.44 24.01
N LEU B 42 -46.38 -59.33 24.92
CA LEU B 42 -47.39 -60.06 25.68
C LEU B 42 -48.04 -59.18 26.74
N TRP B 43 -47.24 -58.44 27.48
CA TRP B 43 -47.77 -57.53 28.50
C TRP B 43 -48.66 -56.43 27.92
N LYS B 44 -48.30 -55.92 26.75
CA LYS B 44 -49.08 -54.87 26.11
C LYS B 44 -50.51 -55.33 25.82
N ASP B 45 -50.64 -56.63 25.51
CA ASP B 45 -51.94 -57.18 25.12
C ASP B 45 -52.86 -57.35 26.32
N GLU B 46 -52.31 -57.41 27.52
CA GLU B 46 -53.13 -57.40 28.73
C GLU B 46 -52.39 -56.67 29.85
N PRO B 47 -52.19 -55.35 29.68
CA PRO B 47 -51.44 -54.44 30.55
C PRO B 47 -51.92 -54.38 31.98
N THR B 48 -50.97 -54.40 32.91
CA THR B 48 -51.23 -54.24 34.34
C THR B 48 -50.12 -53.47 35.02
N MET B 49 -50.48 -52.75 36.07
CA MET B 49 -49.52 -51.97 36.83
C MET B 49 -49.01 -52.73 38.04
N ASP B 50 -49.42 -53.99 38.18
CA ASP B 50 -48.98 -54.81 39.31
C ASP B 50 -47.48 -55.02 39.29
N ARG B 51 -46.83 -54.66 40.40
CA ARG B 51 -45.37 -54.72 40.54
C ARG B 51 -44.80 -56.14 40.35
N THR B 52 -45.64 -57.16 40.51
CA THR B 52 -45.17 -58.54 40.56
C THR B 52 -45.24 -59.29 39.23
N CYS B 53 -45.79 -58.67 38.19
CA CYS B 53 -45.86 -59.35 36.91
C CYS B 53 -44.45 -59.43 36.32
N PRO B 54 -44.25 -60.36 35.37
CA PRO B 54 -42.95 -60.59 34.75
C PRO B 54 -42.34 -59.33 34.11
N PHE B 55 -43.14 -58.60 33.32
CA PHE B 55 -42.64 -57.42 32.63
C PHE B 55 -42.09 -56.38 33.58
N LEU B 56 -42.91 -55.96 34.54
CA LEU B 56 -42.50 -54.90 35.46
C LEU B 56 -41.49 -55.37 36.49
N ASP B 57 -41.54 -56.66 36.86
CA ASP B 57 -40.64 -57.17 37.89
C ASP B 57 -39.20 -57.04 37.42
N LYS B 58 -38.93 -57.47 36.20
CA LYS B 58 -37.57 -57.37 35.66
C LYS B 58 -37.08 -55.94 35.77
N ILE B 59 -37.88 -55.01 35.24
CA ILE B 59 -37.54 -53.59 35.22
C ILE B 59 -37.41 -53.04 36.62
N TYR B 60 -38.25 -53.52 37.54
CA TYR B 60 -38.14 -53.07 38.92
C TYR B 60 -36.77 -53.45 39.50
N GLN B 61 -36.38 -54.71 39.32
CA GLN B 61 -35.13 -55.19 39.90
C GLN B 61 -33.92 -54.65 39.15
N GLU B 62 -33.96 -54.62 37.83
CA GLU B 62 -32.80 -54.23 37.04
C GLU B 62 -32.59 -52.71 36.90
N ASP B 63 -33.68 -51.95 36.91
CA ASP B 63 -33.62 -50.51 36.60
C ASP B 63 -34.13 -49.61 37.72
N ILE B 64 -35.37 -49.82 38.13
CA ILE B 64 -36.01 -48.87 39.05
C ILE B 64 -35.35 -48.86 40.42
N PHE B 65 -35.21 -50.04 41.03
CA PHE B 65 -34.70 -50.15 42.39
C PHE B 65 -33.31 -49.57 42.54
N PRO B 66 -32.37 -49.95 41.65
CA PRO B 66 -31.05 -49.34 41.70
C PRO B 66 -31.07 -47.82 41.46
N CYS B 67 -31.95 -47.33 40.60
CA CYS B 67 -32.07 -45.87 40.37
C CYS B 67 -32.55 -45.09 41.58
N LEU B 68 -33.46 -45.68 42.35
CA LEU B 68 -34.04 -44.97 43.47
C LEU B 68 -33.30 -45.29 44.76
N THR B 69 -32.08 -45.78 44.60
CA THR B 69 -31.21 -46.05 45.74
C THR B 69 -30.34 -44.85 46.11
N PHE B 70 -30.57 -44.30 47.29
CA PHE B 70 -29.88 -43.08 47.71
C PHE B 70 -29.31 -43.23 49.11
N SER B 71 -28.51 -42.24 49.52
CA SER B 71 -27.85 -42.29 50.82
C SER B 71 -28.89 -42.34 51.95
N LYS B 72 -29.76 -41.35 52.00
CA LYS B 72 -30.80 -41.34 53.03
C LYS B 72 -31.92 -42.27 52.60
N SER B 73 -31.81 -43.52 53.01
CA SER B 73 -32.65 -44.60 52.49
C SER B 73 -34.10 -44.54 52.96
N GLU B 74 -34.35 -43.85 54.07
CA GLU B 74 -35.71 -43.73 54.59
C GLU B 74 -36.56 -42.86 53.66
N LEU B 75 -36.06 -41.68 53.31
CA LEU B 75 -36.77 -40.78 52.43
C LEU B 75 -36.89 -41.39 51.05
N ALA B 76 -35.87 -42.16 50.67
CA ALA B 76 -35.81 -42.80 49.37
C ALA B 76 -37.01 -43.72 49.15
N SER B 77 -37.30 -44.56 50.14
CA SER B 77 -38.41 -45.51 50.02
C SER B 77 -39.75 -44.79 49.92
N ALA B 78 -39.82 -43.58 50.45
CA ALA B 78 -41.04 -42.78 50.36
C ALA B 78 -41.24 -42.28 48.94
N VAL B 79 -40.14 -41.88 48.32
CA VAL B 79 -40.13 -41.40 46.94
C VAL B 79 -40.57 -42.50 46.00
N LEU B 80 -40.03 -43.70 46.17
CA LEU B 80 -40.42 -44.84 45.36
C LEU B 80 -41.92 -45.06 45.37
N GLU B 81 -42.52 -44.91 46.55
CA GLU B 81 -43.96 -45.10 46.68
C GLU B 81 -44.68 -43.93 46.01
N ALA B 82 -44.12 -42.74 46.16
CA ALA B 82 -44.71 -41.56 45.55
C ALA B 82 -44.70 -41.66 44.04
N VAL B 83 -43.63 -42.21 43.48
CA VAL B 83 -43.51 -42.32 42.03
C VAL B 83 -44.55 -43.29 41.47
N GLU B 84 -44.75 -44.40 42.16
CA GLU B 84 -45.72 -45.40 41.75
C GLU B 84 -47.13 -44.82 41.73
N ASN B 85 -47.38 -43.85 42.61
CA ASN B 85 -48.68 -43.22 42.75
C ASN B 85 -48.86 -41.95 41.92
N ASN B 86 -47.80 -41.55 41.21
CA ASN B 86 -47.83 -40.31 40.43
C ASN B 86 -48.04 -39.08 41.33
N THR B 87 -47.67 -39.23 42.61
CA THR B 87 -47.79 -38.15 43.58
C THR B 87 -46.50 -37.33 43.71
N LEU B 88 -45.43 -37.82 43.11
CA LEU B 88 -44.16 -37.11 43.13
C LEU B 88 -44.17 -35.96 42.15
N SER B 89 -43.50 -34.88 42.52
CA SER B 89 -43.40 -33.71 41.64
C SER B 89 -42.07 -32.99 41.81
N ILE B 90 -41.59 -32.41 40.71
CA ILE B 90 -40.28 -31.77 40.70
C ILE B 90 -40.40 -30.33 40.19
N GLU B 91 -40.05 -29.39 41.06
CA GLU B 91 -40.09 -27.99 40.68
C GLU B 91 -38.70 -27.41 40.62
N PRO B 92 -38.48 -26.49 39.69
CA PRO B 92 -37.28 -25.67 39.70
C PRO B 92 -37.48 -24.58 40.74
N VAL B 93 -36.48 -23.77 41.04
CA VAL B 93 -36.67 -22.70 42.02
C VAL B 93 -36.06 -21.37 41.55
N GLY B 94 -36.86 -20.64 40.75
CA GLY B 94 -36.53 -19.31 40.25
C GLY B 94 -35.51 -18.46 41.00
N LYS B 102 -39.37 -21.30 56.90
CA LYS B 102 -40.07 -21.79 58.08
C LYS B 102 -39.66 -23.22 58.43
N ALA B 103 -39.16 -23.95 57.44
CA ALA B 103 -38.70 -25.33 57.65
C ALA B 103 -37.27 -25.38 58.18
N SER B 104 -36.69 -26.57 58.19
CA SER B 104 -35.30 -26.74 58.63
C SER B 104 -34.55 -27.58 57.61
N ALA B 105 -33.24 -27.78 57.83
CA ALA B 105 -32.41 -28.49 56.86
C ALA B 105 -32.11 -29.96 57.16
N VAL B 106 -32.56 -30.48 58.29
CA VAL B 106 -32.21 -31.86 58.61
C VAL B 106 -33.04 -32.84 57.77
N GLU B 107 -34.30 -32.52 57.58
CA GLU B 107 -35.18 -33.30 56.73
C GLU B 107 -35.15 -32.85 55.27
N CYS B 108 -35.56 -31.60 55.05
CA CYS B 108 -35.68 -31.00 53.72
C CYS B 108 -34.39 -30.79 52.94
N GLY B 109 -33.26 -30.61 53.62
CA GLY B 109 -32.05 -30.25 52.89
C GLY B 109 -32.19 -28.82 52.41
N GLY B 110 -31.21 -28.34 51.65
CA GLY B 110 -31.24 -26.96 51.18
C GLY B 110 -30.50 -26.68 49.88
N PRO B 111 -30.52 -25.41 49.45
CA PRO B 111 -29.97 -24.98 48.16
C PRO B 111 -28.54 -25.46 47.90
N LYS B 112 -27.72 -25.53 48.93
CA LYS B 112 -26.35 -26.01 48.76
C LYS B 112 -26.16 -27.49 49.11
N LYS B 113 -27.20 -28.14 49.62
CA LYS B 113 -27.08 -29.53 50.04
C LYS B 113 -28.28 -30.40 49.64
N CYS B 114 -28.00 -31.51 48.97
CA CYS B 114 -29.05 -32.40 48.50
C CYS B 114 -29.62 -33.24 49.65
N ALA B 115 -30.93 -33.45 49.64
CA ALA B 115 -31.62 -34.23 50.68
C ALA B 115 -31.52 -35.74 50.51
N LEU B 116 -31.59 -36.22 49.27
CA LEU B 116 -31.52 -37.65 48.98
C LEU B 116 -30.13 -38.24 49.18
N THR B 117 -29.15 -37.66 48.51
CA THR B 117 -27.76 -38.02 48.72
C THR B 117 -27.13 -36.92 49.57
N GLY B 118 -26.25 -37.28 50.49
CA GLY B 118 -25.72 -36.30 51.41
C GLY B 118 -24.82 -35.27 50.75
N GLN B 119 -24.65 -35.41 49.44
CA GLN B 119 -23.68 -34.61 48.69
C GLN B 119 -23.94 -33.11 48.78
N SER B 120 -22.88 -32.32 48.67
CA SER B 120 -23.02 -30.88 48.61
C SER B 120 -22.84 -30.39 47.18
N LYS B 121 -23.95 -29.98 46.58
CA LYS B 121 -23.99 -29.52 45.21
C LYS B 121 -25.07 -28.46 45.11
N SER B 122 -25.02 -27.62 44.08
CA SER B 122 -26.06 -26.61 43.94
C SER B 122 -27.30 -27.34 43.45
N CYS B 123 -28.37 -27.24 44.23
CA CYS B 123 -29.62 -27.91 43.91
C CYS B 123 -30.61 -26.91 43.31
N LYS B 124 -30.95 -27.13 42.05
CA LYS B 124 -31.80 -26.18 41.34
C LYS B 124 -33.23 -26.68 41.24
N HIS B 125 -33.47 -27.88 41.76
CA HIS B 125 -34.80 -28.48 41.76
C HIS B 125 -35.15 -28.97 43.15
N ARG B 126 -36.45 -29.05 43.41
CA ARG B 126 -36.93 -29.46 44.72
C ARG B 126 -38.12 -30.43 44.55
N ILE B 127 -38.15 -31.49 45.35
CA ILE B 127 -39.17 -32.54 45.24
C ILE B 127 -40.32 -32.41 46.25
N LYS B 128 -41.52 -32.79 45.82
CA LYS B 128 -42.68 -32.82 46.70
C LYS B 128 -43.45 -34.13 46.53
N LEU B 129 -43.59 -34.90 47.61
CA LEU B 129 -44.29 -36.19 47.56
C LEU B 129 -45.80 -36.15 47.81
N GLY B 130 -46.31 -35.03 48.30
CA GLY B 130 -47.72 -34.88 48.63
C GLY B 130 -48.59 -34.02 47.71
N ASP B 131 -49.71 -33.49 48.24
CA ASP B 131 -50.11 -33.65 49.65
C ASP B 131 -49.00 -33.19 50.60
N SER B 132 -48.15 -32.30 50.10
CA SER B 132 -46.74 -32.24 50.48
C SER B 132 -46.40 -32.28 51.95
N SER B 133 -45.59 -33.26 52.33
CA SER B 133 -45.03 -33.34 53.65
C SER B 133 -44.20 -32.07 53.78
N ASN B 134 -43.10 -32.09 53.03
CA ASN B 134 -42.13 -31.00 52.97
C ASN B 134 -41.56 -30.92 51.57
N TYR B 135 -41.05 -29.75 51.20
CA TYR B 135 -40.34 -29.61 49.94
C TYR B 135 -38.87 -30.01 50.18
N TYR B 136 -38.38 -31.04 49.48
CA TYR B 136 -37.00 -31.50 49.62
C TYR B 136 -36.06 -31.16 48.45
N TYR B 137 -34.91 -30.58 48.76
CA TYR B 137 -33.92 -30.23 47.74
C TYR B 137 -33.21 -31.43 47.10
N ILE B 138 -32.92 -31.31 45.82
CA ILE B 138 -32.41 -32.42 45.03
C ILE B 138 -31.27 -31.98 44.12
N SER B 139 -30.21 -32.77 44.06
CA SER B 139 -29.11 -32.50 43.16
C SER B 139 -29.51 -32.85 41.73
N PRO B 140 -28.89 -32.21 40.73
CA PRO B 140 -29.19 -32.51 39.33
C PRO B 140 -29.06 -33.99 39.00
N PHE B 141 -28.09 -34.65 39.61
CA PHE B 141 -27.91 -36.09 39.43
C PHE B 141 -29.13 -36.85 39.92
N CYS B 142 -29.63 -36.51 41.11
CA CYS B 142 -30.83 -37.14 41.63
C CYS B 142 -32.01 -36.87 40.72
N ARG B 143 -32.12 -35.64 40.25
CA ARG B 143 -33.25 -35.25 39.44
C ARG B 143 -33.29 -36.12 38.19
N TYR B 144 -32.12 -36.32 37.59
CA TYR B 144 -32.03 -37.13 36.39
C TYR B 144 -32.45 -38.57 36.64
N ARG B 145 -31.99 -39.14 37.76
CA ARG B 145 -32.35 -40.52 38.11
C ARG B 145 -33.85 -40.64 38.35
N ILE B 146 -34.43 -39.70 39.09
CA ILE B 146 -35.83 -39.82 39.42
C ILE B 146 -36.70 -39.62 38.19
N THR B 147 -36.43 -38.57 37.41
CA THR B 147 -37.26 -38.30 36.23
C THR B 147 -37.19 -39.46 35.25
N SER B 148 -36.03 -40.10 35.16
CA SER B 148 -35.88 -41.24 34.27
C SER B 148 -36.89 -42.32 34.62
N VAL B 149 -37.10 -42.52 35.92
CA VAL B 149 -38.07 -43.52 36.36
C VAL B 149 -39.50 -43.01 36.16
N CYS B 150 -39.73 -41.75 36.50
CA CYS B 150 -41.04 -41.13 36.31
C CYS B 150 -41.47 -41.13 34.84
N ASN B 151 -40.51 -40.98 33.94
CA ASN B 151 -40.80 -41.05 32.52
C ASN B 151 -41.24 -42.44 32.12
N PHE B 152 -40.58 -43.46 32.69
CA PHE B 152 -40.94 -44.85 32.42
C PHE B 152 -42.37 -45.14 32.84
N PHE B 153 -42.70 -44.79 34.08
CA PHE B 153 -44.03 -45.02 34.62
C PHE B 153 -45.07 -44.25 33.81
N THR B 154 -44.72 -43.02 33.44
CA THR B 154 -45.63 -42.19 32.66
C THR B 154 -46.04 -42.85 31.34
N TYR B 155 -45.08 -43.43 30.62
CA TYR B 155 -45.36 -44.05 29.33
C TYR B 155 -46.09 -45.36 29.50
N ILE B 156 -45.71 -46.09 30.53
CA ILE B 156 -46.36 -47.34 30.86
C ILE B 156 -47.83 -47.06 31.17
N ARG B 157 -48.09 -46.02 31.96
CA ARG B 157 -49.46 -45.67 32.33
C ARG B 157 -50.28 -45.29 31.11
N TYR B 158 -49.66 -44.55 30.19
CA TYR B 158 -50.32 -44.15 28.95
C TYR B 158 -50.81 -45.38 28.20
N ILE B 159 -50.05 -46.48 28.31
CA ILE B 159 -50.38 -47.71 27.61
C ILE B 159 -51.50 -48.47 28.32
N GLN B 160 -51.42 -48.48 29.64
CA GLN B 160 -52.38 -49.21 30.46
C GLN B 160 -53.77 -48.63 30.27
N GLN B 161 -53.86 -47.31 30.17
CA GLN B 161 -55.12 -46.65 29.85
C GLN B 161 -55.19 -46.31 28.37
N GLY B 162 -54.31 -46.94 27.59
CA GLY B 162 -54.06 -46.52 26.21
C GLY B 162 -55.29 -46.17 25.39
N LEU B 163 -55.34 -44.96 24.83
CA LEU B 163 -54.41 -43.82 25.01
C LEU B 163 -53.08 -43.91 24.25
N VAL B 164 -52.68 -45.08 23.80
CA VAL B 164 -51.63 -45.15 22.78
C VAL B 164 -52.23 -45.89 21.59
N LYS B 165 -52.54 -45.15 20.54
CA LYS B 165 -53.27 -45.73 19.41
C LYS B 165 -52.46 -45.92 18.13
N GLN B 166 -51.85 -44.84 17.62
CA GLN B 166 -51.27 -44.85 16.28
C GLN B 166 -49.82 -45.34 16.23
N GLN B 167 -49.30 -45.81 17.36
CA GLN B 167 -47.95 -46.34 17.41
C GLN B 167 -48.00 -47.87 17.40
N ASP B 168 -47.33 -48.50 16.43
CA ASP B 168 -47.29 -49.97 16.37
C ASP B 168 -46.44 -50.55 17.49
N VAL B 169 -46.59 -51.85 17.72
CA VAL B 169 -45.90 -52.53 18.80
C VAL B 169 -44.37 -52.45 18.74
N ASP B 170 -43.78 -52.50 17.54
CA ASP B 170 -42.33 -52.39 17.44
C ASP B 170 -41.85 -51.03 17.95
N GLN B 171 -42.52 -49.97 17.51
CA GLN B 171 -42.19 -48.62 17.96
C GLN B 171 -42.34 -48.46 19.47
N MET B 172 -43.44 -48.99 20.02
CA MET B 172 -43.69 -48.89 21.46
C MET B 172 -42.62 -49.62 22.25
N PHE B 173 -42.25 -50.80 21.77
CA PHE B 173 -41.23 -51.61 22.39
C PHE B 173 -39.93 -50.84 22.50
N TRP B 174 -39.52 -50.26 21.37
CA TRP B 174 -38.28 -49.52 21.32
C TRP B 174 -38.38 -48.22 22.12
N GLU B 175 -39.61 -47.80 22.42
CA GLU B 175 -39.77 -46.70 23.33
C GLU B 175 -39.40 -47.14 24.73
N VAL B 176 -39.87 -48.32 25.11
CA VAL B 176 -39.56 -48.85 26.44
C VAL B 176 -38.07 -49.10 26.57
N MET B 177 -37.46 -49.61 25.50
CA MET B 177 -36.01 -49.81 25.49
C MET B 177 -35.29 -48.50 25.73
N GLN B 178 -35.75 -47.45 25.06
CA GLN B 178 -35.19 -46.12 25.26
C GLN B 178 -35.35 -45.68 26.71
N LEU B 179 -36.57 -45.82 27.24
CA LEU B 179 -36.84 -45.47 28.63
C LEU B 179 -35.93 -46.20 29.60
N ARG B 180 -35.67 -47.48 29.32
CA ARG B 180 -34.80 -48.29 30.16
C ARG B 180 -33.34 -47.87 30.00
N LYS B 181 -32.95 -47.58 28.77
CA LYS B 181 -31.58 -47.14 28.50
C LYS B 181 -31.21 -45.93 29.34
N GLU B 182 -32.16 -45.03 29.48
CA GLU B 182 -31.97 -43.85 30.30
C GLU B 182 -31.76 -44.26 31.75
N MET B 183 -32.65 -45.10 32.26
CA MET B 183 -32.52 -45.58 33.63
C MET B 183 -31.24 -46.36 33.82
N SER B 184 -30.88 -47.16 32.82
CA SER B 184 -29.68 -47.97 32.92
C SER B 184 -28.43 -47.09 33.09
N LEU B 185 -28.41 -45.96 32.39
CA LEU B 185 -27.29 -45.02 32.48
C LEU B 185 -27.32 -44.20 33.77
N ALA B 186 -28.49 -43.71 34.14
CA ALA B 186 -28.61 -42.95 35.38
C ALA B 186 -28.19 -43.82 36.57
N LYS B 187 -28.63 -45.08 36.49
CA LYS B 187 -28.30 -46.13 37.44
C LYS B 187 -26.81 -46.10 37.77
N LEU B 188 -26.00 -45.91 36.73
CA LEU B 188 -24.54 -46.04 36.80
C LEU B 188 -23.83 -44.71 37.01
N GLY B 189 -24.59 -43.63 37.12
CA GLY B 189 -24.01 -42.32 37.37
C GLY B 189 -23.80 -41.48 36.14
N TYR B 190 -24.33 -41.93 35.00
CA TYR B 190 -24.28 -41.15 33.77
C TYR B 190 -25.57 -40.36 33.62
N PHE B 191 -25.51 -39.04 33.77
CA PHE B 191 -26.74 -38.26 33.70
C PHE B 191 -26.58 -37.01 32.85
N LYS B 192 -27.68 -36.30 32.67
CA LYS B 192 -27.74 -35.13 31.80
C LYS B 192 -28.26 -33.94 32.59
N GLU B 193 -27.78 -32.74 32.28
CA GLU B 193 -28.15 -31.56 33.05
C GLU B 193 -28.59 -30.39 32.18
N LEU C 30 -31.74 -37.70 -4.59
CA LEU C 30 -32.60 -37.90 -3.43
C LEU C 30 -32.98 -36.57 -2.79
N MET C 31 -32.06 -35.61 -2.82
CA MET C 31 -32.27 -34.30 -2.21
C MET C 31 -33.01 -33.32 -3.13
N GLU C 32 -33.17 -33.69 -4.39
CA GLU C 32 -33.89 -32.85 -5.34
C GLU C 32 -35.40 -33.08 -5.20
N ALA C 33 -35.75 -34.21 -4.58
CA ALA C 33 -37.15 -34.56 -4.35
C ALA C 33 -37.78 -33.75 -3.22
N ILE C 34 -37.00 -33.44 -2.19
CA ILE C 34 -37.49 -32.67 -1.05
C ILE C 34 -37.52 -31.16 -1.36
N GLN C 35 -36.71 -30.74 -2.32
CA GLN C 35 -36.70 -29.34 -2.73
C GLN C 35 -37.92 -29.01 -3.59
N LYS C 36 -38.33 -29.97 -4.41
CA LYS C 36 -39.50 -29.82 -5.26
C LYS C 36 -40.78 -30.15 -4.48
N GLN C 37 -40.62 -30.99 -3.46
CA GLN C 37 -41.72 -31.40 -2.60
C GLN C 37 -42.06 -30.31 -1.59
N GLU C 38 -41.08 -29.44 -1.31
CA GLU C 38 -41.28 -28.26 -0.46
C GLU C 38 -41.95 -27.11 -1.21
N GLU C 39 -41.75 -27.08 -2.53
CA GLU C 39 -42.40 -26.08 -3.38
C GLU C 39 -43.86 -26.46 -3.60
N ILE C 40 -44.15 -27.75 -3.49
CA ILE C 40 -45.52 -28.26 -3.58
C ILE C 40 -46.29 -27.91 -2.32
N ASN C 41 -45.67 -28.17 -1.16
CA ASN C 41 -46.26 -27.81 0.11
C ASN C 41 -46.55 -26.32 0.22
N PHE C 42 -45.60 -25.50 -0.25
CA PHE C 42 -45.76 -24.05 -0.24
C PHE C 42 -47.03 -23.69 -1.00
N ARG C 43 -47.22 -24.33 -2.14
CA ARG C 43 -48.36 -24.06 -3.01
C ARG C 43 -49.68 -24.51 -2.38
N LEU C 44 -49.69 -25.69 -1.78
CA LEU C 44 -50.88 -26.19 -1.13
C LEU C 44 -51.29 -25.29 0.03
N GLN C 45 -50.29 -24.85 0.78
CA GLN C 45 -50.54 -24.06 1.97
C GLN C 45 -50.97 -22.65 1.62
N ASP C 46 -50.38 -22.08 0.57
CA ASP C 46 -50.79 -20.74 0.13
C ASP C 46 -52.26 -20.79 -0.30
N TYR C 47 -52.67 -21.93 -0.84
CA TYR C 47 -54.06 -22.16 -1.24
C TYR C 47 -55.00 -22.24 -0.04
N ILE C 48 -54.61 -23.03 0.95
CA ILE C 48 -55.45 -23.22 2.13
C ILE C 48 -55.68 -21.88 2.83
N ASP C 49 -54.65 -21.04 2.84
CA ASP C 49 -54.77 -19.73 3.45
C ASP C 49 -55.81 -18.88 2.72
N ARG C 50 -55.67 -18.75 1.40
CA ARG C 50 -56.57 -17.90 0.62
C ARG C 50 -58.01 -18.32 0.80
N ILE C 51 -58.27 -19.60 0.64
CA ILE C 51 -59.62 -20.11 0.72
C ILE C 51 -60.21 -19.98 2.13
N ILE C 52 -59.39 -20.23 3.13
CA ILE C 52 -59.87 -20.10 4.50
C ILE C 52 -60.23 -18.64 4.78
N VAL C 53 -59.39 -17.73 4.31
CA VAL C 53 -59.68 -16.31 4.43
C VAL C 53 -61.03 -15.99 3.80
N ALA C 54 -61.25 -16.51 2.61
CA ALA C 54 -62.50 -16.28 1.91
C ALA C 54 -63.68 -16.83 2.68
N ILE C 55 -63.52 -18.05 3.20
CA ILE C 55 -64.60 -18.74 3.92
C ILE C 55 -65.08 -17.94 5.12
N MET C 56 -64.14 -17.25 5.78
CA MET C 56 -64.51 -16.45 6.95
C MET C 56 -65.14 -15.13 6.57
N GLU C 57 -64.74 -14.58 5.42
CA GLU C 57 -65.35 -13.34 4.92
C GLU C 57 -66.81 -13.56 4.52
N THR C 58 -67.24 -14.81 4.35
CA THR C 58 -68.62 -15.09 3.94
C THR C 58 -69.40 -16.06 4.86
N ASN C 59 -69.09 -17.35 4.81
CA ASN C 59 -69.80 -18.34 5.65
C ASN C 59 -68.88 -19.11 6.59
N PRO C 60 -68.58 -18.52 7.75
CA PRO C 60 -67.66 -19.19 8.68
C PRO C 60 -68.28 -20.46 9.26
N SER C 61 -69.56 -20.66 9.01
CA SER C 61 -70.25 -21.85 9.47
C SER C 61 -69.51 -23.12 9.01
N ILE C 62 -68.80 -23.01 7.89
CA ILE C 62 -68.09 -24.15 7.31
C ILE C 62 -67.03 -24.76 8.23
N LEU C 63 -66.32 -23.90 8.95
CA LEU C 63 -65.15 -24.31 9.71
C LEU C 63 -65.47 -24.94 11.07
N GLU C 64 -66.76 -25.17 11.32
CA GLU C 64 -67.20 -25.76 12.58
C GLU C 64 -66.95 -27.26 12.60
N VAL C 65 -66.58 -27.79 13.76
CA VAL C 65 -66.42 -29.23 13.93
C VAL C 65 -67.75 -29.90 14.24
N ARG D 5 51.76 -32.02 14.98
CA ARG D 5 52.70 -33.01 14.49
C ARG D 5 53.13 -33.96 15.61
N ASP D 6 52.77 -33.64 16.85
CA ASP D 6 53.14 -34.49 17.99
C ASP D 6 52.12 -35.61 18.22
N ASP D 7 50.90 -35.24 18.58
CA ASP D 7 49.79 -36.17 18.80
C ASP D 7 49.87 -36.92 20.13
N GLU D 8 50.95 -36.68 20.87
CA GLU D 8 51.20 -37.32 22.14
C GLU D 8 51.33 -36.20 23.17
N TYR D 9 51.13 -36.51 24.44
CA TYR D 9 51.17 -35.44 25.44
C TYR D 9 51.82 -35.77 26.78
N ASP D 10 52.29 -34.71 27.44
CA ASP D 10 52.97 -34.79 28.73
C ASP D 10 51.99 -34.70 29.89
N TYR D 11 50.97 -33.87 29.72
CA TYR D 11 49.94 -33.70 30.74
C TYR D 11 48.55 -33.76 30.12
N LEU D 12 47.58 -34.32 30.85
CA LEU D 12 46.19 -34.29 30.41
C LEU D 12 45.30 -33.62 31.44
N PHE D 13 44.87 -32.39 31.17
CA PHE D 13 44.07 -31.65 32.13
C PHE D 13 42.60 -31.59 31.71
N LYS D 14 41.72 -31.96 32.63
CA LYS D 14 40.27 -31.85 32.42
C LYS D 14 39.73 -30.56 33.03
N VAL D 15 39.15 -29.72 32.18
CA VAL D 15 38.56 -28.46 32.62
C VAL D 15 37.05 -28.41 32.34
N VAL D 16 36.26 -28.07 33.34
CA VAL D 16 34.81 -28.03 33.19
C VAL D 16 34.24 -26.62 33.06
N LEU D 17 33.22 -26.46 32.22
CA LEU D 17 32.52 -25.19 32.09
C LEU D 17 31.21 -25.20 32.88
N ILE D 18 31.07 -24.24 33.79
CA ILE D 18 29.82 -24.13 34.54
C ILE D 18 29.29 -22.70 34.56
N GLY D 19 28.01 -22.56 34.84
CA GLY D 19 27.39 -21.25 34.90
C GLY D 19 25.97 -21.29 34.41
N ASP D 20 25.23 -20.21 34.66
CA ASP D 20 23.84 -20.12 34.27
C ASP D 20 23.67 -20.42 32.79
N SER D 21 22.52 -20.98 32.44
CA SER D 21 22.22 -21.27 31.05
C SER D 21 22.18 -19.99 30.23
N GLY D 22 22.87 -19.99 29.09
CA GLY D 22 22.84 -18.85 28.20
C GLY D 22 23.95 -17.83 28.35
N VAL D 23 24.92 -18.13 29.22
CA VAL D 23 26.06 -17.23 29.42
C VAL D 23 27.11 -17.40 28.33
N GLY D 24 27.04 -18.49 27.59
CA GLY D 24 27.93 -18.67 26.45
C GLY D 24 28.98 -19.74 26.61
N LYS D 25 28.75 -20.68 27.54
CA LYS D 25 29.72 -21.74 27.78
C LYS D 25 30.07 -22.48 26.49
N SER D 26 29.06 -23.02 25.82
CA SER D 26 29.26 -23.81 24.61
C SER D 26 30.04 -23.05 23.55
N ASN D 27 29.87 -21.74 23.50
CA ASN D 27 30.58 -20.96 22.50
C ASN D 27 32.01 -20.69 22.92
N LEU D 28 32.23 -20.61 24.22
CA LEU D 28 33.60 -20.52 24.72
C LEU D 28 34.34 -21.76 24.27
N LEU D 29 33.67 -22.90 24.37
CA LEU D 29 34.22 -24.20 23.97
C LEU D 29 34.51 -24.25 22.48
N SER D 30 33.51 -23.95 21.67
CA SER D 30 33.67 -24.01 20.23
C SER D 30 34.70 -23.01 19.71
N ARG D 31 34.74 -21.83 20.33
CA ARG D 31 35.67 -20.81 19.91
C ARG D 31 37.10 -21.27 20.17
N PHE D 32 37.32 -21.88 21.33
CA PHE D 32 38.66 -22.36 21.72
C PHE D 32 39.09 -23.56 20.88
N THR D 33 38.20 -24.53 20.72
CA THR D 33 38.58 -25.77 20.06
C THR D 33 38.58 -25.67 18.54
N ARG D 34 37.53 -25.13 17.93
CA ARG D 34 37.51 -25.05 16.47
C ARG D 34 37.33 -23.64 15.93
N ASN D 35 37.60 -22.63 16.76
CA ASN D 35 37.44 -21.24 16.36
C ASN D 35 36.14 -20.94 15.63
N GLU D 36 35.04 -21.46 16.17
CA GLU D 36 33.71 -21.21 15.62
C GLU D 36 32.77 -20.59 16.66
N PHE D 37 31.94 -19.66 16.21
CA PHE D 37 30.92 -19.06 17.05
C PHE D 37 29.58 -19.18 16.35
N ASN D 38 28.53 -19.43 17.12
CA ASN D 38 27.20 -19.57 16.56
C ASN D 38 26.25 -18.63 17.31
N LEU D 39 25.72 -17.63 16.62
CA LEU D 39 24.87 -16.62 17.26
C LEU D 39 23.53 -17.22 17.67
N GLU D 40 23.06 -18.17 16.87
CA GLU D 40 21.75 -18.78 17.02
C GLU D 40 21.76 -20.13 17.75
N SER D 41 22.92 -20.51 18.27
CA SER D 41 23.13 -21.82 18.91
C SER D 41 22.10 -22.18 19.97
N LYS D 42 21.66 -23.44 19.98
CA LYS D 42 20.63 -23.86 20.93
C LYS D 42 21.23 -24.44 22.21
N SER D 43 20.36 -24.77 23.17
CA SER D 43 20.81 -25.21 24.47
C SER D 43 21.48 -26.55 24.36
N THR D 44 22.49 -26.78 25.20
CA THR D 44 23.33 -27.97 25.11
C THR D 44 22.68 -29.16 25.79
N ILE D 45 22.48 -30.24 25.04
CA ILE D 45 21.90 -31.44 25.62
C ILE D 45 22.96 -32.48 25.96
N GLY D 46 22.77 -33.14 27.10
CA GLY D 46 23.69 -34.17 27.52
C GLY D 46 25.00 -33.57 28.00
N VAL D 47 26.09 -34.29 27.72
CA VAL D 47 27.41 -33.84 28.09
C VAL D 47 28.39 -34.12 26.96
N GLU D 48 29.27 -33.15 26.72
CA GLU D 48 30.27 -33.23 25.67
C GLU D 48 31.62 -32.80 26.19
N PHE D 49 32.65 -33.02 25.39
CA PHE D 49 33.92 -32.38 25.61
C PHE D 49 34.67 -32.35 24.30
N ALA D 50 35.52 -31.35 24.13
CA ALA D 50 36.37 -31.28 22.96
C ALA D 50 37.80 -31.08 23.43
N THR D 51 38.77 -31.45 22.62
CA THR D 51 40.16 -31.38 23.07
C THR D 51 41.01 -30.49 22.20
N ARG D 52 42.02 -29.91 22.83
CA ARG D 52 43.05 -29.15 22.15
C ARG D 52 44.36 -29.22 22.91
N SER D 53 45.47 -29.27 22.19
CA SER D 53 46.79 -29.30 22.79
C SER D 53 47.49 -27.95 22.63
N ILE D 54 48.22 -27.55 23.66
CA ILE D 54 48.93 -26.27 23.63
C ILE D 54 50.29 -26.45 24.26
N GLN D 55 51.20 -25.52 24.00
CA GLN D 55 52.55 -25.59 24.55
C GLN D 55 52.74 -24.68 25.76
N VAL D 56 53.16 -25.26 26.86
CA VAL D 56 53.45 -24.52 28.09
C VAL D 56 54.77 -24.96 28.70
N ASP D 57 55.77 -24.08 28.71
CA ASP D 57 57.07 -24.40 29.27
C ASP D 57 57.70 -25.60 28.55
N GLY D 58 57.62 -25.59 27.22
CA GLY D 58 58.21 -26.63 26.41
C GLY D 58 57.40 -27.91 26.36
N LYS D 59 56.56 -28.11 27.37
CA LYS D 59 55.73 -29.32 27.45
C LYS D 59 54.36 -29.16 26.78
N THR D 60 53.88 -30.21 26.12
CA THR D 60 52.56 -30.15 25.48
C THR D 60 51.48 -30.51 26.50
N ILE D 61 50.51 -29.62 26.66
CA ILE D 61 49.40 -29.85 27.56
C ILE D 61 48.14 -30.16 26.75
N LYS D 62 47.56 -31.35 26.96
CA LYS D 62 46.32 -31.66 26.28
C LYS D 62 45.15 -31.32 27.17
N ALA D 63 44.35 -30.36 26.74
CA ALA D 63 43.22 -29.90 27.52
C ALA D 63 41.94 -30.62 27.08
N GLN D 64 41.20 -31.10 28.06
CA GLN D 64 39.91 -31.76 27.84
C GLN D 64 38.80 -30.85 28.35
N ILE D 65 38.18 -30.06 27.46
CA ILE D 65 37.17 -29.11 27.89
C ILE D 65 35.76 -29.69 27.83
N TRP D 66 35.16 -29.88 29.00
CA TRP D 66 33.83 -30.45 29.14
C TRP D 66 32.75 -29.36 29.21
N ASP D 67 31.60 -29.65 28.61
CA ASP D 67 30.49 -28.69 28.54
C ASP D 67 29.18 -29.42 28.81
N THR D 68 28.24 -28.71 29.43
CA THR D 68 26.90 -29.25 29.64
C THR D 68 25.90 -28.13 29.87
N ALA D 69 24.63 -28.50 30.02
CA ALA D 69 23.55 -27.53 30.21
C ALA D 69 23.72 -26.78 31.52
N GLY D 70 23.69 -25.45 31.44
CA GLY D 70 23.85 -24.58 32.60
C GLY D 70 22.73 -24.69 33.62
N LEU D 71 21.55 -25.11 33.17
CA LEU D 71 20.44 -25.34 34.09
C LEU D 71 20.69 -26.71 34.69
N GLU D 72 20.80 -26.79 36.01
CA GLU D 72 21.17 -28.06 36.62
C GLU D 72 20.35 -28.28 37.89
N ARG D 73 20.00 -29.54 38.15
CA ARG D 73 19.15 -29.89 39.28
C ARG D 73 19.02 -31.42 39.45
N ILE D 77 23.73 -36.18 37.28
CA ILE D 77 25.03 -36.53 36.73
C ILE D 77 26.07 -35.45 37.02
N THR D 78 26.05 -34.85 38.21
CA THR D 78 26.98 -33.74 38.40
C THR D 78 28.27 -34.29 38.97
N SER D 79 28.14 -35.32 39.80
CA SER D 79 29.30 -35.92 40.45
C SER D 79 30.29 -36.40 39.41
N ALA D 80 29.78 -37.07 38.38
CA ALA D 80 30.61 -37.60 37.32
C ALA D 80 31.27 -36.47 36.55
N TYR D 81 30.53 -35.39 36.37
CA TYR D 81 30.99 -34.23 35.62
C TYR D 81 32.23 -33.60 36.20
N TYR D 82 32.21 -33.35 37.51
CA TYR D 82 33.31 -32.65 38.17
C TYR D 82 34.50 -33.57 38.43
N ARG D 83 34.23 -34.86 38.46
CA ARG D 83 35.25 -35.86 38.78
C ARG D 83 36.48 -35.76 37.88
N GLY D 84 37.65 -35.74 38.50
CA GLY D 84 38.91 -35.71 37.79
C GLY D 84 39.20 -34.35 37.21
N ALA D 85 38.27 -33.41 37.42
CA ALA D 85 38.45 -32.08 36.92
C ALA D 85 39.48 -31.35 37.76
N VAL D 86 40.50 -30.82 37.11
CA VAL D 86 41.57 -30.07 37.74
C VAL D 86 41.42 -28.57 37.50
N GLY D 87 40.41 -28.22 36.70
CA GLY D 87 40.12 -26.84 36.38
C GLY D 87 38.64 -26.60 36.09
N ALA D 88 38.19 -25.39 36.37
CA ALA D 88 36.79 -25.03 36.14
C ALA D 88 36.67 -23.60 35.67
N LEU D 89 35.93 -23.40 34.59
CA LEU D 89 35.59 -22.07 34.10
C LEU D 89 34.17 -21.73 34.54
N LEU D 90 34.05 -20.88 35.56
CA LEU D 90 32.77 -20.46 36.10
C LEU D 90 32.31 -19.22 35.33
N VAL D 91 31.27 -19.38 34.51
CA VAL D 91 30.91 -18.35 33.54
C VAL D 91 29.62 -17.58 33.85
N TYR D 92 29.66 -16.27 33.66
CA TYR D 92 28.45 -15.45 33.75
C TYR D 92 28.34 -14.51 32.55
N ASP D 93 27.14 -13.95 32.37
CA ASP D 93 26.86 -13.01 31.28
C ASP D 93 27.02 -11.58 31.77
N ILE D 94 27.99 -10.86 31.22
CA ILE D 94 28.23 -9.47 31.62
C ILE D 94 26.95 -8.65 31.59
N ALA D 95 26.05 -8.99 30.68
CA ALA D 95 24.83 -8.22 30.47
C ALA D 95 23.60 -8.75 31.23
N LYS D 96 23.77 -9.85 31.95
CA LYS D 96 22.69 -10.34 32.81
C LYS D 96 23.19 -10.38 34.23
N HIS D 97 22.80 -9.41 35.04
CA HIS D 97 23.32 -9.34 36.40
C HIS D 97 22.98 -10.63 37.13
N LEU D 98 21.81 -11.18 36.81
CA LEU D 98 21.32 -12.39 37.48
C LEU D 98 22.28 -13.59 37.36
N THR D 99 22.91 -13.73 36.20
CA THR D 99 23.83 -14.85 36.00
C THR D 99 25.08 -14.65 36.86
N TYR D 100 25.35 -13.39 37.20
CA TYR D 100 26.46 -13.06 38.09
C TYR D 100 26.09 -13.31 39.55
N GLU D 101 24.87 -12.94 39.92
CA GLU D 101 24.37 -13.19 41.26
C GLU D 101 24.52 -14.67 41.59
N ASN D 102 24.23 -15.50 40.59
CA ASN D 102 24.28 -16.95 40.75
C ASN D 102 25.69 -17.53 40.81
N VAL D 103 26.71 -16.69 40.58
CA VAL D 103 28.10 -17.16 40.66
C VAL D 103 28.38 -17.72 42.06
N GLU D 104 27.77 -17.12 43.08
CA GLU D 104 27.91 -17.63 44.44
C GLU D 104 27.32 -19.04 44.55
N ARG D 105 26.19 -19.25 43.90
CA ARG D 105 25.52 -20.55 43.92
C ARG D 105 26.36 -21.63 43.23
N TRP D 106 27.07 -21.23 42.17
CA TRP D 106 27.89 -22.17 41.42
C TRP D 106 29.16 -22.58 42.17
N LEU D 107 29.76 -21.65 42.90
CA LEU D 107 30.91 -22.00 43.74
C LEU D 107 30.55 -23.03 44.79
N LYS D 108 29.31 -22.99 45.30
CA LYS D 108 28.88 -23.98 46.28
C LYS D 108 28.90 -25.37 45.64
N GLU D 109 28.25 -25.52 44.49
CA GLU D 109 28.27 -26.79 43.77
C GLU D 109 29.70 -27.20 43.47
N LEU D 110 30.54 -26.23 43.15
CA LEU D 110 31.94 -26.51 42.85
C LEU D 110 32.72 -27.04 44.05
N ARG D 111 32.61 -26.39 45.20
CA ARG D 111 33.35 -26.76 46.39
CA ARG D 111 33.41 -26.82 46.33
C ARG D 111 32.71 -27.94 47.11
N ASP D 112 31.65 -28.47 46.51
CA ASP D 112 30.96 -29.64 47.06
C ASP D 112 31.30 -30.92 46.28
N HIS D 113 31.14 -30.85 44.96
CA HIS D 113 31.22 -32.06 44.14
C HIS D 113 32.55 -32.20 43.42
N ALA D 114 33.40 -31.20 43.52
CA ALA D 114 34.67 -31.25 42.81
C ALA D 114 35.83 -31.32 43.78
N ASP D 115 36.94 -31.84 43.28
CA ASP D 115 38.17 -31.94 44.07
C ASP D 115 38.59 -30.56 44.55
N SER D 116 39.20 -30.51 45.73
CA SER D 116 39.82 -29.28 46.19
C SER D 116 41.07 -29.07 45.34
N ASN D 117 41.79 -27.98 45.56
CA ASN D 117 42.97 -27.69 44.75
C ASN D 117 42.60 -27.37 43.31
N ILE D 118 41.33 -27.51 42.98
CA ILE D 118 40.86 -27.19 41.63
C ILE D 118 40.96 -25.71 41.29
N VAL D 119 41.63 -25.42 40.18
CA VAL D 119 41.75 -24.06 39.71
C VAL D 119 40.41 -23.56 39.19
N ILE D 120 39.97 -22.41 39.71
CA ILE D 120 38.70 -21.82 39.31
C ILE D 120 38.95 -20.49 38.64
N MET D 121 38.46 -20.31 37.43
CA MET D 121 38.56 -19.02 36.76
C MET D 121 37.19 -18.43 36.54
N LEU D 122 37.03 -17.15 36.88
CA LEU D 122 35.77 -16.47 36.69
C LEU D 122 35.72 -15.76 35.33
N VAL D 123 34.67 -16.05 34.57
CA VAL D 123 34.41 -15.44 33.26
C VAL D 123 32.94 -15.01 33.24
N GLY D 124 32.60 -13.76 32.87
CA GLY D 124 33.48 -12.83 32.21
C GLY D 124 33.06 -12.69 30.76
N ASN D 125 31.88 -13.20 30.40
CA ASN D 125 31.54 -13.32 29.00
C ASN D 125 30.53 -12.32 28.43
N LYS D 126 30.52 -12.24 27.10
CA LYS D 126 29.69 -11.30 26.35
C LYS D 126 30.16 -9.86 26.59
N SER D 127 31.47 -9.69 26.65
CA SER D 127 32.08 -8.39 26.81
C SER D 127 31.82 -7.52 25.58
N ASP D 128 31.37 -8.16 24.50
CA ASP D 128 31.12 -7.44 23.26
C ASP D 128 29.88 -6.55 23.32
N LEU D 129 28.98 -6.78 24.27
CA LEU D 129 27.84 -5.88 24.37
C LEU D 129 28.21 -4.79 25.35
N ARG D 130 28.52 -3.63 24.82
CA ARG D 130 29.11 -2.57 25.62
C ARG D 130 28.07 -1.73 26.35
N HIS D 131 26.91 -1.58 25.72
CA HIS D 131 25.87 -0.71 26.24
C HIS D 131 24.99 -1.45 27.22
N LEU D 132 25.12 -2.76 27.23
CA LEU D 132 24.30 -3.59 28.09
C LEU D 132 24.97 -4.06 29.40
N ARG D 133 26.20 -3.66 29.66
CA ARG D 133 26.91 -4.21 30.82
C ARG D 133 26.21 -4.01 32.16
N ALA D 134 25.89 -5.10 32.86
CA ALA D 134 25.32 -5.03 34.21
C ALA D 134 26.30 -5.29 35.35
N VAL D 135 27.54 -5.65 35.02
CA VAL D 135 28.50 -6.09 36.01
C VAL D 135 29.82 -5.39 35.86
N PRO D 136 30.00 -4.28 36.58
CA PRO D 136 31.26 -3.53 36.48
C PRO D 136 32.43 -4.47 36.78
N THR D 137 33.50 -4.38 36.00
CA THR D 137 34.61 -5.30 36.10
C THR D 137 35.14 -5.43 37.53
N ASP D 138 35.23 -4.31 38.22
CA ASP D 138 35.76 -4.26 39.57
C ASP D 138 34.96 -5.07 40.57
N GLU D 139 33.63 -5.00 40.48
CA GLU D 139 32.76 -5.69 41.42
C GLU D 139 33.02 -7.18 41.37
N ALA D 140 33.25 -7.69 40.16
CA ALA D 140 33.52 -9.09 39.91
C ALA D 140 34.98 -9.45 40.20
N ARG D 141 35.89 -8.67 39.61
CA ARG D 141 37.33 -8.86 39.80
C ARG D 141 37.68 -8.89 41.29
N ALA D 142 37.02 -8.04 42.07
CA ALA D 142 37.20 -8.02 43.51
C ALA D 142 36.70 -9.34 44.08
N PHE D 143 35.49 -9.71 43.68
CA PHE D 143 34.87 -10.95 44.12
C PHE D 143 35.76 -12.12 43.77
N ALA D 144 36.43 -12.00 42.63
CA ALA D 144 37.33 -13.06 42.18
C ALA D 144 38.51 -13.18 43.14
N GLU D 145 39.21 -12.07 43.38
CA GLU D 145 40.41 -12.11 44.22
C GLU D 145 40.13 -12.52 45.66
N LYS D 146 39.02 -12.04 46.22
CA LYS D 146 38.68 -12.32 47.59
C LYS D 146 38.23 -13.77 47.79
N ASN D 147 37.74 -14.41 46.73
CA ASN D 147 37.33 -15.81 46.82
C ASN D 147 38.35 -16.76 46.20
N GLY D 148 39.52 -16.23 45.86
CA GLY D 148 40.62 -17.03 45.36
C GLY D 148 40.42 -17.57 43.97
N LEU D 149 39.88 -16.72 43.09
CA LEU D 149 39.62 -17.10 41.71
C LEU D 149 40.46 -16.24 40.78
N SER D 150 40.92 -16.82 39.68
CA SER D 150 41.49 -15.97 38.66
C SER D 150 40.29 -15.27 38.03
N PHE D 151 40.53 -14.30 37.17
CA PHE D 151 39.42 -13.59 36.58
C PHE D 151 39.76 -13.08 35.19
N ILE D 152 38.81 -13.15 34.27
CA ILE D 152 39.01 -12.57 32.95
C ILE D 152 37.66 -12.27 32.30
N GLU D 153 37.66 -11.32 31.37
CA GLU D 153 36.48 -10.99 30.58
C GLU D 153 36.63 -11.35 29.11
N THR D 154 35.68 -12.09 28.58
CA THR D 154 35.77 -12.58 27.20
C THR D 154 34.54 -12.31 26.36
N SER D 155 34.73 -12.31 25.05
CA SER D 155 33.61 -12.40 24.13
C SER D 155 33.89 -13.52 23.14
N ALA D 156 33.11 -14.58 23.21
CA ALA D 156 33.22 -15.67 22.26
C ALA D 156 32.84 -15.13 20.88
N LEU D 157 32.01 -14.09 20.86
CA LEU D 157 31.49 -13.51 19.63
C LEU D 157 32.58 -12.78 18.83
N ASP D 158 33.31 -11.87 19.48
CA ASP D 158 34.40 -11.17 18.80
C ASP D 158 35.81 -11.75 19.04
N SER D 159 35.89 -12.85 19.80
CA SER D 159 37.15 -13.61 20.03
C SER D 159 38.06 -13.07 21.13
N THR D 160 37.72 -11.89 21.66
CA THR D 160 38.55 -11.24 22.66
C THR D 160 38.79 -12.12 23.89
N ASN D 161 40.07 -12.32 24.22
CA ASN D 161 40.47 -13.00 25.46
C ASN D 161 40.03 -14.45 25.61
N VAL D 162 39.30 -14.98 24.64
CA VAL D 162 38.86 -16.36 24.75
C VAL D 162 40.07 -17.27 24.80
N GLU D 163 40.97 -17.07 23.85
CA GLU D 163 42.23 -17.80 23.82
C GLU D 163 43.02 -17.58 25.12
N ALA D 164 43.20 -16.30 25.49
CA ALA D 164 43.93 -15.95 26.69
C ALA D 164 43.36 -16.63 27.94
N ALA D 165 42.04 -16.71 28.01
CA ALA D 165 41.36 -17.27 29.18
C ALA D 165 41.78 -18.71 29.40
N PHE D 166 41.76 -19.51 28.33
CA PHE D 166 42.15 -20.91 28.42
C PHE D 166 43.64 -21.07 28.65
N GLN D 167 44.43 -20.30 27.91
CA GLN D 167 45.89 -20.33 28.04
C GLN D 167 46.28 -20.04 29.49
N THR D 168 45.57 -19.12 30.13
CA THR D 168 45.89 -18.77 31.50
C THR D 168 45.55 -19.89 32.48
N ILE D 169 44.31 -20.35 32.48
CA ILE D 169 43.90 -21.33 33.47
C ILE D 169 44.68 -22.63 33.29
N LEU D 170 45.08 -22.91 32.05
CA LEU D 170 45.85 -24.11 31.78
C LEU D 170 47.26 -24.02 32.33
N THR D 171 47.91 -22.88 32.18
CA THR D 171 49.28 -22.75 32.67
C THR D 171 49.28 -22.73 34.19
N GLU D 172 48.24 -22.14 34.77
CA GLU D 172 48.13 -22.11 36.22
CA GLU D 172 48.15 -22.12 36.23
C GLU D 172 47.95 -23.54 36.75
N ILE D 173 47.28 -24.38 35.98
CA ILE D 173 47.12 -25.78 36.39
C ILE D 173 48.43 -26.52 36.24
N TYR D 174 49.17 -26.21 35.17
CA TYR D 174 50.51 -26.74 34.99
C TYR D 174 51.40 -26.38 36.16
N ARG D 175 51.40 -25.10 36.52
CA ARG D 175 52.27 -24.61 37.57
C ARG D 175 52.00 -25.33 38.89
N ILE D 176 50.72 -25.52 39.23
CA ILE D 176 50.37 -26.13 40.49
C ILE D 176 50.76 -27.61 40.53
N VAL D 177 50.64 -28.31 39.41
CA VAL D 177 50.97 -29.74 39.39
C VAL D 177 52.47 -30.00 39.26
N SER D 178 53.19 -29.12 38.57
CA SER D 178 54.64 -29.27 38.47
C SER D 178 55.30 -29.06 39.83
N GLN D 179 54.83 -28.04 40.55
CA GLN D 179 55.41 -27.69 41.84
C GLN D 179 55.13 -28.72 42.94
N LYS D 180 53.98 -29.39 42.88
CA LYS D 180 53.71 -30.44 43.85
C LYS D 180 54.61 -31.63 43.54
N GLN D 181 55.02 -31.71 42.28
CA GLN D 181 55.96 -32.71 41.79
C GLN D 181 57.40 -32.42 42.24
N MET D 182 57.64 -31.18 42.65
CA MET D 182 58.95 -30.78 43.15
C MET D 182 59.05 -30.93 44.67
N ILE E 25 -13.60 -7.73 23.60
CA ILE E 25 -12.22 -8.19 23.42
C ILE E 25 -11.66 -7.74 22.07
N VAL E 26 -10.36 -7.49 22.04
CA VAL E 26 -9.65 -7.16 20.81
C VAL E 26 -8.28 -7.86 20.83
N LYS E 27 -7.86 -8.38 19.68
CA LYS E 27 -6.59 -9.13 19.60
C LYS E 27 -5.48 -8.36 18.91
N ASP E 28 -4.25 -8.65 19.34
CA ASP E 28 -3.03 -8.02 18.81
C ASP E 28 -2.44 -8.83 17.66
N CYS E 29 -2.41 -8.25 16.47
CA CYS E 29 -1.86 -8.93 15.30
C CYS E 29 -0.74 -8.13 14.63
N LYS E 30 -0.11 -8.73 13.62
CA LYS E 30 0.92 -8.03 12.85
C LYS E 30 0.90 -8.39 11.37
N GLU E 31 1.06 -7.36 10.53
CA GLU E 31 1.16 -7.52 9.09
C GLU E 31 2.19 -6.53 8.52
N ALA E 32 3.07 -7.03 7.67
CA ALA E 32 4.15 -6.21 7.14
C ALA E 32 3.69 -5.09 6.21
N ASP E 33 4.19 -3.89 6.47
CA ASP E 33 4.01 -2.79 5.54
C ASP E 33 4.90 -3.11 4.35
N LEU E 34 4.28 -3.43 3.22
CA LEU E 34 4.99 -3.89 2.02
C LEU E 34 6.09 -2.90 1.64
N SER E 35 5.80 -1.62 1.84
CA SER E 35 6.76 -0.56 1.56
C SER E 35 8.05 -0.72 2.38
N LEU E 36 7.89 -0.97 3.68
CA LEU E 36 9.05 -1.14 4.56
C LEU E 36 9.80 -2.44 4.30
N TYR E 37 9.04 -3.49 3.99
CA TYR E 37 9.57 -4.84 3.77
C TYR E 37 10.43 -4.93 2.52
N ASN E 38 9.88 -4.43 1.42
CA ASN E 38 10.58 -4.40 0.14
C ASN E 38 11.79 -3.47 0.23
N GLU E 39 11.61 -2.34 0.90
CA GLU E 39 12.71 -1.42 1.13
C GLU E 39 13.83 -2.15 1.86
N PHE E 40 13.44 -2.96 2.85
CA PHE E 40 14.38 -3.71 3.67
C PHE E 40 15.04 -4.90 2.97
N ARG E 41 14.22 -5.79 2.43
CA ARG E 41 14.72 -7.03 1.84
C ARG E 41 15.69 -6.69 0.71
N LEU E 42 15.51 -5.50 0.13
CA LEU E 42 16.44 -5.00 -0.88
C LEU E 42 17.76 -4.67 -0.20
N TRP E 43 17.68 -3.97 0.94
CA TRP E 43 18.85 -3.64 1.74
C TRP E 43 19.57 -4.87 2.29
N LYS E 44 18.79 -5.88 2.70
CA LYS E 44 19.33 -7.12 3.25
C LYS E 44 20.25 -7.85 2.27
N ASP E 45 19.90 -7.82 0.99
CA ASP E 45 20.66 -8.53 -0.04
C ASP E 45 21.98 -7.84 -0.36
N GLU E 46 22.07 -6.56 -0.03
CA GLU E 46 23.33 -5.84 -0.19
C GLU E 46 23.50 -4.82 0.94
N PRO E 47 23.72 -5.33 2.16
CA PRO E 47 23.80 -4.57 3.41
C PRO E 47 24.82 -3.44 3.41
N THR E 48 24.45 -2.29 3.95
CA THR E 48 25.40 -1.19 4.13
C THR E 48 25.08 -0.38 5.39
N MET E 49 26.12 0.17 6.02
CA MET E 49 25.97 0.99 7.20
C MET E 49 25.88 2.46 6.82
N ASP E 50 25.83 2.70 5.52
CA ASP E 50 25.76 4.05 4.97
C ASP E 50 24.49 4.77 5.41
N ARG E 51 24.66 5.93 6.03
CA ARG E 51 23.53 6.70 6.57
C ARG E 51 22.50 7.13 5.52
N THR E 52 22.94 7.21 4.26
CA THR E 52 22.12 7.86 3.24
C THR E 52 21.26 6.90 2.41
N CYS E 53 21.39 5.61 2.66
CA CYS E 53 20.59 4.66 1.92
C CYS E 53 19.12 4.79 2.34
N PRO E 54 18.20 4.27 1.51
CA PRO E 54 16.76 4.37 1.77
C PRO E 54 16.39 3.80 3.13
N PHE E 55 16.93 2.62 3.42
CA PHE E 55 16.63 1.90 4.65
C PHE E 55 16.96 2.70 5.90
N LEU E 56 18.21 3.13 6.02
CA LEU E 56 18.69 3.82 7.21
C LEU E 56 18.21 5.25 7.34
N ASP E 57 17.97 5.92 6.21
CA ASP E 57 17.54 7.31 6.24
C ASP E 57 16.20 7.41 6.94
N LYS E 58 15.27 6.55 6.53
CA LYS E 58 13.96 6.49 7.13
C LYS E 58 14.11 6.23 8.62
N ILE E 59 14.86 5.18 8.93
CA ILE E 59 15.07 4.75 10.31
C ILE E 59 15.79 5.81 11.13
N TYR E 60 16.73 6.52 10.51
CA TYR E 60 17.42 7.61 11.20
C TYR E 60 16.48 8.77 11.55
N GLN E 61 15.66 9.17 10.59
CA GLN E 61 14.77 10.31 10.76
C GLN E 61 13.60 9.97 11.70
N GLU E 62 13.01 8.80 11.50
CA GLU E 62 11.82 8.42 12.25
C GLU E 62 12.15 7.87 13.64
N ASP E 63 13.31 7.23 13.80
CA ASP E 63 13.62 6.55 15.05
C ASP E 63 14.87 7.07 15.77
N ILE E 64 16.01 7.04 15.10
CA ILE E 64 17.27 7.30 15.78
C ILE E 64 17.42 8.74 16.28
N PHE E 65 17.24 9.71 15.38
CA PHE E 65 17.44 11.12 15.70
C PHE E 65 16.53 11.63 16.82
N PRO E 66 15.23 11.33 16.72
CA PRO E 66 14.30 11.73 17.79
C PRO E 66 14.65 11.14 19.16
N CYS E 67 15.16 9.91 19.15
CA CYS E 67 15.56 9.23 20.39
C CYS E 67 16.72 9.94 21.09
N LEU E 68 17.64 10.48 20.29
CA LEU E 68 18.85 11.14 20.76
C LEU E 68 18.73 12.67 20.81
N THR E 69 17.49 13.16 20.92
CA THR E 69 17.27 14.59 21.10
C THR E 69 17.27 14.95 22.59
N PHE E 70 18.26 15.75 23.00
CA PHE E 70 18.46 16.08 24.41
C PHE E 70 18.70 17.57 24.64
N SER E 71 18.79 17.98 25.91
CA SER E 71 19.04 19.37 26.28
C SER E 71 20.40 19.84 25.78
N LYS E 72 21.44 19.12 26.20
CA LYS E 72 22.82 19.44 25.80
C LYS E 72 23.10 18.98 24.38
N SER E 73 22.87 19.88 23.43
CA SER E 73 22.85 19.52 22.00
C SER E 73 24.23 19.19 21.45
N GLU E 74 25.28 19.69 22.11
CA GLU E 74 26.65 19.39 21.70
C GLU E 74 26.97 17.93 21.98
N LEU E 75 26.69 17.52 23.22
CA LEU E 75 26.95 16.16 23.68
C LEU E 75 26.06 15.11 22.99
N ALA E 76 24.83 15.49 22.68
CA ALA E 76 23.86 14.56 22.09
C ALA E 76 24.32 13.99 20.76
N SER E 77 24.67 14.85 19.82
CA SER E 77 25.13 14.38 18.52
C SER E 77 26.46 13.64 18.68
N ALA E 78 27.15 13.93 19.77
CA ALA E 78 28.43 13.28 20.07
C ALA E 78 28.21 11.81 20.42
N VAL E 79 27.16 11.54 21.17
CA VAL E 79 26.80 10.18 21.54
C VAL E 79 26.47 9.39 20.28
N LEU E 80 25.74 10.01 19.37
CA LEU E 80 25.41 9.39 18.09
C LEU E 80 26.65 8.85 17.38
N GLU E 81 27.75 9.61 17.46
CA GLU E 81 28.97 9.19 16.79
C GLU E 81 29.51 7.96 17.50
N ALA E 82 29.40 7.93 18.82
CA ALA E 82 29.87 6.80 19.60
C ALA E 82 29.04 5.56 19.27
N VAL E 83 27.74 5.75 19.10
CA VAL E 83 26.84 4.64 18.81
C VAL E 83 27.12 4.06 17.43
N GLU E 84 27.33 4.93 16.45
CA GLU E 84 27.61 4.48 15.09
C GLU E 84 28.93 3.68 15.04
N ASN E 85 29.86 4.04 15.93
CA ASN E 85 31.16 3.37 16.00
C ASN E 85 31.21 2.24 17.02
N ASN E 86 30.12 2.03 17.74
CA ASN E 86 30.06 1.02 18.79
C ASN E 86 31.10 1.26 19.87
N THR E 87 31.52 2.52 20.00
CA THR E 87 32.50 2.88 21.00
C THR E 87 31.81 3.29 22.28
N LEU E 88 30.48 3.40 22.22
CA LEU E 88 29.71 3.77 23.40
C LEU E 88 29.58 2.60 24.35
N SER E 89 29.62 2.89 25.64
CA SER E 89 29.48 1.85 26.66
C SER E 89 28.75 2.36 27.91
N ILE E 90 27.98 1.48 28.54
CA ILE E 90 27.15 1.87 29.67
C ILE E 90 27.35 0.92 30.84
N GLU E 91 27.79 1.45 31.97
CA GLU E 91 27.95 0.68 33.21
C GLU E 91 26.99 1.14 34.30
N PRO E 92 26.59 0.24 35.19
CA PRO E 92 25.86 0.74 36.35
C PRO E 92 26.83 1.34 37.35
N VAL E 93 26.33 2.06 38.34
CA VAL E 93 27.20 2.66 39.33
C VAL E 93 26.63 2.55 40.74
N GLY E 94 26.93 1.45 41.43
CA GLY E 94 26.51 1.27 42.82
C GLY E 94 26.81 2.49 43.67
N LEU E 95 25.79 2.97 44.38
CA LEU E 95 25.92 4.14 45.26
C LEU E 95 26.75 3.85 46.50
N ALA E 103 35.35 13.28 38.76
CA ALA E 103 36.11 14.49 39.09
C ALA E 103 35.18 15.63 39.46
N SER E 104 35.43 16.80 38.87
CA SER E 104 34.64 18.00 39.13
C SER E 104 34.23 18.73 37.85
N ALA E 105 32.93 18.87 37.64
CA ALA E 105 32.42 19.55 36.46
C ALA E 105 30.89 19.62 36.44
N VAL E 106 30.36 20.53 35.63
CA VAL E 106 28.93 20.72 35.48
C VAL E 106 28.46 19.55 34.63
N GLU E 107 29.38 19.12 33.75
CA GLU E 107 29.17 17.98 32.90
C GLU E 107 29.40 16.72 33.73
N CYS E 108 29.24 15.58 33.09
CA CYS E 108 29.45 14.28 33.70
C CYS E 108 28.32 13.88 34.65
N GLY E 109 27.57 14.85 35.17
CA GLY E 109 26.49 14.55 36.08
C GLY E 109 26.93 13.98 37.43
N GLY E 110 25.95 13.57 38.22
CA GLY E 110 26.18 12.96 39.52
C GLY E 110 24.97 12.10 39.81
N PRO E 111 24.97 11.39 40.96
CA PRO E 111 23.86 10.48 41.28
C PRO E 111 22.47 11.14 41.18
N LYS E 112 22.36 12.43 41.50
CA LYS E 112 21.09 13.16 41.37
C LYS E 112 20.92 14.00 40.10
N LYS E 113 21.92 14.09 39.24
CA LYS E 113 21.78 14.95 38.07
C LYS E 113 22.32 14.34 36.77
N CYS E 114 21.45 14.32 35.77
CA CYS E 114 21.74 13.76 34.45
C CYS E 114 22.61 14.68 33.60
N ALA E 115 23.51 14.09 32.83
CA ALA E 115 24.41 14.83 31.96
C ALA E 115 23.74 15.28 30.66
N LEU E 116 22.91 14.42 30.07
CA LEU E 116 22.23 14.74 28.81
C LEU E 116 21.11 15.75 29.02
N THR E 117 20.11 15.40 29.84
CA THR E 117 19.10 16.38 30.22
C THR E 117 19.39 16.88 31.62
N GLY E 118 19.19 18.17 31.84
CA GLY E 118 19.58 18.78 33.09
C GLY E 118 18.76 18.37 34.31
N GLN E 119 17.78 17.50 34.11
CA GLN E 119 16.86 17.14 35.18
C GLN E 119 17.60 16.46 36.32
N SER E 120 17.05 16.60 37.53
CA SER E 120 17.63 15.94 38.70
C SER E 120 16.82 14.70 39.12
N LYS E 121 17.42 13.54 38.90
CA LYS E 121 16.82 12.25 39.24
C LYS E 121 17.94 11.30 39.60
N SER E 122 17.64 10.21 40.28
CA SER E 122 18.72 9.29 40.64
C SER E 122 19.18 8.53 39.41
N CYS E 123 20.47 8.68 39.10
CA CYS E 123 21.06 8.04 37.93
C CYS E 123 21.83 6.80 38.37
N LYS E 124 21.36 5.65 37.90
CA LYS E 124 21.91 4.38 38.33
C LYS E 124 22.87 3.84 37.28
N HIS E 125 23.01 4.58 36.19
CA HIS E 125 23.88 4.19 35.09
C HIS E 125 24.81 5.34 34.72
N ARG E 126 25.94 5.00 34.12
CA ARG E 126 26.91 5.99 33.71
C ARG E 126 27.39 5.69 32.29
N ILE E 127 27.47 6.72 31.46
CA ILE E 127 27.84 6.59 30.06
C ILE E 127 29.31 6.87 29.82
N LYS E 128 29.91 6.20 28.84
CA LYS E 128 31.28 6.49 28.45
C LYS E 128 31.35 6.60 26.93
N LEU E 129 31.84 7.72 26.44
CA LEU E 129 31.93 7.96 25.02
C LEU E 129 33.19 7.28 24.48
N GLY E 130 34.27 7.41 25.24
CA GLY E 130 35.54 6.81 24.90
C GLY E 130 36.43 6.73 26.15
N ASP E 131 37.41 5.84 26.13
CA ASP E 131 38.28 5.66 27.28
C ASP E 131 39.15 6.90 27.54
N ASN E 134 36.27 9.45 29.97
CA ASN E 134 35.53 10.15 30.99
C ASN E 134 34.08 9.68 31.13
N TYR E 135 33.65 9.45 32.36
CA TYR E 135 32.29 9.04 32.70
C TYR E 135 31.22 10.13 32.84
N TYR E 136 30.15 10.03 32.06
CA TYR E 136 28.98 10.90 32.18
C TYR E 136 27.77 10.19 32.81
N TYR E 137 27.23 10.75 33.88
CA TYR E 137 26.06 10.18 34.56
C TYR E 137 24.76 10.35 33.77
N ILE E 138 23.90 9.34 33.82
CA ILE E 138 22.69 9.29 32.98
C ILE E 138 21.44 8.78 33.70
N SER E 139 20.30 9.43 33.46
CA SER E 139 19.03 9.00 34.05
C SER E 139 18.51 7.73 33.37
N PRO E 140 17.68 6.96 34.09
CA PRO E 140 17.10 5.73 33.54
C PRO E 140 16.32 5.94 32.24
N PHE E 141 15.61 7.06 32.10
CA PHE E 141 14.88 7.36 30.87
C PHE E 141 15.84 7.51 29.69
N CYS E 142 16.93 8.24 29.92
CA CYS E 142 17.95 8.43 28.89
C CYS E 142 18.58 7.10 28.47
N ARG E 143 18.79 6.21 29.44
CA ARG E 143 19.43 4.94 29.16
C ARG E 143 18.61 4.12 28.18
N TYR E 144 17.30 4.06 28.42
CA TYR E 144 16.41 3.26 27.60
C TYR E 144 16.42 3.75 26.16
N ARG E 145 16.43 5.07 25.99
CA ARG E 145 16.43 5.65 24.67
C ARG E 145 17.71 5.27 23.94
N ILE E 146 18.84 5.39 24.62
CA ILE E 146 20.14 5.12 23.99
C ILE E 146 20.36 3.62 23.71
N THR E 147 20.08 2.76 24.70
CA THR E 147 20.27 1.33 24.50
C THR E 147 19.34 0.82 23.39
N SER E 148 18.14 1.38 23.32
CA SER E 148 17.17 1.01 22.30
C SER E 148 17.75 1.21 20.91
N VAL E 149 18.55 2.27 20.77
CA VAL E 149 19.22 2.57 19.52
C VAL E 149 20.38 1.63 19.31
N CYS E 150 21.16 1.41 20.36
CA CYS E 150 22.32 0.55 20.29
C CYS E 150 21.95 -0.87 19.87
N ASN E 151 20.81 -1.35 20.34
CA ASN E 151 20.36 -2.68 19.98
C ASN E 151 20.08 -2.76 18.47
N PHE E 152 19.53 -1.69 17.91
CA PHE E 152 19.27 -1.64 16.48
C PHE E 152 20.58 -1.75 15.69
N PHE E 153 21.57 -0.94 16.07
CA PHE E 153 22.84 -0.98 15.37
C PHE E 153 23.50 -2.35 15.50
N THR E 154 23.44 -2.92 16.70
CA THR E 154 24.03 -4.24 16.93
C THR E 154 23.43 -5.30 16.00
N TYR E 155 22.12 -5.30 15.79
CA TYR E 155 21.49 -6.31 14.95
C TYR E 155 21.79 -6.00 13.48
N ILE E 156 21.78 -4.71 13.15
CA ILE E 156 22.10 -4.28 11.79
C ILE E 156 23.49 -4.74 11.43
N ARG E 157 24.43 -4.54 12.36
CA ARG E 157 25.81 -4.99 12.16
C ARG E 157 25.92 -6.53 12.13
N TYR E 158 25.18 -7.24 12.98
CA TYR E 158 25.19 -8.70 12.96
C TYR E 158 24.81 -9.22 11.57
N ILE E 159 23.98 -8.48 10.87
CA ILE E 159 23.50 -8.87 9.54
C ILE E 159 24.54 -8.59 8.46
N GLN E 160 25.23 -7.45 8.57
CA GLN E 160 26.24 -7.08 7.58
C GLN E 160 27.37 -8.08 7.56
N GLN E 161 27.78 -8.51 8.76
CA GLN E 161 28.79 -9.55 8.91
C GLN E 161 28.13 -10.90 9.18
N GLY E 162 26.87 -10.99 8.84
CA GLY E 162 26.02 -12.12 9.21
C GLY E 162 26.60 -13.47 8.87
N LEU E 163 26.79 -14.35 9.85
CA LEU E 163 26.50 -14.19 11.28
C LEU E 163 25.02 -14.27 11.62
N VAL E 164 24.15 -14.13 10.62
CA VAL E 164 22.77 -14.49 10.81
C VAL E 164 22.46 -15.62 9.82
N LYS E 165 22.34 -16.84 10.34
CA LYS E 165 22.23 -18.01 9.48
C LYS E 165 20.85 -18.67 9.44
N GLN E 166 20.34 -19.07 10.60
CA GLN E 166 19.16 -19.94 10.66
C GLN E 166 17.85 -19.16 10.71
N GLN E 167 17.95 -17.85 10.58
CA GLN E 167 16.78 -16.99 10.59
C GLN E 167 16.43 -16.58 9.16
N ASP E 168 15.22 -16.91 8.71
CA ASP E 168 14.81 -16.52 7.35
C ASP E 168 14.65 -15.01 7.29
N VAL E 169 14.61 -14.45 6.08
CA VAL E 169 14.52 -13.00 5.92
C VAL E 169 13.26 -12.44 6.58
N ASP E 170 12.19 -13.22 6.60
CA ASP E 170 10.95 -12.78 7.22
C ASP E 170 11.13 -12.50 8.71
N GLN E 171 11.74 -13.44 9.42
CA GLN E 171 12.04 -13.29 10.84
C GLN E 171 12.96 -12.10 11.08
N MET E 172 13.96 -11.95 10.22
CA MET E 172 14.90 -10.84 10.34
C MET E 172 14.15 -9.52 10.25
N PHE E 173 13.22 -9.45 9.31
CA PHE E 173 12.39 -8.25 9.13
C PHE E 173 11.64 -7.91 10.41
N TRP E 174 10.96 -8.89 10.96
CA TRP E 174 10.14 -8.69 12.14
C TRP E 174 10.98 -8.42 13.37
N GLU E 175 12.25 -8.80 13.31
CA GLU E 175 13.20 -8.44 14.34
C GLU E 175 13.47 -6.93 14.26
N VAL E 176 13.64 -6.43 13.04
CA VAL E 176 13.91 -5.02 12.80
C VAL E 176 12.72 -4.16 13.22
N MET E 177 11.51 -4.65 13.00
CA MET E 177 10.31 -3.93 13.42
C MET E 177 10.25 -3.78 14.95
N GLN E 178 10.57 -4.86 15.66
CA GLN E 178 10.64 -4.82 17.12
C GLN E 178 11.64 -3.77 17.56
N LEU E 179 12.81 -3.79 16.94
CA LEU E 179 13.81 -2.78 17.21
C LEU E 179 13.24 -1.38 16.99
N ARG E 180 12.44 -1.22 15.93
CA ARG E 180 11.84 0.07 15.64
C ARG E 180 10.72 0.42 16.63
N LYS E 181 9.94 -0.59 17.02
CA LYS E 181 8.88 -0.37 18.00
C LYS E 181 9.47 0.19 19.29
N GLU E 182 10.59 -0.38 19.71
CA GLU E 182 11.24 0.04 20.92
C GLU E 182 11.71 1.48 20.86
N MET E 183 12.40 1.84 19.79
CA MET E 183 12.87 3.21 19.61
C MET E 183 11.68 4.17 19.52
N SER E 184 10.64 3.74 18.81
CA SER E 184 9.46 4.56 18.62
C SER E 184 8.78 4.83 19.96
N LEU E 185 8.81 3.85 20.85
CA LEU E 185 8.21 4.00 22.17
C LEU E 185 9.06 4.91 23.05
N ALA E 186 10.39 4.71 23.02
CA ALA E 186 11.30 5.56 23.77
C ALA E 186 11.18 6.99 23.28
N LYS E 187 11.06 7.13 21.96
CA LYS E 187 10.84 8.41 21.28
C LYS E 187 9.78 9.24 22.00
N LEU E 188 8.71 8.57 22.42
CA LEU E 188 7.53 9.24 22.93
C LEU E 188 7.52 9.34 24.46
N GLY E 189 8.55 8.79 25.08
CA GLY E 189 8.70 8.86 26.53
C GLY E 189 8.27 7.62 27.28
N TYR E 190 7.97 6.55 26.55
CA TYR E 190 7.64 5.28 27.19
C TYR E 190 8.90 4.41 27.31
N PHE E 191 9.35 4.17 28.53
CA PHE E 191 10.59 3.42 28.71
C PHE E 191 10.48 2.36 29.80
N LYS E 192 11.56 1.62 29.98
CA LYS E 192 11.59 0.53 30.94
C LYS E 192 12.76 0.66 31.92
N GLU E 193 12.52 0.20 33.12
CA GLU E 193 13.45 0.33 34.23
C GLU E 193 13.62 -1.03 34.89
N GLU E 194 14.84 -1.37 35.28
CA GLU E 194 15.09 -2.68 35.87
C GLU E 194 15.22 -2.59 37.39
N LEU E 195 14.20 -3.11 38.07
CA LEU E 195 14.10 -3.05 39.52
C LEU E 195 12.96 -3.96 39.96
N LEU F 30 -7.21 -31.61 23.24
CA LEU F 30 -6.16 -30.74 22.72
C LEU F 30 -5.23 -30.27 23.83
N MET F 31 -5.81 -30.03 25.01
CA MET F 31 -5.03 -29.57 26.16
C MET F 31 -4.43 -30.77 26.90
N GLU F 32 -4.90 -31.96 26.53
CA GLU F 32 -4.40 -33.20 27.12
C GLU F 32 -3.13 -33.65 26.40
N ALA F 33 -2.91 -33.09 25.23
CA ALA F 33 -1.73 -33.41 24.42
C ALA F 33 -0.46 -32.81 25.02
N ILE F 34 -0.58 -31.62 25.61
CA ILE F 34 0.57 -30.94 26.19
C ILE F 34 0.95 -31.56 27.54
N GLN F 35 0.00 -32.23 28.17
CA GLN F 35 0.29 -32.90 29.43
C GLN F 35 1.09 -34.16 29.19
N LYS F 36 0.79 -34.85 28.10
CA LYS F 36 1.48 -36.11 27.80
C LYS F 36 2.82 -35.94 27.08
N GLN F 37 2.98 -34.89 26.29
CA GLN F 37 4.26 -34.70 25.60
C GLN F 37 5.28 -34.05 26.53
N GLU F 38 4.79 -33.41 27.59
CA GLU F 38 5.68 -32.89 28.62
C GLU F 38 6.12 -34.06 29.50
N GLU F 39 5.28 -35.09 29.54
CA GLU F 39 5.58 -36.32 30.27
C GLU F 39 6.61 -37.14 29.49
N ILE F 40 6.65 -36.95 28.17
CA ILE F 40 7.63 -37.62 27.33
C ILE F 40 9.01 -37.01 27.54
N ASN F 41 9.08 -35.68 27.61
CA ASN F 41 10.35 -35.02 27.94
C ASN F 41 10.90 -35.52 29.25
N PHE F 42 10.02 -35.68 30.23
CA PHE F 42 10.43 -36.20 31.53
C PHE F 42 11.06 -37.57 31.33
N ARG F 43 10.42 -38.41 30.54
CA ARG F 43 10.92 -39.76 30.30
C ARG F 43 12.19 -39.80 29.44
N LEU F 44 12.21 -39.01 28.37
CA LEU F 44 13.39 -38.94 27.50
C LEU F 44 14.62 -38.42 28.22
N GLN F 45 14.44 -37.38 29.03
CA GLN F 45 15.59 -36.78 29.69
C GLN F 45 16.13 -37.63 30.84
N ASP F 46 15.23 -38.26 31.60
CA ASP F 46 15.65 -39.15 32.68
C ASP F 46 16.46 -40.30 32.09
N TYR F 47 16.14 -40.66 30.85
CA TYR F 47 16.90 -41.70 30.13
C TYR F 47 18.31 -41.24 29.78
N ILE F 48 18.41 -40.06 29.19
CA ILE F 48 19.69 -39.52 28.74
C ILE F 48 20.64 -39.37 29.90
N ASP F 49 20.10 -38.97 31.06
CA ASP F 49 20.91 -38.79 32.24
C ASP F 49 21.51 -40.11 32.67
N ARG F 50 20.66 -41.11 32.82
CA ARG F 50 21.11 -42.42 33.29
C ARG F 50 22.20 -42.95 32.37
N ILE F 51 21.96 -42.87 31.06
CA ILE F 51 22.90 -43.39 30.08
C ILE F 51 24.23 -42.63 30.11
N ILE F 52 24.15 -41.32 30.30
CA ILE F 52 25.35 -40.49 30.35
C ILE F 52 26.23 -40.86 31.54
N VAL F 53 25.59 -41.10 32.69
CA VAL F 53 26.29 -41.52 33.90
C VAL F 53 27.12 -42.78 33.68
N ALA F 54 26.49 -43.76 33.06
CA ALA F 54 27.12 -45.03 32.74
C ALA F 54 28.27 -44.86 31.77
N ILE F 55 28.06 -44.05 30.74
CA ILE F 55 29.06 -43.83 29.70
C ILE F 55 30.35 -43.30 30.29
N MET F 56 30.22 -42.46 31.31
CA MET F 56 31.37 -41.88 31.99
C MET F 56 32.03 -42.85 32.94
N GLU F 57 31.22 -43.72 33.54
CA GLU F 57 31.73 -44.72 34.48
C GLU F 57 32.63 -45.77 33.80
N THR F 58 32.57 -45.88 32.48
CA THR F 58 33.38 -46.86 31.75
C THR F 58 34.25 -46.25 30.64
N ASN F 59 33.65 -45.86 29.52
CA ASN F 59 34.40 -45.28 28.40
C ASN F 59 33.91 -43.90 27.97
N PRO F 60 34.37 -42.83 28.64
CA PRO F 60 33.91 -41.48 28.31
C PRO F 60 34.36 -41.00 26.93
N SER F 61 35.24 -41.75 26.25
CA SER F 61 35.68 -41.38 24.90
C SER F 61 34.50 -41.15 23.96
N ILE F 62 33.39 -41.83 24.26
CA ILE F 62 32.18 -41.75 23.45
C ILE F 62 31.69 -40.31 23.37
N LEU F 63 31.80 -39.60 24.49
CA LEU F 63 31.20 -38.27 24.65
C LEU F 63 32.05 -37.14 24.06
N GLU F 64 33.11 -37.48 23.33
CA GLU F 64 33.95 -36.46 22.72
C GLU F 64 33.27 -35.91 21.46
N VAL F 65 33.37 -34.59 21.25
CA VAL F 65 32.84 -33.98 20.04
C VAL F 65 33.86 -34.00 18.91
N LYS F 66 34.80 -33.07 18.97
CA LYS F 66 35.93 -32.95 18.03
C LYS F 66 36.36 -34.28 17.39
N ASP G 6 28.07 -71.93 37.55
CA ASP G 6 29.10 -70.93 37.34
C ASP G 6 28.65 -69.96 36.26
N ASP G 7 29.51 -69.02 35.90
CA ASP G 7 29.19 -68.02 34.87
C ASP G 7 29.68 -68.36 33.48
N GLU G 8 30.29 -69.52 33.29
CA GLU G 8 30.77 -69.84 31.95
C GLU G 8 29.64 -70.34 31.08
N TYR G 9 29.84 -70.17 29.77
CA TYR G 9 28.86 -70.62 28.80
C TYR G 9 29.64 -71.14 27.60
N ASP G 10 29.02 -72.04 26.86
CA ASP G 10 29.63 -72.66 25.68
C ASP G 10 29.27 -71.89 24.40
N TYR G 11 28.08 -71.32 24.39
CA TYR G 11 27.67 -70.48 23.28
C TYR G 11 27.02 -69.18 23.76
N LEU G 12 27.26 -68.10 23.02
CA LEU G 12 26.60 -66.84 23.28
C LEU G 12 25.78 -66.42 22.07
N PHE G 13 24.47 -66.50 22.18
CA PHE G 13 23.61 -66.15 21.06
C PHE G 13 22.90 -64.81 21.24
N LYS G 14 23.03 -63.95 20.23
CA LYS G 14 22.31 -62.69 20.23
C LYS G 14 21.00 -62.86 19.49
N VAL G 15 19.90 -62.63 20.20
CA VAL G 15 18.57 -62.69 19.62
C VAL G 15 17.86 -61.35 19.79
N VAL G 16 17.32 -60.83 18.70
CA VAL G 16 16.64 -59.54 18.73
C VAL G 16 15.12 -59.71 18.70
N LEU G 17 14.43 -58.84 19.42
CA LEU G 17 12.98 -58.79 19.38
C LEU G 17 12.54 -57.70 18.41
N ILE G 18 11.74 -58.08 17.41
CA ILE G 18 11.24 -57.08 16.48
C ILE G 18 9.73 -57.20 16.28
N GLY G 19 9.09 -56.11 15.86
CA GLY G 19 7.66 -56.12 15.66
C GLY G 19 7.00 -54.80 15.98
N ASP G 20 5.75 -54.66 15.57
CA ASP G 20 4.98 -53.43 15.76
C ASP G 20 4.95 -53.00 17.22
N SER G 21 4.87 -51.70 17.43
CA SER G 21 4.80 -51.16 18.78
C SER G 21 3.57 -51.67 19.52
N GLY G 22 3.76 -52.15 20.74
CA GLY G 22 2.64 -52.56 21.57
C GLY G 22 2.26 -54.03 21.50
N VAL G 23 2.99 -54.83 20.73
CA VAL G 23 2.67 -56.25 20.61
C VAL G 23 3.15 -57.03 21.82
N GLY G 24 4.02 -56.41 22.62
CA GLY G 24 4.45 -56.99 23.88
C GLY G 24 5.89 -57.47 23.92
N LYS G 25 6.73 -56.95 23.04
CA LYS G 25 8.14 -57.33 23.02
C LYS G 25 8.79 -57.16 24.39
N SER G 26 8.66 -55.96 24.94
CA SER G 26 9.28 -55.61 26.21
C SER G 26 8.88 -56.56 27.33
N ASN G 27 7.64 -57.04 27.32
CA ASN G 27 7.19 -57.95 28.36
C ASN G 27 7.59 -59.39 28.11
N LEU G 28 7.74 -59.78 26.85
CA LEU G 28 8.29 -61.08 26.56
C LEU G 28 9.70 -61.13 27.14
N LEU G 29 10.41 -60.01 27.00
CA LEU G 29 11.76 -59.88 27.55
C LEU G 29 11.74 -60.03 29.06
N SER G 30 10.91 -59.23 29.71
CA SER G 30 10.86 -59.23 31.17
C SER G 30 10.39 -60.57 31.71
N ARG G 31 9.45 -61.22 31.02
CA ARG G 31 8.96 -62.52 31.49
C ARG G 31 10.04 -63.59 31.44
N PHE G 32 10.77 -63.63 30.34
CA PHE G 32 11.80 -64.63 30.15
C PHE G 32 13.01 -64.39 31.04
N THR G 33 13.49 -63.16 31.08
CA THR G 33 14.76 -62.88 31.76
C THR G 33 14.59 -62.76 33.27
N ARG G 34 13.58 -62.02 33.73
CA ARG G 34 13.38 -61.90 35.17
C ARG G 34 11.97 -62.31 35.66
N ASN G 35 11.30 -63.13 34.87
CA ASN G 35 9.94 -63.61 35.18
C ASN G 35 9.02 -62.54 35.76
N GLU G 36 9.05 -61.36 35.16
CA GLU G 36 8.17 -60.28 35.59
C GLU G 36 7.32 -59.78 34.42
N PHE G 37 6.07 -59.42 34.72
CA PHE G 37 5.18 -58.86 33.72
C PHE G 37 4.61 -57.52 34.19
N ASN G 38 4.48 -56.58 33.27
CA ASN G 38 3.91 -55.28 33.62
C ASN G 38 2.76 -54.91 32.69
N LEU G 39 1.57 -54.80 33.25
CA LEU G 39 0.36 -54.54 32.48
C LEU G 39 0.35 -53.11 31.95
N GLU G 40 0.96 -52.23 32.73
CA GLU G 40 0.94 -50.81 32.46
C GLU G 40 2.17 -50.26 31.74
N SER G 41 3.07 -51.14 31.31
CA SER G 41 4.34 -50.72 30.72
C SER G 41 4.18 -49.75 29.55
N LYS G 42 5.05 -48.74 29.51
CA LYS G 42 5.05 -47.72 28.48
C LYS G 42 6.04 -48.09 27.37
N SER G 43 6.11 -47.27 26.32
CA SER G 43 6.94 -47.57 25.15
C SER G 43 8.44 -47.52 25.47
N THR G 44 9.21 -48.35 24.79
CA THR G 44 10.63 -48.52 25.06
C THR G 44 11.54 -47.45 24.43
N ILE G 45 12.29 -46.74 25.25
CA ILE G 45 13.23 -45.75 24.72
C ILE G 45 14.66 -46.27 24.71
N GLY G 46 15.38 -45.90 23.66
CA GLY G 46 16.74 -46.35 23.47
C GLY G 46 16.78 -47.80 23.05
N VAL G 47 17.82 -48.51 23.50
CA VAL G 47 17.98 -49.91 23.19
C VAL G 47 18.50 -50.65 24.40
N GLU G 48 17.96 -51.84 24.65
CA GLU G 48 18.39 -52.63 25.81
C GLU G 48 18.61 -54.07 25.41
N PHE G 49 19.22 -54.81 26.33
CA PHE G 49 19.25 -56.26 26.24
C PHE G 49 19.42 -56.81 27.63
N ALA G 50 18.89 -58.00 27.85
CA ALA G 50 19.05 -58.72 29.09
C ALA G 50 19.48 -60.13 28.73
N THR G 51 20.11 -60.84 29.65
CA THR G 51 20.63 -62.16 29.32
C THR G 51 20.05 -63.25 30.20
N ARG G 52 19.99 -64.45 29.64
CA ARG G 52 19.66 -65.62 30.42
C ARG G 52 20.33 -66.82 29.80
N SER G 53 20.81 -67.72 30.65
CA SER G 53 21.53 -68.90 30.20
C SER G 53 20.62 -70.09 30.33
N ILE G 54 20.74 -70.99 29.37
CA ILE G 54 19.85 -72.14 29.30
C ILE G 54 20.68 -73.37 28.96
N GLN G 55 20.14 -74.55 29.23
CA GLN G 55 20.84 -75.78 28.87
C GLN G 55 20.24 -76.36 27.60
N VAL G 56 21.09 -76.56 26.61
CA VAL G 56 20.67 -77.15 25.35
C VAL G 56 21.70 -78.18 24.92
N ASP G 57 21.29 -79.45 24.93
CA ASP G 57 22.18 -80.56 24.57
C ASP G 57 23.42 -80.62 25.45
N GLY G 58 23.22 -80.46 26.76
CA GLY G 58 24.29 -80.59 27.72
C GLY G 58 25.20 -79.37 27.79
N LYS G 59 25.20 -78.59 26.71
CA LYS G 59 26.03 -77.39 26.62
C LYS G 59 25.27 -76.18 27.16
N THR G 60 25.99 -75.27 27.81
CA THR G 60 25.39 -74.06 28.36
C THR G 60 25.26 -72.97 27.30
N ILE G 61 24.04 -72.51 27.05
CA ILE G 61 23.79 -71.47 26.07
C ILE G 61 23.41 -70.17 26.75
N LYS G 62 24.18 -69.13 26.53
CA LYS G 62 23.87 -67.81 27.09
C LYS G 62 23.12 -66.99 26.06
N ALA G 63 21.88 -66.66 26.36
CA ALA G 63 21.06 -65.90 25.42
C ALA G 63 21.17 -64.43 25.73
N GLN G 64 21.42 -63.64 24.70
CA GLN G 64 21.47 -62.19 24.82
C GLN G 64 20.26 -61.60 24.11
N ILE G 65 19.22 -61.29 24.86
CA ILE G 65 17.98 -60.83 24.26
C ILE G 65 17.96 -59.32 24.14
N TRP G 66 18.03 -58.82 22.91
CA TRP G 66 18.00 -57.39 22.66
C TRP G 66 16.58 -56.93 22.38
N ASP G 67 16.26 -55.74 22.89
CA ASP G 67 14.93 -55.19 22.80
C ASP G 67 15.08 -53.73 22.42
N THR G 68 14.12 -53.21 21.67
CA THR G 68 14.15 -51.79 21.34
C THR G 68 12.77 -51.25 20.99
N ALA G 69 12.73 -49.95 20.73
CA ALA G 69 11.46 -49.28 20.45
C ALA G 69 10.83 -49.89 19.23
N GLY G 70 9.59 -50.31 19.38
CA GLY G 70 8.83 -50.94 18.31
C GLY G 70 8.56 -50.02 17.14
N LEU G 71 8.61 -48.71 17.37
CA LEU G 71 8.38 -47.79 16.26
C LEU G 71 9.66 -47.72 15.44
N GLU G 72 9.51 -48.18 14.21
CA GLU G 72 10.60 -48.32 13.26
C GLU G 72 10.02 -48.16 11.86
N ARG G 73 10.81 -48.62 10.89
CA ARG G 73 10.77 -48.32 9.48
C ARG G 73 11.21 -46.89 9.18
N TYR G 74 11.88 -46.30 10.16
CA TYR G 74 13.34 -46.20 10.21
C TYR G 74 13.70 -45.25 11.34
N ARG G 75 14.86 -45.44 11.95
CA ARG G 75 15.84 -44.39 12.16
C ARG G 75 17.19 -45.04 12.46
N ALA G 76 18.28 -44.49 11.97
CA ALA G 76 19.47 -44.15 12.76
C ALA G 76 20.29 -45.25 13.46
N ILE G 77 19.77 -46.46 13.65
CA ILE G 77 20.53 -47.49 14.39
C ILE G 77 20.04 -48.91 14.19
N THR G 78 19.61 -49.22 12.98
CA THR G 78 19.04 -50.53 12.77
C THR G 78 20.19 -51.44 12.38
N SER G 79 21.19 -50.87 11.72
CA SER G 79 22.37 -51.64 11.29
C SER G 79 23.02 -52.30 12.48
N ALA G 80 23.23 -51.52 13.54
CA ALA G 80 23.90 -52.02 14.74
C ALA G 80 23.04 -53.02 15.49
N TYR G 81 21.76 -52.71 15.63
CA TYR G 81 20.81 -53.58 16.32
C TYR G 81 20.82 -55.00 15.73
N TYR G 82 20.76 -55.13 14.41
CA TYR G 82 20.66 -56.45 13.80
C TYR G 82 22.03 -57.13 13.73
N ARG G 83 23.10 -56.35 13.80
CA ARG G 83 24.46 -56.89 13.68
C ARG G 83 24.74 -57.99 14.70
N GLY G 84 25.23 -59.12 14.21
CA GLY G 84 25.58 -60.23 15.08
C GLY G 84 24.39 -61.00 15.58
N ALA G 85 23.20 -60.61 15.14
CA ALA G 85 22.01 -61.33 15.55
C ALA G 85 21.96 -62.67 14.84
N VAL G 86 21.86 -63.73 15.61
CA VAL G 86 21.78 -65.08 15.04
C VAL G 86 20.35 -65.60 15.12
N GLY G 87 19.50 -64.85 15.82
CA GLY G 87 18.12 -65.22 15.99
C GLY G 87 17.26 -63.98 16.13
N ALA G 88 15.99 -64.08 15.73
CA ALA G 88 15.08 -62.96 15.82
C ALA G 88 13.66 -63.42 16.17
N LEU G 89 13.08 -62.79 17.17
CA LEU G 89 11.69 -63.05 17.51
C LEU G 89 10.83 -61.96 16.91
N LEU G 90 10.12 -62.32 15.84
CA LEU G 90 9.22 -61.41 15.13
C LEU G 90 7.83 -61.50 15.76
N VAL G 91 7.43 -60.44 16.46
CA VAL G 91 6.23 -60.52 17.30
C VAL G 91 5.04 -59.73 16.78
N TYR G 92 3.85 -60.32 16.85
CA TYR G 92 2.62 -59.61 16.57
C TYR G 92 1.57 -59.81 17.66
N ASP G 93 0.53 -58.97 17.63
CA ASP G 93 -0.56 -59.01 18.60
C ASP G 93 -1.72 -59.81 18.03
N ILE G 94 -2.00 -60.99 18.59
CA ILE G 94 -3.10 -61.81 18.08
C ILE G 94 -4.40 -61.01 18.02
N ALA G 95 -4.55 -60.03 18.92
CA ALA G 95 -5.80 -59.29 19.02
C ALA G 95 -5.83 -58.01 18.17
N LYS G 96 -4.72 -57.67 17.52
CA LYS G 96 -4.72 -56.57 16.55
C LYS G 96 -4.20 -57.03 15.20
N HIS G 97 -5.13 -57.25 14.27
CA HIS G 97 -4.80 -57.86 12.99
C HIS G 97 -3.73 -57.08 12.23
N LEU G 98 -3.71 -55.77 12.40
CA LEU G 98 -2.76 -54.93 11.70
C LEU G 98 -1.31 -55.35 11.95
N THR G 99 -1.03 -55.74 13.20
CA THR G 99 0.32 -56.12 13.61
C THR G 99 0.77 -57.42 12.94
N TYR G 100 -0.21 -58.21 12.54
CA TYR G 100 0.07 -59.41 11.76
C TYR G 100 0.32 -59.00 10.31
N GLU G 101 -0.49 -58.06 9.83
CA GLU G 101 -0.38 -57.51 8.48
C GLU G 101 1.04 -56.99 8.21
N ASN G 102 1.61 -56.33 9.21
CA ASN G 102 2.95 -55.78 9.10
C ASN G 102 4.09 -56.79 9.22
N VAL G 103 3.74 -58.04 9.55
CA VAL G 103 4.75 -59.07 9.73
C VAL G 103 5.60 -59.23 8.48
N GLU G 104 4.98 -59.10 7.33
CA GLU G 104 5.72 -59.20 6.07
C GLU G 104 6.74 -58.08 5.97
N ARG G 105 6.36 -56.89 6.41
CA ARG G 105 7.26 -55.74 6.31
C ARG G 105 8.49 -55.96 7.16
N TRP G 106 8.30 -56.63 8.29
CA TRP G 106 9.43 -56.91 9.17
C TRP G 106 10.34 -57.95 8.55
N LEU G 107 9.76 -58.95 7.89
CA LEU G 107 10.56 -59.94 7.20
C LEU G 107 11.42 -59.22 6.15
N LYS G 108 10.88 -58.16 5.56
CA LYS G 108 11.63 -57.33 4.63
C LYS G 108 12.78 -56.66 5.38
N GLU G 109 12.47 -56.09 6.54
CA GLU G 109 13.47 -55.43 7.38
C GLU G 109 14.65 -56.36 7.67
N LEU G 110 14.33 -57.61 7.98
CA LEU G 110 15.34 -58.62 8.26
C LEU G 110 16.11 -58.94 6.97
N ARG G 111 15.39 -59.06 5.86
CA ARG G 111 16.00 -59.45 4.61
C ARG G 111 16.88 -58.34 4.04
N ASP G 112 16.87 -57.18 4.70
CA ASP G 112 17.68 -56.07 4.23
C ASP G 112 18.89 -55.86 5.13
N HIS G 113 18.65 -55.66 6.42
CA HIS G 113 19.70 -55.19 7.32
C HIS G 113 20.32 -56.29 8.18
N ALA G 114 19.75 -57.48 8.16
CA ALA G 114 20.28 -58.55 8.99
C ALA G 114 20.86 -59.65 8.13
N ASP G 115 21.77 -60.42 8.72
CA ASP G 115 22.40 -61.54 8.04
C ASP G 115 21.34 -62.54 7.59
N SER G 116 21.61 -63.23 6.50
CA SER G 116 20.78 -64.36 6.12
C SER G 116 21.07 -65.45 7.11
N ASN G 117 20.40 -66.58 7.00
CA ASN G 117 20.66 -67.66 7.94
C ASN G 117 20.24 -67.31 9.37
N ILE G 118 19.83 -66.06 9.58
CA ILE G 118 19.35 -65.66 10.88
C ILE G 118 18.06 -66.43 11.12
N VAL G 119 18.02 -67.17 12.23
CA VAL G 119 16.84 -67.94 12.57
C VAL G 119 15.71 -66.99 12.94
N ILE G 120 14.56 -67.15 12.31
CA ILE G 120 13.44 -66.27 12.59
C ILE G 120 12.27 -67.04 13.17
N MET G 121 11.77 -66.61 14.33
CA MET G 121 10.57 -67.23 14.87
C MET G 121 9.40 -66.25 14.97
N LEU G 122 8.23 -66.69 14.50
CA LEU G 122 7.03 -65.87 14.57
C LEU G 122 6.21 -66.13 15.84
N VAL G 123 5.93 -65.04 16.56
CA VAL G 123 5.13 -65.00 17.79
C VAL G 123 4.11 -63.86 17.54
N GLY G 124 2.81 -64.06 17.73
CA GLY G 124 2.21 -65.17 18.43
C GLY G 124 1.75 -64.71 19.80
N ASN G 125 1.72 -63.40 20.06
CA ASN G 125 1.56 -62.98 21.45
C ASN G 125 0.21 -62.37 21.89
N LYS G 126 0.01 -62.33 23.20
CA LYS G 126 -1.22 -61.91 23.89
C LYS G 126 -2.37 -62.88 23.69
N SER G 127 -2.01 -64.17 23.69
CA SER G 127 -2.96 -65.26 23.51
C SER G 127 -3.98 -65.35 24.64
N ASP G 128 -3.72 -64.64 25.72
CA ASP G 128 -4.61 -64.70 26.86
C ASP G 128 -5.94 -63.97 26.56
N LEU G 129 -5.96 -63.10 25.55
CA LEU G 129 -7.23 -62.47 25.21
C LEU G 129 -7.86 -63.35 24.17
N ARG G 130 -8.81 -64.18 24.56
CA ARG G 130 -9.37 -65.16 23.64
CA ARG G 130 -9.35 -65.14 23.62
C ARG G 130 -10.61 -64.63 22.93
N HIS G 131 -11.23 -63.60 23.50
CA HIS G 131 -12.45 -63.12 22.88
C HIS G 131 -12.14 -62.05 21.86
N LEU G 132 -10.91 -61.56 21.93
CA LEU G 132 -10.46 -60.48 21.06
C LEU G 132 -9.64 -60.97 19.87
N ARG G 133 -9.49 -62.29 19.71
CA ARG G 133 -8.54 -62.78 18.71
C ARG G 133 -8.84 -62.30 17.30
N ALA G 134 -7.88 -61.61 16.69
CA ALA G 134 -8.03 -61.20 15.30
C ALA G 134 -7.29 -62.07 14.29
N VAL G 135 -6.49 -63.01 14.78
CA VAL G 135 -5.62 -63.77 13.89
C VAL G 135 -5.68 -65.25 14.19
N PRO G 136 -6.56 -65.96 13.49
CA PRO G 136 -6.72 -67.40 13.75
C PRO G 136 -5.38 -68.13 13.66
N THR G 137 -5.11 -69.03 14.60
CA THR G 137 -3.82 -69.72 14.65
C THR G 137 -3.44 -70.39 13.33
N ASP G 138 -4.43 -70.97 12.66
CA ASP G 138 -4.20 -71.75 11.46
C ASP G 138 -3.50 -70.93 10.39
N GLU G 139 -3.99 -69.71 10.19
CA GLU G 139 -3.44 -68.80 9.20
C GLU G 139 -1.99 -68.43 9.48
N ALA G 140 -1.69 -68.25 10.77
CA ALA G 140 -0.37 -67.81 11.20
C ALA G 140 0.61 -68.96 11.07
N ARG G 141 0.22 -70.13 11.59
CA ARG G 141 1.04 -71.32 11.45
C ARG G 141 1.35 -71.60 9.98
N ALA G 142 0.35 -71.40 9.13
CA ALA G 142 0.48 -71.60 7.69
C ALA G 142 1.47 -70.63 7.07
N PHE G 143 1.30 -69.34 7.38
CA PHE G 143 2.19 -68.32 6.85
C PHE G 143 3.63 -68.61 7.24
N ALA G 144 3.80 -69.08 8.47
CA ALA G 144 5.13 -69.33 9.02
C ALA G 144 5.86 -70.41 8.26
N GLU G 145 5.19 -71.55 8.07
CA GLU G 145 5.82 -72.69 7.42
C GLU G 145 6.25 -72.39 6.00
N LYS G 146 5.42 -71.68 5.24
CA LYS G 146 5.75 -71.40 3.85
C LYS G 146 6.87 -70.38 3.76
N ASN G 147 7.05 -69.60 4.81
CA ASN G 147 8.10 -68.60 4.81
C ASN G 147 9.35 -69.03 5.56
N GLY G 148 9.42 -70.30 5.95
CA GLY G 148 10.60 -70.85 6.58
C GLY G 148 10.82 -70.34 7.98
N LEU G 149 9.72 -70.23 8.73
CA LEU G 149 9.76 -69.72 10.10
C LEU G 149 9.24 -70.73 11.12
N SER G 150 9.84 -70.71 12.30
CA SER G 150 9.26 -71.42 13.44
C SER G 150 8.04 -70.62 13.85
N PHE G 151 7.12 -71.23 14.58
CA PHE G 151 5.93 -70.49 14.98
C PHE G 151 5.42 -70.94 16.34
N ILE G 152 4.99 -69.98 17.14
CA ILE G 152 4.39 -70.29 18.42
C ILE G 152 3.53 -69.13 18.91
N GLU G 153 2.57 -69.44 19.78
CA GLU G 153 1.72 -68.42 20.38
C GLU G 153 2.01 -68.28 21.87
N THR G 154 2.23 -67.05 22.32
CA THR G 154 2.63 -66.81 23.70
C THR G 154 1.73 -65.81 24.42
N SER G 155 1.74 -65.89 25.75
CA SER G 155 1.20 -64.82 26.56
C SER G 155 2.20 -64.41 27.62
N ALA G 156 2.74 -63.20 27.52
CA ALA G 156 3.62 -62.73 28.55
C ALA G 156 2.84 -62.52 29.84
N LEU G 157 1.54 -62.28 29.73
CA LEU G 157 0.71 -61.99 30.89
C LEU G 157 0.48 -63.20 31.77
N ASP G 158 0.02 -64.31 31.19
CA ASP G 158 -0.20 -65.51 31.97
C ASP G 158 0.97 -66.50 31.88
N SER G 159 2.03 -66.12 31.17
CA SER G 159 3.28 -66.89 31.08
C SER G 159 3.33 -68.00 30.04
N THR G 160 2.21 -68.28 29.40
CA THR G 160 2.12 -69.41 28.46
C THR G 160 3.15 -69.35 27.32
N ASN G 161 3.92 -70.41 27.16
CA ASN G 161 4.85 -70.56 26.04
C ASN G 161 5.99 -69.57 25.95
N VAL G 162 6.08 -68.64 26.89
CA VAL G 162 7.17 -67.67 26.84
C VAL G 162 8.47 -68.43 26.95
N GLU G 163 8.50 -69.32 27.94
CA GLU G 163 9.64 -70.21 28.15
C GLU G 163 9.92 -71.09 26.93
N ALA G 164 8.89 -71.82 26.49
CA ALA G 164 9.02 -72.70 25.34
C ALA G 164 9.51 -71.96 24.10
N ALA G 165 9.05 -70.72 23.95
CA ALA G 165 9.35 -69.90 22.78
C ALA G 165 10.85 -69.66 22.60
N PHE G 166 11.51 -69.22 23.67
CA PHE G 166 12.94 -68.97 23.64
C PHE G 166 13.73 -70.28 23.55
N GLN G 167 13.30 -71.27 24.33
CA GLN G 167 13.92 -72.59 24.35
C GLN G 167 13.99 -73.12 22.94
N THR G 168 12.94 -72.86 22.17
CA THR G 168 12.86 -73.33 20.80
C THR G 168 13.84 -72.64 19.89
N ILE G 169 13.79 -71.32 19.85
CA ILE G 169 14.63 -70.60 18.91
C ILE G 169 16.09 -70.79 19.25
N LEU G 170 16.37 -70.95 20.54
CA LEU G 170 17.75 -71.13 20.97
C LEU G 170 18.33 -72.48 20.56
N THR G 171 17.55 -73.56 20.72
CA THR G 171 18.06 -74.89 20.35
C THR G 171 18.17 -75.01 18.83
N GLU G 172 17.28 -74.36 18.09
CA GLU G 172 17.34 -74.36 16.62
CA GLU G 172 17.35 -74.38 16.63
C GLU G 172 18.55 -73.58 16.13
N ILE G 173 18.92 -72.53 16.86
CA ILE G 173 20.09 -71.74 16.51
C ILE G 173 21.34 -72.55 16.84
N TYR G 174 21.25 -73.29 17.95
CA TYR G 174 22.31 -74.20 18.40
C TYR G 174 22.66 -75.20 17.30
N ARG G 175 21.65 -75.87 16.76
CA ARG G 175 21.86 -76.91 15.77
C ARG G 175 22.55 -76.39 14.51
N ILE G 176 22.16 -75.21 14.04
CA ILE G 176 22.78 -74.64 12.83
C ILE G 176 24.23 -74.27 13.09
N VAL G 177 24.51 -73.83 14.32
CA VAL G 177 25.86 -73.46 14.69
C VAL G 177 26.66 -74.74 14.94
N SER G 178 25.96 -75.77 15.41
CA SER G 178 26.56 -77.08 15.67
C SER G 178 27.01 -77.83 14.42
N GLN G 179 26.21 -77.75 13.38
CA GLN G 179 26.49 -78.49 12.15
C GLN G 179 27.78 -78.00 11.51
N LYS G 180 27.87 -76.69 11.30
CA LYS G 180 29.06 -76.09 10.72
C LYS G 180 30.23 -76.12 11.71
N CYS H 29 -22.63 -35.17 31.65
CA CYS H 29 -21.74 -35.36 32.79
C CYS H 29 -21.93 -36.70 33.53
N LYS H 30 -21.05 -36.97 34.49
CA LYS H 30 -21.12 -38.20 35.29
C LYS H 30 -20.75 -37.98 36.77
N GLU H 31 -21.52 -38.62 37.65
CA GLU H 31 -21.30 -38.55 39.09
C GLU H 31 -21.49 -39.92 39.74
N ALA H 32 -20.54 -40.31 40.56
CA ALA H 32 -20.55 -41.63 41.18
C ALA H 32 -21.70 -41.86 42.15
N ASP H 33 -22.40 -42.97 41.97
CA ASP H 33 -23.39 -43.42 42.95
C ASP H 33 -22.62 -43.90 44.17
N LEU H 34 -22.69 -43.15 45.26
CA LEU H 34 -21.88 -43.44 46.44
C LEU H 34 -22.10 -44.88 46.88
N SER H 35 -23.34 -45.33 46.76
CA SER H 35 -23.70 -46.67 47.13
C SER H 35 -22.83 -47.67 46.36
N LEU H 36 -22.75 -47.52 45.05
CA LEU H 36 -21.93 -48.42 44.23
C LEU H 36 -20.45 -48.20 44.47
N TYR H 37 -20.08 -46.95 44.71
CA TYR H 37 -18.68 -46.58 44.87
C TYR H 37 -18.09 -47.22 46.10
N ASN H 38 -18.81 -47.13 47.21
CA ASN H 38 -18.35 -47.77 48.44
C ASN H 38 -18.28 -49.29 48.29
N GLU H 39 -19.29 -49.88 47.66
CA GLU H 39 -19.31 -51.33 47.46
C GLU H 39 -18.09 -51.79 46.69
N PHE H 40 -17.74 -51.06 45.65
CA PHE H 40 -16.61 -51.44 44.81
C PHE H 40 -15.32 -51.23 45.58
N ARG H 41 -15.20 -50.07 46.19
CA ARG H 41 -13.96 -49.70 46.87
C ARG H 41 -13.61 -50.74 47.92
N LEU H 42 -14.63 -51.34 48.54
CA LEU H 42 -14.42 -52.40 49.51
C LEU H 42 -14.00 -53.68 48.80
N TRP H 43 -14.72 -54.01 47.72
CA TRP H 43 -14.40 -55.23 47.00
C TRP H 43 -12.98 -55.21 46.45
N LYS H 44 -12.52 -54.06 45.96
CA LYS H 44 -11.17 -53.99 45.43
C LYS H 44 -10.17 -54.33 46.54
N ASP H 45 -10.51 -53.98 47.77
CA ASP H 45 -9.60 -54.18 48.88
C ASP H 45 -9.49 -55.65 49.30
N GLU H 46 -10.50 -56.44 48.96
CA GLU H 46 -10.43 -57.86 49.23
C GLU H 46 -11.13 -58.63 48.11
N PRO H 47 -10.53 -58.57 46.91
CA PRO H 47 -11.07 -59.10 45.66
C PRO H 47 -11.42 -60.58 45.70
N THR H 48 -12.58 -60.90 45.15
CA THR H 48 -12.99 -62.29 44.98
C THR H 48 -13.77 -62.44 43.69
N MET H 49 -13.61 -63.60 43.07
CA MET H 49 -14.33 -63.88 41.84
C MET H 49 -15.62 -64.61 42.15
N ASP H 50 -15.91 -64.74 43.44
CA ASP H 50 -17.12 -65.42 43.89
C ASP H 50 -18.38 -64.74 43.36
N ARG H 51 -19.19 -65.54 42.68
CA ARG H 51 -20.41 -65.06 42.05
C ARG H 51 -21.37 -64.48 43.09
N THR H 52 -21.20 -64.86 44.35
CA THR H 52 -22.16 -64.50 45.37
C THR H 52 -21.82 -63.28 46.20
N CYS H 53 -20.64 -62.70 45.99
CA CYS H 53 -20.33 -61.52 46.80
C CYS H 53 -21.21 -60.37 46.35
N PRO H 54 -21.38 -59.37 47.22
CA PRO H 54 -22.25 -58.23 46.94
C PRO H 54 -21.88 -57.53 45.64
N PHE H 55 -20.59 -57.29 45.44
CA PHE H 55 -20.11 -56.63 44.25
C PHE H 55 -20.54 -57.38 43.00
N LEU H 56 -20.18 -58.65 42.92
CA LEU H 56 -20.46 -59.41 41.71
C LEU H 56 -21.93 -59.81 41.56
N ASP H 57 -22.63 -60.01 42.67
CA ASP H 57 -24.00 -60.46 42.58
C ASP H 57 -24.83 -59.45 41.82
N LYS H 58 -24.69 -58.20 42.25
CA LYS H 58 -25.45 -57.11 41.66
C LYS H 58 -25.21 -57.10 40.16
N ILE H 59 -23.94 -57.09 39.75
CA ILE H 59 -23.59 -57.03 38.34
C ILE H 59 -24.06 -58.25 37.56
N TYR H 60 -24.03 -59.42 38.19
CA TYR H 60 -24.49 -60.64 37.53
C TYR H 60 -25.98 -60.53 37.21
N GLN H 61 -26.73 -60.06 38.20
CA GLN H 61 -28.18 -59.98 38.12
C GLN H 61 -28.59 -58.91 37.13
N GLU H 62 -27.95 -57.75 37.24
CA GLU H 62 -28.29 -56.59 36.44
C GLU H 62 -27.66 -56.57 35.04
N ASP H 63 -26.48 -57.16 34.89
CA ASP H 63 -25.76 -57.03 33.63
C ASP H 63 -25.46 -58.37 32.94
N ILE H 64 -24.74 -59.23 33.65
CA ILE H 64 -24.20 -60.43 33.03
C ILE H 64 -25.28 -61.41 32.61
N PHE H 65 -26.18 -61.75 33.51
CA PHE H 65 -27.18 -62.76 33.19
C PHE H 65 -28.04 -62.34 32.00
N PRO H 66 -28.59 -61.12 32.05
CA PRO H 66 -29.40 -60.63 30.93
C PRO H 66 -28.62 -60.55 29.63
N CYS H 67 -27.35 -60.19 29.70
CA CYS H 67 -26.52 -60.13 28.51
C CYS H 67 -26.32 -61.50 27.85
N LEU H 68 -26.21 -62.53 28.67
CA LEU H 68 -25.95 -63.89 28.17
C LEU H 68 -27.20 -64.75 28.05
N THR H 69 -28.34 -64.08 27.98
CA THR H 69 -29.63 -64.73 27.73
C THR H 69 -29.96 -64.81 26.23
N PHE H 70 -30.10 -66.02 25.71
CA PHE H 70 -30.37 -66.16 24.28
C PHE H 70 -31.53 -67.13 24.06
N SER H 71 -32.01 -67.18 22.82
CA SER H 71 -33.13 -68.05 22.47
C SER H 71 -32.75 -69.52 22.71
N LYS H 72 -31.69 -69.96 22.04
CA LYS H 72 -31.20 -71.32 22.16
C LYS H 72 -30.38 -71.49 23.44
N SER H 73 -31.07 -71.87 24.51
CA SER H 73 -30.53 -71.82 25.87
C SER H 73 -29.46 -72.85 26.19
N GLU H 74 -29.40 -73.93 25.43
CA GLU H 74 -28.42 -74.97 25.74
C GLU H 74 -27.02 -74.43 25.51
N LEU H 75 -26.80 -73.89 24.32
CA LEU H 75 -25.51 -73.34 23.97
C LEU H 75 -25.24 -72.11 24.83
N ALA H 76 -26.31 -71.39 25.16
CA ALA H 76 -26.21 -70.17 25.95
C ALA H 76 -25.58 -70.43 27.32
N SER H 77 -26.10 -71.42 28.04
CA SER H 77 -25.58 -71.71 29.38
C SER H 77 -24.14 -72.21 29.34
N ALA H 78 -23.76 -72.79 28.21
CA ALA H 78 -22.40 -73.25 28.01
C ALA H 78 -21.46 -72.07 27.85
N VAL H 79 -21.95 -71.06 27.13
CA VAL H 79 -21.21 -69.83 26.88
C VAL H 79 -20.93 -69.11 28.18
N LEU H 80 -21.95 -69.01 29.03
CA LEU H 80 -21.80 -68.35 30.32
C LEU H 80 -20.67 -68.98 31.11
N GLU H 81 -20.57 -70.31 31.04
CA GLU H 81 -19.54 -71.02 31.79
C GLU H 81 -18.16 -70.75 31.23
N ALA H 82 -18.09 -70.69 29.90
CA ALA H 82 -16.83 -70.43 29.21
C ALA H 82 -16.29 -69.04 29.53
N VAL H 83 -17.20 -68.07 29.64
CA VAL H 83 -16.80 -66.69 29.93
C VAL H 83 -16.22 -66.59 31.33
N GLU H 84 -16.90 -67.21 32.29
CA GLU H 84 -16.47 -67.18 33.69
C GLU H 84 -15.14 -67.90 33.88
N ASN H 85 -14.96 -68.92 33.07
CA ASN H 85 -13.81 -69.79 33.11
C ASN H 85 -12.71 -69.34 32.14
N ASN H 86 -13.02 -68.32 31.34
CA ASN H 86 -12.13 -67.78 30.30
C ASN H 86 -11.75 -68.82 29.24
N THR H 87 -12.59 -69.83 29.05
CA THR H 87 -12.30 -70.84 28.04
C THR H 87 -12.97 -70.50 26.69
N LEU H 88 -13.82 -69.48 26.70
CA LEU H 88 -14.50 -69.02 25.48
C LEU H 88 -13.60 -68.10 24.63
N SER H 89 -13.71 -68.20 23.32
CA SER H 89 -12.92 -67.36 22.43
C SER H 89 -13.71 -66.99 21.18
N ILE H 90 -13.40 -65.83 20.62
CA ILE H 90 -14.15 -65.31 19.49
C ILE H 90 -13.19 -64.96 18.35
N GLU H 91 -13.40 -65.60 17.20
CA GLU H 91 -12.62 -65.33 15.99
C GLU H 91 -13.47 -64.74 14.89
N PRO H 92 -12.83 -63.96 14.01
CA PRO H 92 -13.44 -63.53 12.75
C PRO H 92 -13.30 -64.69 11.76
N VAL H 93 -13.93 -64.63 10.59
CA VAL H 93 -13.81 -65.71 9.63
C VAL H 93 -13.57 -65.27 8.18
N SER H 104 -19.57 -78.34 8.40
CA SER H 104 -20.62 -79.29 8.03
C SER H 104 -21.47 -79.71 9.23
N ALA H 105 -21.58 -78.85 10.25
CA ALA H 105 -22.37 -79.14 11.45
C ALA H 105 -23.69 -78.37 11.49
N VAL H 106 -24.73 -78.97 12.07
CA VAL H 106 -26.07 -78.37 12.09
C VAL H 106 -26.37 -77.26 13.11
N GLU H 107 -25.90 -77.44 14.35
CA GLU H 107 -26.13 -76.44 15.39
C GLU H 107 -25.14 -75.29 15.33
N CYS H 108 -23.96 -75.55 14.76
CA CYS H 108 -22.94 -74.53 14.58
C CYS H 108 -23.46 -73.25 13.93
N GLY H 109 -24.53 -73.37 13.14
CA GLY H 109 -25.01 -72.25 12.37
C GLY H 109 -24.07 -71.98 11.21
N GLY H 110 -24.31 -70.91 10.46
CA GLY H 110 -23.48 -70.61 9.32
C GLY H 110 -23.45 -69.11 9.05
N PRO H 111 -22.72 -68.69 8.02
CA PRO H 111 -22.55 -67.27 7.71
C PRO H 111 -23.87 -66.52 7.68
N LYS H 112 -24.95 -67.19 7.28
CA LYS H 112 -26.26 -66.55 7.24
C LYS H 112 -27.13 -66.82 8.48
N LYS H 113 -26.68 -67.66 9.41
CA LYS H 113 -27.49 -67.98 10.60
C LYS H 113 -26.74 -68.06 11.93
N CYS H 114 -27.24 -67.30 12.91
CA CYS H 114 -26.67 -67.24 14.24
C CYS H 114 -27.04 -68.46 15.08
N ALA H 115 -26.09 -68.96 15.84
CA ALA H 115 -26.31 -70.14 16.68
C ALA H 115 -27.03 -69.83 17.99
N LEU H 116 -26.67 -68.72 18.62
CA LEU H 116 -27.26 -68.33 19.91
C LEU H 116 -28.69 -67.83 19.82
N THR H 117 -28.91 -66.83 18.98
CA THR H 117 -30.26 -66.39 18.69
C THR H 117 -30.63 -66.92 17.31
N GLY H 118 -31.88 -67.31 17.12
CA GLY H 118 -32.27 -67.99 15.90
C GLY H 118 -32.23 -67.18 14.61
N GLN H 119 -31.83 -65.93 14.71
CA GLN H 119 -31.89 -64.98 13.60
C GLN H 119 -31.08 -65.38 12.37
N SER H 120 -31.54 -64.91 11.21
CA SER H 120 -30.75 -65.06 10.00
C SER H 120 -30.13 -63.70 9.69
N LYS H 121 -28.82 -63.62 9.91
CA LYS H 121 -28.05 -62.40 9.67
C LYS H 121 -26.66 -62.81 9.24
N SER H 122 -25.92 -61.92 8.60
CA SER H 122 -24.57 -62.29 8.17
C SER H 122 -23.67 -62.31 9.40
N CYS H 123 -23.08 -63.47 9.64
CA CYS H 123 -22.22 -63.68 10.80
C CYS H 123 -20.76 -63.63 10.41
N LYS H 124 -20.03 -62.65 10.95
CA LYS H 124 -18.64 -62.46 10.56
C LYS H 124 -17.70 -63.03 11.62
N HIS H 125 -18.29 -63.48 12.72
CA HIS H 125 -17.53 -64.07 13.82
C HIS H 125 -18.08 -65.42 14.25
N ARG H 126 -17.17 -66.22 14.80
CA ARG H 126 -17.48 -67.57 15.26
C ARG H 126 -16.93 -67.76 16.67
N ILE H 127 -17.74 -68.40 17.51
CA ILE H 127 -17.39 -68.68 18.90
C ILE H 127 -16.87 -70.11 19.05
N LYS H 128 -15.91 -70.30 19.95
CA LYS H 128 -15.38 -71.62 20.27
C LYS H 128 -15.30 -71.83 21.78
N LEU H 129 -15.97 -72.86 22.30
CA LEU H 129 -15.92 -73.10 23.75
C LEU H 129 -14.70 -73.97 24.10
N GLY H 130 -14.35 -74.06 25.38
CA GLY H 130 -13.13 -74.76 25.76
C GLY H 130 -12.90 -76.20 25.37
N ASP H 131 -11.81 -76.41 24.63
CA ASP H 131 -11.37 -77.72 24.14
C ASP H 131 -12.32 -78.28 23.08
N SER H 132 -13.52 -77.71 23.01
CA SER H 132 -14.62 -78.17 22.17
C SER H 132 -14.28 -78.32 20.68
N SER H 133 -13.44 -77.43 20.16
CA SER H 133 -13.10 -77.42 18.73
C SER H 133 -14.27 -77.19 17.78
N ASN H 134 -15.39 -76.67 18.27
CA ASN H 134 -16.52 -76.37 17.40
C ASN H 134 -16.71 -74.88 17.22
N TYR H 135 -16.74 -74.43 15.98
CA TYR H 135 -17.06 -73.04 15.74
C TYR H 135 -18.56 -72.83 15.58
N TYR H 136 -19.13 -71.99 16.45
CA TYR H 136 -20.52 -71.62 16.31
C TYR H 136 -20.56 -70.20 15.77
N TYR H 137 -21.30 -69.98 14.70
CA TYR H 137 -21.41 -68.65 14.12
C TYR H 137 -22.28 -67.80 15.03
N ILE H 138 -21.91 -66.53 15.13
CA ILE H 138 -22.49 -65.60 16.10
C ILE H 138 -22.80 -64.32 15.38
N SER H 139 -23.98 -63.74 15.63
CA SER H 139 -24.31 -62.48 14.99
C SER H 139 -23.52 -61.32 15.61
N PRO H 140 -23.33 -60.26 14.84
CA PRO H 140 -22.66 -59.04 15.32
C PRO H 140 -23.35 -58.52 16.59
N PHE H 141 -24.67 -58.68 16.67
CA PHE H 141 -25.38 -58.33 17.89
C PHE H 141 -24.92 -59.20 19.05
N CYS H 142 -24.84 -60.51 18.83
CA CYS H 142 -24.40 -61.42 19.88
C CYS H 142 -22.95 -61.13 20.27
N ARG H 143 -22.12 -60.86 19.27
CA ARG H 143 -20.70 -60.63 19.49
C ARG H 143 -20.50 -59.48 20.47
N TYR H 144 -21.30 -58.43 20.30
CA TYR H 144 -21.22 -57.28 21.17
C TYR H 144 -21.56 -57.64 22.61
N ARG H 145 -22.61 -58.43 22.79
CA ARG H 145 -23.06 -58.83 24.12
C ARG H 145 -22.01 -59.69 24.83
N ILE H 146 -21.43 -60.64 24.10
CA ILE H 146 -20.49 -61.54 24.73
C ILE H 146 -19.18 -60.83 25.07
N THR H 147 -18.61 -60.10 24.10
CA THR H 147 -17.35 -59.41 24.34
C THR H 147 -17.54 -58.39 25.47
N SER H 148 -18.72 -57.79 25.54
CA SER H 148 -18.99 -56.87 26.62
C SER H 148 -18.84 -57.58 27.96
N VAL H 149 -19.33 -58.80 28.03
CA VAL H 149 -19.22 -59.54 29.27
C VAL H 149 -17.78 -60.04 29.45
N CYS H 150 -17.18 -60.58 28.40
CA CYS H 150 -15.79 -61.03 28.50
C CYS H 150 -14.88 -59.89 28.92
N ASN H 151 -15.15 -58.68 28.44
CA ASN H 151 -14.36 -57.52 28.83
C ASN H 151 -14.51 -57.19 30.31
N PHE H 152 -15.72 -57.29 30.85
CA PHE H 152 -15.90 -57.02 32.27
C PHE H 152 -15.11 -58.00 33.11
N PHE H 153 -15.24 -59.29 32.82
CA PHE H 153 -14.54 -60.31 33.57
C PHE H 153 -13.03 -60.16 33.47
N THR H 154 -12.51 -59.87 32.29
CA THR H 154 -11.05 -59.78 32.12
CA THR H 154 -11.05 -59.80 32.15
C THR H 154 -10.48 -58.60 32.89
N TYR H 155 -11.25 -57.53 33.03
CA TYR H 155 -10.75 -56.40 33.80
C TYR H 155 -10.82 -56.71 35.29
N ILE H 156 -11.91 -57.37 35.72
CA ILE H 156 -12.06 -57.75 37.12
C ILE H 156 -10.94 -58.69 37.54
N ARG H 157 -10.64 -59.68 36.69
CA ARG H 157 -9.55 -60.62 36.93
CA ARG H 157 -9.57 -60.62 36.97
C ARG H 157 -8.23 -59.90 37.13
N TYR H 158 -7.98 -58.91 36.29
CA TYR H 158 -6.76 -58.11 36.39
C TYR H 158 -6.66 -57.44 37.76
N ILE H 159 -7.79 -57.07 38.35
CA ILE H 159 -7.80 -56.38 39.63
C ILE H 159 -7.62 -57.32 40.81
N GLN H 160 -8.27 -58.48 40.71
CA GLN H 160 -8.23 -59.48 41.76
C GLN H 160 -6.83 -60.02 41.95
N GLN H 161 -6.12 -60.25 40.85
CA GLN H 161 -4.71 -60.61 40.93
C GLN H 161 -3.85 -59.38 40.69
N GLY H 162 -4.43 -58.21 40.88
CA GLY H 162 -3.84 -56.95 40.46
C GLY H 162 -2.40 -56.80 40.86
N LEU H 163 -1.49 -56.51 39.93
CA LEU H 163 -1.67 -56.34 38.47
C LEU H 163 -2.29 -55.07 37.89
N VAL H 164 -3.01 -54.26 38.67
CA VAL H 164 -3.23 -52.90 38.17
C VAL H 164 -2.58 -51.97 39.16
N LYS H 165 -1.40 -51.45 38.84
CA LYS H 165 -0.74 -50.63 39.84
C LYS H 165 -0.78 -49.11 39.65
N GLN H 166 -1.01 -48.67 38.41
CA GLN H 166 -0.90 -47.24 38.08
C GLN H 166 -2.23 -46.49 37.97
N GLN H 167 -3.33 -47.17 38.21
CA GLN H 167 -4.66 -46.55 38.09
C GLN H 167 -5.25 -46.23 39.48
N ASP H 168 -5.66 -44.99 39.69
CA ASP H 168 -6.23 -44.61 41.00
C ASP H 168 -7.51 -45.40 41.22
N VAL H 169 -7.93 -45.51 42.48
CA VAL H 169 -9.15 -46.27 42.80
C VAL H 169 -10.33 -45.68 42.05
N ASP H 170 -10.35 -44.36 41.93
CA ASP H 170 -11.42 -43.67 41.21
C ASP H 170 -11.40 -44.02 39.73
N GLN H 171 -10.22 -44.01 39.13
CA GLN H 171 -10.10 -44.38 37.73
C GLN H 171 -10.61 -45.81 37.52
N MET H 172 -10.20 -46.71 38.41
CA MET H 172 -10.61 -48.13 38.32
C MET H 172 -12.12 -48.27 38.40
N PHE H 173 -12.73 -47.52 39.29
CA PHE H 173 -14.18 -47.52 39.46
C PHE H 173 -14.90 -47.13 38.16
N TRP H 174 -14.49 -46.01 37.57
CA TRP H 174 -15.18 -45.52 36.37
C TRP H 174 -14.96 -46.41 35.17
N GLU H 175 -13.91 -47.22 35.22
CA GLU H 175 -13.69 -48.24 34.21
C GLU H 175 -14.75 -49.33 34.37
N VAL H 176 -15.05 -49.68 35.61
CA VAL H 176 -16.07 -50.69 35.88
C VAL H 176 -17.43 -50.15 35.45
N MET H 177 -17.67 -48.88 35.71
CA MET H 177 -18.93 -48.26 35.27
C MET H 177 -19.03 -48.29 33.76
N GLN H 178 -17.93 -47.98 33.08
CA GLN H 178 -17.88 -48.02 31.64
C GLN H 178 -18.21 -49.44 31.18
N LEU H 179 -17.52 -50.40 31.78
CA LEU H 179 -17.74 -51.82 31.48
C LEU H 179 -19.21 -52.21 31.71
N ARG H 180 -19.81 -51.70 32.79
CA ARG H 180 -21.21 -52.00 33.09
C ARG H 180 -22.14 -51.29 32.10
N LYS H 181 -21.78 -50.07 31.74
CA LYS H 181 -22.56 -49.30 30.78
C LYS H 181 -22.71 -50.04 29.46
N GLU H 182 -21.62 -50.64 29.01
CA GLU H 182 -21.64 -51.39 27.76
C GLU H 182 -22.62 -52.54 27.86
N MET H 183 -22.50 -53.31 28.93
CA MET H 183 -23.38 -54.46 29.10
C MET H 183 -24.82 -54.00 29.19
N SER H 184 -25.04 -52.89 29.89
CA SER H 184 -26.40 -52.37 30.05
C SER H 184 -27.01 -52.03 28.70
N LEU H 185 -26.19 -51.54 27.77
CA LEU H 185 -26.69 -51.23 26.43
C LEU H 185 -26.89 -52.51 25.61
N ALA H 186 -25.92 -53.42 25.67
CA ALA H 186 -26.02 -54.70 24.97
C ALA H 186 -27.21 -55.51 25.48
N LYS H 187 -27.42 -55.45 26.79
CA LYS H 187 -28.58 -56.04 27.44
C LYS H 187 -29.88 -55.71 26.70
N LEU H 188 -30.00 -54.45 26.28
CA LEU H 188 -31.24 -53.90 25.71
C LEU H 188 -31.29 -53.89 24.17
N GLY H 189 -30.22 -54.34 23.53
CA GLY H 189 -30.17 -54.45 22.08
C GLY H 189 -29.49 -53.28 21.40
N TYR H 190 -28.90 -52.40 22.20
CA TYR H 190 -28.12 -51.29 21.65
C TYR H 190 -26.68 -51.75 21.57
N PHE H 191 -26.19 -51.93 20.34
CA PHE H 191 -24.82 -52.40 20.15
C PHE H 191 -24.04 -51.66 19.08
N LYS H 192 -22.77 -52.04 18.94
CA LYS H 192 -21.85 -51.38 18.04
C LYS H 192 -21.23 -52.41 17.09
N GLU H 193 -20.91 -51.99 15.88
CA GLU H 193 -20.38 -52.91 14.88
C GLU H 193 -19.16 -52.33 14.19
N SER I 26 -7.81 -22.45 24.49
CA SER I 26 -7.63 -21.05 24.87
C SER I 26 -6.83 -20.27 23.83
N ARG I 27 -7.54 -19.63 22.92
CA ARG I 27 -6.97 -18.78 21.85
C ARG I 27 -5.99 -19.47 20.90
N ASP I 28 -4.94 -18.75 20.53
CA ASP I 28 -3.95 -19.25 19.56
C ASP I 28 -2.74 -19.83 20.27
N GLU I 29 -2.75 -19.78 21.60
CA GLU I 29 -1.65 -20.28 22.41
C GLU I 29 -1.68 -21.81 22.48
N LEU I 30 -2.65 -22.43 21.82
CA LEU I 30 -2.76 -23.88 21.82
C LEU I 30 -1.69 -24.53 20.95
N MET I 31 -1.38 -23.91 19.83
CA MET I 31 -0.43 -24.48 18.88
C MET I 31 1.03 -24.10 19.16
N GLU I 32 1.26 -23.11 20.02
CA GLU I 32 2.63 -22.69 20.33
C GLU I 32 3.29 -23.51 21.44
N ALA I 33 2.48 -24.16 22.29
CA ALA I 33 3.03 -24.99 23.36
C ALA I 33 3.50 -26.35 22.85
N ILE I 34 2.74 -26.92 21.91
CA ILE I 34 3.05 -28.20 21.30
C ILE I 34 4.08 -28.07 20.16
N GLN I 35 4.22 -26.87 19.63
CA GLN I 35 5.17 -26.62 18.54
C GLN I 35 6.61 -26.62 19.03
N LYS I 36 6.87 -25.95 20.15
CA LYS I 36 8.21 -25.87 20.69
C LYS I 36 8.59 -27.12 21.48
N GLN I 37 7.59 -27.80 22.04
CA GLN I 37 7.85 -28.93 22.92
C GLN I 37 8.04 -30.23 22.12
N GLU I 38 7.48 -30.26 20.91
CA GLU I 38 7.67 -31.39 20.00
C GLU I 38 9.00 -31.27 19.29
N GLU I 39 9.46 -30.03 19.14
CA GLU I 39 10.75 -29.76 18.51
C GLU I 39 11.88 -30.08 19.47
N ILE I 40 11.59 -29.97 20.77
CA ILE I 40 12.56 -30.31 21.79
C ILE I 40 12.70 -31.83 21.87
N ASN I 41 11.55 -32.51 21.89
CA ASN I 41 11.53 -33.96 21.89
C ASN I 41 12.28 -34.51 20.68
N PHE I 42 12.09 -33.88 19.54
CA PHE I 42 12.77 -34.26 18.32
C PHE I 42 14.28 -34.24 18.48
N ARG I 43 14.82 -33.17 19.06
CA ARG I 43 16.27 -33.07 19.24
C ARG I 43 16.73 -34.06 20.30
N LEU I 44 15.92 -34.23 21.34
CA LEU I 44 16.23 -35.17 22.40
C LEU I 44 16.36 -36.57 21.85
N GLN I 45 15.49 -36.93 20.92
CA GLN I 45 15.51 -38.27 20.38
C GLN I 45 16.71 -38.47 19.46
N ASP I 46 17.03 -37.46 18.65
CA ASP I 46 18.17 -37.56 17.74
C ASP I 46 19.48 -37.72 18.52
N TYR I 47 19.53 -37.13 19.70
CA TYR I 47 20.68 -37.27 20.59
C TYR I 47 20.80 -38.70 21.10
N ILE I 48 19.67 -39.25 21.56
CA ILE I 48 19.62 -40.60 22.09
C ILE I 48 20.03 -41.63 21.05
N ASP I 49 19.62 -41.45 19.80
CA ASP I 49 20.04 -42.37 18.76
C ASP I 49 21.55 -42.32 18.57
N ARG I 50 22.08 -41.11 18.39
CA ARG I 50 23.50 -40.97 18.11
C ARG I 50 24.38 -41.60 19.19
N ILE I 51 24.11 -41.30 20.47
CA ILE I 51 24.98 -41.87 21.52
C ILE I 51 24.80 -43.39 21.58
N ILE I 52 23.58 -43.87 21.37
CA ILE I 52 23.35 -45.31 21.41
C ILE I 52 24.19 -46.01 20.35
N VAL I 53 24.27 -45.42 19.17
CA VAL I 53 25.12 -45.98 18.12
C VAL I 53 26.56 -46.10 18.59
N ALA I 54 27.05 -45.02 19.17
CA ALA I 54 28.42 -44.99 19.66
C ALA I 54 28.59 -46.05 20.72
N ILE I 55 27.61 -46.12 21.63
CA ILE I 55 27.66 -47.08 22.72
C ILE I 55 27.74 -48.49 22.19
N MET I 56 27.04 -48.74 21.10
CA MET I 56 27.04 -50.07 20.50
C MET I 56 28.33 -50.29 19.72
N GLU I 57 28.85 -49.21 19.11
CA GLU I 57 30.07 -49.32 18.32
C GLU I 57 31.31 -49.65 19.16
N THR I 58 31.25 -49.42 20.47
CA THR I 58 32.43 -49.64 21.30
C THR I 58 32.18 -50.56 22.50
N ASN I 59 31.46 -50.09 23.52
CA ASN I 59 31.21 -50.89 24.70
C ASN I 59 29.72 -51.11 24.97
N PRO I 60 29.11 -52.10 24.26
CA PRO I 60 27.68 -52.37 24.35
C PRO I 60 27.24 -52.92 25.70
N SER I 61 28.20 -53.28 26.54
CA SER I 61 27.90 -53.79 27.87
C SER I 61 27.01 -52.80 28.63
N ILE I 62 27.12 -51.53 28.25
CA ILE I 62 26.38 -50.44 28.88
C ILE I 62 24.87 -50.64 28.85
N LEU I 63 24.40 -51.19 27.73
CA LEU I 63 22.98 -51.27 27.47
C LEU I 63 22.29 -52.47 28.13
N GLU I 64 23.01 -53.18 28.99
CA GLU I 64 22.42 -54.30 29.72
C GLU I 64 21.51 -53.80 30.84
N VAL I 65 20.45 -54.55 31.12
CA VAL I 65 19.53 -54.20 32.18
C VAL I 65 20.09 -54.60 33.54
N LYS I 66 20.05 -55.90 33.83
CA LYS I 66 20.62 -56.45 35.07
C LYS I 66 19.83 -56.00 36.29
N ARG J 5 -46.76 32.49 25.16
CA ARG J 5 -45.62 32.35 26.06
C ARG J 5 -46.08 32.30 27.52
N ASP J 6 -47.06 31.45 27.78
CA ASP J 6 -47.50 31.19 29.16
C ASP J 6 -46.59 30.14 29.77
N ASP J 7 -46.52 30.10 31.10
CA ASP J 7 -45.69 29.12 31.80
C ASP J 7 -46.57 27.91 32.09
N GLU J 8 -47.79 28.02 31.60
CA GLU J 8 -48.84 27.03 31.73
C GLU J 8 -48.70 25.99 30.60
N TYR J 9 -49.23 24.79 30.80
CA TYR J 9 -49.12 23.76 29.77
C TYR J 9 -50.36 22.88 29.64
N ASP J 10 -50.53 22.27 28.46
CA ASP J 10 -51.70 21.43 28.17
C ASP J 10 -51.48 19.97 28.54
N TYR J 11 -50.27 19.48 28.29
CA TYR J 11 -49.90 18.13 28.63
C TYR J 11 -48.55 18.11 29.32
N LEU J 12 -48.40 17.21 30.27
CA LEU J 12 -47.11 16.96 30.91
C LEU J 12 -46.71 15.51 30.72
N PHE J 13 -45.69 15.27 29.90
CA PHE J 13 -45.21 13.92 29.63
C PHE J 13 -43.90 13.59 30.34
N LYS J 14 -43.87 12.45 31.04
CA LYS J 14 -42.62 11.98 31.66
C LYS J 14 -41.91 11.01 30.72
N VAL J 15 -40.70 11.37 30.32
CA VAL J 15 -39.89 10.53 29.47
C VAL J 15 -38.58 10.17 30.17
N VAL J 16 -38.28 8.87 30.23
CA VAL J 16 -37.06 8.42 30.90
C VAL J 16 -35.97 8.06 29.91
N LEU J 17 -34.73 8.36 30.29
CA LEU J 17 -33.56 7.96 29.51
C LEU J 17 -32.94 6.69 30.08
N ILE J 18 -32.86 5.65 29.25
CA ILE J 18 -32.21 4.40 29.64
C ILE J 18 -31.24 3.93 28.58
N GLY J 19 -30.28 3.10 28.98
CA GLY J 19 -29.28 2.58 28.07
C GLY J 19 -27.97 2.40 28.81
N ASP J 20 -27.03 1.72 28.16
CA ASP J 20 -25.73 1.46 28.78
C ASP J 20 -25.01 2.71 29.25
N SER J 21 -24.21 2.55 30.28
CA SER J 21 -23.40 3.63 30.81
C SER J 21 -22.40 4.14 29.77
N GLY J 22 -22.38 5.45 29.56
CA GLY J 22 -21.44 6.09 28.64
C GLY J 22 -21.96 6.33 27.23
N VAL J 23 -23.22 6.02 26.99
CA VAL J 23 -23.78 6.17 25.66
C VAL J 23 -24.11 7.62 25.36
N GLY J 24 -24.19 8.43 26.41
CA GLY J 24 -24.39 9.86 26.27
C GLY J 24 -25.76 10.38 26.69
N LYS J 25 -26.48 9.63 27.53
CA LYS J 25 -27.80 10.05 27.98
C LYS J 25 -27.76 11.45 28.60
N SER J 26 -26.90 11.61 29.60
CA SER J 26 -26.79 12.86 30.35
C SER J 26 -26.55 14.03 29.41
N ASN J 27 -25.82 13.81 28.33
CA ASN J 27 -25.56 14.87 27.36
C ASN J 27 -26.70 15.07 26.39
N LEU J 28 -27.44 14.00 26.09
CA LEU J 28 -28.64 14.15 25.30
C LEU J 28 -29.59 15.05 26.07
N LEU J 29 -29.65 14.80 27.37
CA LEU J 29 -30.48 15.60 28.26
C LEU J 29 -30.04 17.06 28.28
N SER J 30 -28.76 17.30 28.54
CA SER J 30 -28.27 18.67 28.66
C SER J 30 -28.39 19.38 27.32
N ARG J 31 -28.16 18.66 26.24
CA ARG J 31 -28.20 19.28 24.93
C ARG J 31 -29.61 19.79 24.62
N PHE J 32 -30.59 18.96 24.92
CA PHE J 32 -31.98 19.32 24.64
C PHE J 32 -32.53 20.44 25.52
N THR J 33 -32.29 20.36 26.83
CA THR J 33 -32.91 21.29 27.76
C THR J 33 -32.21 22.64 27.84
N ARG J 34 -30.89 22.65 27.95
CA ARG J 34 -30.17 23.93 28.02
C ARG J 34 -29.09 24.11 26.95
N ASN J 35 -29.18 23.35 25.86
CA ASN J 35 -28.20 23.40 24.77
C ASN J 35 -26.75 23.43 25.25
N GLU J 36 -26.41 22.51 26.16
CA GLU J 36 -25.05 22.39 26.65
C GLU J 36 -24.52 20.98 26.41
N PHE J 37 -23.25 20.90 26.06
CA PHE J 37 -22.59 19.62 25.89
C PHE J 37 -21.32 19.60 26.73
N ASN J 38 -21.04 18.45 27.34
CA ASN J 38 -19.86 18.33 28.17
C ASN J 38 -19.03 17.10 27.77
N LEU J 39 -17.82 17.35 27.26
CA LEU J 39 -16.97 16.26 26.80
C LEU J 39 -16.41 15.41 27.93
N GLU J 40 -16.13 16.04 29.05
CA GLU J 40 -15.46 15.38 30.17
C GLU J 40 -16.41 14.87 31.26
N SER J 41 -17.70 14.97 31.01
CA SER J 41 -18.72 14.63 32.02
C SER J 41 -18.53 13.23 32.61
N LYS J 42 -18.70 13.14 33.93
CA LYS J 42 -18.53 11.90 34.64
C LYS J 42 -19.87 11.17 34.79
N SER J 43 -19.85 9.98 35.37
CA SER J 43 -21.06 9.16 35.44
C SER J 43 -22.09 9.84 36.33
N THR J 44 -23.35 9.63 36.01
CA THR J 44 -24.45 10.32 36.68
C THR J 44 -24.80 9.64 38.01
N ILE J 45 -24.68 10.37 39.12
CA ILE J 45 -25.05 9.83 40.42
C ILE J 45 -26.41 10.33 40.89
N GLY J 46 -27.17 9.45 41.53
CA GLY J 46 -28.51 9.77 41.98
C GLY J 46 -29.49 9.79 40.83
N VAL J 47 -30.49 10.67 40.91
CA VAL J 47 -31.50 10.82 39.86
C VAL J 47 -31.85 12.27 39.63
N GLU J 48 -32.02 12.63 38.36
CA GLU J 48 -32.37 13.99 37.96
C GLU J 48 -33.47 14.02 36.92
N PHE J 49 -34.03 15.21 36.71
CA PHE J 49 -34.88 15.44 35.55
C PHE J 49 -34.85 16.91 35.20
N ALA J 50 -35.01 17.20 33.92
CA ALA J 50 -35.08 18.56 33.45
C ALA J 50 -36.32 18.70 32.57
N THR J 51 -36.77 19.93 32.42
CA THR J 51 -37.99 20.18 31.68
C THR J 51 -37.78 21.11 30.49
N ARG J 52 -38.59 20.90 29.46
CA ARG J 52 -38.66 21.84 28.35
C ARG J 52 -40.04 21.75 27.74
N SER J 53 -40.57 22.89 27.32
CA SER J 53 -41.89 22.91 26.71
C SER J 53 -41.73 23.12 25.22
N ILE J 54 -42.57 22.46 24.45
CA ILE J 54 -42.53 22.57 23.00
C ILE J 54 -43.93 22.62 22.47
N GLN J 55 -44.09 23.07 21.22
CA GLN J 55 -45.41 23.14 20.62
C GLN J 55 -45.66 21.96 19.67
N VAL J 56 -46.74 21.24 19.92
CA VAL J 56 -47.11 20.12 19.08
C VAL J 56 -48.59 20.25 18.74
N ASP J 57 -48.88 20.50 17.47
CA ASP J 57 -50.26 20.67 17.03
C ASP J 57 -50.96 21.80 17.79
N GLY J 58 -50.26 22.92 17.94
CA GLY J 58 -50.81 24.10 18.57
C GLY J 58 -50.88 24.07 20.07
N LYS J 59 -50.92 22.87 20.64
CA LYS J 59 -50.99 22.72 22.09
C LYS J 59 -49.61 22.63 22.72
N THR J 60 -49.48 23.18 23.94
CA THR J 60 -48.21 23.20 24.65
C THR J 60 -47.93 21.88 25.37
N ILE J 61 -46.80 21.26 25.05
CA ILE J 61 -46.36 20.03 25.71
C ILE J 61 -45.16 20.29 26.59
N LYS J 62 -45.30 20.04 27.88
CA LYS J 62 -44.20 20.16 28.83
C LYS J 62 -43.51 18.83 29.01
N ALA J 63 -42.25 18.74 28.63
CA ALA J 63 -41.51 17.49 28.75
C ALA J 63 -40.73 17.42 30.05
N GLN J 64 -40.91 16.31 30.75
CA GLN J 64 -40.17 16.03 31.96
C GLN J 64 -39.19 14.90 31.66
N ILE J 65 -37.94 15.25 31.34
CA ILE J 65 -36.97 14.24 30.94
C ILE J 65 -36.15 13.75 32.14
N TRP J 66 -36.35 12.49 32.52
CA TRP J 66 -35.64 11.91 33.67
C TRP J 66 -34.37 11.16 33.26
N ASP J 67 -33.35 11.26 34.11
CA ASP J 67 -32.06 10.68 33.82
C ASP J 67 -31.48 10.00 35.05
N THR J 68 -30.72 8.93 34.87
CA THR J 68 -30.03 8.30 35.98
C THR J 68 -28.86 7.49 35.44
N ALA J 69 -28.04 6.94 36.35
CA ALA J 69 -26.86 6.19 35.94
C ALA J 69 -27.24 4.95 35.14
N GLY J 70 -26.59 4.78 33.99
CA GLY J 70 -26.87 3.69 33.06
C GLY J 70 -26.62 2.30 33.63
N LEU J 71 -25.78 2.19 34.65
CA LEU J 71 -25.60 0.89 35.29
C LEU J 71 -26.77 0.66 36.23
N GLU J 72 -27.57 -0.36 35.96
CA GLU J 72 -28.78 -0.62 36.76
C GLU J 72 -29.01 -2.11 36.95
N ARG J 73 -29.57 -2.46 38.12
CA ARG J 73 -29.88 -3.85 38.44
C ARG J 73 -28.60 -4.68 38.53
N ALA J 76 -32.87 -1.87 41.92
CA ALA J 76 -33.11 -0.93 43.03
C ALA J 76 -33.74 0.38 42.54
N ILE J 77 -34.81 0.81 43.23
CA ILE J 77 -35.54 2.07 42.96
C ILE J 77 -35.81 2.39 41.49
N THR J 78 -36.06 1.36 40.70
CA THR J 78 -36.29 1.56 39.28
C THR J 78 -37.78 1.77 39.15
N SER J 79 -38.53 1.19 40.08
CA SER J 79 -39.98 1.28 40.07
C SER J 79 -40.37 2.75 40.06
N ALA J 80 -39.69 3.52 40.90
CA ALA J 80 -39.97 4.95 40.97
C ALA J 80 -39.58 5.64 39.66
N TYR J 81 -38.46 5.22 39.11
CA TYR J 81 -37.93 5.82 37.89
C TYR J 81 -38.91 5.65 36.73
N TYR J 82 -39.41 4.44 36.55
CA TYR J 82 -40.29 4.18 35.42
C TYR J 82 -41.72 4.62 35.67
N ARG J 83 -42.09 4.77 36.95
CA ARG J 83 -43.47 5.12 37.29
C ARG J 83 -43.97 6.39 36.60
N GLY J 84 -45.11 6.28 35.95
CA GLY J 84 -45.74 7.41 35.29
C GLY J 84 -45.09 7.82 33.99
N ALA J 85 -44.03 7.11 33.59
CA ALA J 85 -43.34 7.45 32.35
C ALA J 85 -44.19 7.05 31.14
N VAL J 86 -44.41 8.00 30.24
CA VAL J 86 -45.19 7.74 29.03
C VAL J 86 -44.30 7.62 27.79
N GLY J 87 -43.00 7.84 27.97
CA GLY J 87 -42.04 7.74 26.89
C GLY J 87 -40.67 7.32 27.39
N ALA J 88 -39.89 6.66 26.54
CA ALA J 88 -38.56 6.21 26.93
C ALA J 88 -37.60 6.34 25.77
N LEU J 89 -36.45 6.96 26.02
CA LEU J 89 -35.38 7.07 25.03
C LEU J 89 -34.31 6.02 25.33
N LEU J 90 -34.30 4.95 24.53
CA LEU J 90 -33.35 3.85 24.69
C LEU J 90 -32.10 4.11 23.87
N VAL J 91 -30.99 4.39 24.56
CA VAL J 91 -29.81 4.90 23.89
C VAL J 91 -28.70 3.88 23.85
N TYR J 92 -28.03 3.81 22.70
CA TYR J 92 -26.83 2.99 22.60
C TYR J 92 -25.71 3.84 21.99
N ASP J 93 -24.47 3.36 22.13
CA ASP J 93 -23.32 4.08 21.59
C ASP J 93 -23.00 3.49 20.21
N ILE J 94 -23.22 4.29 19.18
CA ILE J 94 -23.00 3.89 17.80
C ILE J 94 -21.63 3.27 17.57
N ALA J 95 -20.64 3.71 18.34
CA ALA J 95 -19.27 3.28 18.15
C ALA J 95 -18.89 2.11 19.06
N LYS J 96 -19.81 1.68 19.92
CA LYS J 96 -19.59 0.50 20.74
C LYS J 96 -20.68 -0.53 20.50
N HIS J 97 -20.35 -1.56 19.74
CA HIS J 97 -21.36 -2.53 19.35
C HIS J 97 -21.99 -3.14 20.59
N LEU J 98 -21.19 -3.28 21.64
CA LEU J 98 -21.65 -3.87 22.88
C LEU J 98 -22.88 -3.18 23.48
N THR J 99 -22.90 -1.85 23.40
CA THR J 99 -24.01 -1.08 23.96
C THR J 99 -25.28 -1.26 23.12
N TYR J 100 -25.10 -1.66 21.86
CA TYR J 100 -26.23 -1.97 21.01
C TYR J 100 -26.72 -3.36 21.38
N GLU J 101 -25.78 -4.26 21.59
CA GLU J 101 -26.09 -5.63 21.98
C GLU J 101 -26.98 -5.67 23.23
N ASN J 102 -26.69 -4.80 24.19
CA ASN J 102 -27.44 -4.79 25.42
C ASN J 102 -28.83 -4.15 25.29
N VAL J 103 -29.14 -3.62 24.11
CA VAL J 103 -30.44 -3.00 23.89
C VAL J 103 -31.59 -3.94 24.21
N GLU J 104 -31.42 -5.21 23.86
CA GLU J 104 -32.43 -6.21 24.14
C GLU J 104 -32.61 -6.32 25.64
N ARG J 105 -31.50 -6.24 26.38
CA ARG J 105 -31.53 -6.35 27.83
C ARG J 105 -32.34 -5.21 28.45
N TRP J 106 -32.25 -4.04 27.83
CA TRP J 106 -33.00 -2.86 28.29
C TRP J 106 -34.49 -2.94 27.96
N LEU J 107 -34.80 -3.44 26.78
CA LEU J 107 -36.19 -3.63 26.38
C LEU J 107 -36.88 -4.56 27.36
N LYS J 108 -36.12 -5.51 27.89
CA LYS J 108 -36.61 -6.43 28.91
C LYS J 108 -36.96 -5.65 30.19
N GLU J 109 -36.01 -4.87 30.69
CA GLU J 109 -36.24 -4.08 31.90
C GLU J 109 -37.43 -3.16 31.70
N LEU J 110 -37.54 -2.63 30.49
CA LEU J 110 -38.63 -1.73 30.13
C LEU J 110 -39.95 -2.50 30.19
N ARG J 111 -39.95 -3.71 29.62
CA ARG J 111 -41.15 -4.54 29.56
C ARG J 111 -41.50 -5.16 30.92
N ASP J 112 -40.62 -4.99 31.89
CA ASP J 112 -40.83 -5.58 33.21
C ASP J 112 -41.25 -4.56 34.24
N HIS J 113 -40.48 -3.49 34.37
CA HIS J 113 -40.72 -2.55 35.46
C HIS J 113 -41.46 -1.31 35.01
N ALA J 114 -41.68 -1.18 33.71
CA ALA J 114 -42.35 0.01 33.19
C ALA J 114 -43.72 -0.34 32.66
N ASP J 115 -44.59 0.66 32.63
CA ASP J 115 -45.92 0.50 32.07
C ASP J 115 -45.81 0.07 30.61
N SER J 116 -46.79 -0.71 30.17
CA SER J 116 -46.94 -0.99 28.74
C SER J 116 -47.45 0.28 28.10
N ASN J 117 -47.64 0.27 26.78
CA ASN J 117 -48.10 1.48 26.08
C ASN J 117 -47.06 2.59 26.10
N ILE J 118 -45.96 2.38 26.83
CA ILE J 118 -44.89 3.37 26.86
C ILE J 118 -44.24 3.46 25.50
N VAL J 119 -44.16 4.68 24.98
CA VAL J 119 -43.53 4.96 23.70
C VAL J 119 -42.01 4.80 23.79
N ILE J 120 -41.45 3.97 22.90
CA ILE J 120 -40.02 3.71 22.91
C ILE J 120 -39.34 4.17 21.63
N MET J 121 -38.31 4.99 21.79
CA MET J 121 -37.51 5.40 20.64
C MET J 121 -36.10 4.85 20.77
N LEU J 122 -35.60 4.28 19.68
CA LEU J 122 -34.23 3.77 19.66
C LEU J 122 -33.33 4.89 19.19
N VAL J 123 -32.30 5.19 19.99
CA VAL J 123 -31.38 6.27 19.66
C VAL J 123 -29.96 5.77 19.64
N GLY J 124 -29.30 6.04 18.52
CA GLY J 124 -27.89 5.79 18.38
C GLY J 124 -27.17 7.10 18.50
N ASN J 125 -26.31 7.20 19.49
CA ASN J 125 -25.65 8.47 19.77
C ASN J 125 -24.19 8.43 19.36
N LYS J 126 -23.58 9.61 19.31
CA LYS J 126 -22.18 9.74 18.92
C LYS J 126 -21.97 9.47 17.44
N SER J 127 -22.91 9.92 16.61
CA SER J 127 -22.80 9.78 15.16
C SER J 127 -21.64 10.63 14.63
N ASP J 128 -21.13 11.52 15.46
CA ASP J 128 -20.08 12.43 15.05
C ASP J 128 -18.75 11.69 14.88
N LEU J 129 -18.66 10.48 15.43
CA LEU J 129 -17.45 9.70 15.22
C LEU J 129 -17.72 8.85 13.99
N ARG J 130 -17.17 9.30 12.87
CA ARG J 130 -17.58 8.74 11.59
C ARG J 130 -16.79 7.48 11.32
N HIS J 131 -15.56 7.46 11.82
CA HIS J 131 -14.64 6.37 11.54
C HIS J 131 -14.77 5.18 12.48
N LEU J 132 -15.46 5.39 13.59
CA LEU J 132 -15.58 4.35 14.61
C LEU J 132 -16.90 3.58 14.62
N ARG J 133 -17.80 3.86 13.68
CA ARG J 133 -19.13 3.28 13.74
C ARG J 133 -19.10 1.74 13.80
N ALA J 134 -19.66 1.17 14.86
CA ALA J 134 -19.78 -0.28 14.97
C ALA J 134 -21.17 -0.83 14.64
N VAL J 135 -22.12 0.07 14.39
CA VAL J 135 -23.53 -0.30 14.20
C VAL J 135 -24.13 0.38 12.98
N PRO J 136 -24.13 -0.31 11.84
CA PRO J 136 -24.65 0.25 10.59
C PRO J 136 -26.11 0.70 10.73
N THR J 137 -26.44 1.87 10.20
CA THR J 137 -27.78 2.45 10.35
C THR J 137 -28.91 1.50 9.94
N ASP J 138 -28.69 0.76 8.86
CA ASP J 138 -29.70 -0.15 8.32
C ASP J 138 -30.07 -1.25 9.32
N GLU J 139 -29.07 -1.83 9.94
CA GLU J 139 -29.29 -2.94 10.86
C GLU J 139 -30.18 -2.56 12.04
N ALA J 140 -29.97 -1.34 12.53
CA ALA J 140 -30.70 -0.82 13.69
C ALA J 140 -32.13 -0.43 13.33
N ARG J 141 -32.25 0.37 12.28
CA ARG J 141 -33.54 0.83 11.78
C ARG J 141 -34.44 -0.38 11.50
N ALA J 142 -33.85 -1.46 10.99
CA ALA J 142 -34.57 -2.69 10.74
C ALA J 142 -35.06 -3.29 12.04
N PHE J 143 -34.14 -3.40 13.01
CA PHE J 143 -34.46 -3.91 14.33
C PHE J 143 -35.55 -3.09 15.02
N ALA J 144 -35.52 -1.78 14.77
CA ALA J 144 -36.49 -0.88 15.37
C ALA J 144 -37.88 -1.19 14.84
N GLU J 145 -38.01 -1.23 13.51
CA GLU J 145 -39.28 -1.48 12.87
C GLU J 145 -39.80 -2.85 13.30
N LYS J 146 -38.87 -3.78 13.49
CA LYS J 146 -39.23 -5.12 13.90
C LYS J 146 -39.69 -5.21 15.36
N ASN J 147 -39.25 -4.29 16.21
CA ASN J 147 -39.68 -4.31 17.61
C ASN J 147 -40.68 -3.22 17.98
N GLY J 148 -41.18 -2.51 16.96
CA GLY J 148 -42.21 -1.50 17.14
C GLY J 148 -41.65 -0.26 17.84
N LEU J 149 -40.43 0.10 17.49
CA LEU J 149 -39.77 1.24 18.10
C LEU J 149 -39.48 2.29 17.05
N SER J 150 -39.58 3.56 17.42
CA SER J 150 -39.11 4.62 16.53
C SER J 150 -37.60 4.58 16.55
N PHE J 151 -36.97 5.22 15.57
CA PHE J 151 -35.52 5.19 15.48
C PHE J 151 -34.95 6.46 14.88
N ILE J 152 -33.84 6.91 15.44
CA ILE J 152 -33.10 8.05 14.92
C ILE J 152 -31.66 7.98 15.41
N GLU J 153 -30.75 8.58 14.64
CA GLU J 153 -29.35 8.65 15.05
C GLU J 153 -28.99 10.09 15.37
N THR J 154 -28.43 10.29 16.56
CA THR J 154 -28.15 11.62 17.06
C THR J 154 -26.70 11.80 17.45
N SER J 155 -26.28 13.07 17.50
CA SER J 155 -25.02 13.44 18.11
C SER J 155 -25.22 14.54 19.14
N ALA J 156 -25.06 14.21 20.40
CA ALA J 156 -25.18 15.22 21.45
C ALA J 156 -24.04 16.21 21.28
N LEU J 157 -22.93 15.73 20.73
CA LEU J 157 -21.74 16.55 20.60
C LEU J 157 -21.88 17.63 19.52
N ASP J 158 -22.30 17.25 18.30
CA ASP J 158 -22.46 18.24 17.23
C ASP J 158 -23.90 18.75 17.06
N SER J 159 -24.80 18.27 17.91
CA SER J 159 -26.18 18.74 18.00
C SER J 159 -27.13 18.07 17.00
N THR J 160 -26.59 17.27 16.09
CA THR J 160 -27.40 16.66 15.04
C THR J 160 -28.55 15.79 15.54
N ASN J 161 -29.76 16.11 15.09
CA ASN J 161 -30.93 15.30 15.35
C ASN J 161 -31.38 15.18 16.81
N VAL J 162 -30.66 15.82 17.72
CA VAL J 162 -31.04 15.77 19.13
C VAL J 162 -32.40 16.39 19.33
N GLU J 163 -32.56 17.60 18.78
CA GLU J 163 -33.84 18.29 18.82
C GLU J 163 -34.95 17.43 18.22
N ALA J 164 -34.70 16.94 17.01
CA ALA J 164 -35.66 16.13 16.30
C ALA J 164 -36.09 14.93 17.11
N ALA J 165 -35.13 14.32 17.80
CA ALA J 165 -35.39 13.09 18.54
C ALA J 165 -36.45 13.29 19.60
N PHE J 166 -36.30 14.34 20.41
CA PHE J 166 -37.24 14.61 21.48
C PHE J 166 -38.59 15.04 20.91
N GLN J 167 -38.52 15.89 19.89
CA GLN J 167 -39.71 16.36 19.20
C GLN J 167 -40.56 15.20 18.70
N THR J 168 -39.90 14.17 18.19
CA THR J 168 -40.60 13.02 17.65
C THR J 168 -41.28 12.18 18.74
N ILE J 169 -40.53 11.76 19.75
CA ILE J 169 -41.11 10.90 20.79
C ILE J 169 -42.19 11.67 21.56
N LEU J 170 -42.03 12.98 21.65
CA LEU J 170 -43.03 13.79 22.33
C LEU J 170 -44.33 13.86 21.50
N THR J 171 -44.22 14.07 20.19
CA THR J 171 -45.40 14.15 19.31
C THR J 171 -46.08 12.79 19.11
N GLU J 172 -45.30 11.71 19.08
CA GLU J 172 -45.89 10.37 18.98
C GLU J 172 -46.69 10.04 20.24
N ILE J 173 -46.22 10.54 21.38
CA ILE J 173 -46.91 10.33 22.65
C ILE J 173 -48.17 11.19 22.70
N TYR J 174 -48.10 12.37 22.12
CA TYR J 174 -49.25 13.26 21.98
C TYR J 174 -50.37 12.58 21.21
N ARG J 175 -50.04 12.06 20.02
CA ARG J 175 -51.04 11.47 19.12
C ARG J 175 -51.75 10.32 19.83
N ILE J 176 -50.97 9.53 20.55
CA ILE J 176 -51.49 8.38 21.25
C ILE J 176 -52.41 8.81 22.38
N VAL J 177 -52.10 9.95 23.00
CA VAL J 177 -52.89 10.46 24.10
C VAL J 177 -54.15 11.19 23.64
N SER J 178 -54.09 11.83 22.47
CA SER J 178 -55.27 12.51 21.93
C SER J 178 -56.35 11.48 21.58
N GLN J 179 -55.92 10.37 21.00
CA GLN J 179 -56.84 9.33 20.54
C GLN J 179 -57.57 8.66 21.71
N LYS J 180 -56.82 8.16 22.69
CA LYS J 180 -57.42 7.51 23.86
C LYS J 180 -58.09 8.53 24.79
N ILE K 25 12.75 -8.91 36.90
CA ILE K 25 11.58 -8.08 36.68
C ILE K 25 11.96 -6.72 36.08
N VAL K 26 11.06 -6.18 35.26
CA VAL K 26 11.27 -4.86 34.65
C VAL K 26 9.96 -4.06 34.65
N LYS K 27 10.08 -2.76 34.93
CA LYS K 27 8.92 -1.88 35.09
C LYS K 27 8.64 -0.98 33.88
N ASP K 28 7.35 -0.74 33.66
CA ASP K 28 6.92 0.14 32.59
C ASP K 28 6.75 1.56 33.13
N CYS K 29 7.57 2.49 32.67
CA CYS K 29 7.48 3.88 33.13
C CYS K 29 7.24 4.86 31.98
N LYS K 30 7.06 6.13 32.32
CA LYS K 30 6.96 7.18 31.31
C LYS K 30 7.55 8.49 31.79
N GLU K 31 8.26 9.18 30.91
CA GLU K 31 8.82 10.49 31.20
C GLU K 31 8.70 11.39 29.98
N ALA K 32 8.35 12.66 30.19
CA ALA K 32 8.10 13.56 29.08
C ALA K 32 9.39 14.02 28.40
N ASP K 33 9.44 13.92 27.08
CA ASP K 33 10.57 14.45 26.32
C ASP K 33 10.36 15.94 26.08
N LEU K 34 11.18 16.76 26.74
CA LEU K 34 10.98 18.21 26.75
C LEU K 34 10.87 18.84 25.35
N SER K 35 11.61 18.33 24.39
CA SER K 35 11.54 18.86 23.02
C SER K 35 10.10 18.80 22.51
N LEU K 36 9.48 17.63 22.67
CA LEU K 36 8.08 17.45 22.27
C LEU K 36 7.12 18.17 23.22
N TYR K 37 7.49 18.20 24.50
CA TYR K 37 6.61 18.79 25.52
C TYR K 37 6.44 20.28 25.35
N ASN K 38 7.55 20.99 25.22
CA ASN K 38 7.52 22.43 25.02
C ASN K 38 6.84 22.78 23.70
N GLU K 39 7.17 22.01 22.68
CA GLU K 39 6.62 22.17 21.34
C GLU K 39 5.10 22.10 21.38
N PHE K 40 4.58 21.14 22.15
CA PHE K 40 3.15 20.94 22.28
C PHE K 40 2.48 22.02 23.10
N ARG K 41 3.05 22.29 24.28
CA ARG K 41 2.45 23.22 25.23
C ARG K 41 2.24 24.62 24.64
N LEU K 42 3.08 25.01 23.68
CA LEU K 42 2.92 26.29 22.98
C LEU K 42 1.73 26.22 22.04
N TRP K 43 1.66 25.12 21.30
CA TRP K 43 0.56 24.87 20.38
C TRP K 43 -0.80 24.84 21.07
N LYS K 44 -0.86 24.27 22.27
CA LYS K 44 -2.12 24.23 23.00
C LYS K 44 -2.62 25.64 23.28
N ASP K 45 -1.68 26.55 23.55
CA ASP K 45 -2.01 27.93 23.89
C ASP K 45 -2.43 28.73 22.66
N GLU K 46 -2.05 28.27 21.47
CA GLU K 46 -2.46 28.96 20.26
C GLU K 46 -2.69 27.94 19.14
N PRO K 47 -3.72 27.10 19.29
CA PRO K 47 -4.04 25.98 18.40
C PRO K 47 -4.22 26.35 16.93
N THR K 48 -3.66 25.52 16.06
CA THR K 48 -3.82 25.66 14.62
C THR K 48 -3.86 24.29 13.98
N MET K 49 -4.61 24.18 12.89
CA MET K 49 -4.70 22.92 12.15
C MET K 49 -3.68 22.90 11.01
N ASP K 50 -2.86 23.96 10.95
CA ASP K 50 -1.86 24.09 9.88
C ASP K 50 -0.81 22.99 9.95
N ARG K 51 -0.65 22.29 8.84
CA ARG K 51 0.26 21.16 8.73
C ARG K 51 1.72 21.56 8.94
N THR K 52 2.02 22.83 8.74
CA THR K 52 3.41 23.29 8.70
C THR K 52 3.97 23.84 10.02
N CYS K 53 3.13 23.93 11.06
CA CYS K 53 3.62 24.43 12.34
C CYS K 53 4.53 23.37 12.96
N PRO K 54 5.35 23.77 13.95
CA PRO K 54 6.31 22.84 14.53
C PRO K 54 5.65 21.56 15.05
N PHE K 55 4.57 21.73 15.82
CA PHE K 55 3.86 20.62 16.46
C PHE K 55 3.33 19.57 15.48
N LEU K 56 2.52 20.02 14.54
CA LEU K 56 1.87 19.13 13.59
C LEU K 56 2.81 18.62 12.50
N ASP K 57 3.82 19.42 12.14
CA ASP K 57 4.73 19.03 11.08
C ASP K 57 5.49 17.76 11.45
N LYS K 58 6.04 17.77 12.65
CA LYS K 58 6.81 16.65 13.15
C LYS K 58 5.96 15.38 13.11
N ILE K 59 4.77 15.46 13.69
CA ILE K 59 3.87 14.32 13.77
C ILE K 59 3.39 13.84 12.39
N TYR K 60 3.25 14.78 11.45
CA TYR K 60 2.87 14.41 10.09
C TYR K 60 3.94 13.51 9.46
N GLN K 61 5.19 13.92 9.64
CA GLN K 61 6.30 13.24 9.00
C GLN K 61 6.57 11.89 9.63
N GLU K 62 6.59 11.87 10.97
CA GLU K 62 6.97 10.68 11.72
C GLU K 62 5.85 9.66 11.88
N ASP K 63 4.62 10.14 11.94
CA ASP K 63 3.51 9.27 12.30
C ASP K 63 2.42 9.18 11.22
N ILE K 64 1.88 10.33 10.81
CA ILE K 64 0.71 10.35 9.94
C ILE K 64 0.99 9.80 8.54
N PHE K 65 1.96 10.43 7.87
CA PHE K 65 2.29 10.08 6.49
C PHE K 65 2.70 8.62 6.33
N PRO K 66 3.63 8.15 7.19
CA PRO K 66 4.02 6.73 7.13
C PRO K 66 2.83 5.80 7.35
N CYS K 67 1.88 6.21 8.20
CA CYS K 67 0.67 5.42 8.44
C CYS K 67 -0.22 5.30 7.20
N LEU K 68 -0.28 6.38 6.42
CA LEU K 68 -1.18 6.44 5.27
C LEU K 68 -0.51 6.08 3.95
N THR K 69 0.61 5.36 4.05
CA THR K 69 1.32 4.85 2.88
C THR K 69 0.79 3.48 2.50
N PHE K 70 0.19 3.37 1.32
CA PHE K 70 -0.44 2.11 0.92
C PHE K 70 -0.08 1.69 -0.52
N SER K 71 -0.55 0.51 -0.92
CA SER K 71 -0.29 -0.04 -2.25
C SER K 71 -0.87 0.83 -3.36
N LYS K 72 -2.17 1.04 -3.31
CA LYS K 72 -2.85 1.89 -4.29
C LYS K 72 -2.66 3.34 -3.87
N SER K 73 -1.59 3.96 -4.38
CA SER K 73 -1.13 5.25 -3.88
C SER K 73 -2.05 6.40 -4.25
N GLU K 74 -2.87 6.19 -5.26
CA GLU K 74 -3.83 7.18 -5.71
C GLU K 74 -4.91 7.37 -4.66
N LEU K 75 -5.47 6.26 -4.21
CA LEU K 75 -6.54 6.25 -3.22
C LEU K 75 -6.04 6.82 -1.89
N ALA K 76 -4.77 6.54 -1.59
CA ALA K 76 -4.14 6.97 -0.33
C ALA K 76 -4.10 8.48 -0.14
N SER K 77 -3.60 9.22 -1.12
CA SER K 77 -3.47 10.68 -1.01
C SER K 77 -4.84 11.35 -0.89
N ALA K 78 -5.85 10.66 -1.38
CA ALA K 78 -7.24 11.11 -1.30
C ALA K 78 -7.76 10.97 0.14
N VAL K 79 -7.38 9.88 0.78
CA VAL K 79 -7.78 9.61 2.17
C VAL K 79 -7.25 10.66 3.13
N LEU K 80 -5.99 11.07 2.94
CA LEU K 80 -5.38 12.09 3.80
C LEU K 80 -6.23 13.35 3.89
N GLU K 81 -6.80 13.79 2.77
CA GLU K 81 -7.65 14.98 2.76
C GLU K 81 -9.01 14.70 3.42
N ALA K 82 -9.54 13.50 3.21
CA ALA K 82 -10.80 13.10 3.81
C ALA K 82 -10.69 13.02 5.34
N VAL K 83 -9.55 12.54 5.83
CA VAL K 83 -9.32 12.43 7.26
C VAL K 83 -9.18 13.80 7.92
N GLU K 84 -8.46 14.69 7.25
CA GLU K 84 -8.24 16.04 7.75
C GLU K 84 -9.56 16.80 7.84
N ASN K 85 -10.51 16.48 6.95
CA ASN K 85 -11.81 17.14 6.88
C ASN K 85 -12.89 16.41 7.69
N ASN K 86 -12.52 15.30 8.30
CA ASN K 86 -13.46 14.47 9.04
C ASN K 86 -14.57 13.95 8.12
N THR K 87 -14.28 13.88 6.83
CA THR K 87 -15.28 13.39 5.88
C THR K 87 -15.14 11.88 5.69
N LEU K 88 -14.10 11.30 6.25
CA LEU K 88 -13.93 9.87 6.13
C LEU K 88 -14.89 9.17 7.07
N SER K 89 -15.43 8.04 6.64
CA SER K 89 -16.34 7.28 7.48
C SER K 89 -16.18 5.79 7.20
N ILE K 90 -16.36 4.97 8.23
CA ILE K 90 -16.12 3.54 8.12
C ILE K 90 -17.28 2.71 8.67
N GLU K 91 -17.85 1.87 7.82
CA GLU K 91 -18.88 0.96 8.30
C GLU K 91 -18.41 -0.48 8.23
N PRO K 92 -18.89 -1.29 9.17
CA PRO K 92 -18.72 -2.74 9.08
C PRO K 92 -19.71 -3.31 8.11
N VAL K 93 -19.56 -4.59 7.78
CA VAL K 93 -20.50 -5.27 6.90
C VAL K 93 -20.83 -6.65 7.47
N GLY K 94 -21.80 -6.67 8.38
CA GLY K 94 -22.32 -7.88 9.00
C GLY K 94 -22.16 -9.20 8.27
N VAL K 106 -14.69 -0.77 -9.79
CA VAL K 106 -13.99 -2.05 -9.63
C VAL K 106 -12.71 -1.91 -8.81
N GLU K 107 -12.33 -0.67 -8.48
CA GLU K 107 -11.15 -0.43 -7.64
C GLU K 107 -11.57 -0.65 -6.20
N CYS K 108 -12.88 -0.58 -5.99
CA CYS K 108 -13.51 -0.74 -4.68
C CYS K 108 -13.00 -1.95 -3.90
N GLY K 109 -12.54 -2.96 -4.63
CA GLY K 109 -12.13 -4.19 -3.98
C GLY K 109 -13.37 -4.89 -3.49
N GLY K 110 -13.18 -5.98 -2.77
CA GLY K 110 -14.27 -6.77 -2.27
C GLY K 110 -13.80 -7.48 -1.02
N PRO K 111 -14.67 -8.30 -0.41
CA PRO K 111 -14.35 -8.98 0.84
C PRO K 111 -12.99 -9.68 0.76
N LYS K 112 -12.58 -10.12 -0.43
CA LYS K 112 -11.27 -10.74 -0.60
C LYS K 112 -10.17 -9.80 -1.09
N LYS K 113 -10.50 -8.53 -1.37
CA LYS K 113 -9.46 -7.60 -1.83
C LYS K 113 -9.55 -6.18 -1.27
N CYS K 114 -8.45 -5.72 -0.70
CA CYS K 114 -8.36 -4.36 -0.17
C CYS K 114 -8.16 -3.32 -1.28
N ALA K 115 -8.74 -2.14 -1.10
CA ALA K 115 -8.63 -1.05 -2.06
C ALA K 115 -7.28 -0.33 -1.95
N LEU K 116 -6.81 -0.16 -0.72
CA LEU K 116 -5.54 0.49 -0.43
C LEU K 116 -4.31 -0.40 -0.70
N THR K 117 -4.22 -1.52 -0.01
CA THR K 117 -3.15 -2.49 -0.28
C THR K 117 -3.69 -3.66 -1.09
N GLY K 118 -2.87 -4.17 -2.01
CA GLY K 118 -3.29 -5.22 -2.92
C GLY K 118 -3.52 -6.54 -2.20
N GLN K 119 -3.33 -6.53 -0.89
CA GLN K 119 -3.36 -7.76 -0.11
C GLN K 119 -4.74 -8.42 -0.24
N SER K 120 -4.78 -9.75 -0.18
CA SER K 120 -6.05 -10.44 -0.16
C SER K 120 -6.36 -11.09 1.18
N LYS K 121 -7.32 -10.52 1.91
CA LYS K 121 -7.76 -11.02 3.21
C LYS K 121 -9.22 -10.62 3.34
N SER K 122 -9.96 -11.26 4.25
CA SER K 122 -11.37 -10.91 4.37
C SER K 122 -11.50 -9.51 4.98
N CYS K 123 -12.17 -8.64 4.24
CA CYS K 123 -12.35 -7.25 4.66
C CYS K 123 -13.75 -7.09 5.25
N LYS K 124 -13.82 -6.79 6.54
CA LYS K 124 -15.07 -6.71 7.25
C LYS K 124 -15.51 -5.27 7.47
N HIS K 125 -14.73 -4.34 6.93
CA HIS K 125 -15.01 -2.91 7.04
C HIS K 125 -15.00 -2.23 5.68
N ARG K 126 -15.70 -1.10 5.57
CA ARG K 126 -15.76 -0.33 4.31
C ARG K 126 -15.46 1.14 4.55
N ILE K 127 -14.58 1.74 3.76
CA ILE K 127 -14.35 3.17 3.94
C ILE K 127 -15.07 3.94 2.86
N LYS K 128 -15.60 5.10 3.22
CA LYS K 128 -16.28 5.99 2.27
C LYS K 128 -15.89 7.44 2.49
N LEU K 129 -15.46 8.13 1.44
CA LEU K 129 -15.12 9.54 1.61
C LEU K 129 -16.48 10.25 1.63
N GLY K 130 -16.51 11.54 1.96
CA GLY K 130 -17.80 12.20 2.07
C GLY K 130 -18.64 12.38 0.81
N ASP K 131 -19.83 11.80 0.84
CA ASP K 131 -20.92 12.08 -0.09
C ASP K 131 -20.63 11.72 -1.56
N SER K 132 -19.38 11.39 -1.86
CA SER K 132 -18.94 11.14 -3.22
C SER K 132 -19.02 9.64 -3.50
N SER K 133 -19.57 8.91 -2.53
CA SER K 133 -19.61 7.45 -2.51
C SER K 133 -18.11 7.10 -2.61
N ASN K 134 -17.67 6.04 -3.31
CA ASN K 134 -18.33 4.75 -3.41
C ASN K 134 -17.66 3.89 -2.34
N TYR K 135 -18.46 3.12 -1.60
CA TYR K 135 -17.93 2.22 -0.58
C TYR K 135 -16.74 1.37 -1.07
N TYR K 136 -15.58 1.57 -0.43
CA TYR K 136 -14.36 0.81 -0.71
C TYR K 136 -14.10 -0.20 0.41
N TYR K 137 -13.88 -1.45 0.02
CA TYR K 137 -13.59 -2.50 0.99
C TYR K 137 -12.16 -2.34 1.53
N ILE K 138 -11.97 -2.61 2.82
CA ILE K 138 -10.69 -2.32 3.48
C ILE K 138 -10.23 -3.43 4.43
N SER K 139 -8.93 -3.71 4.41
CA SER K 139 -8.33 -4.74 5.27
C SER K 139 -8.28 -4.33 6.74
N PRO K 140 -8.28 -5.32 7.64
CA PRO K 140 -8.22 -5.06 9.09
C PRO K 140 -7.00 -4.24 9.45
N PHE K 141 -5.88 -4.54 8.80
CA PHE K 141 -4.63 -3.80 8.99
C PHE K 141 -4.82 -2.34 8.58
N CYS K 142 -5.44 -2.13 7.43
CA CYS K 142 -5.68 -0.78 6.95
C CYS K 142 -6.59 -0.03 7.91
N ARG K 143 -7.60 -0.70 8.42
CA ARG K 143 -8.57 -0.04 9.28
C ARG K 143 -7.89 0.51 10.53
N TYR K 144 -7.01 -0.29 11.15
CA TYR K 144 -6.32 0.13 12.36
C TYR K 144 -5.43 1.34 12.09
N ARG K 145 -4.73 1.33 10.96
CA ARG K 145 -3.88 2.45 10.60
C ARG K 145 -4.69 3.72 10.39
N ILE K 146 -5.82 3.59 9.69
CA ILE K 146 -6.63 4.75 9.38
C ILE K 146 -7.32 5.32 10.60
N THR K 147 -7.97 4.46 11.39
CA THR K 147 -8.68 4.93 12.58
C THR K 147 -7.72 5.60 13.56
N SER K 148 -6.51 5.07 13.66
CA SER K 148 -5.49 5.63 14.55
C SER K 148 -5.14 7.07 14.21
N VAL K 149 -5.10 7.39 12.92
CA VAL K 149 -4.78 8.74 12.49
C VAL K 149 -5.97 9.65 12.77
N CYS K 150 -7.18 9.15 12.46
CA CYS K 150 -8.40 9.91 12.72
C CYS K 150 -8.56 10.27 14.19
N ASN K 151 -8.15 9.36 15.06
CA ASN K 151 -8.20 9.56 16.50
C ASN K 151 -7.33 10.74 16.91
N PHE K 152 -6.16 10.86 16.29
CA PHE K 152 -5.27 11.96 16.60
C PHE K 152 -5.95 13.27 16.24
N PHE K 153 -6.47 13.33 15.01
CA PHE K 153 -7.15 14.51 14.50
C PHE K 153 -8.37 14.81 15.37
N THR K 154 -9.08 13.76 15.75
CA THR K 154 -10.26 13.88 16.58
C THR K 154 -9.95 14.59 17.89
N TYR K 155 -8.85 14.22 18.54
CA TYR K 155 -8.48 14.83 19.81
C TYR K 155 -7.94 16.24 19.60
N ILE K 156 -7.15 16.41 18.54
CA ILE K 156 -6.59 17.71 18.23
C ILE K 156 -7.69 18.75 17.97
N ARG K 157 -8.67 18.37 17.16
CA ARG K 157 -9.78 19.26 16.88
C ARG K 157 -10.58 19.53 18.16
N TYR K 158 -10.79 18.50 18.98
CA TYR K 158 -11.46 18.70 20.27
C TYR K 158 -10.73 19.77 21.06
N ILE K 159 -9.42 19.89 20.85
CA ILE K 159 -8.64 20.86 21.58
C ILE K 159 -8.78 22.27 20.99
N GLN K 160 -8.75 22.38 19.67
CA GLN K 160 -8.86 23.68 19.01
C GLN K 160 -10.22 24.35 19.23
N GLN K 161 -11.29 23.56 19.16
CA GLN K 161 -12.62 24.02 19.48
C GLN K 161 -12.95 23.64 20.92
N GLY K 162 -11.90 23.39 21.70
CA GLY K 162 -12.00 22.83 23.05
C GLY K 162 -12.87 23.58 24.01
N LEU K 163 -13.89 22.92 24.57
CA LEU K 163 -14.19 21.48 24.48
C LEU K 163 -13.21 20.56 25.24
N VAL K 164 -12.05 21.05 25.65
CA VAL K 164 -11.28 20.33 26.66
C VAL K 164 -11.12 21.28 27.84
N LYS K 165 -11.84 20.99 28.92
CA LYS K 165 -11.88 21.91 30.06
C LYS K 165 -11.11 21.40 31.28
N GLN K 166 -11.52 20.24 31.77
CA GLN K 166 -11.08 19.75 33.08
C GLN K 166 -9.79 18.94 33.01
N GLN K 167 -9.20 18.86 31.83
CA GLN K 167 -7.97 18.10 31.63
C GLN K 167 -6.78 19.05 31.63
N ASP K 168 -5.82 18.82 32.52
CA ASP K 168 -4.63 19.67 32.65
CA ASP K 168 -4.69 19.74 32.62
C ASP K 168 -3.77 19.59 31.39
N VAL K 169 -2.82 20.50 31.26
CA VAL K 169 -1.90 20.49 30.12
C VAL K 169 -1.10 19.18 30.06
N ASP K 170 -0.67 18.70 31.23
CA ASP K 170 0.07 17.46 31.32
C ASP K 170 -0.75 16.26 30.89
N GLN K 171 -1.99 16.20 31.38
CA GLN K 171 -2.88 15.11 30.99
C GLN K 171 -3.09 15.12 29.49
N MET K 172 -3.30 16.31 28.95
CA MET K 172 -3.52 16.47 27.51
C MET K 172 -2.31 16.00 26.71
N PHE K 173 -1.13 16.33 27.21
CA PHE K 173 0.12 15.94 26.55
C PHE K 173 0.20 14.44 26.38
N TRP K 174 -0.03 13.71 27.48
CA TRP K 174 0.09 12.26 27.47
C TRP K 174 -1.02 11.62 26.65
N GLU K 175 -2.09 12.35 26.45
CA GLU K 175 -3.15 11.93 25.56
C GLU K 175 -2.61 11.97 24.15
N VAL K 176 -1.87 13.04 23.85
CA VAL K 176 -1.27 13.19 22.54
C VAL K 176 -0.21 12.12 22.34
N MET K 177 0.56 11.84 23.39
CA MET K 177 1.58 10.80 23.34
C MET K 177 0.97 9.41 23.09
N GLN K 178 -0.12 9.12 23.79
CA GLN K 178 -0.86 7.88 23.59
C GLN K 178 -1.35 7.76 22.14
N LEU K 179 -1.96 8.82 21.62
CA LEU K 179 -2.40 8.83 20.23
C LEU K 179 -1.25 8.54 19.25
N ARG K 180 -0.09 9.12 19.51
CA ARG K 180 1.07 8.92 18.64
C ARG K 180 1.65 7.53 18.77
N LYS K 181 1.66 7.01 19.99
CA LYS K 181 2.17 5.67 20.24
C LYS K 181 1.40 4.68 19.38
N GLU K 182 0.10 4.90 19.31
CA GLU K 182 -0.77 4.07 18.48
C GLU K 182 -0.42 4.15 17.01
N MET K 183 -0.23 5.36 16.49
CA MET K 183 0.13 5.51 15.10
C MET K 183 1.49 4.87 14.84
N SER K 184 2.42 5.06 15.77
CA SER K 184 3.77 4.50 15.63
C SER K 184 3.77 2.97 15.55
N LEU K 185 2.88 2.33 16.28
CA LEU K 185 2.77 0.88 16.23
C LEU K 185 2.15 0.47 14.90
N ALA K 186 1.12 1.19 14.48
CA ALA K 186 0.46 0.93 13.21
C ALA K 186 1.44 1.14 12.06
N LYS K 187 2.25 2.19 12.17
CA LYS K 187 3.32 2.49 11.22
C LYS K 187 4.14 1.26 10.87
N LEU K 188 4.42 0.43 11.88
CA LEU K 188 5.33 -0.70 11.72
C LEU K 188 4.60 -2.01 11.44
N GLY K 189 3.29 -1.96 11.40
CA GLY K 189 2.51 -3.14 11.08
C GLY K 189 1.96 -3.86 12.30
N TYR K 190 2.10 -3.24 13.46
CA TYR K 190 1.54 -3.79 14.68
C TYR K 190 0.15 -3.21 14.86
N PHE K 191 -0.88 -4.03 14.71
CA PHE K 191 -2.24 -3.54 14.81
C PHE K 191 -3.15 -4.46 15.63
N LYS K 192 -4.39 -4.01 15.81
CA LYS K 192 -5.39 -4.72 16.59
C LYS K 192 -6.67 -4.87 15.78
N GLU K 193 -7.39 -5.98 15.96
CA GLU K 193 -8.66 -6.13 15.25
C GLU K 193 -9.69 -6.69 16.23
N GLU K 194 -10.97 -6.53 15.89
CA GLU K 194 -12.11 -6.93 16.73
C GLU K 194 -13.32 -6.04 16.47
N GLU L 29 -0.28 -2.95 54.60
CA GLU L 29 -1.45 -2.18 55.06
C GLU L 29 -2.15 -1.49 53.88
N LEU L 30 -1.62 -1.71 52.68
CA LEU L 30 -2.19 -1.13 51.47
C LEU L 30 -3.50 -1.79 51.05
N MET L 31 -3.62 -3.10 51.31
CA MET L 31 -4.83 -3.83 50.90
C MET L 31 -5.97 -3.68 51.91
N GLU L 32 -5.66 -3.16 53.10
CA GLU L 32 -6.68 -2.92 54.12
C GLU L 32 -7.33 -1.55 53.91
N ALA L 33 -6.63 -0.68 53.19
CA ALA L 33 -7.15 0.65 52.89
C ALA L 33 -8.23 0.60 51.82
N ILE L 34 -8.06 -0.28 50.84
CA ILE L 34 -9.03 -0.43 49.76
C ILE L 34 -10.24 -1.27 50.17
N GLN L 35 -10.07 -2.08 51.21
CA GLN L 35 -11.17 -2.91 51.72
C GLN L 35 -12.17 -2.06 52.52
N LYS L 36 -11.65 -1.07 53.25
CA LYS L 36 -12.48 -0.17 54.05
C LYS L 36 -13.04 0.97 53.22
N GLN L 37 -12.30 1.33 52.16
CA GLN L 37 -12.69 2.40 51.26
C GLN L 37 -13.77 1.91 50.29
N GLU L 38 -13.83 0.59 50.11
CA GLU L 38 -14.89 -0.04 49.35
C GLU L 38 -16.14 -0.14 50.21
N GLU L 39 -15.94 -0.19 51.52
CA GLU L 39 -17.03 -0.26 52.48
C GLU L 39 -17.74 1.08 52.61
N ILE L 40 -17.03 2.16 52.30
CA ILE L 40 -17.62 3.50 52.32
C ILE L 40 -18.55 3.73 51.14
N ASN L 41 -18.14 3.33 49.94
CA ASN L 41 -19.01 3.41 48.77
C ASN L 41 -20.33 2.70 48.97
N PHE L 42 -20.28 1.51 49.57
CA PHE L 42 -21.51 0.77 49.81
C PHE L 42 -22.49 1.58 50.66
N ARG L 43 -22.01 2.14 51.77
CA ARG L 43 -22.89 2.90 52.66
C ARG L 43 -23.35 4.22 52.05
N LEU L 44 -22.43 4.91 51.41
CA LEU L 44 -22.73 6.19 50.77
C LEU L 44 -23.78 6.00 49.68
N GLN L 45 -23.63 4.93 48.89
CA GLN L 45 -24.56 4.66 47.79
C GLN L 45 -25.91 4.16 48.29
N ASP L 46 -25.88 3.30 49.31
CA ASP L 46 -27.11 2.77 49.89
C ASP L 46 -27.92 3.90 50.52
N TYR L 47 -27.25 4.93 51.01
CA TYR L 47 -27.92 6.09 51.60
C TYR L 47 -28.67 6.87 50.52
N ILE L 48 -27.95 7.13 49.43
CA ILE L 48 -28.49 7.89 48.32
C ILE L 48 -29.69 7.21 47.71
N ASP L 49 -29.65 5.88 47.64
CA ASP L 49 -30.79 5.15 47.09
C ASP L 49 -32.02 5.36 47.95
N ARG L 50 -31.88 5.12 49.25
CA ARG L 50 -33.00 5.21 50.18
C ARG L 50 -33.64 6.59 50.18
N ILE L 51 -32.79 7.62 50.25
CA ILE L 51 -33.26 9.01 50.33
C ILE L 51 -33.95 9.47 49.05
N ILE L 52 -33.42 9.07 47.90
CA ILE L 52 -34.04 9.40 46.63
C ILE L 52 -35.41 8.74 46.53
N VAL L 53 -35.50 7.51 47.01
CA VAL L 53 -36.77 6.80 47.07
C VAL L 53 -37.79 7.64 47.82
N ALA L 54 -37.35 8.19 48.94
CA ALA L 54 -38.21 9.04 49.75
C ALA L 54 -38.60 10.29 48.98
N ILE L 55 -37.62 10.91 48.32
CA ILE L 55 -37.88 12.14 47.58
C ILE L 55 -38.91 11.95 46.48
N MET L 56 -38.87 10.81 45.81
CA MET L 56 -39.81 10.55 44.74
C MET L 56 -41.15 10.14 45.33
N GLU L 57 -41.11 9.46 46.46
CA GLU L 57 -42.32 9.03 47.14
C GLU L 57 -43.12 10.21 47.73
N THR L 58 -42.48 11.37 47.89
CA THR L 58 -43.15 12.51 48.49
C THR L 58 -43.09 13.77 47.62
N ASN L 59 -41.93 14.43 47.56
CA ASN L 59 -41.77 15.64 46.76
C ASN L 59 -40.67 15.52 45.70
N PRO L 60 -41.01 14.96 44.52
CA PRO L 60 -40.02 14.73 43.45
C PRO L 60 -39.49 16.04 42.87
N SER L 61 -40.12 17.15 43.25
CA SER L 61 -39.69 18.45 42.77
C SER L 61 -38.20 18.73 43.01
N ILE L 62 -37.65 18.17 44.08
CA ILE L 62 -36.27 18.46 44.47
C ILE L 62 -35.27 18.11 43.37
N LEU L 63 -35.55 17.02 42.67
CA LEU L 63 -34.60 16.41 41.75
C LEU L 63 -34.54 17.12 40.40
N GLU L 64 -35.21 18.26 40.29
CA GLU L 64 -35.18 19.00 39.04
C GLU L 64 -33.86 19.74 38.93
N VAL L 65 -33.28 19.71 37.73
CA VAL L 65 -32.06 20.46 37.44
C VAL L 65 -32.43 21.90 37.10
N LYS L 66 -33.42 22.02 36.21
CA LYS L 66 -34.03 23.28 35.81
C LYS L 66 -33.99 24.38 36.89
N ASP M 7 21.47 42.40 -0.58
CA ASP M 7 22.05 41.23 0.06
C ASP M 7 21.05 40.07 0.15
N GLU M 8 19.84 40.28 -0.38
CA GLU M 8 18.79 39.25 -0.32
C GLU M 8 18.44 38.72 -1.71
N TYR M 9 17.92 37.49 -1.71
CA TYR M 9 17.59 36.74 -2.93
C TYR M 9 16.31 35.94 -2.77
N ASP M 10 15.68 35.58 -3.88
CA ASP M 10 14.43 34.83 -3.83
C ASP M 10 14.70 33.33 -3.83
N TYR M 11 15.70 32.91 -4.58
CA TYR M 11 16.11 31.51 -4.61
C TYR M 11 17.63 31.42 -4.53
N LEU M 12 18.14 30.41 -3.83
CA LEU M 12 19.58 30.18 -3.83
C LEU M 12 19.87 28.78 -4.31
N PHE M 13 20.43 28.68 -5.52
CA PHE M 13 20.72 27.39 -6.15
C PHE M 13 22.20 27.05 -6.18
N LYS M 14 22.52 25.82 -5.77
CA LYS M 14 23.88 25.32 -5.85
C LYS M 14 24.11 24.58 -7.16
N VAL M 15 25.10 25.06 -7.93
CA VAL M 15 25.50 24.41 -9.19
C VAL M 15 26.98 24.00 -9.16
N VAL M 16 27.27 22.74 -9.49
CA VAL M 16 28.65 22.26 -9.47
C VAL M 16 29.23 22.17 -10.87
N LEU M 17 30.52 22.47 -10.99
CA LEU M 17 31.24 22.28 -12.25
C LEU M 17 31.97 20.95 -12.21
N ILE M 18 31.69 20.07 -13.17
CA ILE M 18 32.38 18.80 -13.23
C ILE M 18 32.88 18.57 -14.65
N GLY M 19 33.90 17.75 -14.78
CA GLY M 19 34.47 17.47 -16.08
C GLY M 19 35.96 17.25 -15.95
N ASP M 20 36.58 16.79 -17.03
CA ASP M 20 38.00 16.49 -17.03
C ASP M 20 38.86 17.67 -16.60
N SER M 21 40.02 17.36 -16.04
CA SER M 21 40.99 18.36 -15.69
C SER M 21 41.45 19.07 -16.95
N GLY M 22 41.41 20.40 -16.96
CA GLY M 22 41.89 21.17 -18.09
C GLY M 22 40.86 21.57 -19.14
N VAL M 23 39.57 21.29 -18.90
CA VAL M 23 38.53 21.62 -19.86
C VAL M 23 38.13 23.09 -19.80
N GLY M 24 38.53 23.75 -18.73
CA GLY M 24 38.32 25.18 -18.55
C GLY M 24 37.28 25.52 -17.50
N LYS M 25 37.00 24.58 -16.60
CA LYS M 25 35.99 24.78 -15.56
C LYS M 25 36.26 26.03 -14.73
N SER M 26 37.47 26.11 -14.17
CA SER M 26 37.87 27.22 -13.32
C SER M 26 37.73 28.57 -14.00
N ASN M 27 37.94 28.61 -15.31
CA ASN M 27 37.81 29.87 -16.04
C ASN M 27 36.37 30.20 -16.37
N LEU M 28 35.55 29.17 -16.56
CA LEU M 28 34.12 29.40 -16.68
C LEU M 28 33.63 30.06 -15.41
N LEU M 29 34.13 29.59 -14.27
CA LEU M 29 33.75 30.18 -12.98
C LEU M 29 34.16 31.65 -12.89
N SER M 30 35.43 31.91 -13.13
CA SER M 30 35.95 33.28 -13.02
C SER M 30 35.30 34.22 -14.04
N ARG M 31 35.02 33.72 -15.25
CA ARG M 31 34.40 34.54 -16.28
C ARG M 31 33.00 34.99 -15.91
N PHE M 32 32.20 34.05 -15.43
CA PHE M 32 30.81 34.35 -15.07
C PHE M 32 30.69 35.23 -13.82
N THR M 33 31.42 34.86 -12.77
CA THR M 33 31.31 35.53 -11.47
C THR M 33 32.14 36.81 -11.40
N ARG M 34 33.35 36.79 -11.92
CA ARG M 34 34.21 37.97 -11.84
C ARG M 34 34.64 38.52 -13.21
N ASN M 35 33.97 38.09 -14.28
CA ASN M 35 34.35 38.48 -15.65
C ASN M 35 35.87 38.47 -15.86
N GLU M 36 36.53 37.45 -15.33
CA GLU M 36 37.98 37.33 -15.50
C GLU M 36 38.35 36.00 -16.12
N PHE M 37 39.37 36.03 -16.98
CA PHE M 37 39.92 34.83 -17.59
C PHE M 37 41.41 34.77 -17.40
N ASN M 38 41.93 33.58 -17.14
CA ASN M 38 43.36 33.39 -16.94
C ASN M 38 43.91 32.33 -17.88
N LEU M 39 44.77 32.76 -18.80
CA LEU M 39 45.32 31.89 -19.82
C LEU M 39 46.27 30.88 -19.18
N GLU M 40 46.96 31.33 -18.14
CA GLU M 40 47.97 30.52 -17.49
C GLU M 40 47.50 29.81 -16.23
N SER M 41 46.20 29.91 -15.93
CA SER M 41 45.67 29.37 -14.67
C SER M 41 46.02 27.88 -14.49
N LYS M 42 46.42 27.53 -13.26
CA LYS M 42 46.85 26.17 -12.92
C LYS M 42 45.74 25.33 -12.31
N SER M 43 46.04 24.08 -12.00
CA SER M 43 45.01 23.14 -11.54
C SER M 43 44.45 23.56 -10.19
N THR M 44 43.15 23.31 -10.00
CA THR M 44 42.42 23.75 -8.82
C THR M 44 42.60 22.80 -7.64
N ILE M 45 43.13 23.32 -6.54
CA ILE M 45 43.28 22.53 -5.31
C ILE M 45 42.18 22.85 -4.32
N GLY M 46 41.72 21.82 -3.63
CA GLY M 46 40.65 21.97 -2.65
C GLY M 46 39.31 22.14 -3.30
N VAL M 47 38.46 22.95 -2.67
CA VAL M 47 37.13 23.24 -3.17
C VAL M 47 36.78 24.71 -2.99
N GLU M 48 36.17 25.31 -4.01
CA GLU M 48 35.76 26.70 -3.96
C GLU M 48 34.38 26.89 -4.52
N PHE M 49 33.82 28.06 -4.29
CA PHE M 49 32.64 28.46 -5.01
C PHE M 49 32.58 29.97 -5.04
N ALA M 50 31.99 30.50 -6.10
CA ALA M 50 31.79 31.93 -6.24
C ALA M 50 30.33 32.14 -6.51
N THR M 51 29.84 33.34 -6.26
CA THR M 51 28.41 33.60 -6.38
C THR M 51 28.09 34.73 -7.35
N ARG M 52 26.93 34.62 -7.99
CA ARG M 52 26.40 35.71 -8.80
C ARG M 52 24.89 35.63 -8.82
N SER M 53 24.24 36.79 -8.81
CA SER M 53 22.78 36.82 -8.83
C SER M 53 22.27 37.24 -10.21
N ILE M 54 21.17 36.63 -10.64
CA ILE M 54 20.60 36.94 -11.94
C ILE M 54 19.09 37.02 -11.88
N GLN M 55 18.49 37.65 -12.88
CA GLN M 55 17.04 37.78 -12.95
C GLN M 55 16.46 36.73 -13.89
N VAL M 56 15.55 35.91 -13.37
CA VAL M 56 14.88 34.89 -14.16
C VAL M 56 13.39 34.91 -13.87
N ASP M 57 12.59 35.31 -14.84
CA ASP M 57 11.14 35.40 -14.65
C ASP M 57 10.79 36.34 -13.50
N GLY M 58 11.45 37.49 -13.46
CA GLY M 58 11.16 38.49 -12.45
C GLY M 58 11.77 38.18 -11.09
N LYS M 59 12.05 36.91 -10.83
CA LYS M 59 12.63 36.54 -9.55
C LYS M 59 14.16 36.62 -9.61
N THR M 60 14.78 37.09 -8.53
CA THR M 60 16.23 37.21 -8.45
C THR M 60 16.82 35.89 -8.00
N ILE M 61 17.72 35.34 -8.82
CA ILE M 61 18.35 34.07 -8.50
C ILE M 61 19.83 34.24 -8.14
N LYS M 62 20.17 33.79 -6.93
CA LYS M 62 21.56 33.80 -6.48
C LYS M 62 22.17 32.43 -6.78
N ALA M 63 23.16 32.41 -7.66
CA ALA M 63 23.81 31.16 -8.05
C ALA M 63 25.05 30.89 -7.22
N GLN M 64 25.15 29.66 -6.71
CA GLN M 64 26.30 29.21 -5.94
C GLN M 64 27.11 28.23 -6.77
N ILE M 65 28.15 28.73 -7.42
CA ILE M 65 28.93 27.91 -8.34
C ILE M 65 30.14 27.27 -7.68
N TRP M 66 30.09 25.95 -7.51
CA TRP M 66 31.19 25.21 -6.91
C TRP M 66 32.10 24.67 -8.00
N ASP M 67 33.40 24.67 -7.70
CA ASP M 67 34.44 24.28 -8.66
C ASP M 67 35.42 23.38 -7.94
N THR M 68 36.01 22.43 -8.66
CA THR M 68 37.04 21.59 -8.07
C THR M 68 37.93 20.94 -9.12
N ALA M 69 38.97 20.26 -8.65
CA ALA M 69 39.95 19.62 -9.53
C ALA M 69 39.30 18.51 -10.36
N GLY M 70 39.55 18.56 -11.66
CA GLY M 70 39.02 17.57 -12.58
C GLY M 70 39.53 16.18 -12.27
N LEU M 71 40.66 16.11 -11.57
CA LEU M 71 41.22 14.83 -11.15
C LEU M 71 40.47 14.33 -9.93
N GLU M 72 39.82 13.18 -10.08
CA GLU M 72 39.01 12.61 -9.02
C GLU M 72 39.14 11.07 -9.01
N ARG M 73 39.10 10.49 -7.82
CA ARG M 73 39.31 9.05 -7.63
C ARG M 73 40.80 8.72 -7.67
N ALA M 76 38.37 11.17 -3.38
CA ALA M 76 37.40 11.10 -2.29
C ALA M 76 36.62 12.42 -2.13
N ILE M 77 35.98 12.57 -0.96
CA ILE M 77 35.16 13.75 -0.59
C ILE M 77 34.25 14.28 -1.71
N THR M 78 33.68 13.37 -2.49
CA THR M 78 32.87 13.81 -3.63
C THR M 78 31.44 13.96 -3.14
N SER M 79 31.08 13.16 -2.15
CA SER M 79 29.73 13.15 -1.58
C SER M 79 29.32 14.54 -1.08
N ALA M 80 30.23 15.22 -0.41
CA ALA M 80 29.96 16.57 0.09
C ALA M 80 29.74 17.55 -1.06
N TYR M 81 30.52 17.38 -2.11
CA TYR M 81 30.50 18.24 -3.28
C TYR M 81 29.14 18.24 -3.96
N TYR M 82 28.63 17.05 -4.21
CA TYR M 82 27.37 16.91 -4.94
C TYR M 82 26.17 17.19 -4.07
N ARG M 83 26.35 17.10 -2.75
CA ARG M 83 25.24 17.31 -1.83
C ARG M 83 24.57 18.67 -2.04
N GLY M 84 23.25 18.63 -2.21
CA GLY M 84 22.46 19.84 -2.34
C GLY M 84 22.60 20.53 -3.70
N ALA M 85 23.42 19.94 -4.56
CA ALA M 85 23.60 20.51 -5.88
C ALA M 85 22.35 20.20 -6.69
N VAL M 86 21.73 21.24 -7.26
CA VAL M 86 20.52 21.06 -8.03
C VAL M 86 20.75 21.20 -9.55
N GLY M 87 21.95 21.60 -9.93
CA GLY M 87 22.31 21.76 -11.32
C GLY M 87 23.79 21.48 -11.50
N ALA M 88 24.16 21.01 -12.69
CA ALA M 88 25.56 20.68 -12.96
C ALA M 88 25.98 21.04 -14.39
N LEU M 89 27.13 21.69 -14.50
CA LEU M 89 27.71 21.97 -15.80
C LEU M 89 28.79 20.94 -16.09
N LEU M 90 28.46 19.99 -16.97
CA LEU M 90 29.37 18.92 -17.34
C LEU M 90 30.23 19.41 -18.50
N VAL M 91 31.51 19.62 -18.23
CA VAL M 91 32.36 20.32 -19.19
C VAL M 91 33.37 19.43 -19.90
N TYR M 92 33.50 19.63 -21.20
CA TYR M 92 34.53 18.98 -21.97
C TYR M 92 35.28 20.01 -22.81
N ASP M 93 36.45 19.61 -23.31
CA ASP M 93 37.26 20.48 -24.12
C ASP M 93 36.97 20.21 -25.59
N ILE M 94 36.41 21.21 -26.25
CA ILE M 94 36.05 21.11 -27.67
C ILE M 94 37.19 20.60 -28.54
N ALA M 95 38.42 20.96 -28.17
CA ALA M 95 39.61 20.67 -28.98
C ALA M 95 40.39 19.41 -28.57
N LYS M 96 39.98 18.75 -27.49
CA LYS M 96 40.60 17.49 -27.08
C LYS M 96 39.54 16.41 -26.95
N HIS M 97 39.48 15.52 -27.92
CA HIS M 97 38.41 14.54 -28.02
C HIS M 97 38.28 13.68 -26.77
N LEU M 98 39.40 13.36 -26.14
CA LEU M 98 39.37 12.45 -24.99
C LEU M 98 38.47 12.98 -23.88
N THR M 99 38.45 14.30 -23.70
CA THR M 99 37.65 14.91 -22.65
C THR M 99 36.15 14.78 -22.96
N TYR M 100 35.84 14.60 -24.24
CA TYR M 100 34.47 14.32 -24.63
C TYR M 100 34.17 12.84 -24.40
N GLU M 101 35.13 11.99 -24.78
CA GLU M 101 35.00 10.55 -24.59
C GLU M 101 34.68 10.25 -23.13
N ASN M 102 35.35 10.95 -22.23
CA ASN M 102 35.16 10.74 -20.81
C ASN M 102 33.84 11.33 -20.28
N VAL M 103 33.07 11.98 -21.14
CA VAL M 103 31.81 12.55 -20.67
C VAL M 103 30.89 11.49 -20.05
N GLU M 104 30.93 10.27 -20.57
CA GLU M 104 30.13 9.18 -19.99
C GLU M 104 30.55 8.87 -18.56
N ARG M 105 31.85 8.86 -18.29
CA ARG M 105 32.32 8.54 -16.95
C ARG M 105 31.82 9.58 -15.96
N TRP M 106 31.77 10.83 -16.40
CA TRP M 106 31.30 11.94 -15.56
C TRP M 106 29.78 11.89 -15.35
N LEU M 107 29.04 11.55 -16.39
CA LEU M 107 27.60 11.34 -16.24
C LEU M 107 27.34 10.20 -15.29
N LYS M 108 28.23 9.22 -15.29
CA LYS M 108 28.13 8.08 -14.40
C LYS M 108 28.24 8.50 -12.93
N GLU M 109 29.31 9.22 -12.62
CA GLU M 109 29.53 9.72 -11.26
C GLU M 109 28.37 10.61 -10.80
N LEU M 110 27.83 11.36 -11.74
CA LEU M 110 26.73 12.28 -11.48
C LEU M 110 25.47 11.52 -11.06
N ARG M 111 25.16 10.46 -11.79
CA ARG M 111 23.96 9.68 -11.50
C ARG M 111 24.16 8.79 -10.28
N ASP M 112 25.39 8.75 -9.76
CA ASP M 112 25.74 7.87 -8.65
C ASP M 112 25.82 8.60 -7.32
N HIS M 113 26.59 9.68 -7.26
CA HIS M 113 26.84 10.33 -5.97
C HIS M 113 25.96 11.56 -5.78
N ALA M 114 25.23 11.94 -6.83
CA ALA M 114 24.36 13.12 -6.79
C ALA M 114 22.91 12.74 -6.95
N ASP M 115 22.03 13.62 -6.47
CA ASP M 115 20.58 13.44 -6.61
C ASP M 115 20.11 13.34 -8.06
N SER M 116 19.03 12.59 -8.28
CA SER M 116 18.37 12.59 -9.57
C SER M 116 17.65 13.91 -9.76
N ASN M 117 17.03 14.10 -10.92
CA ASN M 117 16.29 15.34 -11.18
C ASN M 117 17.21 16.56 -11.25
N ILE M 118 18.50 16.35 -10.99
CA ILE M 118 19.49 17.41 -11.08
C ILE M 118 19.60 17.88 -12.53
N VAL M 119 19.46 19.19 -12.75
CA VAL M 119 19.59 19.74 -14.09
C VAL M 119 21.04 19.66 -14.54
N ILE M 120 21.26 19.04 -15.68
CA ILE M 120 22.61 18.88 -16.22
C ILE M 120 22.77 19.56 -17.58
N MET M 121 23.78 20.42 -17.70
CA MET M 121 24.08 21.01 -18.99
C MET M 121 25.46 20.59 -19.48
N LEU M 122 25.53 20.19 -20.75
CA LEU M 122 26.80 19.81 -21.36
C LEU M 122 27.46 20.99 -22.06
N VAL M 123 28.71 21.25 -21.69
CA VAL M 123 29.55 22.30 -22.28
C VAL M 123 30.90 21.64 -22.59
N GLY M 124 31.47 21.76 -23.79
CA GLY M 124 31.07 22.69 -24.82
C GLY M 124 32.10 23.83 -24.87
N ASN M 125 33.22 23.68 -24.18
CA ASN M 125 34.13 24.84 -23.97
C ASN M 125 35.41 24.90 -24.82
N LYS M 126 36.01 26.09 -24.81
CA LYS M 126 37.18 26.44 -25.61
C LYS M 126 36.81 26.49 -27.07
N SER M 127 35.60 26.99 -27.33
CA SER M 127 35.10 27.12 -28.69
C SER M 127 35.91 28.13 -29.47
N ASP M 128 36.74 28.90 -28.77
CA ASP M 128 37.50 29.94 -29.42
C ASP M 128 38.56 29.31 -30.30
N LEU M 129 38.87 28.03 -30.09
CA LEU M 129 39.86 27.39 -30.93
C LEU M 129 39.19 26.72 -32.11
N ARG M 130 39.22 27.41 -33.26
CA ARG M 130 38.45 27.02 -34.42
C ARG M 130 39.13 25.99 -35.30
N HIS M 131 40.45 26.05 -35.36
CA HIS M 131 41.21 25.18 -36.23
C HIS M 131 41.57 23.86 -35.54
N LEU M 132 41.39 23.83 -34.22
CA LEU M 132 41.77 22.65 -33.44
C LEU M 132 40.61 21.73 -33.03
N ARG M 133 39.38 22.05 -33.44
CA ARG M 133 38.20 21.32 -32.97
C ARG M 133 38.28 19.82 -33.24
N ALA M 134 38.22 19.00 -32.19
CA ALA M 134 38.12 17.54 -32.38
C ALA M 134 36.72 16.98 -32.17
N VAL M 135 35.79 17.82 -31.72
CA VAL M 135 34.47 17.34 -31.33
C VAL M 135 33.36 18.20 -31.93
N PRO M 136 32.87 17.82 -33.12
CA PRO M 136 31.85 18.52 -33.90
C PRO M 136 30.55 18.73 -33.13
N THR M 137 29.99 19.93 -33.24
CA THR M 137 28.82 20.30 -32.45
C THR M 137 27.68 19.31 -32.58
N ASP M 138 27.47 18.80 -33.79
CA ASP M 138 26.35 17.91 -34.06
C ASP M 138 26.41 16.64 -33.21
N GLU M 139 27.59 16.03 -33.16
CA GLU M 139 27.76 14.78 -32.41
C GLU M 139 27.44 15.02 -30.94
N ALA M 140 27.84 16.18 -30.43
CA ALA M 140 27.62 16.51 -29.03
C ALA M 140 26.18 16.89 -28.77
N ARG M 141 25.67 17.81 -29.60
CA ARG M 141 24.30 18.28 -29.48
C ARG M 141 23.36 17.10 -29.44
N ALA M 142 23.61 16.14 -30.32
CA ALA M 142 22.82 14.93 -30.39
C ALA M 142 22.95 14.09 -29.13
N PHE M 143 24.19 13.83 -28.71
CA PHE M 143 24.44 13.01 -27.53
C PHE M 143 23.72 13.59 -26.33
N ALA M 144 23.66 14.90 -26.27
CA ALA M 144 23.01 15.61 -25.17
C ALA M 144 21.51 15.31 -25.18
N GLU M 145 20.90 15.44 -26.36
CA GLU M 145 19.45 15.28 -26.50
C GLU M 145 19.00 13.89 -26.10
N LYS M 146 19.81 12.89 -26.45
CA LYS M 146 19.49 11.50 -26.16
C LYS M 146 19.61 11.24 -24.68
N ASN M 147 20.47 12.00 -24.02
CA ASN M 147 20.69 11.79 -22.59
C ASN M 147 19.97 12.81 -21.73
N GLY M 148 19.14 13.64 -22.34
CA GLY M 148 18.32 14.57 -21.59
C GLY M 148 19.09 15.72 -20.97
N LEU M 149 20.03 16.25 -21.73
CA LEU M 149 20.86 17.37 -21.28
C LEU M 149 20.65 18.59 -22.18
N SER M 150 20.65 19.79 -21.59
CA SER M 150 20.72 20.99 -22.40
C SER M 150 22.14 21.05 -22.95
N PHE M 151 22.38 21.85 -23.98
CA PHE M 151 23.71 21.87 -24.55
C PHE M 151 24.08 23.23 -25.10
N ILE M 152 25.33 23.62 -24.89
CA ILE M 152 25.84 24.86 -25.45
C ILE M 152 27.36 24.82 -25.55
N GLU M 153 27.90 25.61 -26.47
CA GLU M 153 29.34 25.72 -26.63
C GLU M 153 29.82 27.11 -26.20
N THR M 154 30.81 27.13 -25.33
CA THR M 154 31.27 28.37 -24.73
C THR M 154 32.75 28.59 -24.96
N SER M 155 33.18 29.84 -24.85
CA SER M 155 34.60 30.12 -24.77
C SER M 155 34.80 31.03 -23.57
N ALA M 156 35.47 30.51 -22.54
CA ALA M 156 35.75 31.31 -21.35
C ALA M 156 36.67 32.44 -21.73
N LEU M 157 37.47 32.19 -22.76
CA LEU M 157 38.46 33.16 -23.21
C LEU M 157 37.84 34.41 -23.86
N ASP M 158 36.98 34.23 -24.85
CA ASP M 158 36.34 35.36 -25.51
C ASP M 158 34.92 35.62 -24.99
N SER M 159 34.51 34.86 -23.98
CA SER M 159 33.27 35.13 -23.22
C SER M 159 32.02 34.59 -23.88
N THR M 160 32.14 34.09 -25.10
CA THR M 160 30.97 33.68 -25.85
C THR M 160 30.13 32.65 -25.10
N ASN M 161 28.84 32.94 -24.95
CA ASN M 161 27.89 31.99 -24.39
C ASN M 161 28.12 31.61 -22.94
N VAL M 162 29.15 32.18 -22.33
CA VAL M 162 29.42 31.93 -20.92
C VAL M 162 28.25 32.42 -20.08
N GLU M 163 27.86 33.65 -20.36
CA GLU M 163 26.69 34.24 -19.72
C GLU M 163 25.44 33.40 -19.97
N ALA M 164 25.18 33.14 -21.25
CA ALA M 164 24.02 32.39 -21.72
C ALA M 164 23.93 31.01 -21.08
N ALA M 165 25.09 30.37 -20.94
CA ALA M 165 25.15 29.02 -20.41
C ALA M 165 24.59 28.96 -19.00
N PHE M 166 25.05 29.86 -18.14
CA PHE M 166 24.60 29.89 -16.76
C PHE M 166 23.17 30.33 -16.66
N GLN M 167 22.81 31.35 -17.43
CA GLN M 167 21.45 31.82 -17.47
C GLN M 167 20.47 30.72 -17.85
N THR M 168 20.88 29.87 -18.79
CA THR M 168 20.01 28.81 -19.28
C THR M 168 19.74 27.74 -18.23
N ILE M 169 20.81 27.16 -17.68
CA ILE M 169 20.66 26.07 -16.72
C ILE M 169 19.95 26.54 -15.46
N LEU M 170 20.15 27.82 -15.14
CA LEU M 170 19.52 28.42 -13.97
C LEU M 170 18.01 28.57 -14.16
N THR M 171 17.59 28.97 -15.37
CA THR M 171 16.17 29.13 -15.62
C THR M 171 15.44 27.76 -15.66
N GLU M 172 16.12 26.73 -16.16
CA GLU M 172 15.52 25.39 -16.15
C GLU M 172 15.34 24.88 -14.73
N ILE M 173 16.25 25.26 -13.84
CA ILE M 173 16.17 24.86 -12.44
C ILE M 173 15.06 25.61 -11.75
N TYR M 174 14.88 26.87 -12.13
CA TYR M 174 13.81 27.71 -11.63
C TYR M 174 12.47 27.05 -11.95
N ARG M 175 12.32 26.68 -13.22
CA ARG M 175 11.07 26.13 -13.73
C ARG M 175 10.71 24.87 -12.97
N ILE M 176 11.71 24.05 -12.67
CA ILE M 176 11.48 22.80 -11.96
C ILE M 176 11.05 23.03 -10.51
N VAL M 177 11.61 24.06 -9.89
CA VAL M 177 11.31 24.36 -8.48
C VAL M 177 9.96 25.05 -8.32
N SER M 178 9.56 25.82 -9.33
CA SER M 178 8.28 26.49 -9.34
C SER M 178 7.14 25.47 -9.46
N GLN M 179 7.38 24.40 -10.22
CA GLN M 179 6.39 23.36 -10.43
C GLN M 179 6.07 22.68 -9.11
N LYS M 180 7.05 22.72 -8.20
CA LYS M 180 6.89 22.24 -6.83
C LYS M 180 5.92 23.11 -6.01
N GLN M 181 5.63 24.31 -6.51
CA GLN M 181 4.69 25.22 -5.83
C GLN M 181 3.27 24.67 -5.81
N MET M 182 3.00 23.66 -6.62
CA MET M 182 1.71 22.99 -6.63
C MET M 182 1.71 21.77 -5.69
N ILE N 25 77.94 9.75 -33.10
CA ILE N 25 76.96 10.43 -32.25
C ILE N 25 76.99 11.95 -32.48
N VAL N 26 75.82 12.58 -32.34
CA VAL N 26 75.69 14.03 -32.44
C VAL N 26 74.69 14.56 -31.40
N LYS N 27 74.98 15.73 -30.82
CA LYS N 27 74.11 16.28 -29.78
C LYS N 27 73.21 17.39 -30.32
N ASP N 28 71.98 17.44 -29.80
CA ASP N 28 71.00 18.44 -30.20
C ASP N 28 71.01 19.62 -29.27
N CYS N 29 71.38 20.80 -29.77
CA CYS N 29 71.43 21.99 -28.94
C CYS N 29 70.56 23.09 -29.53
N LYS N 30 70.43 24.20 -28.79
CA LYS N 30 69.77 25.38 -29.32
C LYS N 30 70.44 26.62 -28.74
N GLU N 31 70.59 27.65 -29.58
CA GLU N 31 71.15 28.92 -29.15
C GLU N 31 70.37 30.07 -29.80
N ALA N 32 69.95 31.04 -28.99
CA ALA N 32 69.13 32.12 -29.50
C ALA N 32 69.89 32.97 -30.52
N ASP N 33 69.27 33.16 -31.67
CA ASP N 33 69.80 34.06 -32.69
C ASP N 33 69.64 35.51 -32.26
N LEU N 34 70.75 36.18 -31.99
CA LEU N 34 70.73 37.53 -31.42
C LEU N 34 69.91 38.51 -32.26
N SER N 35 70.05 38.41 -33.58
CA SER N 35 69.32 39.28 -34.49
C SER N 35 67.80 39.14 -34.39
N LEU N 36 67.31 37.91 -34.43
CA LEU N 36 65.89 37.60 -34.37
C LEU N 36 65.34 37.93 -32.99
N TYR N 37 66.18 37.72 -31.99
CA TYR N 37 65.82 37.88 -30.59
C TYR N 37 65.53 39.33 -30.20
N ASN N 38 66.41 40.25 -30.58
CA ASN N 38 66.19 41.66 -30.30
C ASN N 38 64.95 42.15 -31.03
N GLU N 39 64.81 41.71 -32.27
CA GLU N 39 63.65 42.05 -33.06
C GLU N 39 62.37 41.64 -32.34
N PHE N 40 62.40 40.45 -31.75
CA PHE N 40 61.22 39.94 -31.08
C PHE N 40 60.94 40.72 -29.81
N ARG N 41 61.95 40.84 -28.97
CA ARG N 41 61.80 41.49 -27.68
C ARG N 41 61.27 42.92 -27.85
N LEU N 42 61.59 43.54 -28.97
CA LEU N 42 61.09 44.87 -29.30
C LEU N 42 59.60 44.78 -29.66
N TRP N 43 59.26 43.83 -30.52
CA TRP N 43 57.86 43.62 -30.86
C TRP N 43 57.06 43.26 -29.61
N LYS N 44 57.67 42.45 -28.76
CA LYS N 44 57.05 42.00 -27.52
C LYS N 44 56.70 43.19 -26.62
N ASP N 45 57.54 44.21 -26.65
CA ASP N 45 57.36 45.38 -25.79
C ASP N 45 56.27 46.32 -26.31
N GLU N 46 56.00 46.24 -27.61
CA GLU N 46 54.91 47.01 -28.21
C GLU N 46 54.23 46.20 -29.30
N PRO N 47 53.46 45.20 -28.88
CA PRO N 47 52.78 44.22 -29.73
C PRO N 47 51.85 44.85 -30.75
N THR N 48 51.89 44.33 -31.97
CA THR N 48 50.94 44.71 -33.00
C THR N 48 50.67 43.51 -33.91
N MET N 49 49.45 43.43 -34.44
CA MET N 49 49.09 42.36 -35.36
C MET N 49 49.33 42.82 -36.79
N ASP N 50 49.90 44.03 -36.91
CA ASP N 50 50.14 44.64 -38.21
C ASP N 50 51.08 43.84 -39.08
N ARG N 51 50.60 43.53 -40.27
CA ARG N 51 51.32 42.75 -41.27
C ARG N 51 52.64 43.39 -41.70
N THR N 52 52.73 44.71 -41.54
CA THR N 52 53.83 45.44 -42.14
C THR N 52 55.03 45.71 -41.23
N CYS N 53 54.94 45.33 -39.96
CA CYS N 53 56.06 45.54 -39.04
C CYS N 53 57.20 44.59 -39.38
N PRO N 54 58.41 44.87 -38.88
CA PRO N 54 59.59 44.07 -39.18
C PRO N 54 59.40 42.61 -38.81
N PHE N 55 58.89 42.41 -37.59
CA PHE N 55 58.67 41.10 -37.00
C PHE N 55 57.76 40.20 -37.81
N LEU N 56 56.56 40.68 -38.11
CA LEU N 56 55.59 39.89 -38.83
C LEU N 56 55.95 39.77 -40.30
N ASP N 57 56.61 40.79 -40.85
CA ASP N 57 56.95 40.76 -42.26
C ASP N 57 57.90 39.60 -42.52
N LYS N 58 58.94 39.48 -41.70
CA LYS N 58 59.91 38.40 -41.87
C LYS N 58 59.20 37.06 -41.86
N ILE N 59 58.41 36.82 -40.82
CA ILE N 59 57.71 35.55 -40.66
C ILE N 59 56.69 35.33 -41.77
N TYR N 60 56.07 36.41 -42.25
CA TYR N 60 55.14 36.28 -43.37
C TYR N 60 55.88 35.79 -44.62
N GLN N 61 57.02 36.40 -44.91
CA GLN N 61 57.76 36.09 -46.11
C GLN N 61 58.45 34.74 -46.06
N GLU N 62 59.08 34.46 -44.93
CA GLU N 62 59.87 33.26 -44.76
C GLU N 62 59.03 32.04 -44.40
N ASP N 63 57.93 32.25 -43.68
CA ASP N 63 57.17 31.13 -43.13
C ASP N 63 55.72 31.04 -43.63
N ILE N 64 54.93 32.09 -43.41
CA ILE N 64 53.49 31.99 -43.66
C ILE N 64 53.13 31.82 -45.13
N PHE N 65 53.65 32.72 -45.97
CA PHE N 65 53.29 32.73 -47.39
C PHE N 65 53.65 31.42 -48.07
N PRO N 66 54.88 30.94 -47.86
CA PRO N 66 55.23 29.62 -48.41
C PRO N 66 54.38 28.46 -47.86
N CYS N 67 54.01 28.50 -46.58
CA CYS N 67 53.18 27.45 -45.98
C CYS N 67 51.79 27.37 -46.60
N LEU N 68 51.22 28.53 -46.92
CA LEU N 68 49.86 28.60 -47.45
C LEU N 68 49.85 28.67 -48.97
N THR N 69 50.93 28.21 -49.60
CA THR N 69 51.01 28.11 -51.04
C THR N 69 50.48 26.76 -51.52
N PHE N 70 49.39 26.80 -52.28
CA PHE N 70 48.75 25.57 -52.72
C PHE N 70 48.41 25.62 -54.21
N SER N 71 47.98 24.47 -54.74
CA SER N 71 47.66 24.33 -56.16
C SER N 71 46.51 25.23 -56.59
N LYS N 72 45.37 25.08 -55.95
CA LYS N 72 44.21 25.93 -56.28
C LYS N 72 44.42 27.30 -55.63
N SER N 73 45.05 28.21 -56.38
CA SER N 73 45.56 29.46 -55.80
C SER N 73 44.45 30.42 -55.40
N GLU N 74 43.27 30.22 -55.96
CA GLU N 74 42.12 31.06 -55.65
C GLU N 74 41.66 30.83 -54.21
N LEU N 75 41.48 29.57 -53.85
CA LEU N 75 41.04 29.19 -52.52
C LEU N 75 42.09 29.56 -51.48
N ALA N 76 43.36 29.45 -51.89
CA ALA N 76 44.48 29.72 -51.00
C ALA N 76 44.49 31.15 -50.46
N SER N 77 44.40 32.13 -51.37
CA SER N 77 44.44 33.53 -50.97
C SER N 77 43.21 33.82 -50.11
N ALA N 78 42.18 33.01 -50.28
CA ALA N 78 40.98 33.12 -49.46
C ALA N 78 41.24 32.61 -48.06
N VAL N 79 41.97 31.50 -47.95
CA VAL N 79 42.32 30.91 -46.66
C VAL N 79 43.24 31.80 -45.82
N LEU N 80 44.28 32.36 -46.45
CA LEU N 80 45.20 33.26 -45.77
C LEU N 80 44.40 34.38 -45.11
N GLU N 81 43.38 34.83 -45.82
CA GLU N 81 42.51 35.90 -45.36
C GLU N 81 41.70 35.43 -44.16
N ALA N 82 41.23 34.19 -44.23
CA ALA N 82 40.46 33.59 -43.15
C ALA N 82 41.31 33.41 -41.90
N VAL N 83 42.56 33.01 -42.09
CA VAL N 83 43.48 32.72 -40.99
C VAL N 83 43.82 33.99 -40.21
N GLU N 84 44.04 35.08 -40.93
CA GLU N 84 44.34 36.36 -40.29
C GLU N 84 43.19 36.82 -39.42
N ASN N 85 41.96 36.46 -39.79
CA ASN N 85 40.78 36.91 -39.07
C ASN N 85 40.30 35.95 -37.99
N ASN N 86 40.96 34.80 -37.89
CA ASN N 86 40.53 33.75 -36.96
C ASN N 86 39.10 33.35 -37.33
N THR N 87 38.77 33.58 -38.60
CA THR N 87 37.46 33.24 -39.16
C THR N 87 37.51 31.86 -39.80
N LEU N 88 38.71 31.30 -39.87
CA LEU N 88 38.91 29.95 -40.41
C LEU N 88 38.53 28.92 -39.37
N SER N 89 38.01 27.78 -39.81
CA SER N 89 37.69 26.70 -38.88
C SER N 89 37.94 25.36 -39.52
N ILE N 90 38.34 24.39 -38.71
CA ILE N 90 38.69 23.06 -39.19
C ILE N 90 37.95 22.01 -38.38
N GLU N 91 37.13 21.22 -39.05
CA GLU N 91 36.41 20.15 -38.38
C GLU N 91 36.88 18.78 -38.83
N PRO N 92 36.78 17.79 -37.94
CA PRO N 92 36.95 16.42 -38.41
C PRO N 92 35.63 16.03 -39.06
N VAL N 93 35.59 14.89 -39.73
CA VAL N 93 34.34 14.48 -40.37
C VAL N 93 34.06 12.99 -40.11
N GLY N 94 33.44 12.70 -38.98
CA GLY N 94 33.03 11.34 -38.65
C GLY N 94 31.73 10.93 -39.34
N VAL N 101 24.89 14.83 -50.94
CA VAL N 101 25.83 15.91 -51.13
C VAL N 101 25.21 17.06 -51.92
N LYS N 102 24.60 17.99 -51.21
CA LYS N 102 24.02 19.18 -51.83
C LYS N 102 25.12 20.07 -52.41
N ALA N 103 26.33 19.96 -51.86
CA ALA N 103 27.49 20.72 -52.33
C ALA N 103 28.14 20.05 -53.55
N SER N 104 29.34 20.51 -53.91
CA SER N 104 29.98 20.03 -55.12
C SER N 104 31.41 19.61 -54.88
N ALA N 105 31.69 18.33 -55.13
CA ALA N 105 33.01 17.75 -54.91
C ALA N 105 34.05 18.37 -55.85
N VAL N 106 33.60 19.23 -56.77
CA VAL N 106 34.50 19.84 -57.74
C VAL N 106 35.32 20.94 -57.05
N GLU N 107 34.65 21.97 -56.55
CA GLU N 107 35.33 23.02 -55.81
C GLU N 107 35.55 22.58 -54.37
N CYS N 108 34.46 22.31 -53.67
CA CYS N 108 34.49 21.80 -52.29
C CYS N 108 35.43 20.61 -52.06
N GLY N 109 35.71 19.84 -53.11
CA GLY N 109 36.52 18.63 -52.96
C GLY N 109 35.77 17.53 -52.22
N GLY N 110 36.43 16.40 -51.97
CA GLY N 110 35.78 15.29 -51.30
C GLY N 110 36.72 14.36 -50.53
N PRO N 111 36.15 13.34 -49.87
CA PRO N 111 36.90 12.42 -49.00
C PRO N 111 38.14 11.81 -49.65
N LYS N 112 38.08 11.57 -50.96
CA LYS N 112 39.25 11.03 -51.65
C LYS N 112 40.09 12.09 -52.40
N LYS N 113 39.64 13.34 -52.43
CA LYS N 113 40.36 14.37 -53.17
C LYS N 113 40.40 15.72 -52.45
N CYS N 114 41.60 16.26 -52.24
CA CYS N 114 41.77 17.52 -51.52
C CYS N 114 41.40 18.74 -52.37
N ALA N 115 40.82 19.74 -51.72
CA ALA N 115 40.39 20.97 -52.39
C ALA N 115 41.56 21.92 -52.69
N LEU N 116 42.51 22.00 -51.77
CA LEU N 116 43.70 22.85 -51.92
C LEU N 116 44.70 22.24 -52.90
N THR N 117 45.17 21.03 -52.63
CA THR N 117 46.01 20.32 -53.60
C THR N 117 45.16 19.29 -54.33
N GLY N 118 45.39 19.13 -55.63
CA GLY N 118 44.54 18.27 -56.43
C GLY N 118 44.72 16.81 -56.10
N GLN N 119 45.59 16.55 -55.13
CA GLN N 119 46.04 15.20 -54.79
C GLN N 119 44.89 14.29 -54.39
N SER N 120 45.04 13.00 -54.64
CA SER N 120 44.06 12.03 -54.18
C SER N 120 44.60 11.35 -52.95
N LYS N 121 44.00 11.70 -51.82
CA LYS N 121 44.40 11.20 -50.52
C LYS N 121 43.16 11.16 -49.67
N SER N 122 43.18 10.39 -48.58
CA SER N 122 41.99 10.36 -47.73
C SER N 122 41.95 11.65 -46.94
N CYS N 123 40.88 12.42 -47.11
CA CYS N 123 40.74 13.69 -46.41
C CYS N 123 39.79 13.51 -45.23
N LYS N 124 40.33 13.67 -44.03
CA LYS N 124 39.57 13.40 -42.82
C LYS N 124 39.08 14.68 -42.17
N HIS N 125 39.47 15.82 -42.74
CA HIS N 125 39.07 17.13 -42.21
C HIS N 125 38.53 18.06 -43.28
N ARG N 126 37.73 19.02 -42.83
CA ARG N 126 37.11 20.03 -43.68
C ARG N 126 37.37 21.41 -43.10
N ILE N 127 37.80 22.34 -43.94
CA ILE N 127 38.02 23.70 -43.45
C ILE N 127 36.83 24.56 -43.85
N LYS N 128 36.50 25.54 -43.01
CA LYS N 128 35.40 26.43 -43.34
C LYS N 128 35.82 27.88 -43.16
N LEU N 129 35.72 28.62 -44.26
CA LEU N 129 36.07 30.03 -44.29
C LEU N 129 34.89 30.85 -43.83
N GLY N 130 34.23 30.38 -42.77
CA GLY N 130 33.02 31.00 -42.27
C GLY N 130 33.17 32.48 -41.99
N ASP N 131 32.05 33.18 -41.88
CA ASP N 131 30.75 32.52 -41.76
C ASP N 131 30.22 31.96 -43.08
N SER N 132 29.44 30.90 -42.97
CA SER N 132 28.88 30.16 -44.10
C SER N 132 29.88 29.55 -45.10
N SER N 133 29.70 29.93 -46.35
CA SER N 133 30.49 29.44 -47.49
C SER N 133 30.44 27.92 -47.66
N ASN N 134 31.58 27.38 -48.11
CA ASN N 134 31.72 25.95 -48.39
C ASN N 134 32.60 25.16 -47.42
N TYR N 135 32.18 23.96 -47.04
CA TYR N 135 33.10 23.09 -46.31
C TYR N 135 33.99 22.46 -47.36
N TYR N 136 35.30 22.71 -47.26
CA TYR N 136 36.26 22.13 -48.20
C TYR N 136 37.06 20.98 -47.60
N TYR N 137 37.10 19.86 -48.30
CA TYR N 137 37.89 18.73 -47.83
C TYR N 137 39.38 19.05 -47.98
N ILE N 138 40.15 18.56 -47.01
CA ILE N 138 41.55 18.92 -46.87
C ILE N 138 42.41 17.69 -46.59
N SER N 139 43.56 17.62 -47.26
CA SER N 139 44.49 16.53 -47.02
C SER N 139 45.20 16.71 -45.68
N PRO N 140 45.68 15.59 -45.10
CA PRO N 140 46.42 15.62 -43.83
C PRO N 140 47.61 16.57 -43.88
N PHE N 141 48.26 16.63 -45.05
CA PHE N 141 49.39 17.51 -45.29
C PHE N 141 49.00 18.98 -45.17
N CYS N 142 47.88 19.36 -45.77
CA CYS N 142 47.39 20.74 -45.64
C CYS N 142 47.02 21.12 -44.22
N ARG N 143 46.34 20.21 -43.54
CA ARG N 143 45.85 20.49 -42.20
C ARG N 143 47.04 20.82 -41.33
N TYR N 144 48.12 20.06 -41.50
CA TYR N 144 49.32 20.30 -40.73
C TYR N 144 49.85 21.68 -41.02
N ARG N 145 49.87 22.04 -42.30
CA ARG N 145 50.34 23.36 -42.72
C ARG N 145 49.46 24.50 -42.22
N ILE N 146 48.14 24.34 -42.34
CA ILE N 146 47.25 25.42 -41.95
C ILE N 146 47.24 25.60 -40.42
N THR N 147 47.11 24.51 -39.68
CA THR N 147 47.09 24.59 -38.23
C THR N 147 48.42 25.15 -37.71
N SER N 148 49.51 24.78 -38.38
CA SER N 148 50.83 25.27 -38.00
C SER N 148 50.87 26.79 -38.05
N VAL N 149 50.27 27.35 -39.09
CA VAL N 149 50.18 28.79 -39.28
C VAL N 149 49.12 29.38 -38.34
N CYS N 150 47.99 28.69 -38.20
CA CYS N 150 46.96 29.13 -37.29
C CYS N 150 47.47 29.20 -35.85
N ASN N 151 48.34 28.26 -35.48
CA ASN N 151 48.90 28.23 -34.13
C ASN N 151 49.72 29.47 -33.81
N PHE N 152 50.48 29.91 -34.81
CA PHE N 152 51.32 31.08 -34.67
C PHE N 152 50.49 32.33 -34.37
N PHE N 153 49.45 32.54 -35.17
CA PHE N 153 48.60 33.70 -35.01
C PHE N 153 47.90 33.73 -33.66
N THR N 154 47.40 32.57 -33.20
CA THR N 154 46.72 32.48 -31.91
C THR N 154 47.65 32.90 -30.78
N TYR N 155 48.89 32.45 -30.83
CA TYR N 155 49.86 32.80 -29.80
C TYR N 155 50.29 34.24 -29.95
N ILE N 156 50.48 34.67 -31.19
CA ILE N 156 50.83 36.04 -31.45
C ILE N 156 49.73 36.96 -30.91
N ARG N 157 48.48 36.61 -31.20
CA ARG N 157 47.37 37.40 -30.73
C ARG N 157 47.31 37.42 -29.20
N TYR N 158 47.59 36.29 -28.58
CA TYR N 158 47.61 36.22 -27.12
C TYR N 158 48.60 37.24 -26.54
N ILE N 159 49.67 37.50 -27.27
CA ILE N 159 50.69 38.41 -26.79
C ILE N 159 50.28 39.87 -26.99
N GLN N 160 49.75 40.17 -28.17
CA GLN N 160 49.34 41.52 -28.50
C GLN N 160 48.21 41.96 -27.58
N GLN N 161 47.37 41.00 -27.17
CA GLN N 161 46.30 41.33 -26.24
C GLN N 161 46.75 41.14 -24.80
N GLY N 162 48.06 41.09 -24.60
CA GLY N 162 48.64 40.86 -23.28
C GLY N 162 48.02 39.76 -22.44
N LEU N 163 47.64 38.66 -23.08
CA LEU N 163 47.00 37.56 -22.38
C LEU N 163 48.06 36.66 -21.75
N VAL N 164 49.31 36.91 -22.14
CA VAL N 164 50.43 36.18 -21.57
C VAL N 164 51.18 37.01 -20.55
N LYS N 165 51.01 36.62 -19.29
CA LYS N 165 51.53 37.35 -18.15
C LYS N 165 52.75 36.64 -17.52
N GLN N 166 52.55 35.38 -17.16
CA GLN N 166 53.47 34.67 -16.28
C GLN N 166 54.62 34.00 -17.01
N GLN N 167 54.68 34.21 -18.32
CA GLN N 167 55.73 33.66 -19.13
C GLN N 167 56.76 34.75 -19.45
N ASP N 168 58.02 34.55 -19.05
CA ASP N 168 59.06 35.55 -19.34
C ASP N 168 59.40 35.61 -20.82
N VAL N 169 60.04 36.69 -21.25
CA VAL N 169 60.37 36.89 -22.65
C VAL N 169 61.28 35.78 -23.21
N ASP N 170 62.18 35.23 -22.40
CA ASP N 170 63.03 34.15 -22.89
C ASP N 170 62.21 32.92 -23.28
N GLN N 171 61.27 32.53 -22.44
CA GLN N 171 60.37 31.44 -22.82
C GLN N 171 59.52 31.81 -24.03
N MET N 172 59.00 33.04 -24.04
CA MET N 172 58.15 33.50 -25.14
C MET N 172 58.88 33.51 -26.48
N PHE N 173 60.13 33.95 -26.48
CA PHE N 173 60.90 33.96 -27.71
C PHE N 173 60.96 32.55 -28.26
N TRP N 174 61.39 31.63 -27.41
CA TRP N 174 61.58 30.24 -27.84
C TRP N 174 60.28 29.52 -28.17
N GLU N 175 59.15 30.02 -27.68
CA GLU N 175 57.88 29.46 -28.09
C GLU N 175 57.60 29.87 -29.54
N VAL N 176 57.90 31.11 -29.86
CA VAL N 176 57.71 31.59 -31.22
C VAL N 176 58.65 30.85 -32.16
N MET N 177 59.86 30.58 -31.69
CA MET N 177 60.81 29.82 -32.50
C MET N 177 60.27 28.43 -32.79
N GLN N 178 59.67 27.80 -31.79
CA GLN N 178 59.05 26.49 -31.97
C GLN N 178 57.96 26.59 -33.03
N LEU N 179 57.09 27.58 -32.89
CA LEU N 179 56.01 27.81 -33.84
C LEU N 179 56.51 27.95 -35.29
N ARG N 180 57.64 28.62 -35.44
CA ARG N 180 58.26 28.82 -36.75
C ARG N 180 58.89 27.54 -37.29
N LYS N 181 59.51 26.77 -36.40
CA LYS N 181 60.11 25.49 -36.76
C LYS N 181 59.05 24.59 -37.38
N GLU N 182 57.86 24.63 -36.81
CA GLU N 182 56.74 23.87 -37.34
C GLU N 182 56.40 24.33 -38.75
N MET N 183 56.22 25.64 -38.92
CA MET N 183 55.89 26.17 -40.23
C MET N 183 57.01 25.89 -41.22
N SER N 184 58.27 26.04 -40.77
CA SER N 184 59.41 25.82 -41.65
C SER N 184 59.49 24.39 -42.15
N LEU N 185 59.11 23.44 -41.28
CA LEU N 185 59.08 22.03 -41.68
C LEU N 185 57.88 21.71 -42.57
N ALA N 186 56.71 22.23 -42.21
CA ALA N 186 55.52 22.00 -43.01
C ALA N 186 55.72 22.57 -44.40
N LYS N 187 56.34 23.75 -44.44
CA LYS N 187 56.73 24.41 -45.67
C LYS N 187 57.40 23.47 -46.66
N LEU N 188 58.27 22.62 -46.14
CA LEU N 188 59.11 21.78 -47.00
C LEU N 188 58.52 20.40 -47.21
N GLY N 189 57.36 20.17 -46.60
CA GLY N 189 56.65 18.92 -46.81
C GLY N 189 56.90 17.90 -45.72
N TYR N 190 57.57 18.34 -44.65
CA TYR N 190 57.77 17.47 -43.51
C TYR N 190 56.64 17.73 -42.53
N PHE N 191 55.74 16.76 -42.36
CA PHE N 191 54.59 16.98 -41.49
C PHE N 191 54.29 15.82 -40.56
N LYS N 192 53.31 16.03 -39.70
CA LYS N 192 52.93 15.03 -38.70
C LYS N 192 51.42 14.78 -38.83
N GLU N 193 51.01 13.54 -38.56
CA GLU N 193 49.62 13.16 -38.72
C GLU N 193 49.11 12.37 -37.51
N GLU N 194 47.80 12.27 -37.37
CA GLU N 194 47.18 11.60 -36.22
C GLU N 194 46.29 10.44 -36.66
N LEU O 30 70.84 11.79 -4.44
CA LEU O 30 70.24 12.87 -5.22
C LEU O 30 68.85 12.49 -5.73
N MET O 31 68.66 11.23 -6.08
CA MET O 31 67.37 10.75 -6.58
C MET O 31 66.48 10.35 -5.41
N GLU O 32 67.07 10.29 -4.23
CA GLU O 32 66.36 9.91 -3.00
C GLU O 32 65.63 11.09 -2.35
N ALA O 33 65.98 12.30 -2.76
CA ALA O 33 65.35 13.52 -2.24
C ALA O 33 63.92 13.64 -2.76
N ILE O 34 63.72 13.15 -3.98
CA ILE O 34 62.40 13.20 -4.62
C ILE O 34 61.44 12.16 -4.04
N GLN O 35 61.99 11.14 -3.40
CA GLN O 35 61.16 10.10 -2.79
C GLN O 35 60.49 10.62 -1.52
N LYS O 36 61.20 11.48 -0.79
CA LYS O 36 60.67 12.08 0.43
C LYS O 36 59.81 13.30 0.10
N GLN O 37 60.11 13.92 -1.04
CA GLN O 37 59.38 15.10 -1.48
C GLN O 37 58.01 14.72 -2.06
N GLU O 38 57.91 13.48 -2.52
CA GLU O 38 56.63 12.93 -2.96
C GLU O 38 55.78 12.48 -1.78
N GLU O 39 56.46 12.07 -0.71
CA GLU O 39 55.78 11.64 0.51
C GLU O 39 55.24 12.82 1.32
N ILE O 40 55.88 13.98 1.17
CA ILE O 40 55.43 15.22 1.81
C ILE O 40 54.19 15.74 1.10
N ASN O 41 54.24 15.71 -0.23
CA ASN O 41 53.12 16.10 -1.07
C ASN O 41 51.86 15.30 -0.74
N PHE O 42 52.02 13.99 -0.59
CA PHE O 42 50.91 13.10 -0.24
C PHE O 42 50.28 13.52 1.08
N ARG O 43 51.14 13.79 2.06
CA ARG O 43 50.71 14.12 3.42
C ARG O 43 49.99 15.46 3.45
N LEU O 44 50.51 16.41 2.69
CA LEU O 44 49.90 17.74 2.55
C LEU O 44 48.50 17.66 1.96
N GLN O 45 48.32 16.81 0.94
CA GLN O 45 47.05 16.69 0.26
C GLN O 45 46.01 16.01 1.14
N ASP O 46 46.42 14.97 1.86
CA ASP O 46 45.50 14.25 2.73
C ASP O 46 44.99 15.16 3.84
N TYR O 47 45.82 16.12 4.24
CA TYR O 47 45.39 17.11 5.21
C TYR O 47 44.32 18.02 4.60
N ILE O 48 44.59 18.50 3.39
CA ILE O 48 43.70 19.41 2.70
C ILE O 48 42.34 18.79 2.45
N ASP O 49 42.35 17.53 2.06
CA ASP O 49 41.10 16.82 1.79
C ASP O 49 40.28 16.69 3.08
N ARG O 50 40.92 16.21 4.14
CA ARG O 50 40.24 15.98 5.40
C ARG O 50 39.58 17.25 5.94
N ILE O 51 40.32 18.36 5.90
CA ILE O 51 39.81 19.63 6.43
C ILE O 51 38.60 20.14 5.67
N ILE O 52 38.62 19.97 4.35
CA ILE O 52 37.50 20.37 3.53
C ILE O 52 36.25 19.58 3.89
N VAL O 53 36.42 18.29 4.18
CA VAL O 53 35.31 17.46 4.64
C VAL O 53 34.65 18.07 5.89
N ALA O 54 35.48 18.50 6.83
CA ALA O 54 35.00 19.14 8.05
C ALA O 54 34.31 20.47 7.73
N ILE O 55 34.94 21.25 6.87
CA ILE O 55 34.44 22.57 6.49
C ILE O 55 33.05 22.45 5.87
N MET O 56 32.84 21.38 5.13
CA MET O 56 31.56 21.14 4.46
C MET O 56 30.53 20.66 5.47
N GLU O 57 31.00 19.87 6.43
CA GLU O 57 30.16 19.29 7.47
C GLU O 57 29.59 20.32 8.46
N THR O 58 30.16 21.51 8.51
CA THR O 58 29.69 22.51 9.45
C THR O 58 29.37 23.86 8.79
N ASN O 59 30.42 24.61 8.45
CA ASN O 59 30.26 25.95 7.86
C ASN O 59 30.93 26.09 6.49
N PRO O 60 30.23 25.67 5.41
CA PRO O 60 30.82 25.71 4.08
C PRO O 60 31.04 27.12 3.54
N SER O 61 30.48 28.11 4.25
CA SER O 61 30.63 29.51 3.86
C SER O 61 32.09 29.87 3.66
N ILE O 62 32.96 29.15 4.35
CA ILE O 62 34.40 29.39 4.35
C ILE O 62 35.00 29.30 2.94
N LEU O 63 34.47 28.35 2.16
CA LEU O 63 35.07 28.00 0.88
C LEU O 63 34.72 28.97 -0.24
N GLU O 64 34.12 30.10 0.11
CA GLU O 64 33.76 31.08 -0.91
C GLU O 64 34.98 31.85 -1.40
N VAL O 65 35.03 32.07 -2.70
CA VAL O 65 36.07 32.88 -3.31
C VAL O 65 35.68 34.36 -3.31
N LYS O 66 34.81 34.70 -4.26
CA LYS O 66 34.21 36.03 -4.43
C LYS O 66 34.12 36.88 -3.16
N ASP P 6 -31.45 4.39 -17.86
CA ASP P 6 -30.94 4.76 -19.18
C ASP P 6 -30.87 6.28 -19.36
N ASP P 7 -29.69 6.83 -19.09
CA ASP P 7 -29.40 8.26 -19.28
C ASP P 7 -29.80 9.20 -18.13
N GLU P 8 -30.37 8.68 -17.05
CA GLU P 8 -30.81 9.56 -15.95
C GLU P 8 -29.64 10.34 -15.37
N TYR P 9 -29.93 11.51 -14.83
CA TYR P 9 -28.91 12.43 -14.34
C TYR P 9 -29.31 13.22 -13.10
N ASP P 10 -28.30 13.74 -12.40
CA ASP P 10 -28.54 14.53 -11.19
C ASP P 10 -28.75 16.00 -11.52
N TYR P 11 -28.00 16.50 -12.51
CA TYR P 11 -28.12 17.89 -12.95
C TYR P 11 -28.18 18.02 -14.48
N LEU P 12 -28.89 19.05 -14.94
CA LEU P 12 -28.97 19.38 -16.37
C LEU P 12 -28.43 20.77 -16.68
N PHE P 13 -27.24 20.84 -17.30
CA PHE P 13 -26.62 22.12 -17.63
C PHE P 13 -26.68 22.44 -19.12
N LYS P 14 -27.15 23.64 -19.45
CA LYS P 14 -27.12 24.10 -20.83
C LYS P 14 -25.86 24.93 -21.08
N VAL P 15 -25.02 24.45 -21.98
CA VAL P 15 -23.79 25.14 -22.34
C VAL P 15 -23.78 25.54 -23.80
N VAL P 16 -23.51 26.81 -24.07
CA VAL P 16 -23.51 27.31 -25.45
C VAL P 16 -22.10 27.48 -25.98
N LEU P 17 -21.92 27.16 -27.26
CA LEU P 17 -20.67 27.37 -27.97
C LEU P 17 -20.76 28.67 -28.74
N ILE P 18 -19.85 29.59 -28.48
CA ILE P 18 -19.82 30.85 -29.20
C ILE P 18 -18.42 31.18 -29.71
N GLY P 19 -18.34 32.02 -30.73
CA GLY P 19 -17.06 32.41 -31.27
C GLY P 19 -17.16 32.62 -32.76
N ASP P 20 -16.12 33.20 -33.34
CA ASP P 20 -16.10 33.49 -34.77
C ASP P 20 -16.37 32.24 -35.58
N SER P 21 -16.96 32.39 -36.76
CA SER P 21 -17.17 31.24 -37.63
C SER P 21 -15.83 30.66 -38.06
N GLY P 22 -15.69 29.34 -37.91
CA GLY P 22 -14.50 28.65 -38.36
C GLY P 22 -13.46 28.45 -37.29
N VAL P 23 -13.77 28.82 -36.06
CA VAL P 23 -12.84 28.64 -34.95
C VAL P 23 -12.87 27.20 -34.48
N GLY P 24 -13.89 26.46 -34.91
CA GLY P 24 -13.98 25.02 -34.66
C GLY P 24 -15.05 24.55 -33.69
N LYS P 25 -16.04 25.40 -33.46
CA LYS P 25 -17.13 25.08 -32.54
C LYS P 25 -17.81 23.75 -32.86
N SER P 26 -18.31 23.60 -34.09
CA SER P 26 -19.03 22.40 -34.48
C SER P 26 -18.18 21.15 -34.25
N ASN P 27 -16.88 21.28 -34.46
CA ASN P 27 -15.98 20.14 -34.30
C ASN P 27 -15.60 19.92 -32.85
N LEU P 28 -15.57 20.99 -32.07
CA LEU P 28 -15.39 20.85 -30.62
C LEU P 28 -16.53 20.03 -30.06
N LEU P 29 -17.74 20.34 -30.52
CA LEU P 29 -18.95 19.62 -30.14
C LEU P 29 -18.93 18.18 -30.61
N SER P 30 -18.67 17.99 -31.91
CA SER P 30 -18.69 16.68 -32.53
C SER P 30 -17.65 15.76 -31.92
N ARG P 31 -16.49 16.32 -31.59
CA ARG P 31 -15.43 15.55 -30.95
C ARG P 31 -15.83 15.08 -29.56
N PHE P 32 -16.45 15.97 -28.80
CA PHE P 32 -16.84 15.68 -27.42
C PHE P 32 -17.98 14.66 -27.32
N THR P 33 -19.04 14.86 -28.11
CA THR P 33 -20.26 14.05 -28.01
C THR P 33 -20.20 12.71 -28.74
N ARG P 34 -19.68 12.70 -29.96
CA ARG P 34 -19.63 11.46 -30.74
C ARG P 34 -18.22 11.06 -31.12
N ASN P 35 -17.23 11.63 -30.42
CA ASN P 35 -15.81 11.38 -30.69
C ASN P 35 -15.50 11.32 -32.18
N GLU P 36 -16.11 12.22 -32.93
CA GLU P 36 -15.88 12.29 -34.37
C GLU P 36 -15.41 13.68 -34.78
N PHE P 37 -14.47 13.72 -35.72
CA PHE P 37 -13.95 14.98 -36.26
C PHE P 37 -14.04 14.96 -37.78
N ASN P 38 -14.33 16.12 -38.35
CA ASN P 38 -14.51 16.27 -39.78
C ASN P 38 -13.56 17.32 -40.29
N LEU P 39 -12.63 16.95 -41.16
CA LEU P 39 -11.64 17.92 -41.66
C LEU P 39 -12.24 18.95 -42.63
N GLU P 40 -13.20 18.53 -43.44
CA GLU P 40 -13.76 19.39 -44.48
C GLU P 40 -15.08 20.05 -44.12
N SER P 41 -15.55 19.85 -42.90
CA SER P 41 -16.88 20.30 -42.49
C SER P 41 -17.15 21.80 -42.77
N LYS P 42 -18.34 22.08 -43.29
CA LYS P 42 -18.75 23.43 -43.67
C LYS P 42 -19.54 24.10 -42.56
N SER P 43 -19.93 25.35 -42.78
CA SER P 43 -20.57 26.14 -41.74
C SER P 43 -21.93 25.57 -41.33
N THR P 44 -22.25 25.72 -40.06
CA THR P 44 -23.43 25.13 -39.45
C THR P 44 -24.66 25.98 -39.69
N ILE P 45 -25.69 25.40 -40.29
CA ILE P 45 -26.94 26.13 -40.50
C ILE P 45 -27.98 25.78 -39.45
N GLY P 46 -28.74 26.80 -39.04
CA GLY P 46 -29.76 26.63 -38.02
C GLY P 46 -29.17 26.51 -36.62
N VAL P 47 -29.78 25.67 -35.81
CA VAL P 47 -29.30 25.43 -34.45
C VAL P 47 -29.41 23.94 -34.08
N GLU P 48 -28.41 23.45 -33.38
CA GLU P 48 -28.35 22.06 -32.95
C GLU P 48 -27.93 21.98 -31.50
N PHE P 49 -28.07 20.80 -30.91
CA PHE P 49 -27.42 20.49 -29.64
C PHE P 49 -27.23 18.98 -29.51
N ALA P 50 -26.17 18.59 -28.81
CA ALA P 50 -25.92 17.17 -28.56
C ALA P 50 -25.66 16.97 -27.08
N THR P 51 -25.87 15.74 -26.61
CA THR P 51 -25.76 15.46 -25.19
C THR P 51 -24.68 14.42 -24.89
N ARG P 52 -24.08 14.55 -23.71
CA ARG P 52 -23.18 13.54 -23.20
C ARG P 52 -23.23 13.61 -21.68
N SER P 53 -23.11 12.47 -21.02
CA SER P 53 -23.14 12.41 -19.57
C SER P 53 -21.74 12.20 -18.97
N ILE P 54 -21.46 12.87 -17.86
CA ILE P 54 -20.14 12.78 -17.24
C ILE P 54 -20.22 12.70 -15.72
N GLN P 55 -19.15 12.23 -15.09
CA GLN P 55 -19.09 12.13 -13.64
C GLN P 55 -18.24 13.27 -13.03
N VAL P 56 -18.87 14.06 -12.15
CA VAL P 56 -18.20 15.16 -11.47
C VAL P 56 -18.54 15.14 -9.98
N ASP P 57 -17.54 14.86 -9.14
CA ASP P 57 -17.72 14.76 -7.70
C ASP P 57 -18.72 13.65 -7.38
N GLY P 58 -18.55 12.52 -8.05
CA GLY P 58 -19.35 11.32 -7.83
C GLY P 58 -20.72 11.31 -8.48
N LYS P 59 -21.28 12.49 -8.73
CA LYS P 59 -22.60 12.60 -9.35
C LYS P 59 -22.48 12.69 -10.87
N THR P 60 -23.39 12.03 -11.59
CA THR P 60 -23.37 12.09 -13.05
C THR P 60 -24.13 13.32 -13.55
N ILE P 61 -23.44 14.17 -14.30
CA ILE P 61 -24.04 15.38 -14.86
C ILE P 61 -24.16 15.29 -16.39
N LYS P 62 -25.39 15.45 -16.89
CA LYS P 62 -25.62 15.46 -18.34
C LYS P 62 -25.58 16.89 -18.87
N ALA P 63 -24.59 17.17 -19.73
CA ALA P 63 -24.37 18.49 -20.29
C ALA P 63 -25.06 18.63 -21.64
N GLN P 64 -25.74 19.75 -21.84
CA GLN P 64 -26.43 20.02 -23.09
C GLN P 64 -25.72 21.09 -23.92
N ILE P 65 -24.95 20.64 -24.91
CA ILE P 65 -24.16 21.56 -25.73
C ILE P 65 -24.89 22.01 -27.00
N TRP P 66 -25.24 23.29 -27.02
CA TRP P 66 -25.88 23.90 -28.17
C TRP P 66 -24.85 24.53 -29.10
N ASP P 67 -25.10 24.45 -30.40
CA ASP P 67 -24.17 24.94 -31.39
C ASP P 67 -24.94 25.68 -32.47
N THR P 68 -24.35 26.72 -33.02
CA THR P 68 -24.96 27.42 -34.14
C THR P 68 -23.91 28.19 -34.93
N ALA P 69 -24.34 28.80 -36.03
CA ALA P 69 -23.42 29.50 -36.92
C ALA P 69 -22.74 30.68 -36.22
N GLY P 70 -21.40 30.71 -36.32
CA GLY P 70 -20.61 31.76 -35.71
C GLY P 70 -20.83 33.15 -36.27
N LEU P 71 -21.32 33.22 -37.51
CA LEU P 71 -21.63 34.49 -38.15
C LEU P 71 -22.98 35.00 -37.66
N GLU P 72 -22.97 36.16 -37.03
CA GLU P 72 -24.17 36.71 -36.46
C GLU P 72 -24.21 38.24 -36.56
N ILE P 77 -32.33 35.28 -33.32
CA ILE P 77 -32.64 34.17 -32.42
C ILE P 77 -31.54 33.97 -31.41
N THR P 78 -30.99 35.06 -30.88
CA THR P 78 -29.88 34.96 -29.97
C THR P 78 -30.40 34.86 -28.54
N SER P 79 -31.51 35.53 -28.27
CA SER P 79 -32.14 35.50 -26.94
C SER P 79 -32.47 34.06 -26.57
N ALA P 80 -33.03 33.32 -27.51
CA ALA P 80 -33.39 31.93 -27.30
C ALA P 80 -32.17 31.05 -27.08
N TYR P 81 -31.11 31.36 -27.83
CA TYR P 81 -29.86 30.59 -27.80
C TYR P 81 -29.22 30.63 -26.41
N TYR P 82 -29.09 31.84 -25.88
CA TYR P 82 -28.40 32.05 -24.62
C TYR P 82 -29.32 31.73 -23.43
N ARG P 83 -30.62 31.76 -23.69
CA ARG P 83 -31.63 31.53 -22.65
C ARG P 83 -31.40 30.22 -21.91
N GLY P 84 -31.36 30.29 -20.59
CA GLY P 84 -31.21 29.12 -19.75
C GLY P 84 -29.80 28.56 -19.75
N ALA P 85 -28.91 29.21 -20.48
CA ALA P 85 -27.53 28.77 -20.56
C ALA P 85 -26.80 29.09 -19.27
N VAL P 86 -26.21 28.07 -18.65
CA VAL P 86 -25.47 28.24 -17.41
C VAL P 86 -23.96 28.20 -17.65
N GLY P 87 -23.58 27.89 -18.89
CA GLY P 87 -22.18 27.85 -19.28
C GLY P 87 -21.99 28.18 -20.75
N ALA P 88 -20.84 28.78 -21.09
CA ALA P 88 -20.57 29.17 -22.46
C ALA P 88 -19.10 28.95 -22.81
N LEU P 89 -18.85 28.29 -23.93
CA LEU P 89 -17.48 28.12 -24.40
C LEU P 89 -17.13 29.13 -25.48
N LEU P 90 -16.35 30.14 -25.11
CA LEU P 90 -15.95 31.18 -26.06
C LEU P 90 -14.67 30.76 -26.77
N VAL P 91 -14.80 30.43 -28.05
CA VAL P 91 -13.72 29.78 -28.80
C VAL P 91 -13.07 30.71 -29.84
N TYR P 92 -11.75 30.63 -29.94
CA TYR P 92 -11.00 31.34 -30.98
C TYR P 92 -10.01 30.38 -31.66
N ASP P 93 -9.48 30.79 -32.80
CA ASP P 93 -8.49 30.00 -33.55
C ASP P 93 -7.06 30.46 -33.19
N ILE P 94 -6.29 29.57 -32.55
CA ILE P 94 -4.91 29.88 -32.18
C ILE P 94 -4.10 30.42 -33.34
N ALA P 95 -4.41 29.94 -34.54
CA ALA P 95 -3.63 30.25 -35.73
C ALA P 95 -4.18 31.43 -36.54
N LYS P 96 -5.32 31.95 -36.13
CA LYS P 96 -5.88 33.13 -36.76
C LYS P 96 -6.14 34.22 -35.72
N HIS P 97 -5.25 35.20 -35.68
CA HIS P 97 -5.28 36.24 -34.64
C HIS P 97 -6.56 37.07 -34.58
N LEU P 98 -7.16 37.34 -35.73
CA LEU P 98 -8.35 38.17 -35.78
C LEU P 98 -9.47 37.64 -34.91
N THR P 99 -9.60 36.32 -34.87
CA THR P 99 -10.66 35.66 -34.11
C THR P 99 -10.44 35.79 -32.61
N TYR P 100 -9.20 36.04 -32.22
CA TYR P 100 -8.88 36.27 -30.81
C TYR P 100 -9.25 37.70 -30.45
N GLU P 101 -8.97 38.62 -31.37
CA GLU P 101 -9.30 40.03 -31.17
C GLU P 101 -10.76 40.20 -30.82
N ASN P 102 -11.61 39.48 -31.53
CA ASN P 102 -13.06 39.59 -31.38
C ASN P 102 -13.63 38.97 -30.12
N VAL P 103 -12.80 38.36 -29.29
CA VAL P 103 -13.28 37.74 -28.06
C VAL P 103 -14.00 38.79 -27.19
N GLU P 104 -13.53 40.04 -27.25
CA GLU P 104 -14.19 41.10 -26.48
C GLU P 104 -15.62 41.29 -26.98
N ARG P 105 -15.81 41.24 -28.30
CA ARG P 105 -17.14 41.37 -28.89
C ARG P 105 -18.02 40.18 -28.50
N TRP P 106 -17.41 39.01 -28.39
CA TRP P 106 -18.14 37.80 -27.97
C TRP P 106 -18.46 37.85 -26.49
N LEU P 107 -17.52 38.35 -25.69
CA LEU P 107 -17.80 38.59 -24.29
C LEU P 107 -18.90 39.64 -24.14
N LYS P 108 -18.95 40.58 -25.09
CA LYS P 108 -19.97 41.62 -25.08
C LYS P 108 -21.38 41.04 -25.22
N GLU P 109 -21.62 40.25 -26.27
CA GLU P 109 -22.94 39.61 -26.46
C GLU P 109 -23.32 38.77 -25.27
N LEU P 110 -22.33 38.14 -24.67
CA LEU P 110 -22.55 37.26 -23.54
C LEU P 110 -23.14 38.06 -22.38
N ARG P 111 -22.57 39.24 -22.13
CA ARG P 111 -23.03 40.11 -21.04
C ARG P 111 -24.34 40.84 -21.37
N ASP P 112 -24.80 40.73 -22.61
CA ASP P 112 -26.01 41.45 -23.03
C ASP P 112 -27.25 40.57 -23.16
N HIS P 113 -27.14 39.49 -23.92
CA HIS P 113 -28.30 38.69 -24.29
C HIS P 113 -28.42 37.43 -23.43
N ALA P 114 -27.40 37.19 -22.61
CA ALA P 114 -27.36 36.01 -21.77
C ALA P 114 -27.48 36.37 -20.31
N ASP P 115 -27.87 35.40 -19.50
CA ASP P 115 -27.94 35.59 -18.06
C ASP P 115 -26.58 36.03 -17.53
N SER P 116 -26.57 36.88 -16.51
CA SER P 116 -25.33 37.18 -15.82
C SER P 116 -24.97 35.96 -14.97
N ASN P 117 -23.81 36.01 -14.31
CA ASN P 117 -23.41 34.90 -13.44
C ASN P 117 -23.12 33.61 -14.22
N ILE P 118 -23.35 33.65 -15.53
CA ILE P 118 -23.10 32.53 -16.42
C ILE P 118 -21.61 32.17 -16.48
N VAL P 119 -21.29 30.89 -16.28
CA VAL P 119 -19.92 30.44 -16.33
C VAL P 119 -19.36 30.53 -17.75
N ILE P 120 -18.26 31.26 -17.92
CA ILE P 120 -17.65 31.46 -19.22
C ILE P 120 -16.24 30.88 -19.27
N MET P 121 -15.99 29.98 -20.23
CA MET P 121 -14.63 29.47 -20.43
C MET P 121 -14.10 29.87 -21.79
N LEU P 122 -12.88 30.37 -21.81
CA LEU P 122 -12.22 30.77 -23.05
C LEU P 122 -11.43 29.57 -23.56
N VAL P 123 -11.65 29.20 -24.82
CA VAL P 123 -10.97 28.05 -25.39
C VAL P 123 -10.20 28.40 -26.65
N GLY P 124 -8.92 28.05 -26.64
CA GLY P 124 -8.12 28.20 -27.83
C GLY P 124 -8.07 26.89 -28.59
N ASN P 125 -8.57 26.92 -29.81
CA ASN P 125 -8.68 25.69 -30.57
C ASN P 125 -7.64 25.67 -31.69
N LYS P 126 -7.44 24.48 -32.25
CA LYS P 126 -6.45 24.28 -33.30
C LYS P 126 -5.02 24.41 -32.77
N SER P 127 -4.81 23.88 -31.56
CA SER P 127 -3.47 23.88 -30.95
C SER P 127 -2.54 22.96 -31.75
N ASP P 128 -3.16 22.15 -32.61
CA ASP P 128 -2.43 21.19 -33.43
C ASP P 128 -1.62 21.82 -34.55
N LEU P 129 -1.92 23.07 -34.92
CA LEU P 129 -1.13 23.72 -35.95
C LEU P 129 -0.04 24.49 -35.23
N ARG P 130 1.15 23.91 -35.26
CA ARG P 130 2.25 24.34 -34.41
C ARG P 130 3.06 25.49 -35.00
N HIS P 131 3.16 25.53 -36.32
CA HIS P 131 3.94 26.56 -36.98
C HIS P 131 3.13 27.81 -37.28
N LEU P 132 1.81 27.70 -37.15
CA LEU P 132 0.92 28.81 -37.49
C LEU P 132 0.40 29.65 -36.31
N ARG P 133 0.83 29.36 -35.09
CA ARG P 133 0.26 30.04 -33.92
C ARG P 133 0.40 31.57 -34.00
N ALA P 134 -0.73 32.28 -33.98
CA ALA P 134 -0.75 33.74 -33.91
C ALA P 134 -1.08 34.29 -32.51
N VAL P 135 -1.41 33.39 -31.58
CA VAL P 135 -1.89 33.79 -30.27
C VAL P 135 -1.18 33.03 -29.13
N PRO P 136 -0.10 33.63 -28.60
CA PRO P 136 0.72 33.01 -27.53
C PRO P 136 -0.12 32.59 -26.32
N THR P 137 0.14 31.40 -25.80
CA THR P 137 -0.68 30.83 -24.72
C THR P 137 -0.83 31.81 -23.56
N ASP P 138 0.28 32.47 -23.23
CA ASP P 138 0.33 33.40 -22.10
C ASP P 138 -0.57 34.63 -22.27
N GLU P 139 -0.57 35.22 -23.46
CA GLU P 139 -1.40 36.39 -23.69
C GLU P 139 -2.87 36.05 -23.47
N ALA P 140 -3.22 34.81 -23.79
CA ALA P 140 -4.58 34.33 -23.66
C ALA P 140 -4.95 34.05 -22.21
N ARG P 141 -4.13 33.26 -21.53
CA ARG P 141 -4.33 32.99 -20.10
C ARG P 141 -4.39 34.26 -19.28
N ALA P 142 -3.59 35.25 -19.69
CA ALA P 142 -3.61 36.55 -19.02
C ALA P 142 -4.97 37.23 -19.18
N PHE P 143 -5.42 37.35 -20.43
CA PHE P 143 -6.72 37.96 -20.72
C PHE P 143 -7.89 37.25 -20.04
N ALA P 144 -7.84 35.92 -20.01
CA ALA P 144 -8.90 35.12 -19.41
C ALA P 144 -9.00 35.30 -17.90
N GLU P 145 -7.87 35.12 -17.22
CA GLU P 145 -7.81 35.22 -15.76
C GLU P 145 -8.16 36.63 -15.31
N LYS P 146 -7.74 37.63 -16.09
CA LYS P 146 -8.01 39.02 -15.79
C LYS P 146 -9.47 39.38 -15.97
N ASN P 147 -10.18 38.61 -16.81
CA ASN P 147 -11.60 38.87 -17.06
C ASN P 147 -12.51 37.91 -16.31
N GLY P 148 -11.93 37.11 -15.42
CA GLY P 148 -12.69 36.17 -14.60
C GLY P 148 -13.18 35.05 -15.48
N LEU P 149 -12.33 34.61 -16.40
CA LEU P 149 -12.67 33.56 -17.35
C LEU P 149 -11.79 32.33 -17.13
N SER P 150 -12.37 31.15 -17.32
CA SER P 150 -11.58 29.92 -17.37
C SER P 150 -10.81 29.91 -18.68
N PHE P 151 -9.77 29.10 -18.78
CA PHE P 151 -9.01 29.07 -20.02
C PHE P 151 -8.35 27.72 -20.28
N ILE P 152 -8.35 27.31 -21.54
CA ILE P 152 -7.66 26.09 -21.96
C ILE P 152 -7.39 26.13 -23.46
N GLU P 153 -6.35 25.41 -23.90
CA GLU P 153 -6.08 25.30 -25.33
C GLU P 153 -6.38 23.88 -25.81
N THR P 154 -7.17 23.80 -26.87
CA THR P 154 -7.64 22.51 -27.36
C THR P 154 -7.33 22.30 -28.83
N SER P 155 -7.31 21.03 -29.25
CA SER P 155 -7.33 20.67 -30.66
C SER P 155 -8.41 19.64 -30.91
N ALA P 156 -9.44 20.02 -31.66
CA ALA P 156 -10.49 19.08 -32.01
C ALA P 156 -9.95 17.98 -32.90
N LEU P 157 -8.86 18.29 -33.62
CA LEU P 157 -8.29 17.36 -34.59
C LEU P 157 -7.61 16.17 -33.93
N ASP P 158 -6.72 16.41 -32.97
CA ASP P 158 -6.03 15.33 -32.27
C ASP P 158 -6.64 14.96 -30.91
N SER P 159 -7.74 15.62 -30.55
CA SER P 159 -8.55 15.31 -29.36
C SER P 159 -8.03 15.94 -28.06
N THR P 160 -6.87 16.58 -28.11
CA THR P 160 -6.24 17.14 -26.92
C THR P 160 -7.15 18.11 -26.15
N ASN P 161 -7.33 17.83 -24.87
CA ASN P 161 -8.03 18.74 -23.97
C ASN P 161 -9.51 18.92 -24.28
N VAL P 162 -10.01 18.26 -25.31
CA VAL P 162 -11.43 18.36 -25.63
C VAL P 162 -12.20 17.79 -24.45
N GLU P 163 -11.81 16.60 -24.01
CA GLU P 163 -12.40 16.00 -22.82
C GLU P 163 -12.24 16.94 -21.64
N ALA P 164 -11.02 17.37 -21.42
CA ALA P 164 -10.67 18.26 -20.31
C ALA P 164 -11.43 19.58 -20.30
N ALA P 165 -11.58 20.19 -21.47
CA ALA P 165 -12.20 21.51 -21.55
C ALA P 165 -13.63 21.49 -21.03
N PHE P 166 -14.41 20.52 -21.48
CA PHE P 166 -15.81 20.42 -21.05
C PHE P 166 -15.88 19.99 -19.58
N GLN P 167 -15.04 19.03 -19.22
CA GLN P 167 -14.95 18.53 -17.86
C GLN P 167 -14.68 19.67 -16.88
N THR P 168 -13.85 20.61 -17.33
CA THR P 168 -13.48 21.76 -16.52
C THR P 168 -14.64 22.72 -16.30
N ILE P 169 -15.24 23.18 -17.39
CA ILE P 169 -16.31 24.16 -17.31
C ILE P 169 -17.54 23.59 -16.62
N LEU P 170 -17.75 22.28 -16.74
CA LEU P 170 -18.91 21.65 -16.12
C LEU P 170 -18.82 21.59 -14.59
N THR P 171 -17.64 21.28 -14.05
CA THR P 171 -17.49 21.19 -12.59
C THR P 171 -17.56 22.58 -11.94
N GLU P 172 -17.07 23.61 -12.63
CA GLU P 172 -17.16 24.97 -12.10
C GLU P 172 -18.62 25.37 -11.99
N ILE P 173 -19.43 24.89 -12.93
CA ILE P 173 -20.86 25.14 -12.95
C ILE P 173 -21.57 24.35 -11.86
N TYR P 174 -21.08 23.14 -11.61
CA TYR P 174 -21.59 22.29 -10.54
C TYR P 174 -21.49 23.02 -9.20
N ARG P 175 -20.30 23.56 -8.92
CA ARG P 175 -20.03 24.22 -7.66
C ARG P 175 -20.92 25.44 -7.41
N ILE P 176 -21.13 26.24 -8.44
CA ILE P 176 -21.94 27.46 -8.30
C ILE P 176 -23.41 27.14 -8.05
N VAL P 177 -23.90 26.06 -8.66
CA VAL P 177 -25.30 25.66 -8.54
C VAL P 177 -25.62 24.90 -7.24
N SER P 178 -24.66 24.11 -6.75
CA SER P 178 -24.87 23.35 -5.52
C SER P 178 -24.97 24.23 -4.28
N GLN P 179 -24.15 25.26 -4.20
CA GLN P 179 -24.12 26.14 -3.04
C GLN P 179 -25.42 26.93 -2.87
N LYS P 180 -25.84 27.62 -3.93
CA LYS P 180 -27.06 28.42 -3.89
C LYS P 180 -28.30 27.53 -3.87
N VAL Q 26 -5.24 38.08 -71.58
CA VAL Q 26 -4.80 36.73 -71.23
C VAL Q 26 -5.47 36.24 -69.94
N LYS Q 27 -5.88 34.98 -69.94
CA LYS Q 27 -6.57 34.37 -68.80
C LYS Q 27 -5.67 33.38 -68.05
N ASP Q 28 -5.86 33.30 -66.73
CA ASP Q 28 -5.09 32.35 -65.92
C ASP Q 28 -5.84 31.04 -65.79
N CYS Q 29 -5.23 29.98 -66.32
CA CYS Q 29 -5.85 28.65 -66.32
C CYS Q 29 -4.99 27.65 -65.56
N LYS Q 30 -5.49 26.43 -65.45
CA LYS Q 30 -4.72 25.34 -64.86
C LYS Q 30 -5.05 24.02 -65.56
N GLU Q 31 -4.02 23.23 -65.81
CA GLU Q 31 -4.18 21.90 -66.41
C GLU Q 31 -3.25 20.91 -65.72
N ALA Q 32 -3.79 19.78 -65.28
CA ALA Q 32 -3.00 18.82 -64.54
C ALA Q 32 -1.92 18.24 -65.45
N ASP Q 33 -0.68 18.28 -64.96
CA ASP Q 33 0.43 17.64 -65.63
C ASP Q 33 0.27 16.13 -65.50
N LEU Q 34 0.01 15.45 -66.61
CA LEU Q 34 -0.32 14.01 -66.62
C LEU Q 34 0.71 13.16 -65.88
N SER Q 35 1.98 13.52 -66.02
CA SER Q 35 3.08 12.82 -65.36
C SER Q 35 2.94 12.82 -63.84
N LEU Q 36 2.72 14.01 -63.29
CA LEU Q 36 2.59 14.23 -61.85
C LEU Q 36 1.29 13.69 -61.29
N TYR Q 37 0.23 13.77 -62.07
CA TYR Q 37 -1.09 13.37 -61.62
C TYR Q 37 -1.12 11.88 -61.35
N ASN Q 38 -0.58 11.10 -62.29
CA ASN Q 38 -0.51 9.65 -62.14
C ASN Q 38 0.36 9.26 -60.95
N GLU Q 39 1.49 9.97 -60.81
CA GLU Q 39 2.41 9.73 -59.71
C GLU Q 39 1.71 9.92 -58.37
N PHE Q 40 0.95 11.00 -58.25
CA PHE Q 40 0.22 11.32 -57.03
C PHE Q 40 -0.94 10.35 -56.89
N ARG Q 41 -1.67 10.16 -57.99
CA ARG Q 41 -2.88 9.35 -58.03
C ARG Q 41 -2.59 7.93 -57.54
N LEU Q 42 -1.37 7.47 -57.81
CA LEU Q 42 -0.93 6.15 -57.37
C LEU Q 42 -0.60 6.15 -55.88
N TRP Q 43 0.19 7.15 -55.48
CA TRP Q 43 0.65 7.34 -54.10
C TRP Q 43 -0.50 7.56 -53.12
N LYS Q 44 -1.53 8.25 -53.60
CA LYS Q 44 -2.71 8.55 -52.81
C LYS Q 44 -3.39 7.32 -52.22
N ASP Q 45 -3.40 6.23 -52.97
CA ASP Q 45 -4.14 5.03 -52.54
C ASP Q 45 -3.41 4.26 -51.44
N GLU Q 46 -2.10 4.47 -51.33
CA GLU Q 46 -1.30 3.94 -50.22
C GLU Q 46 -0.15 4.84 -49.80
N PRO Q 47 -0.50 5.92 -49.10
CA PRO Q 47 0.37 7.00 -48.63
C PRO Q 47 1.54 6.45 -47.85
N THR Q 48 2.71 7.05 -48.05
CA THR Q 48 3.87 6.69 -47.27
C THR Q 48 4.69 7.94 -46.96
N MET Q 49 5.35 7.93 -45.81
CA MET Q 49 6.17 9.05 -45.39
C MET Q 49 7.59 8.84 -45.88
N ASP Q 50 7.79 7.79 -46.65
CA ASP Q 50 9.11 7.51 -47.14
C ASP Q 50 9.63 8.67 -47.98
N ARG Q 51 10.80 9.18 -47.59
CA ARG Q 51 11.42 10.31 -48.24
C ARG Q 51 11.82 9.98 -49.68
N THR Q 52 12.05 8.70 -49.95
CA THR Q 52 12.64 8.26 -51.22
C THR Q 52 11.64 7.79 -52.28
N CYS Q 53 10.35 7.74 -51.97
CA CYS Q 53 9.38 7.30 -52.97
C CYS Q 53 9.30 8.37 -54.05
N PRO Q 54 8.79 8.00 -55.23
CA PRO Q 54 8.74 8.89 -56.40
C PRO Q 54 8.03 10.20 -56.12
N PHE Q 55 6.86 10.14 -55.50
CA PHE Q 55 6.06 11.32 -55.19
C PHE Q 55 6.82 12.31 -54.31
N LEU Q 56 7.26 11.84 -53.14
CA LEU Q 56 7.93 12.69 -52.17
C LEU Q 56 9.37 13.02 -52.56
N ASP Q 57 10.03 12.13 -53.31
CA ASP Q 57 11.40 12.38 -53.69
C ASP Q 57 11.48 13.65 -54.54
N LYS Q 58 10.60 13.75 -55.53
CA LYS Q 58 10.52 14.92 -56.41
C LYS Q 58 10.34 16.21 -55.63
N ILE Q 59 9.34 16.23 -54.74
CA ILE Q 59 9.01 17.43 -53.98
C ILE Q 59 10.16 17.85 -53.08
N TYR Q 60 10.88 16.86 -52.58
CA TYR Q 60 12.05 17.09 -51.74
C TYR Q 60 13.16 17.80 -52.51
N GLN Q 61 13.44 17.30 -53.70
CA GLN Q 61 14.55 17.83 -54.50
C GLN Q 61 14.21 19.19 -55.10
N GLU Q 62 13.00 19.32 -55.62
CA GLU Q 62 12.59 20.53 -56.33
C GLU Q 62 12.12 21.66 -55.43
N ASP Q 63 11.51 21.31 -54.30
CA ASP Q 63 10.83 22.30 -53.45
C ASP Q 63 11.38 22.41 -52.04
N ILE Q 64 11.30 21.31 -51.29
CA ILE Q 64 11.55 21.33 -49.85
C ILE Q 64 13.00 21.64 -49.50
N PHE Q 65 13.93 20.90 -50.09
CA PHE Q 65 15.35 21.08 -49.78
C PHE Q 65 15.79 22.50 -50.11
N PRO Q 66 15.44 22.99 -51.31
CA PRO Q 66 15.80 24.38 -51.66
C PRO Q 66 15.18 25.40 -50.70
N CYS Q 67 13.97 25.12 -50.24
CA CYS Q 67 13.30 26.02 -49.29
C CYS Q 67 14.02 26.09 -47.95
N LEU Q 68 14.54 24.96 -47.50
CA LEU Q 68 15.19 24.91 -46.20
C LEU Q 68 16.70 25.06 -46.31
N THR Q 69 17.17 25.58 -47.44
CA THR Q 69 18.59 25.85 -47.61
C THR Q 69 18.92 27.26 -47.10
N PHE Q 70 19.73 27.33 -46.05
CA PHE Q 70 20.05 28.61 -45.43
C PHE Q 70 21.55 28.73 -45.17
N SER Q 71 21.95 29.91 -44.67
CA SER Q 71 23.35 30.17 -44.35
C SER Q 71 23.83 29.21 -43.27
N LYS Q 72 23.14 29.23 -42.14
CA LYS Q 72 23.48 28.36 -41.02
C LYS Q 72 22.93 26.96 -41.28
N SER Q 73 23.73 26.11 -41.92
CA SER Q 73 23.22 24.83 -42.41
C SER Q 73 22.97 23.85 -41.27
N GLU Q 74 23.65 24.06 -40.15
CA GLU Q 74 23.48 23.18 -38.99
C GLU Q 74 22.10 23.38 -38.42
N LEU Q 75 21.73 24.64 -38.19
CA LEU Q 75 20.41 24.96 -37.68
C LEU Q 75 19.34 24.62 -38.70
N ALA Q 76 19.68 24.83 -39.97
CA ALA Q 76 18.74 24.58 -41.05
C ALA Q 76 18.32 23.12 -41.08
N SER Q 77 19.31 22.23 -41.08
CA SER Q 77 19.05 20.80 -41.16
C SER Q 77 18.31 20.31 -39.92
N ALA Q 78 18.46 21.05 -38.82
CA ALA Q 78 17.78 20.69 -37.59
C ALA Q 78 16.30 20.99 -37.73
N VAL Q 79 16.02 22.12 -38.36
CA VAL Q 79 14.66 22.56 -38.62
C VAL Q 79 13.95 21.60 -39.56
N LEU Q 80 14.65 21.20 -40.62
CA LEU Q 80 14.12 20.26 -41.59
C LEU Q 80 13.64 18.96 -40.95
N GLU Q 81 14.42 18.44 -40.01
CA GLU Q 81 14.05 17.20 -39.34
C GLU Q 81 12.89 17.43 -38.37
N ALA Q 82 12.89 18.59 -37.73
CA ALA Q 82 11.84 18.95 -36.79
C ALA Q 82 10.49 18.98 -37.52
N VAL Q 83 10.53 19.43 -38.78
CA VAL Q 83 9.35 19.52 -39.63
C VAL Q 83 8.80 18.14 -39.99
N GLU Q 84 9.70 17.20 -40.32
CA GLU Q 84 9.29 15.84 -40.66
C GLU Q 84 8.68 15.11 -39.46
N ASN Q 85 9.13 15.46 -38.25
CA ASN Q 85 8.62 14.83 -37.04
C ASN Q 85 7.48 15.64 -36.45
N ASN Q 86 7.20 16.78 -37.09
CA ASN Q 86 6.17 17.70 -36.61
C ASN Q 86 6.50 18.22 -35.22
N THR Q 87 7.78 18.20 -34.88
CA THR Q 87 8.20 18.66 -33.56
C THR Q 87 8.55 20.15 -33.60
N LEU Q 88 8.57 20.72 -34.80
CA LEU Q 88 8.82 22.15 -34.94
C LEU Q 88 7.58 22.92 -34.57
N SER Q 89 7.77 24.07 -33.93
CA SER Q 89 6.67 24.96 -33.56
C SER Q 89 7.13 26.41 -33.59
N ILE Q 90 6.22 27.31 -33.95
CA ILE Q 90 6.56 28.73 -34.10
C ILE Q 90 5.61 29.67 -33.38
N GLU Q 91 6.14 30.46 -32.44
CA GLU Q 91 5.36 31.55 -31.84
C GLU Q 91 5.99 32.90 -32.15
N PRO Q 92 5.17 33.94 -32.26
CA PRO Q 92 5.61 35.34 -32.37
C PRO Q 92 5.95 35.98 -31.03
N VAL Q 93 6.60 37.13 -31.06
CA VAL Q 93 6.89 37.90 -29.85
C VAL Q 93 6.63 39.38 -30.11
N GLY Q 94 6.01 40.05 -29.14
CA GLY Q 94 5.77 41.49 -29.23
C GLY Q 94 4.32 41.86 -29.47
N ALA Q 103 19.02 35.94 -22.48
CA ALA Q 103 20.14 35.30 -21.79
C ALA Q 103 21.46 35.75 -22.40
N SER Q 104 21.68 35.50 -23.70
CA SER Q 104 20.98 34.49 -24.49
C SER Q 104 22.02 33.78 -25.36
N ALA Q 105 21.75 32.56 -25.82
CA ALA Q 105 22.72 31.85 -26.64
C ALA Q 105 22.94 32.59 -27.97
N VAL Q 106 24.14 32.47 -28.53
CA VAL Q 106 24.48 33.23 -29.73
C VAL Q 106 23.81 32.74 -31.01
N GLU Q 107 23.62 31.43 -31.11
CA GLU Q 107 23.00 30.84 -32.28
C GLU Q 107 21.48 30.98 -32.29
N CYS Q 108 20.92 31.39 -31.16
CA CYS Q 108 19.48 31.60 -31.05
C CYS Q 108 19.06 32.85 -31.80
N GLY Q 109 20.01 33.76 -32.01
CA GLY Q 109 19.70 35.02 -32.65
C GLY Q 109 18.88 35.89 -31.73
N GLY Q 110 18.45 37.03 -32.24
CA GLY Q 110 17.66 37.96 -31.45
C GLY Q 110 16.75 38.78 -32.33
N PRO Q 111 15.93 39.66 -31.71
CA PRO Q 111 14.92 40.43 -32.44
C PRO Q 111 15.45 41.15 -33.68
N LYS Q 112 16.69 41.63 -33.63
CA LYS Q 112 17.28 42.31 -34.78
C LYS Q 112 18.18 41.43 -35.67
N LYS Q 113 18.38 40.17 -35.29
CA LYS Q 113 19.24 39.30 -36.08
C LYS Q 113 18.65 37.91 -36.24
N CYS Q 114 18.54 37.46 -37.50
CA CYS Q 114 17.95 36.17 -37.82
C CYS Q 114 18.91 35.00 -37.53
N ALA Q 115 18.35 33.91 -37.00
CA ALA Q 115 19.14 32.74 -36.64
C ALA Q 115 19.53 31.88 -37.83
N LEU Q 116 18.59 31.69 -38.76
CA LEU Q 116 18.84 30.89 -39.95
C LEU Q 116 19.76 31.59 -40.96
N THR Q 117 19.41 32.79 -41.38
CA THR Q 117 20.31 33.59 -42.19
C THR Q 117 20.89 34.69 -41.32
N GLY Q 118 22.17 35.00 -41.53
CA GLY Q 118 22.86 35.92 -40.66
C GLY Q 118 22.39 37.36 -40.74
N GLN Q 119 21.40 37.61 -41.60
CA GLN Q 119 20.97 38.97 -41.91
C GLN Q 119 20.44 39.72 -40.68
N SER Q 120 20.52 41.05 -40.75
CA SER Q 120 19.96 41.88 -39.70
C SER Q 120 18.62 42.42 -40.17
N LYS Q 121 17.57 41.88 -39.57
CA LYS Q 121 16.19 42.20 -39.88
C LYS Q 121 15.40 42.10 -38.60
N SER Q 122 14.25 42.74 -38.52
CA SER Q 122 13.45 42.60 -37.32
C SER Q 122 12.80 41.21 -37.38
N CYS Q 123 13.07 40.39 -36.36
CA CYS Q 123 12.52 39.04 -36.34
C CYS Q 123 11.33 38.98 -35.38
N LYS Q 124 10.15 38.75 -35.94
CA LYS Q 124 8.93 38.79 -35.14
C LYS Q 124 8.41 37.40 -34.78
N HIS Q 125 9.13 36.37 -35.20
CA HIS Q 125 8.70 35.01 -34.90
C HIS Q 125 9.83 34.21 -34.26
N ARG Q 126 9.49 33.19 -33.48
CA ARG Q 126 10.52 32.31 -32.93
C ARG Q 126 10.17 30.85 -33.15
N ILE Q 127 11.13 30.08 -33.63
CA ILE Q 127 10.93 28.66 -33.85
C ILE Q 127 11.58 27.84 -32.73
N LYS Q 128 10.94 26.73 -32.37
CA LYS Q 128 11.45 25.82 -31.34
C LYS Q 128 11.38 24.39 -31.84
N LEU Q 129 12.48 23.67 -31.75
CA LEU Q 129 12.52 22.32 -32.29
C LEU Q 129 11.84 21.33 -31.33
N GLY Q 130 11.39 21.88 -30.20
CA GLY Q 130 10.58 21.18 -29.21
C GLY Q 130 11.18 20.39 -28.06
N ASP Q 131 12.39 19.88 -28.22
CA ASP Q 131 13.07 19.19 -27.13
C ASP Q 131 14.04 20.11 -26.41
N SER Q 132 14.00 21.39 -26.78
CA SER Q 132 15.02 22.32 -26.32
C SER Q 132 14.47 23.58 -25.66
N SER Q 133 15.32 24.20 -24.84
CA SER Q 133 15.00 25.43 -24.13
C SER Q 133 15.43 26.55 -25.06
N ASN Q 134 15.87 26.15 -26.25
CA ASN Q 134 16.38 27.08 -27.25
C ASN Q 134 15.39 27.47 -28.35
N TYR Q 135 14.79 28.65 -28.17
CA TYR Q 135 13.96 29.31 -29.18
C TYR Q 135 14.86 30.11 -30.12
N TYR Q 136 14.78 29.84 -31.42
CA TYR Q 136 15.58 30.58 -32.38
C TYR Q 136 14.77 31.65 -33.12
N TYR Q 137 15.26 32.88 -33.13
CA TYR Q 137 14.63 33.98 -33.83
C TYR Q 137 14.79 33.83 -35.35
N ILE Q 138 13.76 34.19 -36.10
CA ILE Q 138 13.72 33.92 -37.54
C ILE Q 138 13.21 35.16 -38.28
N SER Q 139 13.83 35.52 -39.39
CA SER Q 139 13.38 36.69 -40.17
C SER Q 139 12.05 36.40 -40.85
N PRO Q 140 11.31 37.44 -41.20
CA PRO Q 140 10.00 37.28 -41.86
C PRO Q 140 10.07 36.41 -43.12
N PHE Q 141 11.16 36.53 -43.87
CA PHE Q 141 11.39 35.72 -45.05
C PHE Q 141 11.50 34.21 -44.76
N CYS Q 142 12.33 33.86 -43.77
CA CYS Q 142 12.51 32.47 -43.40
C CYS Q 142 11.21 31.86 -42.93
N ARG Q 143 10.42 32.62 -42.18
CA ARG Q 143 9.18 32.10 -41.65
C ARG Q 143 8.29 31.63 -42.78
N TYR Q 144 8.25 32.40 -43.84
CA TYR Q 144 7.40 32.03 -44.96
C TYR Q 144 7.87 30.71 -45.56
N ARG Q 145 9.17 30.56 -45.71
CA ARG Q 145 9.72 29.34 -46.29
C ARG Q 145 9.40 28.13 -45.40
N ILE Q 146 9.56 28.29 -44.09
CA ILE Q 146 9.35 27.17 -43.18
C ILE Q 146 7.88 26.77 -43.10
N THR Q 147 7.00 27.76 -42.97
CA THR Q 147 5.56 27.50 -42.90
C THR Q 147 5.03 26.88 -44.21
N SER Q 148 5.61 27.31 -45.33
CA SER Q 148 5.26 26.77 -46.63
C SER Q 148 5.53 25.27 -46.68
N VAL Q 149 6.67 24.86 -46.11
CA VAL Q 149 7.06 23.46 -46.06
C VAL Q 149 6.23 22.71 -45.02
N CYS Q 150 6.03 23.34 -43.87
CA CYS Q 150 5.23 22.74 -42.81
C CYS Q 150 3.79 22.45 -43.26
N ASN Q 151 3.25 23.34 -44.08
CA ASN Q 151 1.90 23.17 -44.59
C ASN Q 151 1.78 21.96 -45.51
N PHE Q 152 2.81 21.75 -46.33
CA PHE Q 152 2.84 20.58 -47.21
C PHE Q 152 2.81 19.30 -46.39
N PHE Q 153 3.71 19.23 -45.42
CA PHE Q 153 3.81 18.05 -44.56
C PHE Q 153 2.52 17.83 -43.80
N THR Q 154 1.93 18.92 -43.31
CA THR Q 154 0.70 18.87 -42.56
C THR Q 154 -0.41 18.18 -43.36
N TYR Q 155 -0.52 18.53 -44.64
CA TYR Q 155 -1.56 17.96 -45.49
C TYR Q 155 -1.26 16.51 -45.86
N ILE Q 156 0.02 16.23 -46.13
CA ILE Q 156 0.46 14.89 -46.49
C ILE Q 156 0.09 13.91 -45.38
N ARG Q 157 0.38 14.31 -44.14
CA ARG Q 157 0.05 13.53 -42.97
C ARG Q 157 -1.47 13.41 -42.82
N TYR Q 158 -2.19 14.48 -43.17
CA TYR Q 158 -3.65 14.42 -43.15
C TYR Q 158 -4.16 13.31 -44.06
N ILE Q 159 -3.47 13.07 -45.18
CA ILE Q 159 -3.95 12.10 -46.15
C ILE Q 159 -3.64 10.66 -45.77
N GLN Q 160 -2.45 10.39 -45.29
CA GLN Q 160 -2.08 9.03 -44.90
C GLN Q 160 -2.92 8.59 -43.71
N GLN Q 161 -3.20 9.53 -42.81
CA GLN Q 161 -4.07 9.25 -41.69
C GLN Q 161 -5.48 9.69 -42.02
N GLY Q 162 -5.74 9.88 -43.32
CA GLY Q 162 -6.97 10.48 -43.80
C GLY Q 162 -8.22 9.85 -43.25
N LEU Q 163 -9.12 10.63 -42.65
CA LEU Q 163 -9.03 12.09 -42.43
C LEU Q 163 -9.28 12.96 -43.65
N VAL Q 164 -9.22 12.38 -44.84
CA VAL Q 164 -9.73 13.08 -46.01
C VAL Q 164 -10.86 12.24 -46.58
N LYS Q 165 -12.08 12.74 -46.42
CA LYS Q 165 -13.26 11.98 -46.80
C LYS Q 165 -13.91 12.52 -48.06
N GLN Q 166 -14.30 13.79 -47.99
CA GLN Q 166 -15.19 14.42 -48.97
C GLN Q 166 -14.48 15.05 -50.16
N GLN Q 167 -13.17 14.89 -50.24
CA GLN Q 167 -12.42 15.50 -51.34
C GLN Q 167 -12.15 14.50 -52.47
N ASP Q 168 -12.60 14.86 -53.67
CA ASP Q 168 -12.31 14.05 -54.85
CA ASP Q 168 -12.31 14.07 -54.86
C ASP Q 168 -10.81 14.10 -55.14
N VAL Q 169 -10.30 13.04 -55.78
CA VAL Q 169 -8.87 12.92 -55.99
C VAL Q 169 -8.29 14.12 -56.75
N ASP Q 170 -9.08 14.68 -57.66
CA ASP Q 170 -8.64 15.84 -58.43
C ASP Q 170 -8.36 17.04 -57.53
N GLN Q 171 -9.28 17.30 -56.61
CA GLN Q 171 -9.10 18.38 -55.65
C GLN Q 171 -7.86 18.17 -54.80
N MET Q 172 -7.66 16.93 -54.34
CA MET Q 172 -6.51 16.61 -53.52
C MET Q 172 -5.23 16.89 -54.30
N PHE Q 173 -5.21 16.52 -55.57
CA PHE Q 173 -4.06 16.78 -56.41
C PHE Q 173 -3.75 18.28 -56.49
N TRP Q 174 -4.78 19.07 -56.78
CA TRP Q 174 -4.61 20.53 -56.95
C TRP Q 174 -4.33 21.24 -55.64
N GLU Q 175 -4.68 20.61 -54.52
CA GLU Q 175 -4.30 21.14 -53.23
C GLU Q 175 -2.79 20.96 -53.04
N VAL Q 176 -2.29 19.79 -53.44
CA VAL Q 176 -0.87 19.51 -53.36
C VAL Q 176 -0.12 20.47 -54.29
N MET Q 177 -0.69 20.71 -55.47
CA MET Q 177 -0.09 21.64 -56.41
C MET Q 177 0.01 23.05 -55.83
N GLN Q 178 -1.07 23.50 -55.17
CA GLN Q 178 -1.06 24.81 -54.53
C GLN Q 178 0.06 24.85 -53.49
N LEU Q 179 0.11 23.81 -52.66
CA LEU Q 179 1.16 23.70 -51.66
C LEU Q 179 2.55 23.80 -52.29
N ARG Q 180 2.72 23.18 -53.46
CA ARG Q 180 3.99 23.24 -54.16
C ARG Q 180 4.23 24.63 -54.76
N LYS Q 181 3.16 25.27 -55.22
CA LYS Q 181 3.28 26.62 -55.78
C LYS Q 181 3.86 27.59 -54.75
N GLU Q 182 3.36 27.48 -53.53
CA GLU Q 182 3.83 28.30 -52.43
C GLU Q 182 5.30 28.06 -52.13
N MET Q 183 5.69 26.79 -52.02
CA MET Q 183 7.09 26.46 -51.77
C MET Q 183 7.93 26.98 -52.93
N SER Q 184 7.41 26.83 -54.14
CA SER Q 184 8.11 27.27 -55.33
C SER Q 184 8.35 28.78 -55.32
N LEU Q 185 7.40 29.53 -54.76
CA LEU Q 185 7.53 30.99 -54.64
C LEU Q 185 8.50 31.42 -53.56
N ALA Q 186 8.42 30.77 -52.40
CA ALA Q 186 9.32 31.04 -51.27
C ALA Q 186 10.77 30.70 -51.64
N LYS Q 187 10.94 29.58 -52.32
CA LYS Q 187 12.23 29.15 -52.85
C LYS Q 187 12.98 30.28 -53.56
N LEU Q 188 12.26 31.08 -54.35
CA LEU Q 188 12.88 32.11 -55.18
C LEU Q 188 12.81 33.47 -54.50
N GLY Q 189 12.24 33.50 -53.31
CA GLY Q 189 12.21 34.73 -52.53
C GLY Q 189 10.93 35.55 -52.55
N TYR Q 190 9.85 34.99 -53.09
CA TYR Q 190 8.59 35.71 -53.08
C TYR Q 190 7.75 35.31 -51.88
N PHE Q 191 7.58 36.24 -50.94
CA PHE Q 191 6.84 35.88 -49.73
C PHE Q 191 5.82 36.92 -49.27
N LYS Q 192 5.09 36.56 -48.22
CA LYS Q 192 4.03 37.39 -47.68
C LYS Q 192 4.27 37.60 -46.18
N GLU Q 193 3.81 38.74 -45.66
CA GLU Q 193 4.04 39.08 -44.26
C GLU Q 193 2.75 39.56 -43.57
N GLU Q 194 2.83 39.77 -42.25
CA GLU Q 194 1.69 40.15 -41.41
C GLU Q 194 0.77 38.97 -41.13
N LEU R 30 -27.97 36.68 -68.55
CA LEU R 30 -27.17 35.56 -68.07
C LEU R 30 -26.57 35.86 -66.70
N MET R 31 -26.21 37.11 -66.47
CA MET R 31 -25.59 37.55 -65.23
C MET R 31 -26.62 37.89 -64.14
N GLU R 32 -27.88 37.95 -64.55
CA GLU R 32 -28.99 38.26 -63.64
C GLU R 32 -29.47 37.02 -62.87
N ALA R 33 -28.99 35.85 -63.29
CA ALA R 33 -29.36 34.59 -62.65
C ALA R 33 -28.76 34.53 -61.25
N ILE R 34 -27.60 35.14 -61.06
CA ILE R 34 -26.96 35.17 -59.76
C ILE R 34 -27.66 36.16 -58.85
N GLN R 35 -28.35 37.13 -59.47
CA GLN R 35 -29.12 38.13 -58.73
C GLN R 35 -30.42 37.53 -58.21
N LYS R 36 -31.00 36.62 -59.00
CA LYS R 36 -32.24 35.96 -58.64
C LYS R 36 -31.97 34.78 -57.71
N GLN R 37 -30.75 34.25 -57.78
CA GLN R 37 -30.36 33.11 -56.95
C GLN R 37 -30.05 33.53 -55.51
N GLU R 38 -29.72 34.80 -55.34
CA GLU R 38 -29.51 35.37 -54.00
C GLU R 38 -30.85 35.68 -53.34
N GLU R 39 -31.88 35.91 -54.14
CA GLU R 39 -33.22 36.17 -53.62
C GLU R 39 -33.84 34.89 -53.09
N ILE R 40 -33.43 33.76 -53.63
CA ILE R 40 -33.88 32.46 -53.14
C ILE R 40 -33.22 32.15 -51.81
N ASN R 41 -31.91 32.35 -51.76
CA ASN R 41 -31.13 32.17 -50.54
C ASN R 41 -31.65 33.04 -49.40
N PHE R 42 -31.94 34.30 -49.70
CA PHE R 42 -32.47 35.23 -48.71
C PHE R 42 -33.77 34.72 -48.11
N ARG R 43 -34.67 34.25 -48.97
CA ARG R 43 -35.97 33.73 -48.54
C ARG R 43 -35.82 32.41 -47.81
N LEU R 44 -34.95 31.54 -48.32
CA LEU R 44 -34.69 30.24 -47.70
C LEU R 44 -34.12 30.38 -46.30
N GLN R 45 -33.19 31.31 -46.14
CA GLN R 45 -32.56 31.51 -44.85
C GLN R 45 -33.49 32.24 -43.89
N ASP R 46 -34.22 33.22 -44.41
CA ASP R 46 -35.19 33.97 -43.60
C ASP R 46 -36.27 33.03 -43.09
N TYR R 47 -36.55 31.98 -43.86
CA TYR R 47 -37.48 30.93 -43.45
C TYR R 47 -36.88 30.12 -42.30
N ILE R 48 -35.63 29.73 -42.48
CA ILE R 48 -34.94 28.91 -41.50
C ILE R 48 -34.85 29.61 -40.14
N ASP R 49 -34.66 30.93 -40.17
CA ASP R 49 -34.56 31.70 -38.93
C ASP R 49 -35.85 31.60 -38.13
N ARG R 50 -36.95 31.97 -38.79
CA ARG R 50 -38.26 32.03 -38.17
C ARG R 50 -38.69 30.67 -37.61
N ILE R 51 -38.51 29.63 -38.40
CA ILE R 51 -38.95 28.30 -38.02
C ILE R 51 -38.18 27.79 -36.80
N ILE R 52 -36.90 28.11 -36.73
CA ILE R 52 -36.11 27.71 -35.57
C ILE R 52 -36.65 28.40 -34.32
N VAL R 53 -37.01 29.67 -34.49
CA VAL R 53 -37.61 30.46 -33.42
C VAL R 53 -38.84 29.76 -32.87
N ALA R 54 -39.70 29.30 -33.76
CA ALA R 54 -40.91 28.59 -33.38
C ALA R 54 -40.59 27.28 -32.67
N ILE R 55 -39.62 26.55 -33.19
CA ILE R 55 -39.25 25.26 -32.61
C ILE R 55 -38.77 25.40 -31.17
N MET R 56 -38.03 26.47 -30.89
CA MET R 56 -37.51 26.71 -29.55
C MET R 56 -38.56 27.32 -28.61
N GLU R 57 -39.45 28.14 -29.15
CA GLU R 57 -40.50 28.79 -28.36
C GLU R 57 -41.48 27.77 -27.81
N THR R 58 -41.47 26.56 -28.36
CA THR R 58 -42.37 25.52 -27.91
C THR R 58 -41.63 24.23 -27.51
N ASN R 59 -41.18 23.45 -28.49
CA ASN R 59 -40.49 22.19 -28.19
C ASN R 59 -39.08 22.10 -28.77
N PRO R 60 -38.09 22.62 -28.04
CA PRO R 60 -36.70 22.64 -28.53
C PRO R 60 -36.09 21.24 -28.66
N SER R 61 -36.79 20.23 -28.14
CA SER R 61 -36.32 18.84 -28.20
C SER R 61 -35.96 18.40 -29.62
N ILE R 62 -36.60 19.01 -30.61
CA ILE R 62 -36.41 18.66 -32.01
C ILE R 62 -34.97 18.80 -32.48
N LEU R 63 -34.31 19.83 -31.97
CA LEU R 63 -33.00 20.25 -32.49
C LEU R 63 -31.84 19.41 -31.99
N GLU R 64 -32.13 18.28 -31.35
CA GLU R 64 -31.09 17.39 -30.87
C GLU R 64 -30.50 16.57 -32.02
N VAL R 65 -29.17 16.39 -31.98
CA VAL R 65 -28.50 15.55 -32.95
C VAL R 65 -28.57 14.09 -32.53
N LYS R 66 -29.19 13.26 -33.36
CA LYS R 66 -29.31 11.83 -33.12
C LYS R 66 -30.06 11.55 -31.81
N GLU S 8 0.71 -14.64 -15.24
CA GLU S 8 0.90 -13.23 -14.93
C GLU S 8 2.25 -12.99 -14.26
N TYR S 9 2.74 -11.76 -14.37
CA TYR S 9 4.03 -11.39 -13.81
C TYR S 9 4.01 -9.96 -13.28
N ASP S 10 4.94 -9.65 -12.37
CA ASP S 10 5.00 -8.31 -11.78
C ASP S 10 5.84 -7.39 -12.64
N TYR S 11 6.93 -7.92 -13.19
CA TYR S 11 7.78 -7.13 -14.06
C TYR S 11 8.18 -7.93 -15.31
N LEU S 12 8.31 -7.25 -16.44
CA LEU S 12 8.82 -7.88 -17.67
C LEU S 12 10.08 -7.19 -18.16
N PHE S 13 11.21 -7.88 -18.02
CA PHE S 13 12.48 -7.28 -18.43
C PHE S 13 12.99 -7.90 -19.73
N LYS S 14 13.33 -7.04 -20.69
CA LYS S 14 13.97 -7.47 -21.92
C LYS S 14 15.48 -7.34 -21.79
N VAL S 15 16.19 -8.46 -21.89
CA VAL S 15 17.64 -8.43 -21.83
C VAL S 15 18.22 -8.96 -23.12
N VAL S 16 19.13 -8.19 -23.72
CA VAL S 16 19.72 -8.57 -25.00
C VAL S 16 21.12 -9.14 -24.80
N LEU S 17 21.48 -10.14 -25.59
CA LEU S 17 22.82 -10.72 -25.57
C LEU S 17 23.70 -10.13 -26.68
N ILE S 18 24.84 -9.59 -26.28
CA ILE S 18 25.81 -9.04 -27.24
C ILE S 18 27.24 -9.49 -26.97
N GLY S 19 28.08 -9.40 -27.98
CA GLY S 19 29.48 -9.74 -27.87
C GLY S 19 29.92 -10.36 -29.18
N ASP S 20 31.23 -10.54 -29.35
CA ASP S 20 31.74 -11.13 -30.58
C ASP S 20 31.11 -12.48 -30.87
N SER S 21 31.00 -12.82 -32.15
CA SER S 21 30.49 -14.11 -32.56
C SER S 21 31.43 -15.23 -32.09
N GLY S 22 30.87 -16.25 -31.46
CA GLY S 22 31.65 -17.39 -31.00
C GLY S 22 32.06 -17.35 -29.54
N VAL S 23 31.58 -16.35 -28.81
CA VAL S 23 31.89 -16.25 -27.39
C VAL S 23 30.96 -17.15 -26.56
N GLY S 24 29.87 -17.59 -27.16
CA GLY S 24 28.98 -18.53 -26.49
C GLY S 24 27.64 -17.93 -26.10
N LYS S 25 27.28 -16.83 -26.75
CA LYS S 25 26.03 -16.13 -26.49
C LYS S 25 24.82 -17.05 -26.58
N SER S 26 24.64 -17.72 -27.73
CA SER S 26 23.49 -18.60 -27.94
C SER S 26 23.39 -19.73 -26.92
N ASN S 27 24.53 -20.23 -26.45
CA ASN S 27 24.51 -21.32 -25.48
C ASN S 27 24.27 -20.83 -24.06
N LEU S 28 24.66 -19.60 -23.76
CA LEU S 28 24.29 -19.02 -22.49
C LEU S 28 22.77 -18.99 -22.44
N LEU S 29 22.17 -18.62 -23.57
CA LEU S 29 20.71 -18.58 -23.69
C LEU S 29 20.08 -19.95 -23.51
N SER S 30 20.56 -20.92 -24.27
CA SER S 30 20.01 -22.28 -24.22
C SER S 30 20.23 -22.91 -22.85
N ARG S 31 21.38 -22.61 -22.26
CA ARG S 31 21.74 -23.13 -20.95
C ARG S 31 20.78 -22.60 -19.90
N PHE S 32 20.51 -21.30 -19.98
CA PHE S 32 19.64 -20.63 -19.03
C PHE S 32 18.17 -20.99 -19.19
N THR S 33 17.67 -20.97 -20.42
CA THR S 33 16.23 -21.14 -20.64
C THR S 33 15.79 -22.60 -20.57
N ARG S 34 16.52 -23.49 -21.23
CA ARG S 34 16.13 -24.90 -21.23
C ARG S 34 17.23 -25.85 -20.75
N ASN S 35 18.22 -25.29 -20.04
CA ASN S 35 19.37 -26.04 -19.52
C ASN S 35 19.93 -27.03 -20.54
N GLU S 36 20.15 -26.56 -21.76
CA GLU S 36 20.70 -27.38 -22.82
C GLU S 36 21.97 -26.75 -23.35
N PHE S 37 22.96 -27.57 -23.67
CA PHE S 37 24.20 -27.06 -24.25
C PHE S 37 24.52 -27.83 -25.54
N ASN S 38 25.04 -27.11 -26.52
CA ASN S 38 25.37 -27.72 -27.80
C ASN S 38 26.81 -27.40 -28.20
N LEU S 39 27.65 -28.42 -28.29
CA LEU S 39 29.06 -28.22 -28.59
C LEU S 39 29.30 -27.80 -30.05
N GLU S 40 28.49 -28.33 -30.97
CA GLU S 40 28.72 -28.13 -32.39
C GLU S 40 27.88 -27.01 -32.99
N SER S 41 27.16 -26.27 -32.14
CA SER S 41 26.18 -25.29 -32.60
C SER S 41 26.75 -24.33 -33.63
N LYS S 42 25.96 -24.05 -34.66
CA LYS S 42 26.40 -23.19 -35.74
C LYS S 42 25.95 -21.75 -35.50
N SER S 43 26.36 -20.84 -36.38
CA SER S 43 26.13 -19.42 -36.16
C SER S 43 24.64 -19.08 -36.22
N THR S 44 24.26 -18.09 -35.45
CA THR S 44 22.86 -17.73 -35.30
C THR S 44 22.40 -16.84 -36.45
N ILE S 45 21.37 -17.28 -37.17
CA ILE S 45 20.79 -16.46 -38.23
C ILE S 45 19.51 -15.80 -37.76
N GLY S 46 19.30 -14.56 -38.16
CA GLY S 46 18.12 -13.82 -37.76
C GLY S 46 18.16 -13.37 -36.31
N VAL S 47 16.99 -13.37 -35.68
CA VAL S 47 16.86 -12.96 -34.30
C VAL S 47 15.89 -13.87 -33.54
N GLU S 48 16.26 -14.22 -32.31
CA GLU S 48 15.45 -15.09 -31.47
C GLU S 48 15.33 -14.52 -30.07
N PHE S 49 14.42 -15.08 -29.29
CA PHE S 49 14.39 -14.88 -27.85
C PHE S 49 13.68 -16.04 -27.18
N ALA S 50 14.05 -16.31 -25.94
CA ALA S 50 13.37 -17.33 -25.14
C ALA S 50 13.02 -16.73 -23.79
N THR S 51 12.04 -17.32 -23.11
CA THR S 51 11.56 -16.76 -21.85
C THR S 51 11.69 -17.74 -20.69
N ARG S 52 11.93 -17.19 -19.50
CA ARG S 52 11.92 -17.96 -18.26
C ARG S 52 11.55 -17.02 -17.12
N SER S 53 10.87 -17.56 -16.10
CA SER S 53 10.45 -16.73 -14.98
C SER S 53 11.36 -16.96 -13.75
N ILE S 54 11.64 -15.89 -13.03
CA ILE S 54 12.56 -15.94 -11.89
C ILE S 54 12.07 -15.11 -10.70
N GLN S 55 12.58 -15.42 -9.52
CA GLN S 55 12.23 -14.69 -8.30
C GLN S 55 13.30 -13.70 -7.87
N VAL S 56 12.90 -12.44 -7.72
CA VAL S 56 13.79 -11.40 -7.25
C VAL S 56 13.06 -10.59 -6.18
N ASP S 57 13.51 -10.76 -4.94
CA ASP S 57 12.89 -10.10 -3.79
C ASP S 57 11.41 -10.47 -3.70
N GLY S 58 11.12 -11.76 -3.86
CA GLY S 58 9.77 -12.27 -3.73
C GLY S 58 8.84 -12.06 -4.91
N LYS S 59 9.15 -11.06 -5.74
CA LYS S 59 8.32 -10.77 -6.89
C LYS S 59 8.80 -11.56 -8.11
N THR S 60 7.86 -12.06 -8.92
CA THR S 60 8.19 -12.85 -10.10
C THR S 60 8.51 -11.99 -11.32
N ILE S 61 9.71 -12.19 -11.87
CA ILE S 61 10.15 -11.49 -13.06
C ILE S 61 10.21 -12.42 -14.25
N LYS S 62 9.47 -12.10 -15.31
CA LYS S 62 9.54 -12.90 -16.53
C LYS S 62 10.57 -12.27 -17.46
N ALA S 63 11.63 -13.04 -17.73
CA ALA S 63 12.75 -12.56 -18.53
C ALA S 63 12.62 -12.91 -20.02
N GLN S 64 12.87 -11.91 -20.86
CA GLN S 64 12.87 -12.09 -22.30
C GLN S 64 14.33 -11.96 -22.79
N ILE S 65 14.99 -13.09 -22.98
CA ILE S 65 16.40 -13.07 -23.38
C ILE S 65 16.53 -13.14 -24.90
N TRP S 66 17.01 -12.06 -25.51
CA TRP S 66 17.20 -12.00 -26.95
C TRP S 66 18.62 -12.38 -27.37
N ASP S 67 18.73 -13.05 -28.50
CA ASP S 67 20.00 -13.55 -29.02
C ASP S 67 20.05 -13.24 -30.50
N THR S 68 21.26 -12.99 -31.01
CA THR S 68 21.44 -12.78 -32.43
C THR S 68 22.86 -13.02 -32.89
N ALA S 69 23.07 -12.90 -34.20
CA ALA S 69 24.37 -13.12 -34.81
C ALA S 69 25.38 -12.08 -34.33
N GLY S 70 26.54 -12.55 -33.88
CA GLY S 70 27.58 -11.69 -33.35
C GLY S 70 28.25 -10.67 -34.26
N LEU S 71 28.25 -10.91 -35.56
CA LEU S 71 28.87 -9.96 -36.50
C LEU S 71 27.95 -8.77 -36.77
N GLU S 72 28.44 -7.59 -36.42
CA GLU S 72 27.64 -6.37 -36.59
C GLU S 72 28.52 -5.20 -37.05
N ARG S 73 28.20 -4.62 -38.20
CA ARG S 73 27.22 -5.17 -39.16
C ARG S 73 27.79 -6.41 -39.84
N ALA S 76 24.38 -3.27 -38.98
CA ALA S 76 23.21 -3.64 -39.76
C ALA S 76 21.97 -3.00 -39.17
N ILE S 77 20.90 -3.79 -39.02
CA ILE S 77 19.69 -3.25 -38.41
C ILE S 77 19.64 -3.75 -36.98
N THR S 78 19.94 -2.84 -36.07
CA THR S 78 20.15 -3.18 -34.68
C THR S 78 19.21 -2.41 -33.78
N SER S 79 18.79 -1.24 -34.24
CA SER S 79 17.95 -0.34 -33.47
C SER S 79 16.74 -1.06 -32.89
N ALA S 80 16.11 -1.92 -33.69
CA ALA S 80 14.97 -2.69 -33.24
C ALA S 80 15.39 -3.68 -32.15
N TYR S 81 16.59 -4.25 -32.31
CA TYR S 81 17.14 -5.21 -31.37
C TYR S 81 17.35 -4.64 -29.96
N TYR S 82 17.92 -3.44 -29.90
CA TYR S 82 18.23 -2.82 -28.62
C TYR S 82 17.01 -2.13 -28.00
N ARG S 83 16.01 -1.83 -28.83
CA ARG S 83 14.82 -1.12 -28.36
C ARG S 83 14.13 -1.80 -27.18
N GLY S 84 13.88 -1.04 -26.12
CA GLY S 84 13.16 -1.55 -24.96
C GLY S 84 13.99 -2.43 -24.04
N ALA S 85 15.25 -2.63 -24.38
CA ALA S 85 16.12 -3.46 -23.57
C ALA S 85 16.51 -2.73 -22.28
N VAL S 86 16.30 -3.40 -21.15
CA VAL S 86 16.63 -2.83 -19.86
C VAL S 86 17.92 -3.44 -19.32
N GLY S 87 18.43 -4.43 -20.04
CA GLY S 87 19.65 -5.11 -19.65
C GLY S 87 20.38 -5.68 -20.86
N ALA S 88 21.70 -5.77 -20.74
CA ALA S 88 22.51 -6.33 -21.81
C ALA S 88 23.67 -7.16 -21.25
N LEU S 89 23.82 -8.38 -21.76
CA LEU S 89 24.94 -9.23 -21.38
C LEU S 89 26.01 -9.14 -22.46
N LEU S 90 27.08 -8.41 -22.16
CA LEU S 90 28.17 -8.24 -23.10
C LEU S 90 29.16 -9.37 -22.90
N VAL S 91 29.23 -10.29 -23.86
CA VAL S 91 29.95 -11.54 -23.66
C VAL S 91 31.26 -11.64 -24.45
N TYR S 92 32.29 -12.17 -23.80
CA TYR S 92 33.53 -12.46 -24.52
C TYR S 92 34.05 -13.86 -24.15
N ASP S 93 35.00 -14.35 -24.94
CA ASP S 93 35.60 -15.66 -24.73
C ASP S 93 36.87 -15.53 -23.89
N ILE S 94 36.86 -16.09 -22.68
CA ILE S 94 38.01 -16.05 -21.78
C ILE S 94 39.30 -16.47 -22.50
N ALA S 95 39.14 -17.34 -23.50
CA ALA S 95 40.27 -17.91 -24.23
C ALA S 95 40.64 -17.17 -25.52
N LYS S 96 39.86 -16.14 -25.87
CA LYS S 96 40.21 -15.31 -27.03
C LYS S 96 40.37 -13.84 -26.68
N HIS S 97 41.63 -13.39 -26.57
CA HIS S 97 41.89 -12.02 -26.15
C HIS S 97 41.23 -11.03 -27.08
N LEU S 98 41.16 -11.39 -28.35
CA LEU S 98 40.55 -10.52 -29.35
C LEU S 98 39.09 -10.25 -28.97
N THR S 99 38.41 -11.26 -28.43
CA THR S 99 37.02 -11.10 -28.04
C THR S 99 36.88 -10.21 -26.80
N TYR S 100 37.96 -10.11 -26.03
CA TYR S 100 37.99 -9.19 -24.89
C TYR S 100 38.27 -7.78 -25.39
N GLU S 101 39.23 -7.66 -26.30
CA GLU S 101 39.58 -6.38 -26.90
C GLU S 101 38.37 -5.71 -27.51
N ASN S 102 37.54 -6.50 -28.18
CA ASN S 102 36.36 -5.96 -28.85
C ASN S 102 35.23 -5.61 -27.90
N VAL S 103 35.41 -5.90 -26.61
CA VAL S 103 34.37 -5.56 -25.63
C VAL S 103 34.09 -4.07 -25.68
N GLU S 104 35.14 -3.28 -25.91
CA GLU S 104 35.00 -1.84 -26.02
C GLU S 104 34.12 -1.45 -27.21
N ARG S 105 34.29 -2.15 -28.32
CA ARG S 105 33.52 -1.83 -29.52
C ARG S 105 32.04 -2.09 -29.29
N TRP S 106 31.75 -3.12 -28.50
CA TRP S 106 30.37 -3.49 -28.19
C TRP S 106 29.76 -2.50 -27.22
N LEU S 107 30.56 -2.07 -26.24
CA LEU S 107 30.15 -1.07 -25.28
C LEU S 107 29.81 0.24 -25.99
N LYS S 108 30.54 0.55 -27.05
CA LYS S 108 30.28 1.72 -27.87
C LYS S 108 28.93 1.62 -28.58
N GLU S 109 28.72 0.52 -29.29
CA GLU S 109 27.47 0.27 -30.00
C GLU S 109 26.29 0.32 -29.04
N LEU S 110 26.51 -0.18 -27.82
CA LEU S 110 25.45 -0.22 -26.82
C LEU S 110 24.96 1.15 -26.37
N ARG S 111 25.90 2.00 -25.97
CA ARG S 111 25.57 3.32 -25.42
C ARG S 111 25.11 4.30 -26.49
N ASP S 112 25.11 3.84 -27.74
CA ASP S 112 24.70 4.66 -28.86
C ASP S 112 23.27 4.26 -29.23
N HIS S 113 23.03 2.96 -29.37
CA HIS S 113 21.77 2.49 -29.90
C HIS S 113 20.80 2.05 -28.80
N ALA S 114 21.27 1.99 -27.56
CA ALA S 114 20.42 1.53 -26.47
C ALA S 114 20.13 2.61 -25.45
N ASP S 115 19.00 2.46 -24.76
CA ASP S 115 18.64 3.37 -23.68
C ASP S 115 19.70 3.37 -22.60
N SER S 116 19.89 4.50 -21.94
CA SER S 116 20.70 4.52 -20.74
C SER S 116 19.90 3.87 -19.62
N ASN S 117 20.48 3.79 -18.42
CA ASN S 117 19.83 3.14 -17.30
C ASN S 117 19.73 1.63 -17.52
N ILE S 118 20.09 1.19 -18.72
CA ILE S 118 20.13 -0.23 -19.06
C ILE S 118 21.24 -0.89 -18.27
N VAL S 119 20.91 -1.92 -17.52
CA VAL S 119 21.93 -2.64 -16.76
C VAL S 119 22.84 -3.41 -17.71
N ILE S 120 24.13 -3.19 -17.62
CA ILE S 120 25.08 -3.88 -18.49
C ILE S 120 26.01 -4.76 -17.66
N MET S 121 26.06 -6.05 -18.01
CA MET S 121 26.96 -6.99 -17.33
C MET S 121 28.03 -7.58 -18.26
N LEU S 122 29.26 -7.64 -17.77
CA LEU S 122 30.36 -8.24 -18.53
C LEU S 122 30.53 -9.74 -18.22
N VAL S 123 30.49 -10.56 -19.26
CA VAL S 123 30.64 -12.02 -19.17
C VAL S 123 31.66 -12.43 -20.22
N GLY S 124 32.69 -13.21 -19.87
CA GLY S 124 32.80 -13.93 -18.63
C GLY S 124 32.62 -15.42 -18.93
N ASN S 125 32.71 -15.80 -20.21
CA ASN S 125 32.36 -17.17 -20.59
C ASN S 125 33.53 -18.08 -20.99
N LYS S 126 33.26 -19.39 -20.99
CA LYS S 126 34.26 -20.41 -21.25
C LYS S 126 35.31 -20.49 -20.14
N SER S 127 34.86 -20.31 -18.90
CA SER S 127 35.73 -20.43 -17.74
C SER S 127 36.21 -21.87 -17.57
N ASP S 128 35.54 -22.79 -18.26
CA ASP S 128 35.84 -24.21 -18.15
C ASP S 128 37.16 -24.60 -18.82
N LEU S 129 37.67 -23.75 -19.72
CA LEU S 129 38.96 -24.06 -20.32
C LEU S 129 40.02 -23.35 -19.48
N ARG S 130 40.69 -24.15 -18.66
CA ARG S 130 41.55 -23.64 -17.60
C ARG S 130 42.93 -23.31 -18.14
N HIS S 131 43.35 -24.09 -19.13
CA HIS S 131 44.69 -23.96 -19.70
C HIS S 131 44.76 -22.95 -20.84
N LEU S 132 43.59 -22.54 -21.33
CA LEU S 132 43.54 -21.61 -22.45
C LEU S 132 43.26 -20.14 -22.08
N ARG S 133 43.10 -19.83 -20.81
CA ARG S 133 42.67 -18.49 -20.40
C ARG S 133 43.60 -17.39 -20.92
N ALA S 134 43.05 -16.47 -21.72
CA ALA S 134 43.80 -15.29 -22.19
C ALA S 134 43.45 -14.01 -21.44
N VAL S 135 42.45 -14.07 -20.57
CA VAL S 135 41.94 -12.88 -19.90
C VAL S 135 41.75 -13.10 -18.40
N PRO S 136 42.77 -12.77 -17.60
CA PRO S 136 42.76 -12.95 -16.15
C PRO S 136 41.56 -12.26 -15.48
N THR S 137 40.94 -12.97 -14.54
CA THR S 137 39.69 -12.50 -13.92
C THR S 137 39.81 -11.08 -13.36
N ASP S 138 40.95 -10.79 -12.72
CA ASP S 138 41.16 -9.50 -12.08
C ASP S 138 41.17 -8.35 -13.08
N GLU S 139 41.90 -8.51 -14.18
CA GLU S 139 42.01 -7.45 -15.19
C GLU S 139 40.66 -7.10 -15.83
N ALA S 140 39.81 -8.11 -16.00
CA ALA S 140 38.52 -7.89 -16.62
C ALA S 140 37.58 -7.20 -15.63
N ARG S 141 37.49 -7.75 -14.43
CA ARG S 141 36.65 -7.18 -13.37
C ARG S 141 36.96 -5.70 -13.14
N ALA S 142 38.24 -5.34 -13.27
CA ALA S 142 38.65 -3.94 -13.13
C ALA S 142 38.03 -3.08 -14.23
N PHE S 143 38.18 -3.53 -15.47
CA PHE S 143 37.61 -2.83 -16.62
C PHE S 143 36.09 -2.69 -16.44
N ALA S 144 35.48 -3.72 -15.87
CA ALA S 144 34.03 -3.73 -15.66
C ALA S 144 33.59 -2.68 -14.64
N GLU S 145 34.20 -2.72 -13.47
CA GLU S 145 33.84 -1.82 -12.37
C GLU S 145 34.12 -0.35 -12.68
N LYS S 146 35.20 -0.09 -13.43
CA LYS S 146 35.55 1.28 -13.79
C LYS S 146 34.58 1.87 -14.84
N ASN S 147 33.93 1.00 -15.60
CA ASN S 147 32.97 1.45 -16.63
C ASN S 147 31.52 1.28 -16.19
N GLY S 148 31.33 0.99 -14.91
CA GLY S 148 30.00 0.88 -14.33
C GLY S 148 29.28 -0.38 -14.77
N LEU S 149 30.02 -1.48 -14.83
CA LEU S 149 29.47 -2.75 -15.25
C LEU S 149 29.58 -3.75 -14.11
N SER S 150 28.56 -4.58 -13.95
CA SER S 150 28.66 -5.73 -13.07
C SER S 150 29.54 -6.74 -13.79
N PHE S 151 30.07 -7.73 -13.05
CA PHE S 151 30.97 -8.69 -13.67
C PHE S 151 30.86 -10.07 -13.06
N ILE S 152 30.94 -11.08 -13.93
CA ILE S 152 30.94 -12.47 -13.49
C ILE S 152 31.58 -13.34 -14.57
N GLU S 153 32.11 -14.49 -14.19
CA GLU S 153 32.63 -15.45 -15.15
C GLU S 153 31.76 -16.70 -15.17
N THR S 154 31.37 -17.11 -16.37
CA THR S 154 30.46 -18.23 -16.54
C THR S 154 31.02 -19.28 -17.48
N SER S 155 30.52 -20.51 -17.34
CA SER S 155 30.73 -21.55 -18.34
C SER S 155 29.40 -22.17 -18.71
N ALA S 156 28.96 -21.93 -19.94
CA ALA S 156 27.72 -22.49 -20.44
C ALA S 156 27.80 -24.01 -20.52
N LEU S 157 29.01 -24.51 -20.71
CA LEU S 157 29.23 -25.93 -20.91
C LEU S 157 28.96 -26.75 -19.64
N ASP S 158 29.60 -26.38 -18.54
CA ASP S 158 29.40 -27.07 -17.26
C ASP S 158 28.42 -26.35 -16.33
N SER S 159 27.84 -25.25 -16.80
CA SER S 159 26.76 -24.53 -16.11
C SER S 159 27.21 -23.53 -15.03
N THR S 160 28.50 -23.50 -14.73
CA THR S 160 29.00 -22.66 -13.63
C THR S 160 28.64 -21.18 -13.79
N ASN S 161 27.98 -20.63 -12.77
CA ASN S 161 27.67 -19.20 -12.69
C ASN S 161 26.74 -18.65 -13.77
N VAL S 162 26.27 -19.51 -14.67
CA VAL S 162 25.34 -19.08 -15.71
C VAL S 162 24.05 -18.57 -15.08
N GLU S 163 23.50 -19.38 -14.18
CA GLU S 163 22.30 -19.02 -13.43
C GLU S 163 22.50 -17.70 -12.69
N ALA S 164 23.59 -17.63 -11.94
CA ALA S 164 23.91 -16.45 -11.13
C ALA S 164 23.98 -15.19 -11.98
N ALA S 165 24.56 -15.30 -13.18
CA ALA S 165 24.75 -14.16 -14.05
C ALA S 165 23.41 -13.50 -14.38
N PHE S 166 22.43 -14.32 -14.72
CA PHE S 166 21.10 -13.81 -15.03
C PHE S 166 20.42 -13.29 -13.77
N GLN S 167 20.50 -14.04 -12.67
CA GLN S 167 19.94 -13.60 -11.40
C GLN S 167 20.50 -12.27 -10.95
N THR S 168 21.79 -12.06 -11.17
CA THR S 168 22.45 -10.83 -10.77
C THR S 168 21.95 -9.67 -11.61
N ILE S 169 22.02 -9.82 -12.93
CA ILE S 169 21.64 -8.75 -13.85
C ILE S 169 20.15 -8.45 -13.76
N LEU S 170 19.34 -9.47 -13.44
CA LEU S 170 17.90 -9.29 -13.31
C LEU S 170 17.50 -8.49 -12.07
N THR S 171 18.15 -8.77 -10.94
CA THR S 171 17.84 -8.08 -9.70
C THR S 171 18.32 -6.63 -9.70
N GLU S 172 19.45 -6.37 -10.35
CA GLU S 172 19.94 -5.01 -10.49
C GLU S 172 18.93 -4.22 -11.32
N ILE S 173 18.27 -4.93 -12.23
CA ILE S 173 17.23 -4.34 -13.07
C ILE S 173 15.96 -4.07 -12.26
N TYR S 174 15.65 -4.98 -11.33
CA TYR S 174 14.54 -4.80 -10.39
C TYR S 174 14.74 -3.53 -9.58
N ARG S 175 15.93 -3.38 -9.02
CA ARG S 175 16.25 -2.26 -8.15
C ARG S 175 16.13 -0.92 -8.88
N ILE S 176 16.66 -0.84 -10.10
CA ILE S 176 16.55 0.40 -10.87
C ILE S 176 15.15 0.64 -11.43
N VAL S 177 14.45 -0.43 -11.81
CA VAL S 177 13.13 -0.28 -12.42
C VAL S 177 12.02 -0.01 -11.40
N SER S 178 12.15 -0.58 -10.21
CA SER S 178 11.17 -0.33 -9.14
C SER S 178 11.24 1.12 -8.63
N GLN S 179 12.46 1.64 -8.50
CA GLN S 179 12.70 2.98 -7.95
C GLN S 179 12.14 4.14 -8.77
N LYS S 180 12.49 4.19 -10.05
CA LYS S 180 11.99 5.26 -10.91
C LYS S 180 10.51 5.05 -11.21
N PRO T 24 58.64 -27.46 -58.72
CA PRO T 24 58.16 -28.84 -58.61
C PRO T 24 56.92 -28.95 -57.72
N ILE T 25 56.44 -30.15 -57.44
CA ILE T 25 55.26 -30.30 -56.59
C ILE T 25 55.19 -31.61 -55.79
N VAL T 26 54.61 -31.51 -54.59
CA VAL T 26 54.29 -32.66 -53.76
C VAL T 26 52.96 -32.37 -53.04
N LYS T 27 52.07 -33.35 -52.93
CA LYS T 27 50.78 -33.09 -52.29
C LYS T 27 50.73 -33.69 -50.88
N ASP T 28 50.04 -33.01 -49.97
CA ASP T 28 49.89 -33.45 -48.58
C ASP T 28 48.59 -34.26 -48.40
N CYS T 29 48.72 -35.55 -48.06
CA CYS T 29 47.55 -36.42 -47.93
C CYS T 29 47.38 -37.01 -46.53
N LYS T 30 46.30 -37.75 -46.34
CA LYS T 30 46.06 -38.45 -45.08
C LYS T 30 45.39 -39.81 -45.33
N GLU T 31 45.87 -40.82 -44.60
CA GLU T 31 45.27 -42.15 -44.66
C GLU T 31 45.23 -42.72 -43.26
N ALA T 32 44.05 -43.18 -42.84
CA ALA T 32 43.90 -43.68 -41.48
C ALA T 32 44.68 -44.97 -41.27
N ASP T 33 45.50 -45.00 -40.22
CA ASP T 33 46.18 -46.22 -39.83
C ASP T 33 45.13 -47.13 -39.19
N LEU T 34 44.81 -48.21 -39.89
CA LEU T 34 43.72 -49.11 -39.52
C LEU T 34 43.86 -49.63 -38.09
N SER T 35 45.10 -49.90 -37.69
CA SER T 35 45.39 -50.35 -36.33
C SER T 35 44.91 -49.31 -35.33
N LEU T 36 45.28 -48.07 -35.60
CA LEU T 36 44.90 -46.95 -34.74
C LEU T 36 43.41 -46.69 -34.87
N TYR T 37 42.86 -46.92 -36.06
CA TYR T 37 41.45 -46.66 -36.31
C TYR T 37 40.57 -47.60 -35.50
N ASN T 38 40.88 -48.89 -35.57
CA ASN T 38 40.14 -49.91 -34.83
C ASN T 38 40.34 -49.78 -33.33
N GLU T 39 41.58 -49.54 -32.91
CA GLU T 39 41.87 -49.36 -31.50
C GLU T 39 41.02 -48.23 -30.92
N PHE T 40 40.90 -47.16 -31.70
CA PHE T 40 40.10 -45.99 -31.32
C PHE T 40 38.60 -46.26 -31.36
N ARG T 41 38.13 -46.79 -32.50
CA ARG T 41 36.70 -47.00 -32.70
C ARG T 41 36.10 -47.88 -31.62
N LEU T 42 36.90 -48.77 -31.05
CA LEU T 42 36.46 -49.61 -29.94
C LEU T 42 36.36 -48.80 -28.65
N TRP T 43 37.38 -48.01 -28.37
CA TRP T 43 37.42 -47.16 -27.18
C TRP T 43 36.25 -46.19 -27.19
N LYS T 44 35.92 -45.69 -28.38
CA LYS T 44 34.81 -44.77 -28.58
C LYS T 44 33.49 -45.37 -28.10
N ASP T 45 33.33 -46.68 -28.28
CA ASP T 45 32.07 -47.33 -27.92
C ASP T 45 31.92 -47.55 -26.41
N GLU T 46 33.04 -47.55 -25.68
CA GLU T 46 33.01 -47.62 -24.23
C GLU T 46 34.15 -46.81 -23.61
N PRO T 47 34.05 -45.48 -23.71
CA PRO T 47 35.07 -44.54 -23.26
C PRO T 47 35.46 -44.73 -21.80
N THR T 48 36.76 -44.69 -21.52
CA THR T 48 37.26 -44.75 -20.16
C THR T 48 38.49 -43.85 -20.04
N MET T 49 38.68 -43.30 -18.85
CA MET T 49 39.82 -42.44 -18.57
C MET T 49 40.99 -43.23 -17.98
N ASP T 50 40.82 -44.55 -17.90
CA ASP T 50 41.84 -45.45 -17.34
C ASP T 50 43.15 -45.40 -18.14
N ARG T 51 44.25 -45.14 -17.42
CA ARG T 51 45.56 -45.00 -18.05
C ARG T 51 46.04 -46.26 -18.75
N THR T 52 45.50 -47.41 -18.33
CA THR T 52 46.02 -48.72 -18.74
C THR T 52 45.28 -49.36 -19.91
N CYS T 53 44.23 -48.72 -20.41
CA CYS T 53 43.49 -49.27 -21.54
C CYS T 53 44.36 -49.17 -22.79
N PRO T 54 44.01 -49.93 -23.84
CA PRO T 54 44.82 -49.97 -25.07
C PRO T 54 45.03 -48.59 -25.70
N PHE T 55 43.93 -47.85 -25.84
CA PHE T 55 43.94 -46.55 -26.48
C PHE T 55 44.88 -45.54 -25.80
N LEU T 56 44.67 -45.33 -24.50
CA LEU T 56 45.42 -44.30 -23.78
C LEU T 56 46.88 -44.67 -23.50
N ASP T 57 47.17 -45.96 -23.36
CA ASP T 57 48.54 -46.37 -23.03
C ASP T 57 49.48 -45.93 -24.15
N LYS T 58 49.11 -46.19 -25.39
CA LYS T 58 49.93 -45.79 -26.52
C LYS T 58 50.19 -44.29 -26.46
N ILE T 59 49.12 -43.53 -26.33
CA ILE T 59 49.21 -42.07 -26.32
C ILE T 59 49.97 -41.54 -25.10
N TYR T 60 49.80 -42.19 -23.95
CA TYR T 60 50.53 -41.79 -22.75
C TYR T 60 52.02 -41.99 -22.98
N GLN T 61 52.38 -43.16 -23.51
CA GLN T 61 53.78 -43.53 -23.71
C GLN T 61 54.43 -42.81 -24.87
N GLU T 62 53.72 -42.72 -25.99
CA GLU T 62 54.26 -42.15 -27.22
C GLU T 62 54.17 -40.61 -27.25
N ASP T 63 53.18 -40.05 -26.56
CA ASP T 63 52.91 -38.62 -26.63
C ASP T 63 53.00 -37.86 -25.29
N ILE T 64 52.17 -38.23 -24.33
CA ILE T 64 52.00 -37.44 -23.11
C ILE T 64 53.23 -37.41 -22.20
N PHE T 65 53.77 -38.59 -21.86
CA PHE T 65 54.89 -38.68 -20.93
C PHE T 65 56.10 -37.90 -21.43
N PRO T 66 56.48 -38.10 -22.70
CA PRO T 66 57.59 -37.31 -23.25
C PRO T 66 57.28 -35.81 -23.25
N CYS T 67 56.01 -35.43 -23.48
CA CYS T 67 55.60 -34.03 -23.45
C CYS T 67 55.75 -33.40 -22.06
N LEU T 68 55.47 -34.18 -21.02
CA LEU T 68 55.51 -33.67 -19.66
C LEU T 68 56.83 -33.99 -18.98
N THR T 69 57.84 -34.29 -19.78
CA THR T 69 59.19 -34.54 -19.25
C THR T 69 60.01 -33.26 -19.17
N PHE T 70 60.36 -32.85 -17.96
CA PHE T 70 61.11 -31.61 -17.74
C PHE T 70 62.26 -31.81 -16.76
N SER T 71 63.05 -30.75 -16.56
CA SER T 71 64.21 -30.80 -15.67
C SER T 71 63.80 -31.10 -14.24
N LYS T 72 62.93 -30.26 -13.68
CA LYS T 72 62.47 -30.47 -12.31
C LYS T 72 61.41 -31.56 -12.31
N SER T 73 61.84 -32.80 -12.12
CA SER T 73 61.00 -33.96 -12.33
C SER T 73 59.95 -34.09 -11.24
N GLU T 74 60.19 -33.43 -10.11
CA GLU T 74 59.21 -33.44 -9.03
C GLU T 74 57.98 -32.65 -9.44
N LEU T 75 58.19 -31.41 -9.92
CA LEU T 75 57.11 -30.54 -10.37
C LEU T 75 56.45 -31.08 -11.64
N ALA T 76 57.25 -31.71 -12.49
CA ALA T 76 56.77 -32.26 -13.75
C ALA T 76 55.69 -33.31 -13.50
N SER T 77 55.99 -34.26 -12.61
CA SER T 77 55.05 -35.33 -12.29
C SER T 77 53.78 -34.77 -11.63
N ALA T 78 53.93 -33.60 -11.03
CA ALA T 78 52.82 -32.92 -10.38
C ALA T 78 51.84 -32.36 -11.39
N VAL T 79 52.38 -31.80 -12.48
CA VAL T 79 51.55 -31.25 -13.55
C VAL T 79 50.73 -32.35 -14.23
N LEU T 80 51.37 -33.48 -14.50
CA LEU T 80 50.72 -34.63 -15.13
C LEU T 80 49.46 -35.06 -14.37
N GLU T 81 49.53 -35.02 -13.05
CA GLU T 81 48.40 -35.42 -12.22
C GLU T 81 47.25 -34.41 -12.32
N ALA T 82 47.60 -33.13 -12.36
CA ALA T 82 46.61 -32.06 -12.45
C ALA T 82 45.83 -32.11 -13.76
N VAL T 83 46.53 -32.47 -14.84
CA VAL T 83 45.93 -32.53 -16.15
C VAL T 83 44.88 -33.63 -16.21
N GLU T 84 45.21 -34.77 -15.61
CA GLU T 84 44.30 -35.91 -15.57
C GLU T 84 43.02 -35.61 -14.81
N ASN T 85 43.12 -34.73 -13.82
CA ASN T 85 42.00 -34.34 -12.97
C ASN T 85 41.27 -33.11 -13.46
N ASN T 86 41.77 -32.52 -14.53
CA ASN T 86 41.23 -31.26 -15.04
C ASN T 86 41.39 -30.19 -13.97
N THR T 87 42.35 -30.41 -13.08
CA THR T 87 42.64 -29.47 -12.01
C THR T 87 43.75 -28.46 -12.35
N LEU T 88 44.45 -28.67 -13.46
CA LEU T 88 45.50 -27.74 -13.87
C LEU T 88 44.91 -26.51 -14.52
N SER T 89 45.56 -25.37 -14.34
CA SER T 89 45.12 -24.14 -14.98
C SER T 89 46.27 -23.20 -15.35
N ILE T 90 46.10 -22.45 -16.43
CA ILE T 90 47.13 -21.56 -16.94
C ILE T 90 46.57 -20.16 -17.13
N GLU T 91 47.15 -19.20 -16.42
CA GLU T 91 46.78 -17.80 -16.53
C GLU T 91 47.96 -17.02 -17.12
N PRO T 92 47.69 -15.94 -17.84
CA PRO T 92 48.83 -15.10 -18.22
C PRO T 92 49.28 -14.23 -17.05
N VAL T 93 50.43 -13.58 -17.21
CA VAL T 93 50.95 -12.71 -16.17
C VAL T 93 51.39 -11.43 -16.86
N GLY T 94 50.76 -11.14 -18.00
CA GLY T 94 50.99 -9.90 -18.71
C GLY T 94 50.51 -8.74 -17.87
N LEU T 95 49.63 -9.04 -16.93
CA LEU T 95 49.13 -8.04 -15.98
C LEU T 95 50.23 -7.72 -14.98
N GLN T 96 50.49 -6.42 -14.77
CA GLN T 96 51.67 -5.94 -14.05
C GLN T 96 51.79 -6.44 -12.61
N PRO T 97 52.96 -7.01 -12.27
CA PRO T 97 53.31 -7.44 -10.91
C PRO T 97 54.19 -6.40 -10.20
N VAL T 106 61.58 -18.97 -5.08
CA VAL T 106 62.81 -19.50 -5.62
C VAL T 106 62.57 -20.79 -6.41
N GLU T 107 61.63 -21.60 -5.93
CA GLU T 107 61.24 -22.83 -6.62
C GLU T 107 60.34 -22.52 -7.81
N CYS T 108 59.26 -21.79 -7.55
CA CYS T 108 58.28 -21.37 -8.54
C CYS T 108 58.87 -20.74 -9.82
N GLY T 109 60.05 -20.14 -9.70
CA GLY T 109 60.66 -19.40 -10.80
C GLY T 109 60.03 -18.04 -11.07
N GLY T 110 60.52 -17.36 -12.11
CA GLY T 110 60.07 -16.02 -12.43
C GLY T 110 60.22 -15.63 -13.89
N PRO T 111 59.83 -14.39 -14.24
CA PRO T 111 59.81 -13.90 -15.63
C PRO T 111 61.07 -14.19 -16.44
N LYS T 112 62.24 -14.21 -15.79
CA LYS T 112 63.45 -14.56 -16.52
C LYS T 112 63.89 -16.03 -16.36
N LYS T 113 63.18 -16.80 -15.53
CA LYS T 113 63.57 -18.20 -15.31
C LYS T 113 62.38 -19.16 -15.22
N CYS T 114 62.41 -20.22 -16.03
CA CYS T 114 61.31 -21.19 -16.08
C CYS T 114 61.32 -22.13 -14.88
N ALA T 115 60.11 -22.48 -14.41
CA ALA T 115 59.95 -23.38 -13.28
C ALA T 115 60.12 -24.85 -13.66
N LEU T 116 59.60 -25.25 -14.82
CA LEU T 116 59.72 -26.63 -15.29
C LEU T 116 61.13 -27.02 -15.76
N THR T 117 61.65 -26.27 -16.74
CA THR T 117 63.03 -26.43 -17.19
C THR T 117 63.89 -25.30 -16.65
N GLY T 118 65.13 -25.60 -16.29
CA GLY T 118 65.97 -24.61 -15.65
C GLY T 118 66.37 -23.45 -16.55
N GLN T 119 65.94 -23.50 -17.81
CA GLN T 119 66.37 -22.52 -18.80
C GLN T 119 65.92 -21.10 -18.41
N SER T 120 66.68 -20.09 -18.82
CA SER T 120 66.27 -18.71 -18.58
C SER T 120 65.75 -18.03 -19.86
N LYS T 121 64.45 -17.82 -19.89
CA LYS T 121 63.75 -17.18 -21.01
C LYS T 121 62.56 -16.43 -20.43
N SER T 122 62.00 -15.49 -21.18
CA SER T 122 60.89 -14.71 -20.66
C SER T 122 59.64 -15.57 -20.54
N CYS T 123 59.10 -15.64 -19.34
CA CYS T 123 57.91 -16.44 -19.06
C CYS T 123 56.69 -15.52 -18.99
N LYS T 124 55.76 -15.73 -19.93
CA LYS T 124 54.60 -14.87 -20.06
C LYS T 124 53.36 -15.53 -19.47
N HIS T 125 53.54 -16.76 -18.99
CA HIS T 125 52.42 -17.50 -18.41
C HIS T 125 52.78 -18.07 -17.04
N ARG T 126 51.76 -18.32 -16.22
CA ARG T 126 51.97 -18.89 -14.90
C ARG T 126 51.03 -20.08 -14.72
N ILE T 127 51.55 -21.17 -14.18
CA ILE T 127 50.75 -22.37 -13.98
C ILE T 127 50.29 -22.46 -12.53
N LYS T 128 49.08 -22.98 -12.33
CA LYS T 128 48.54 -23.17 -10.99
C LYS T 128 47.96 -24.58 -10.93
N LEU T 129 48.30 -25.31 -9.88
CA LEU T 129 47.90 -26.71 -9.78
C LEU T 129 46.43 -26.85 -9.41
N GLY T 130 45.74 -25.72 -9.24
CA GLY T 130 44.32 -25.73 -8.93
C GLY T 130 44.00 -26.15 -7.50
N ASP T 131 45.04 -26.53 -6.79
CA ASP T 131 44.97 -26.92 -5.39
C ASP T 131 44.74 -25.70 -4.51
N SER T 132 44.66 -24.54 -5.16
CA SER T 132 44.70 -23.26 -4.46
C SER T 132 46.08 -23.22 -3.84
N SER T 133 47.07 -23.08 -4.73
CA SER T 133 48.48 -23.08 -4.39
C SER T 133 49.25 -22.02 -5.18
N ASN T 134 50.57 -22.05 -5.07
CA ASN T 134 51.46 -21.08 -5.71
C ASN T 134 51.52 -21.15 -7.25
N TYR T 135 51.62 -19.99 -7.87
CA TYR T 135 51.79 -19.85 -9.31
C TYR T 135 53.24 -20.11 -9.74
N TYR T 136 53.44 -21.04 -10.67
CA TYR T 136 54.77 -21.34 -11.21
C TYR T 136 54.97 -20.70 -12.59
N TYR T 137 56.07 -19.96 -12.75
CA TYR T 137 56.38 -19.34 -14.03
C TYR T 137 56.83 -20.38 -15.05
N ILE T 138 56.43 -20.18 -16.31
CA ILE T 138 56.61 -21.18 -17.36
C ILE T 138 57.08 -20.57 -18.68
N SER T 139 58.04 -21.22 -19.33
CA SER T 139 58.53 -20.75 -20.62
C SER T 139 57.49 -20.99 -21.72
N PRO T 140 57.57 -20.22 -22.81
CA PRO T 140 56.65 -20.36 -23.94
C PRO T 140 56.63 -21.80 -24.47
N PHE T 141 57.80 -22.42 -24.43
CA PHE T 141 57.98 -23.81 -24.85
C PHE T 141 57.14 -24.76 -23.99
N CYS T 142 57.21 -24.56 -22.68
CA CYS T 142 56.46 -25.42 -21.75
C CYS T 142 54.96 -25.32 -21.96
N ARG T 143 54.46 -24.11 -22.18
CA ARG T 143 53.03 -23.90 -22.32
C ARG T 143 52.46 -24.70 -23.49
N TYR T 144 53.17 -24.68 -24.62
CA TYR T 144 52.70 -25.40 -25.80
C TYR T 144 52.64 -26.89 -25.49
N ARG T 145 53.67 -27.39 -24.81
CA ARG T 145 53.71 -28.80 -24.46
C ARG T 145 52.56 -29.12 -23.53
N ILE T 146 52.35 -28.28 -22.53
CA ILE T 146 51.31 -28.55 -21.54
C ILE T 146 49.90 -28.37 -22.09
N THR T 147 49.64 -27.26 -22.77
CA THR T 147 48.32 -27.01 -23.33
C THR T 147 47.98 -28.06 -24.39
N SER T 148 48.98 -28.49 -25.15
CA SER T 148 48.81 -29.52 -26.17
C SER T 148 48.29 -30.81 -25.56
N VAL T 149 48.80 -31.14 -24.38
CA VAL T 149 48.38 -32.34 -23.67
C VAL T 149 46.99 -32.12 -23.08
N CYS T 150 46.77 -30.94 -22.51
CA CYS T 150 45.48 -30.58 -21.94
C CYS T 150 44.37 -30.64 -22.99
N ASN T 151 44.70 -30.26 -24.21
CA ASN T 151 43.75 -30.31 -25.32
C ASN T 151 43.33 -31.72 -25.67
N PHE T 152 44.28 -32.65 -25.63
CA PHE T 152 43.96 -34.05 -25.90
C PHE T 152 42.95 -34.54 -24.86
N PHE T 153 43.27 -34.31 -23.60
CA PHE T 153 42.39 -34.73 -22.51
C PHE T 153 41.03 -34.05 -22.57
N THR T 154 41.05 -32.76 -22.91
CA THR T 154 39.82 -32.00 -23.03
C THR T 154 38.89 -32.64 -24.06
N TYR T 155 39.43 -33.08 -25.19
CA TYR T 155 38.57 -33.70 -26.22
C TYR T 155 38.18 -35.11 -25.82
N ILE T 156 39.11 -35.83 -25.21
CA ILE T 156 38.85 -37.18 -24.72
C ILE T 156 37.68 -37.17 -23.75
N ARG T 157 37.66 -36.19 -22.85
CA ARG T 157 36.58 -36.06 -21.89
C ARG T 157 35.27 -35.78 -22.60
N TYR T 158 35.32 -34.91 -23.61
CA TYR T 158 34.14 -34.56 -24.39
C TYR T 158 33.48 -35.79 -25.02
N ILE T 159 34.28 -36.79 -25.39
CA ILE T 159 33.72 -37.99 -26.00
C ILE T 159 33.13 -38.86 -24.91
N GLN T 160 33.84 -38.92 -23.79
CA GLN T 160 33.45 -39.73 -22.65
C GLN T 160 32.12 -39.26 -22.06
N GLN T 161 31.89 -37.95 -22.09
CA GLN T 161 30.64 -37.39 -21.57
C GLN T 161 29.56 -37.19 -22.63
N GLY T 162 29.68 -37.85 -23.79
CA GLY T 162 28.75 -37.68 -24.89
C GLY T 162 28.40 -36.26 -25.32
N LEU T 163 29.37 -35.37 -25.29
CA LEU T 163 29.18 -33.96 -25.65
C LEU T 163 29.39 -33.79 -27.15
N VAL T 164 29.68 -34.89 -27.84
CA VAL T 164 29.80 -34.88 -29.29
C VAL T 164 28.61 -35.55 -29.98
N LYS T 165 27.80 -34.73 -30.65
CA LYS T 165 26.56 -35.17 -31.26
C LYS T 165 26.65 -35.32 -32.78
N GLN T 166 26.98 -34.22 -33.46
CA GLN T 166 26.87 -34.13 -34.92
C GLN T 166 28.13 -34.56 -35.67
N GLN T 167 29.13 -35.06 -34.94
CA GLN T 167 30.40 -35.47 -35.53
C GLN T 167 30.45 -36.99 -35.76
N ASP T 168 30.65 -37.41 -37.01
CA ASP T 168 30.76 -38.82 -37.33
CA ASP T 168 30.75 -38.83 -37.31
C ASP T 168 32.14 -39.34 -36.95
N VAL T 169 32.24 -40.63 -36.67
CA VAL T 169 33.45 -41.23 -36.08
C VAL T 169 34.73 -41.00 -36.88
N ASP T 170 34.63 -40.95 -38.20
CA ASP T 170 35.82 -40.71 -39.02
C ASP T 170 36.43 -39.35 -38.67
N GLN T 171 35.56 -38.35 -38.56
CA GLN T 171 35.96 -37.00 -38.17
C GLN T 171 36.60 -36.98 -36.78
N MET T 172 35.98 -37.69 -35.84
CA MET T 172 36.47 -37.77 -34.47
C MET T 172 37.87 -38.39 -34.42
N PHE T 173 38.07 -39.45 -35.20
CA PHE T 173 39.38 -40.10 -35.27
C PHE T 173 40.46 -39.11 -35.70
N TRP T 174 40.18 -38.41 -36.79
CA TRP T 174 41.14 -37.47 -37.34
C TRP T 174 41.31 -36.28 -36.42
N GLU T 175 40.32 -36.08 -35.55
CA GLU T 175 40.41 -35.06 -34.53
C GLU T 175 41.48 -35.51 -33.54
N VAL T 176 41.43 -36.78 -33.19
CA VAL T 176 42.39 -37.35 -32.26
C VAL T 176 43.78 -37.32 -32.87
N MET T 177 43.86 -37.60 -34.17
CA MET T 177 45.14 -37.58 -34.87
C MET T 177 45.76 -36.19 -34.86
N GLN T 178 44.93 -35.17 -35.07
CA GLN T 178 45.40 -33.79 -34.98
C GLN T 178 45.91 -33.53 -33.56
N LEU T 179 45.12 -33.90 -32.56
CA LEU T 179 45.53 -33.74 -31.17
C LEU T 179 46.86 -34.42 -30.92
N ARG T 180 47.04 -35.61 -31.48
CA ARG T 180 48.28 -36.37 -31.31
C ARG T 180 49.44 -35.75 -32.05
N LYS T 181 49.17 -35.22 -33.24
CA LYS T 181 50.17 -34.56 -34.06
C LYS T 181 50.80 -33.40 -33.30
N GLU T 182 49.96 -32.69 -32.57
CA GLU T 182 50.38 -31.55 -31.77
C GLU T 182 51.37 -31.94 -30.69
N MET T 183 51.01 -32.95 -29.92
CA MET T 183 51.85 -33.46 -28.84
C MET T 183 53.15 -33.96 -29.46
N SER T 184 53.03 -34.61 -30.60
CA SER T 184 54.17 -35.18 -31.31
C SER T 184 55.15 -34.10 -31.72
N LEU T 185 54.63 -32.94 -32.12
CA LEU T 185 55.49 -31.84 -32.53
C LEU T 185 56.12 -31.15 -31.32
N ALA T 186 55.30 -30.87 -30.31
CA ALA T 186 55.80 -30.22 -29.10
C ALA T 186 56.84 -31.09 -28.42
N LYS T 187 56.56 -32.39 -28.39
CA LYS T 187 57.46 -33.42 -27.88
C LYS T 187 58.89 -33.22 -28.34
N LEU T 188 59.07 -32.83 -29.60
CA LEU T 188 60.39 -32.70 -30.22
C LEU T 188 60.90 -31.27 -30.21
N GLY T 189 60.10 -30.35 -29.68
CA GLY T 189 60.52 -28.97 -29.57
C GLY T 189 60.00 -28.05 -30.68
N TYR T 190 59.08 -28.56 -31.49
CA TYR T 190 58.43 -27.74 -32.50
C TYR T 190 57.15 -27.20 -31.88
N PHE T 191 57.12 -25.89 -31.65
CA PHE T 191 55.99 -25.33 -30.96
C PHE T 191 55.49 -24.02 -31.58
N LYS T 192 54.39 -23.49 -31.03
CA LYS T 192 53.80 -22.27 -31.55
C LYS T 192 53.62 -21.27 -30.42
N GLU T 193 53.80 -20.00 -30.74
CA GLU T 193 53.73 -18.96 -29.72
C GLU T 193 52.87 -17.80 -30.21
N GLU T 194 51.92 -17.37 -29.39
CA GLU T 194 51.11 -16.23 -29.74
C GLU T 194 51.42 -15.07 -28.79
N LEU T 195 51.07 -15.27 -27.52
CA LEU T 195 51.21 -14.24 -26.50
C LEU T 195 52.60 -14.23 -25.89
N LEU U 30 35.82 -21.69 -63.64
CA LEU U 30 35.47 -22.66 -62.61
C LEU U 30 35.24 -21.98 -61.25
N MET U 31 36.02 -20.95 -60.97
CA MET U 31 35.93 -20.22 -59.70
C MET U 31 34.89 -19.10 -59.72
N GLU U 32 34.34 -18.80 -60.90
CA GLU U 32 33.39 -17.71 -61.02
C GLU U 32 31.98 -18.10 -60.58
N ALA U 33 31.71 -19.40 -60.49
CA ALA U 33 30.40 -19.87 -60.04
C ALA U 33 30.25 -19.69 -58.52
N ILE U 34 31.34 -19.91 -57.80
CA ILE U 34 31.35 -19.74 -56.34
C ILE U 34 31.52 -18.27 -55.95
N GLN U 35 32.06 -17.48 -56.88
CA GLN U 35 32.25 -16.06 -56.68
C GLN U 35 30.89 -15.36 -56.79
N LYS U 36 30.03 -15.93 -57.64
CA LYS U 36 28.70 -15.41 -57.87
C LYS U 36 27.79 -15.86 -56.73
N GLN U 37 28.19 -16.94 -56.07
CA GLN U 37 27.43 -17.51 -54.95
C GLN U 37 27.58 -16.68 -53.68
N GLU U 38 28.61 -15.84 -53.64
CA GLU U 38 28.76 -14.91 -52.53
C GLU U 38 27.72 -13.81 -52.74
N GLU U 39 27.37 -13.59 -54.00
CA GLU U 39 26.34 -12.63 -54.34
C GLU U 39 24.93 -13.18 -54.07
N ILE U 40 24.76 -14.49 -54.14
CA ILE U 40 23.47 -15.10 -53.84
C ILE U 40 23.16 -15.10 -52.36
N ASN U 41 24.13 -15.51 -51.54
CA ASN U 41 23.97 -15.50 -50.09
C ASN U 41 23.68 -14.10 -49.56
N PHE U 42 24.40 -13.11 -50.08
CA PHE U 42 24.19 -11.72 -49.66
C PHE U 42 22.75 -11.30 -49.83
N ARG U 43 22.16 -11.64 -50.97
CA ARG U 43 20.79 -11.25 -51.25
C ARG U 43 19.87 -11.96 -50.27
N LEU U 44 20.19 -13.20 -49.97
CA LEU U 44 19.42 -13.95 -48.99
C LEU U 44 19.45 -13.26 -47.64
N GLN U 45 20.63 -12.76 -47.24
CA GLN U 45 20.75 -12.11 -45.95
C GLN U 45 20.13 -10.71 -45.93
N ASP U 46 20.28 -9.98 -47.02
CA ASP U 46 19.68 -8.64 -47.12
C ASP U 46 18.17 -8.78 -46.99
N TYR U 47 17.63 -9.90 -47.46
CA TYR U 47 16.21 -10.19 -47.31
C TYR U 47 15.83 -10.46 -45.86
N ILE U 48 16.61 -11.29 -45.19
CA ILE U 48 16.33 -11.67 -43.81
C ILE U 48 16.34 -10.45 -42.88
N ASP U 49 17.25 -9.51 -43.15
CA ASP U 49 17.38 -8.31 -42.35
C ASP U 49 16.09 -7.47 -42.38
N ARG U 50 15.62 -7.17 -43.60
CA ARG U 50 14.43 -6.35 -43.81
C ARG U 50 13.20 -6.99 -43.16
N ILE U 51 13.02 -8.29 -43.36
CA ILE U 51 11.86 -8.99 -42.85
C ILE U 51 11.82 -9.01 -41.33
N ILE U 52 13.00 -9.20 -40.73
CA ILE U 52 13.11 -9.22 -39.29
C ILE U 52 12.75 -7.86 -38.70
N VAL U 53 13.18 -6.80 -39.39
CA VAL U 53 12.81 -5.44 -39.00
C VAL U 53 11.30 -5.32 -38.96
N ALA U 54 10.66 -5.84 -40.00
CA ALA U 54 9.21 -5.82 -40.10
C ALA U 54 8.57 -6.64 -38.99
N ILE U 55 9.11 -7.84 -38.77
CA ILE U 55 8.54 -8.76 -37.77
C ILE U 55 8.52 -8.18 -36.36
N MET U 56 9.57 -7.43 -36.00
CA MET U 56 9.66 -6.85 -34.67
C MET U 56 8.82 -5.58 -34.54
N GLU U 57 8.71 -4.81 -35.63
CA GLU U 57 7.92 -3.59 -35.63
C GLU U 57 6.42 -3.84 -35.49
N THR U 58 5.97 -5.09 -35.72
CA THR U 58 4.54 -5.39 -35.63
C THR U 58 4.23 -6.56 -34.66
N ASN U 59 4.52 -7.78 -35.08
CA ASN U 59 4.24 -8.94 -34.24
C ASN U 59 5.49 -9.76 -33.94
N PRO U 60 6.27 -9.32 -32.93
CA PRO U 60 7.54 -9.94 -32.53
C PRO U 60 7.37 -11.31 -31.89
N SER U 61 6.15 -11.69 -31.59
CA SER U 61 5.86 -13.00 -31.02
C SER U 61 6.45 -14.13 -31.88
N ILE U 62 6.59 -13.86 -33.18
CA ILE U 62 7.08 -14.85 -34.13
C ILE U 62 8.47 -15.39 -33.78
N LEU U 63 9.34 -14.49 -33.32
CA LEU U 63 10.75 -14.83 -33.15
C LEU U 63 11.04 -15.57 -31.85
N GLU U 64 10.00 -15.99 -31.16
CA GLU U 64 10.19 -16.73 -29.92
C GLU U 64 10.63 -18.12 -30.33
N VAL U 65 11.55 -18.71 -29.57
CA VAL U 65 12.05 -20.04 -29.90
C VAL U 65 11.10 -21.17 -29.48
N LYS U 66 10.62 -21.09 -28.25
CA LYS U 66 9.66 -22.06 -27.72
C LYS U 66 9.51 -21.82 -26.22
N GLU V 8 -35.27 62.14 16.46
CA GLU V 8 -35.43 60.69 16.44
C GLU V 8 -35.86 60.20 15.05
N TYR V 9 -35.54 58.94 14.75
CA TYR V 9 -35.87 58.36 13.45
C TYR V 9 -36.26 56.89 13.61
N ASP V 10 -36.97 56.35 12.63
CA ASP V 10 -37.41 54.96 12.72
C ASP V 10 -36.38 54.00 12.11
N TYR V 11 -35.81 54.39 10.97
CA TYR V 11 -34.80 53.59 10.29
C TYR V 11 -33.62 54.47 9.83
N LEU V 12 -32.43 53.88 9.83
CA LEU V 12 -31.23 54.55 9.31
C LEU V 12 -30.61 53.78 8.16
N PHE V 13 -30.73 54.29 6.94
CA PHE V 13 -30.21 53.62 5.75
C PHE V 13 -28.93 54.25 5.21
N LYS V 14 -27.91 53.43 5.01
CA LYS V 14 -26.66 53.87 4.40
C LYS V 14 -26.68 53.62 2.90
N VAL V 15 -26.54 54.69 2.13
CA VAL V 15 -26.49 54.61 0.68
C VAL V 15 -25.17 55.15 0.17
N VAL V 16 -24.52 54.39 -0.70
CA VAL V 16 -23.25 54.83 -1.27
C VAL V 16 -23.40 55.32 -2.71
N LEU V 17 -22.65 56.36 -3.06
CA LEU V 17 -22.61 56.86 -4.42
C LEU V 17 -21.37 56.32 -5.14
N ILE V 18 -21.56 55.61 -6.25
CA ILE V 18 -20.42 55.12 -7.02
C ILE V 18 -20.60 55.42 -8.50
N GLY V 19 -19.49 55.48 -9.23
CA GLY V 19 -19.51 55.78 -10.65
C GLY V 19 -18.28 56.58 -11.06
N ASP V 20 -18.09 56.76 -12.36
CA ASP V 20 -16.94 57.47 -12.90
C ASP V 20 -16.69 58.85 -12.30
N SER V 21 -15.43 59.29 -12.30
CA SER V 21 -15.11 60.62 -11.83
C SER V 21 -15.73 61.67 -12.74
N GLY V 22 -16.42 62.64 -12.15
CA GLY V 22 -16.97 63.74 -12.91
C GLY V 22 -18.40 63.54 -13.37
N VAL V 23 -19.02 62.44 -12.97
CA VAL V 23 -20.39 62.19 -13.38
C VAL V 23 -21.36 63.01 -12.53
N GLY V 24 -20.88 63.52 -11.40
CA GLY V 24 -21.68 64.42 -10.60
C GLY V 24 -22.16 63.83 -9.30
N LYS V 25 -21.50 62.77 -8.83
CA LYS V 25 -21.87 62.11 -7.59
C LYS V 25 -21.98 63.14 -6.47
N SER V 26 -20.90 63.88 -6.27
CA SER V 26 -20.82 64.88 -5.21
C SER V 26 -21.89 65.98 -5.29
N ASN V 27 -22.31 66.36 -6.49
CA ASN V 27 -23.34 67.39 -6.62
C ASN V 27 -24.74 66.83 -6.40
N LEU V 28 -24.94 65.55 -6.71
CA LEU V 28 -26.20 64.90 -6.37
C LEU V 28 -26.36 64.92 -4.85
N LEU V 29 -25.26 64.68 -4.15
CA LEU V 29 -25.23 64.74 -2.69
C LEU V 29 -25.57 66.13 -2.16
N SER V 30 -24.88 67.15 -2.65
CA SER V 30 -25.09 68.51 -2.16
C SER V 30 -26.50 69.01 -2.43
N ARG V 31 -27.05 68.65 -3.59
CA ARG V 31 -28.40 69.08 -3.98
C ARG V 31 -29.45 68.48 -3.05
N PHE V 32 -29.28 67.19 -2.76
CA PHE V 32 -30.21 66.45 -1.92
C PHE V 32 -30.16 66.84 -0.44
N THR V 33 -28.95 66.96 0.10
CA THR V 33 -28.80 67.20 1.53
C THR V 33 -28.96 68.68 1.93
N ARG V 34 -28.30 69.58 1.20
CA ARG V 34 -28.38 71.00 1.53
C ARG V 34 -28.84 71.92 0.38
N ASN V 35 -29.49 71.36 -0.63
CA ASN V 35 -29.95 72.12 -1.81
C ASN V 35 -28.93 73.11 -2.37
N GLU V 36 -27.69 72.65 -2.53
CA GLU V 36 -26.66 73.50 -3.14
C GLU V 36 -26.03 72.80 -4.34
N PHE V 37 -25.75 73.57 -5.39
CA PHE V 37 -25.05 73.06 -6.56
C PHE V 37 -23.85 73.94 -6.92
N ASN V 38 -22.77 73.30 -7.36
CA ASN V 38 -21.57 74.01 -7.75
C ASN V 38 -21.06 73.63 -9.14
N LEU V 39 -21.07 74.58 -10.06
CA LEU V 39 -20.69 74.30 -11.44
C LEU V 39 -19.20 74.01 -11.56
N GLU V 40 -18.42 74.66 -10.72
CA GLU V 40 -16.96 74.58 -10.78
C GLU V 40 -16.33 73.61 -9.79
N SER V 41 -17.16 72.84 -9.07
CA SER V 41 -16.70 71.97 -8.00
C SER V 41 -15.56 71.05 -8.42
N LYS V 42 -14.57 70.89 -7.52
CA LYS V 42 -13.40 70.08 -7.83
C LYS V 42 -13.59 68.66 -7.31
N SER V 43 -12.61 67.79 -7.63
CA SER V 43 -12.71 66.38 -7.31
C SER V 43 -12.67 66.10 -5.80
N THR V 44 -13.37 65.05 -5.40
CA THR V 44 -13.54 64.70 -3.98
C THR V 44 -12.32 63.97 -3.41
N ILE V 45 -11.72 64.53 -2.37
CA ILE V 45 -10.61 63.85 -1.72
C ILE V 45 -11.07 63.17 -0.43
N GLY V 46 -10.54 61.98 -0.18
CA GLY V 46 -10.92 61.21 0.99
C GLY V 46 -12.29 60.55 0.85
N VAL V 47 -13.01 60.48 1.97
CA VAL V 47 -14.37 59.94 2.01
C VAL V 47 -15.26 60.78 2.92
N GLU V 48 -16.49 61.00 2.48
CA GLU V 48 -17.46 61.81 3.23
C GLU V 48 -18.81 61.11 3.28
N PHE V 49 -19.70 61.65 4.11
CA PHE V 49 -21.11 61.28 4.06
C PHE V 49 -21.96 62.40 4.64
N ALA V 50 -23.18 62.55 4.12
CA ALA V 50 -24.12 63.54 4.62
C ALA V 50 -25.48 62.89 4.85
N THR V 51 -26.30 63.51 5.70
CA THR V 51 -27.59 62.93 6.06
C THR V 51 -28.75 63.86 5.77
N ARG V 52 -29.89 63.25 5.49
CA ARG V 52 -31.16 63.96 5.38
C ARG V 52 -32.27 63.02 5.81
N SER V 53 -33.26 63.56 6.51
CA SER V 53 -34.34 62.72 6.99
C SER V 53 -35.56 62.94 6.10
N ILE V 54 -36.26 61.85 5.79
CA ILE V 54 -37.37 61.93 4.86
C ILE V 54 -38.53 61.06 5.31
N GLN V 55 -39.72 61.31 4.76
CA GLN V 55 -40.91 60.54 5.11
C GLN V 55 -41.21 59.47 4.06
N VAL V 56 -41.28 58.22 4.49
CA VAL V 56 -41.58 57.10 3.60
C VAL V 56 -42.66 56.19 4.20
N ASP V 57 -43.83 56.17 3.57
CA ASP V 57 -44.96 55.40 4.07
C ASP V 57 -45.33 55.89 5.47
N GLY V 58 -45.35 57.22 5.64
CA GLY V 58 -45.72 57.82 6.91
C GLY V 58 -44.60 57.75 7.94
N LYS V 59 -43.68 56.81 7.75
CA LYS V 59 -42.58 56.60 8.70
C LYS V 59 -41.35 57.45 8.33
N THR V 60 -40.65 57.96 9.33
CA THR V 60 -39.47 58.80 9.07
C THR V 60 -38.17 58.01 8.87
N ILE V 61 -37.55 58.18 7.70
CA ILE V 61 -36.27 57.54 7.38
C ILE V 61 -35.12 58.54 7.23
N LYS V 62 -34.06 58.36 8.02
CA LYS V 62 -32.86 59.19 7.89
C LYS V 62 -31.83 58.51 6.99
N ALA V 63 -31.53 59.15 5.86
CA ALA V 63 -30.62 58.56 4.87
C ALA V 63 -29.17 59.03 5.07
N GLN V 64 -28.26 58.06 5.00
CA GLN V 64 -26.83 58.35 5.11
C GLN V 64 -26.15 58.18 3.77
N ILE V 65 -25.96 59.30 3.06
CA ILE V 65 -25.42 59.27 1.71
C ILE V 65 -23.90 59.45 1.69
N TRP V 66 -23.19 58.40 1.31
CA TRP V 66 -21.73 58.44 1.25
C TRP V 66 -21.22 58.79 -0.14
N ASP V 67 -20.12 59.53 -0.17
CA ASP V 67 -19.57 60.07 -1.41
C ASP V 67 -18.06 59.84 -1.43
N THR V 68 -17.50 59.59 -2.62
CA THR V 68 -16.05 59.45 -2.72
C THR V 68 -15.52 59.63 -4.14
N ALA V 69 -14.19 59.60 -4.26
CA ALA V 69 -13.49 59.74 -5.54
C ALA V 69 -13.75 58.57 -6.50
N GLY V 70 -14.11 58.93 -7.73
CA GLY V 70 -14.42 57.99 -8.81
C GLY V 70 -13.32 57.06 -9.30
N LEU V 71 -12.06 57.42 -9.04
CA LEU V 71 -10.93 56.59 -9.46
C LEU V 71 -10.71 55.38 -8.55
N GLU V 72 -10.78 54.19 -9.14
CA GLU V 72 -10.63 52.94 -8.38
C GLU V 72 -9.87 51.90 -9.19
N ALA V 76 -7.53 50.92 -3.04
CA ALA V 76 -8.21 50.08 -2.06
C ALA V 76 -9.14 50.91 -1.17
N ILE V 77 -9.43 50.39 0.02
CA ILE V 77 -10.31 51.04 1.00
C ILE V 77 -11.76 51.12 0.51
N THR V 78 -12.17 50.10 -0.25
CA THR V 78 -13.51 50.11 -0.82
C THR V 78 -14.43 49.33 0.11
N SER V 79 -13.85 48.32 0.74
CA SER V 79 -14.60 47.45 1.64
C SER V 79 -15.27 48.29 2.73
N ALA V 80 -14.52 49.24 3.27
CA ALA V 80 -15.05 50.10 4.33
C ALA V 80 -16.20 50.94 3.80
N TYR V 81 -16.07 51.36 2.54
CA TYR V 81 -17.08 52.18 1.90
C TYR V 81 -18.41 51.41 1.81
N TYR V 82 -18.33 50.18 1.35
CA TYR V 82 -19.51 49.35 1.10
C TYR V 82 -20.11 48.70 2.35
N ARG V 83 -19.32 48.59 3.42
CA ARG V 83 -19.78 47.92 4.64
C ARG V 83 -21.07 48.54 5.17
N GLY V 84 -22.08 47.70 5.40
CA GLY V 84 -23.34 48.16 5.95
C GLY V 84 -24.21 48.92 4.95
N ALA V 85 -23.71 49.05 3.73
CA ALA V 85 -24.46 49.77 2.71
C ALA V 85 -25.65 48.93 2.26
N VAL V 86 -26.83 49.51 2.36
CA VAL V 86 -28.06 48.84 1.98
C VAL V 86 -28.60 49.38 0.65
N GLY V 87 -27.96 50.44 0.16
CA GLY V 87 -28.37 51.04 -1.09
C GLY V 87 -27.17 51.67 -1.77
N ALA V 88 -27.23 51.73 -3.10
CA ALA V 88 -26.16 52.30 -3.89
C ALA V 88 -26.72 53.06 -5.09
N LEU V 89 -26.25 54.28 -5.29
CA LEU V 89 -26.61 55.04 -6.48
C LEU V 89 -25.49 54.94 -7.52
N LEU V 90 -25.72 54.14 -8.55
CA LEU V 90 -24.72 53.95 -9.59
C LEU V 90 -24.92 55.01 -10.67
N VAL V 91 -23.99 55.95 -10.76
CA VAL V 91 -24.18 57.14 -11.58
C VAL V 91 -23.30 57.20 -12.83
N TYR V 92 -23.89 57.65 -13.93
CA TYR V 92 -23.14 57.91 -15.16
C TYR V 92 -23.48 59.31 -15.68
N ASP V 93 -22.70 59.80 -16.62
CA ASP V 93 -22.93 61.10 -17.25
C ASP V 93 -23.67 60.94 -18.58
N ILE V 94 -24.89 61.47 -18.68
CA ILE V 94 -25.66 61.40 -19.91
C ILE V 94 -24.84 61.86 -21.12
N ALA V 95 -23.97 62.84 -20.88
CA ALA V 95 -23.28 63.48 -21.99
C ALA V 95 -21.91 62.88 -22.29
N LYS V 96 -21.47 61.93 -21.48
CA LYS V 96 -20.22 61.22 -21.74
C LYS V 96 -20.48 59.73 -21.81
N HIS V 97 -20.55 59.22 -23.03
CA HIS V 97 -20.93 57.83 -23.25
C HIS V 97 -20.00 56.87 -22.52
N LEU V 98 -18.72 57.22 -22.45
CA LEU V 98 -17.74 56.35 -21.79
C LEU V 98 -18.09 56.09 -20.31
N THR V 99 -18.65 57.08 -19.62
CA THR V 99 -18.96 56.91 -18.21
C THR V 99 -20.11 55.92 -18.05
N TYR V 100 -20.91 55.78 -19.11
CA TYR V 100 -21.97 54.79 -19.12
C TYR V 100 -21.42 53.41 -19.43
N GLU V 101 -20.48 53.35 -20.36
CA GLU V 101 -19.82 52.10 -20.71
C GLU V 101 -19.28 51.44 -19.46
N ASN V 102 -18.68 52.24 -18.58
CA ASN V 102 -18.07 51.73 -17.38
C ASN V 102 -19.09 51.30 -16.33
N VAL V 103 -20.38 51.48 -16.64
CA VAL V 103 -21.43 51.08 -15.71
C VAL V 103 -21.34 49.58 -15.40
N GLU V 104 -20.95 48.78 -16.39
CA GLU V 104 -20.80 47.35 -16.19
C GLU V 104 -19.71 47.09 -15.17
N ARG V 105 -18.64 47.88 -15.24
CA ARG V 105 -17.52 47.73 -14.30
C ARG V 105 -17.94 47.95 -12.86
N TRP V 106 -18.87 48.88 -12.66
CA TRP V 106 -19.32 49.21 -11.32
C TRP V 106 -20.24 48.13 -10.76
N LEU V 107 -21.11 47.59 -11.61
CA LEU V 107 -21.96 46.46 -11.23
C LEU V 107 -21.06 45.28 -10.88
N LYS V 108 -19.95 45.16 -11.59
CA LYS V 108 -18.97 44.13 -11.29
C LYS V 108 -18.37 44.36 -9.91
N GLU V 109 -17.87 45.57 -9.67
CA GLU V 109 -17.31 45.94 -8.38
C GLU V 109 -18.32 45.80 -7.26
N LEU V 110 -19.56 46.15 -7.57
CA LEU V 110 -20.64 46.09 -6.60
C LEU V 110 -20.92 44.64 -6.17
N ARG V 111 -20.95 43.74 -7.15
CA ARG V 111 -21.27 42.34 -6.92
C ARG V 111 -20.13 41.57 -6.23
N ASP V 112 -18.98 42.22 -6.06
CA ASP V 112 -17.83 41.56 -5.45
C ASP V 112 -17.66 42.00 -4.01
N HIS V 113 -17.61 43.30 -3.81
CA HIS V 113 -17.23 43.87 -2.52
C HIS V 113 -18.41 44.35 -1.69
N ALA V 114 -19.61 44.31 -2.27
CA ALA V 114 -20.78 44.79 -1.55
C ALA V 114 -21.72 43.64 -1.24
N ASP V 115 -22.52 43.82 -0.19
CA ASP V 115 -23.52 42.84 0.22
C ASP V 115 -24.52 42.61 -0.91
N SER V 116 -25.06 41.39 -1.02
CA SER V 116 -26.16 41.13 -1.94
C SER V 116 -27.44 41.76 -1.39
N ASN V 117 -28.53 41.66 -2.15
CA ASN V 117 -29.81 42.23 -1.72
C ASN V 117 -29.77 43.75 -1.63
N ILE V 118 -28.58 44.31 -1.84
CA ILE V 118 -28.39 45.76 -1.81
C ILE V 118 -29.16 46.37 -2.97
N VAL V 119 -30.00 47.35 -2.66
CA VAL V 119 -30.79 48.02 -3.68
C VAL V 119 -29.88 48.88 -4.57
N ILE V 120 -29.96 48.64 -5.87
CA ILE V 120 -29.13 49.38 -6.82
C ILE V 120 -29.99 50.20 -7.76
N MET V 121 -29.73 51.51 -7.80
CA MET V 121 -30.38 52.37 -8.77
C MET V 121 -29.39 52.96 -9.76
N LEU V 122 -29.74 52.87 -11.03
CA LEU V 122 -28.92 53.44 -12.09
C LEU V 122 -29.40 54.86 -12.32
N VAL V 123 -28.47 55.80 -12.32
CA VAL V 123 -28.83 57.20 -12.50
C VAL V 123 -28.07 57.88 -13.63
N GLY V 124 -28.82 58.47 -14.54
CA GLY V 124 -28.25 59.32 -15.56
C GLY V 124 -28.32 60.78 -15.15
N ASN V 125 -27.17 61.39 -14.96
CA ASN V 125 -27.09 62.74 -14.42
C ASN V 125 -26.71 63.71 -15.51
N LYS V 126 -26.89 65.00 -15.23
CA LYS V 126 -26.63 66.02 -16.23
C LYS V 126 -27.66 65.90 -17.34
N SER V 127 -28.90 65.60 -16.95
CA SER V 127 -30.00 65.49 -17.92
C SER V 127 -30.27 66.86 -18.56
N ASP V 128 -29.75 67.91 -17.94
CA ASP V 128 -29.95 69.26 -18.41
C ASP V 128 -29.17 69.57 -19.68
N LEU V 129 -28.16 68.75 -20.00
CA LEU V 129 -27.46 69.03 -21.25
C LEU V 129 -28.14 68.23 -22.33
N ARG V 130 -29.02 68.89 -23.05
CA ARG V 130 -29.91 68.20 -23.96
C ARG V 130 -29.31 67.98 -25.33
N HIS V 131 -28.45 68.90 -25.77
CA HIS V 131 -27.90 68.80 -27.12
C HIS V 131 -26.67 67.91 -27.15
N LEU V 132 -26.16 67.61 -25.96
CA LEU V 132 -24.95 66.82 -25.82
C LEU V 132 -25.20 65.36 -25.47
N ARG V 133 -26.47 64.95 -25.39
CA ARG V 133 -26.81 63.61 -24.91
C ARG V 133 -26.17 62.53 -25.77
N ALA V 134 -25.33 61.70 -25.15
CA ALA V 134 -24.72 60.56 -25.82
C ALA V 134 -25.36 59.22 -25.50
N VAL V 135 -26.31 59.22 -24.56
CA VAL V 135 -26.87 57.97 -24.05
C VAL V 135 -28.40 58.01 -24.04
N PRO V 136 -29.02 57.52 -25.12
CA PRO V 136 -30.49 57.55 -25.20
C PRO V 136 -31.14 56.84 -24.01
N THR V 137 -32.17 57.44 -23.44
CA THR V 137 -32.83 56.92 -22.24
C THR V 137 -33.24 55.45 -22.40
N ASP V 138 -33.70 55.10 -23.60
CA ASP V 138 -34.20 53.77 -23.89
C ASP V 138 -33.13 52.71 -23.65
N GLU V 139 -31.92 53.00 -24.14
CA GLU V 139 -30.80 52.08 -24.00
C GLU V 139 -30.46 51.86 -22.53
N ALA V 140 -30.61 52.92 -21.74
CA ALA V 140 -30.28 52.86 -20.32
C ALA V 140 -31.35 52.14 -19.52
N ARG V 141 -32.62 52.55 -19.68
CA ARG V 141 -33.72 51.90 -18.98
C ARG V 141 -33.75 50.39 -19.24
N ALA V 142 -33.43 50.00 -20.47
CA ALA V 142 -33.37 48.60 -20.84
C ALA V 142 -32.26 47.89 -20.07
N PHE V 143 -31.07 48.48 -20.08
CA PHE V 143 -29.93 47.91 -19.40
C PHE V 143 -30.26 47.70 -17.92
N ALA V 144 -31.00 48.63 -17.35
CA ALA V 144 -31.37 48.56 -15.94
C ALA V 144 -32.29 47.38 -15.70
N GLU V 145 -33.33 47.26 -16.53
CA GLU V 145 -34.35 46.24 -16.32
C GLU V 145 -33.82 44.82 -16.41
N LYS V 146 -32.91 44.57 -17.36
CA LYS V 146 -32.36 43.23 -17.51
C LYS V 146 -31.39 42.91 -16.37
N ASN V 147 -30.84 43.96 -15.75
CA ASN V 147 -29.91 43.75 -14.64
C ASN V 147 -30.59 44.00 -13.30
N GLY V 148 -31.91 44.19 -13.32
CA GLY V 148 -32.69 44.31 -12.11
C GLY V 148 -32.45 45.60 -11.34
N LEU V 149 -32.34 46.71 -12.07
CA LEU V 149 -32.08 48.01 -11.45
C LEU V 149 -33.19 49.01 -11.68
N SER V 150 -33.45 49.85 -10.68
CA SER V 150 -34.33 50.98 -10.91
C SER V 150 -33.58 51.99 -11.77
N PHE V 151 -34.31 52.92 -12.39
CA PHE V 151 -33.67 53.87 -13.29
C PHE V 151 -34.39 55.22 -13.31
N ILE V 152 -33.59 56.29 -13.36
CA ILE V 152 -34.10 57.64 -13.48
C ILE V 152 -33.01 58.54 -14.04
N GLU V 153 -33.40 59.63 -14.70
CA GLU V 153 -32.42 60.60 -15.21
C GLU V 153 -32.53 61.89 -14.40
N THR V 154 -31.41 62.37 -13.89
CA THR V 154 -31.41 63.53 -13.00
C THR V 154 -30.51 64.64 -13.52
N SER V 155 -30.77 65.85 -13.03
CA SER V 155 -29.83 66.95 -13.19
C SER V 155 -29.53 67.58 -11.85
N ALA V 156 -28.30 67.43 -11.39
CA ALA V 156 -27.90 68.08 -10.14
C ALA V 156 -27.93 69.58 -10.35
N LEU V 157 -27.71 70.00 -11.58
CA LEU V 157 -27.60 71.41 -11.89
C LEU V 157 -28.95 72.14 -11.76
N ASP V 158 -30.00 71.63 -12.42
CA ASP V 158 -31.32 72.29 -12.31
C ASP V 158 -32.29 71.63 -11.30
N SER V 159 -31.82 70.61 -10.57
CA SER V 159 -32.58 69.96 -9.48
C SER V 159 -33.58 68.89 -9.91
N THR V 160 -33.78 68.75 -11.21
CA THR V 160 -34.81 67.84 -11.72
C THR V 160 -34.61 66.41 -11.22
N ASN V 161 -35.65 65.85 -10.60
CA ASN V 161 -35.64 64.44 -10.21
C ASN V 161 -34.60 64.07 -9.14
N VAL V 162 -33.84 65.06 -8.67
CA VAL V 162 -32.84 64.77 -7.65
C VAL V 162 -33.57 64.26 -6.42
N GLU V 163 -34.60 65.00 -6.02
CA GLU V 163 -35.46 64.62 -4.91
C GLU V 163 -36.08 63.24 -5.15
N ALA V 164 -36.68 63.07 -6.31
CA ALA V 164 -37.36 61.82 -6.67
C ALA V 164 -36.47 60.59 -6.58
N ALA V 165 -35.22 60.71 -7.02
CA ALA V 165 -34.32 59.56 -7.05
C ALA V 165 -34.11 59.00 -5.66
N PHE V 166 -33.85 59.87 -4.69
CA PHE V 166 -33.62 59.43 -3.32
C PHE V 166 -34.89 58.91 -2.67
N GLN V 167 -36.01 59.59 -2.89
CA GLN V 167 -37.29 59.13 -2.38
C GLN V 167 -37.58 57.71 -2.86
N THR V 168 -37.20 57.42 -4.09
CA THR V 168 -37.43 56.11 -4.68
C THR V 168 -36.55 55.01 -4.07
N ILE V 169 -35.24 55.21 -4.11
CA ILE V 169 -34.31 54.17 -3.64
C ILE V 169 -34.49 53.90 -2.16
N LEU V 170 -34.88 54.93 -1.42
CA LEU V 170 -35.11 54.81 0.01
C LEU V 170 -36.36 53.99 0.30
N THR V 171 -37.42 54.21 -0.48
CA THR V 171 -38.65 53.47 -0.28
C THR V 171 -38.54 52.01 -0.69
N GLU V 172 -37.77 51.71 -1.74
CA GLU V 172 -37.54 50.32 -2.13
C GLU V 172 -36.76 49.58 -1.05
N ILE V 173 -35.89 50.30 -0.37
CA ILE V 173 -35.10 49.76 0.73
C ILE V 173 -35.99 49.54 1.97
N TYR V 174 -36.96 50.42 2.14
CA TYR V 174 -37.96 50.31 3.19
C TYR V 174 -38.68 48.97 3.07
N ARG V 175 -39.11 48.65 1.85
CA ARG V 175 -39.88 47.43 1.59
C ARG V 175 -39.11 46.17 1.99
N ILE V 176 -37.82 46.11 1.65
CA ILE V 176 -37.00 44.95 1.97
C ILE V 176 -36.77 44.83 3.47
N VAL V 177 -36.66 45.97 4.14
CA VAL V 177 -36.40 46.00 5.58
C VAL V 177 -37.67 45.69 6.39
N SER V 178 -38.83 46.04 5.84
CA SER V 178 -40.09 45.74 6.49
C SER V 178 -40.36 44.24 6.53
N GLN V 179 -40.02 43.55 5.45
CA GLN V 179 -40.27 42.12 5.32
C GLN V 179 -39.45 41.31 6.33
N ASP W 28 1.11 83.08 -34.64
CA ASP W 28 -0.31 82.92 -34.32
C ASP W 28 -0.63 83.48 -32.93
N CYS W 29 -1.30 84.62 -32.88
CA CYS W 29 -1.59 85.30 -31.61
C CYS W 29 -3.07 85.60 -31.39
N LYS W 30 -3.37 86.16 -30.22
CA LYS W 30 -4.71 86.69 -29.99
C LYS W 30 -4.65 87.93 -29.09
N GLU W 31 -5.45 88.94 -29.44
CA GLU W 31 -5.55 90.17 -28.69
C GLU W 31 -7.01 90.59 -28.61
N ALA W 32 -7.48 90.91 -27.41
CA ALA W 32 -8.89 91.24 -27.20
C ALA W 32 -9.26 92.55 -27.88
N ASP W 33 -10.34 92.51 -28.64
CA ASP W 33 -10.92 93.72 -29.20
C ASP W 33 -11.59 94.48 -28.07
N LEU W 34 -11.01 95.63 -27.70
CA LEU W 34 -11.47 96.37 -26.52
C LEU W 34 -12.96 96.66 -26.61
N SER W 35 -13.41 96.98 -27.82
CA SER W 35 -14.80 97.31 -28.05
C SER W 35 -15.70 96.16 -27.61
N LEU W 36 -15.35 94.95 -28.03
CA LEU W 36 -16.12 93.77 -27.67
C LEU W 36 -15.95 93.45 -26.20
N TYR W 37 -14.76 93.72 -25.67
CA TYR W 37 -14.42 93.41 -24.28
C TYR W 37 -15.20 94.25 -23.28
N ASN W 38 -15.23 95.56 -23.51
CA ASN W 38 -15.97 96.45 -22.63
C ASN W 38 -17.46 96.11 -22.70
N GLU W 39 -17.93 95.87 -23.91
CA GLU W 39 -19.32 95.49 -24.13
C GLU W 39 -19.65 94.23 -23.33
N PHE W 40 -18.73 93.27 -23.34
CA PHE W 40 -18.99 92.03 -22.64
C PHE W 40 -18.98 92.32 -21.15
N ARG W 41 -17.92 92.99 -20.71
CA ARG W 41 -17.74 93.25 -19.29
C ARG W 41 -18.93 93.96 -18.69
N LEU W 42 -19.59 94.78 -19.48
CA LEU W 42 -20.78 95.46 -19.02
C LEU W 42 -21.94 94.49 -18.90
N TRP W 43 -22.14 93.67 -19.94
CA TRP W 43 -23.23 92.72 -19.90
C TRP W 43 -23.10 91.73 -18.74
N LYS W 44 -21.87 91.30 -18.44
CA LYS W 44 -21.66 90.33 -17.36
C LYS W 44 -22.13 90.90 -16.02
N ASP W 45 -21.99 92.22 -15.85
CA ASP W 45 -22.33 92.88 -14.60
C ASP W 45 -23.84 93.07 -14.42
N GLU W 46 -24.57 93.06 -15.54
CA GLU W 46 -26.02 93.14 -15.50
C GLU W 46 -26.61 92.28 -16.61
N PRO W 47 -26.45 90.95 -16.45
CA PRO W 47 -26.84 89.93 -17.42
C PRO W 47 -28.32 89.97 -17.77
N THR W 48 -28.62 89.83 -19.06
CA THR W 48 -29.99 89.71 -19.53
C THR W 48 -30.03 88.78 -20.72
N MET W 49 -31.13 88.05 -20.85
CA MET W 49 -31.28 87.13 -21.97
C MET W 49 -32.04 87.78 -23.13
N ASP W 50 -32.33 89.07 -22.97
CA ASP W 50 -33.05 89.85 -23.98
C ASP W 50 -32.27 89.99 -25.30
N ARG W 51 -32.89 89.62 -26.43
CA ARG W 51 -32.20 89.66 -27.72
C ARG W 51 -31.73 91.05 -28.14
N THR W 52 -32.33 92.08 -27.56
CA THR W 52 -32.12 93.41 -28.09
C THR W 52 -31.03 94.18 -27.37
N CYS W 53 -30.43 93.61 -26.34
CA CYS W 53 -29.36 94.32 -25.67
C CYS W 53 -28.20 94.35 -26.64
N PRO W 54 -27.26 95.29 -26.47
CA PRO W 54 -26.15 95.39 -27.42
C PRO W 54 -25.34 94.09 -27.53
N PHE W 55 -25.01 93.49 -26.39
CA PHE W 55 -24.20 92.27 -26.34
C PHE W 55 -24.84 91.14 -27.15
N LEU W 56 -26.10 90.82 -26.85
CA LEU W 56 -26.78 89.71 -27.51
C LEU W 56 -27.16 90.03 -28.94
N ASP W 57 -27.44 91.29 -29.23
CA ASP W 57 -27.88 91.65 -30.58
C ASP W 57 -26.78 91.35 -31.58
N LYS W 58 -25.58 91.83 -31.28
CA LYS W 58 -24.44 91.66 -32.16
C LYS W 58 -24.22 90.17 -32.47
N ILE W 59 -24.17 89.34 -31.42
CA ILE W 59 -23.97 87.91 -31.58
C ILE W 59 -25.13 87.22 -32.32
N TYR W 60 -26.35 87.68 -32.08
CA TYR W 60 -27.50 87.12 -32.77
C TYR W 60 -27.40 87.37 -34.28
N GLN W 61 -27.04 88.60 -34.65
CA GLN W 61 -26.99 89.00 -36.06
C GLN W 61 -25.80 88.38 -36.76
N GLU W 62 -24.66 88.37 -36.07
CA GLU W 62 -23.41 87.91 -36.66
C GLU W 62 -23.18 86.40 -36.60
N ASP W 63 -23.68 85.75 -35.56
CA ASP W 63 -23.31 84.35 -35.32
C ASP W 63 -24.51 83.39 -35.35
N ILE W 64 -25.50 83.64 -34.51
CA ILE W 64 -26.62 82.72 -34.29
C ILE W 64 -27.57 82.56 -35.49
N PHE W 65 -28.05 83.67 -36.02
CA PHE W 65 -29.02 83.61 -37.12
C PHE W 65 -28.45 82.87 -38.33
N PRO W 66 -27.25 83.30 -38.78
CA PRO W 66 -26.64 82.63 -39.94
C PRO W 66 -26.38 81.14 -39.69
N CYS W 67 -26.03 80.78 -38.46
CA CYS W 67 -25.83 79.37 -38.15
C CYS W 67 -27.12 78.57 -38.29
N LEU W 68 -28.24 79.17 -37.91
CA LEU W 68 -29.51 78.45 -37.91
C LEU W 68 -30.32 78.70 -39.17
N THR W 69 -29.66 79.21 -40.22
CA THR W 69 -30.28 79.39 -41.52
C THR W 69 -30.10 78.16 -42.40
N PHE W 70 -31.20 77.48 -42.74
CA PHE W 70 -31.12 76.25 -43.50
C PHE W 70 -32.09 76.23 -44.67
N SER W 71 -32.02 75.18 -45.48
CA SER W 71 -32.90 75.02 -46.64
C SER W 71 -34.36 74.92 -46.23
N LYS W 72 -34.66 73.95 -45.37
CA LYS W 72 -36.04 73.74 -44.92
C LYS W 72 -36.39 74.79 -43.87
N SER W 73 -36.93 75.90 -44.36
CA SER W 73 -37.12 77.11 -43.56
C SER W 73 -38.24 77.02 -42.51
N GLU W 74 -39.14 76.04 -42.68
CA GLU W 74 -40.21 75.82 -41.71
C GLU W 74 -39.67 75.22 -40.40
N LEU W 75 -38.92 74.13 -40.52
CA LEU W 75 -38.34 73.44 -39.36
C LEU W 75 -37.26 74.27 -38.69
N ALA W 76 -36.53 75.05 -39.50
CA ALA W 76 -35.42 75.87 -39.03
C ALA W 76 -35.83 76.90 -37.98
N SER W 77 -36.88 77.68 -38.26
CA SER W 77 -37.32 78.73 -37.34
C SER W 77 -37.83 78.12 -36.04
N ALA W 78 -38.26 76.87 -36.13
CA ALA W 78 -38.75 76.11 -34.98
C ALA W 78 -37.60 75.73 -34.06
N VAL W 79 -36.47 75.38 -34.69
CA VAL W 79 -35.25 75.00 -33.99
C VAL W 79 -34.65 76.13 -33.17
N LEU W 80 -34.56 77.32 -33.76
CA LEU W 80 -34.07 78.52 -33.08
C LEU W 80 -34.85 78.77 -31.77
N GLU W 81 -36.15 78.53 -31.81
CA GLU W 81 -36.98 78.73 -30.63
C GLU W 81 -36.66 77.67 -29.57
N ALA W 82 -36.42 76.45 -30.02
CA ALA W 82 -36.10 75.34 -29.13
C ALA W 82 -34.77 75.63 -28.43
N VAL W 83 -33.87 76.26 -29.17
CA VAL W 83 -32.54 76.54 -28.66
C VAL W 83 -32.62 77.53 -27.51
N GLU W 84 -33.42 78.57 -27.69
CA GLU W 84 -33.61 79.61 -26.67
C GLU W 84 -34.30 79.08 -25.43
N ASN W 85 -35.14 78.06 -25.59
CA ASN W 85 -35.87 77.48 -24.47
C ASN W 85 -35.14 76.28 -23.90
N ASN W 86 -34.03 75.92 -24.53
CA ASN W 86 -33.29 74.73 -24.13
C ASN W 86 -34.16 73.49 -24.26
N THR W 87 -35.14 73.56 -25.16
CA THR W 87 -36.03 72.42 -25.40
C THR W 87 -35.50 71.54 -26.52
N LEU W 88 -34.48 72.03 -27.22
CA LEU W 88 -33.89 71.25 -28.30
C LEU W 88 -32.98 70.21 -27.66
N SER W 89 -32.94 69.01 -28.24
CA SER W 89 -32.10 67.94 -27.72
C SER W 89 -31.58 67.07 -28.86
N ILE W 90 -30.39 66.51 -28.68
CA ILE W 90 -29.75 65.76 -29.75
C ILE W 90 -29.27 64.37 -29.32
N GLU W 91 -29.78 63.34 -29.98
CA GLU W 91 -29.33 61.96 -29.74
C GLU W 91 -28.63 61.36 -30.95
N PRO W 92 -27.72 60.40 -30.70
CA PRO W 92 -27.14 59.55 -31.74
C PRO W 92 -28.10 58.42 -32.13
N VAL W 93 -27.80 57.68 -33.19
CA VAL W 93 -28.69 56.62 -33.65
C VAL W 93 -28.02 55.28 -33.99
N GLY W 94 -27.84 54.45 -32.96
CA GLY W 94 -27.30 53.09 -33.06
C GLY W 94 -27.43 52.34 -34.38
N GLU W 107 -41.01 64.24 -43.41
CA GLU W 107 -40.57 65.40 -42.64
C GLU W 107 -39.33 65.08 -41.80
N CYS W 108 -39.47 64.08 -40.93
CA CYS W 108 -38.39 63.59 -40.04
C CYS W 108 -37.04 63.32 -40.71
N GLY W 109 -37.05 62.99 -42.00
CA GLY W 109 -35.81 62.63 -42.68
C GLY W 109 -35.32 61.27 -42.26
N GLY W 110 -34.16 60.86 -42.77
CA GLY W 110 -33.61 59.55 -42.47
C GLY W 110 -32.10 59.49 -42.55
N PRO W 111 -31.51 58.32 -42.30
CA PRO W 111 -30.05 58.15 -42.26
C PRO W 111 -29.31 58.69 -43.48
N LYS W 112 -29.90 58.61 -44.68
CA LYS W 112 -29.25 59.20 -45.84
C LYS W 112 -29.77 60.59 -46.25
N LYS W 113 -30.77 61.11 -45.55
CA LYS W 113 -31.31 62.43 -45.91
C LYS W 113 -31.56 63.30 -44.68
N CYS W 114 -30.92 64.47 -44.66
CA CYS W 114 -31.00 65.40 -43.54
C CYS W 114 -32.31 66.17 -43.55
N ALA W 115 -32.88 66.41 -42.38
CA ALA W 115 -34.15 67.13 -42.28
C ALA W 115 -33.96 68.62 -42.48
N LEU W 116 -32.88 69.17 -41.92
CA LEU W 116 -32.65 70.61 -42.04
C LEU W 116 -32.23 71.04 -43.45
N THR W 117 -31.17 70.43 -43.97
CA THR W 117 -30.78 70.61 -45.37
C THR W 117 -31.13 69.38 -46.19
N GLY W 118 -31.55 69.58 -47.42
CA GLY W 118 -32.04 68.47 -48.23
C GLY W 118 -30.97 67.48 -48.63
N GLN W 119 -29.75 67.73 -48.18
CA GLN W 119 -28.58 66.97 -48.61
C GLN W 119 -28.66 65.49 -48.24
N SER W 120 -27.99 64.66 -49.04
CA SER W 120 -27.88 63.25 -48.72
C SER W 120 -26.49 62.98 -48.16
N LYS W 121 -26.43 62.71 -46.86
CA LYS W 121 -25.20 62.46 -46.13
C LYS W 121 -25.55 61.50 -45.01
N SER W 122 -24.55 60.84 -44.42
CA SER W 122 -24.86 59.91 -43.34
C SER W 122 -25.22 60.71 -42.10
N CYS W 123 -26.43 60.48 -41.59
CA CYS W 123 -26.92 61.20 -40.43
C CYS W 123 -26.82 60.34 -39.19
N LYS W 124 -25.98 60.75 -38.26
CA LYS W 124 -25.72 59.95 -37.08
C LYS W 124 -26.42 60.52 -35.86
N HIS W 125 -27.13 61.63 -36.04
CA HIS W 125 -27.81 62.26 -34.92
C HIS W 125 -29.27 62.61 -35.19
N ARG W 126 -30.04 62.74 -34.13
CA ARG W 126 -31.47 63.04 -34.21
C ARG W 126 -31.82 64.23 -33.34
N ILE W 127 -32.61 65.14 -33.89
CA ILE W 127 -33.04 66.34 -33.18
C ILE W 127 -34.46 66.16 -32.65
N LYS W 128 -34.72 66.66 -31.46
CA LYS W 128 -36.07 66.61 -30.90
C LYS W 128 -36.41 67.97 -30.27
N LEU W 129 -37.46 68.62 -30.77
CA LEU W 129 -37.80 69.98 -30.34
C LEU W 129 -38.70 70.17 -29.12
N GLY W 130 -38.95 69.10 -28.39
CA GLY W 130 -39.65 69.18 -27.11
C GLY W 130 -41.16 69.17 -27.21
N ASP W 131 -41.78 68.52 -26.21
CA ASP W 131 -43.22 68.33 -26.15
C ASP W 131 -43.69 67.48 -27.35
N SER W 132 -42.79 67.30 -28.30
CA SER W 132 -43.07 66.69 -29.59
C SER W 132 -42.21 65.46 -29.83
N SER W 133 -42.87 64.31 -29.83
CA SER W 133 -42.22 63.01 -29.99
C SER W 133 -41.34 62.90 -31.24
N ASN W 134 -41.53 63.80 -32.21
CA ASN W 134 -40.78 63.73 -33.46
C ASN W 134 -39.26 63.84 -33.36
N TYR W 135 -38.57 62.93 -34.06
CA TYR W 135 -37.13 63.00 -34.24
C TYR W 135 -36.79 63.34 -35.69
N TYR W 136 -36.04 64.42 -35.89
CA TYR W 136 -35.62 64.80 -37.23
C TYR W 136 -34.14 64.45 -37.41
N TYR W 137 -33.83 63.69 -38.46
CA TYR W 137 -32.44 63.31 -38.72
C TYR W 137 -31.62 64.50 -39.20
N ILE W 138 -30.36 64.53 -38.77
CA ILE W 138 -29.50 65.69 -38.96
C ILE W 138 -28.10 65.32 -39.44
N SER W 139 -27.60 66.07 -40.41
CA SER W 139 -26.26 65.84 -40.93
C SER W 139 -25.21 66.31 -39.92
N PRO W 140 -23.99 65.73 -40.00
CA PRO W 140 -22.89 66.12 -39.11
C PRO W 140 -22.61 67.62 -39.21
N PHE W 141 -22.77 68.16 -40.40
CA PHE W 141 -22.63 69.59 -40.66
C PHE W 141 -23.67 70.40 -39.88
N CYS W 142 -24.92 69.96 -39.91
CA CYS W 142 -25.96 70.63 -39.13
C CYS W 142 -25.70 70.49 -37.64
N ARG W 143 -25.29 69.30 -37.20
CA ARG W 143 -25.06 69.06 -35.79
C ARG W 143 -24.05 70.03 -35.20
N TYR W 144 -22.98 70.28 -35.95
CA TYR W 144 -21.96 71.20 -35.49
C TYR W 144 -22.54 72.60 -35.32
N ARG W 145 -23.32 73.03 -36.30
CA ARG W 145 -23.92 74.35 -36.27
C ARG W 145 -24.90 74.47 -35.11
N ILE W 146 -25.74 73.47 -34.92
CA ILE W 146 -26.75 73.57 -33.89
C ILE W 146 -26.10 73.49 -32.51
N THR W 147 -25.21 72.52 -32.31
CA THR W 147 -24.55 72.37 -31.02
C THR W 147 -23.69 73.58 -30.68
N SER W 148 -23.05 74.18 -31.69
CA SER W 148 -22.23 75.37 -31.50
C SER W 148 -23.02 76.53 -30.91
N VAL W 149 -24.26 76.71 -31.37
CA VAL W 149 -25.09 77.76 -30.81
C VAL W 149 -25.58 77.33 -29.43
N CYS W 150 -26.00 76.08 -29.32
CA CYS W 150 -26.52 75.56 -28.05
C CYS W 150 -25.47 75.71 -26.96
N ASN W 151 -24.21 75.55 -27.33
CA ASN W 151 -23.13 75.74 -26.38
C ASN W 151 -23.05 77.19 -25.90
N PHE W 152 -23.20 78.13 -26.83
CA PHE W 152 -23.13 79.54 -26.47
C PHE W 152 -24.23 79.87 -25.47
N PHE W 153 -25.44 79.50 -25.80
CA PHE W 153 -26.58 79.79 -24.94
C PHE W 153 -26.39 79.13 -23.59
N THR W 154 -25.90 77.90 -23.57
CA THR W 154 -25.68 77.19 -22.30
C THR W 154 -24.73 77.96 -21.37
N TYR W 155 -23.64 78.47 -21.93
CA TYR W 155 -22.66 79.20 -21.15
C TYR W 155 -23.16 80.58 -20.78
N ILE W 156 -23.79 81.25 -21.74
CA ILE W 156 -24.36 82.57 -21.51
C ILE W 156 -25.38 82.54 -20.38
N ARG W 157 -26.24 81.53 -20.39
CA ARG W 157 -27.22 81.37 -19.32
C ARG W 157 -26.50 81.07 -18.01
N TYR W 158 -25.43 80.27 -18.06
CA TYR W 158 -24.65 79.96 -16.85
C TYR W 158 -24.21 81.24 -16.18
N ILE W 159 -23.95 82.29 -16.96
CA ILE W 159 -23.53 83.56 -16.42
C ILE W 159 -24.71 84.36 -15.87
N GLN W 160 -25.84 84.30 -16.57
CA GLN W 160 -27.01 85.06 -16.12
C GLN W 160 -27.52 84.54 -14.78
N GLN W 161 -27.56 83.23 -14.59
CA GLN W 161 -27.87 82.70 -13.28
C GLN W 161 -26.57 82.36 -12.56
N GLY W 162 -25.47 82.95 -13.04
CA GLY W 162 -24.13 82.62 -12.62
C GLY W 162 -23.89 82.68 -11.14
N LEU W 163 -23.47 81.58 -10.50
CA LEU W 163 -23.17 80.25 -11.05
C LEU W 163 -21.84 80.07 -11.81
N VAL W 164 -21.17 81.12 -12.26
CA VAL W 164 -19.76 80.92 -12.57
C VAL W 164 -18.97 81.80 -11.63
N LYS W 165 -18.40 81.15 -10.62
CA LYS W 165 -17.66 81.81 -9.55
C LYS W 165 -16.15 81.90 -9.77
N GLN W 166 -15.57 80.80 -10.20
CA GLN W 166 -14.12 80.59 -10.20
C GLN W 166 -13.42 81.00 -11.49
N GLN W 167 -14.18 81.53 -12.43
CA GLN W 167 -13.62 81.98 -13.70
C GLN W 167 -13.50 83.50 -13.65
N ASP W 168 -12.29 84.02 -13.85
CA ASP W 168 -12.04 85.46 -13.79
CA ASP W 168 -12.10 85.46 -13.76
C ASP W 168 -12.62 86.14 -15.02
N VAL W 169 -12.82 87.44 -14.96
CA VAL W 169 -13.47 88.14 -16.07
C VAL W 169 -12.77 87.97 -17.40
N ASP W 170 -11.44 87.97 -17.38
CA ASP W 170 -10.71 87.80 -18.62
C ASP W 170 -10.98 86.43 -19.24
N GLN W 171 -10.94 85.39 -18.41
CA GLN W 171 -11.20 84.04 -18.89
C GLN W 171 -12.58 83.94 -19.53
N MET W 172 -13.57 84.53 -18.87
CA MET W 172 -14.93 84.49 -19.37
C MET W 172 -15.06 85.13 -20.75
N PHE W 173 -14.42 86.29 -20.93
CA PHE W 173 -14.45 86.98 -22.21
C PHE W 173 -13.91 86.07 -23.30
N TRP W 174 -12.76 85.46 -23.04
CA TRP W 174 -12.12 84.59 -24.03
C TRP W 174 -12.81 83.25 -24.26
N GLU W 175 -13.66 82.82 -23.31
CA GLU W 175 -14.50 81.66 -23.56
C GLU W 175 -15.59 82.04 -24.57
N VAL W 176 -16.16 83.23 -24.39
CA VAL W 176 -17.17 83.74 -25.30
C VAL W 176 -16.58 83.97 -26.69
N MET W 177 -15.35 84.47 -26.75
CA MET W 177 -14.70 84.61 -28.04
C MET W 177 -14.52 83.27 -28.74
N GLN W 178 -14.12 82.26 -27.97
CA GLN W 178 -14.00 80.90 -28.48
C GLN W 178 -15.31 80.40 -29.06
N LEU W 179 -16.36 80.52 -28.25
CA LEU W 179 -17.71 80.09 -28.62
C LEU W 179 -18.17 80.77 -29.90
N ARG W 180 -17.84 82.05 -30.04
CA ARG W 180 -18.21 82.80 -31.22
C ARG W 180 -17.40 82.33 -32.42
N LYS W 181 -16.14 81.99 -32.17
CA LYS W 181 -15.25 81.47 -33.20
C LYS W 181 -15.81 80.19 -33.81
N GLU W 182 -16.34 79.31 -32.96
CA GLU W 182 -16.94 78.07 -33.44
C GLU W 182 -18.14 78.39 -34.33
N MET W 183 -19.04 79.24 -33.83
CA MET W 183 -20.23 79.60 -34.61
C MET W 183 -19.82 80.26 -35.91
N SER W 184 -18.82 81.14 -35.86
CA SER W 184 -18.37 81.85 -37.05
C SER W 184 -17.84 80.91 -38.11
N LEU W 185 -17.20 79.82 -37.68
CA LEU W 185 -16.69 78.83 -38.63
C LEU W 185 -17.83 78.03 -39.23
N ALA W 186 -18.77 77.61 -38.39
CA ALA W 186 -19.95 76.88 -38.84
C ALA W 186 -20.79 77.74 -39.80
N LYS W 187 -20.93 79.02 -39.48
CA LYS W 187 -21.58 79.98 -40.36
C LYS W 187 -21.09 79.82 -41.80
N LEU W 188 -19.79 79.60 -41.94
CA LEU W 188 -19.13 79.59 -43.24
C LEU W 188 -18.94 78.18 -43.79
N GLY W 189 -19.35 77.17 -43.02
CA GLY W 189 -19.28 75.80 -43.50
C GLY W 189 -18.06 75.00 -43.05
N TYR W 190 -17.29 75.56 -42.14
CA TYR W 190 -16.14 74.86 -41.60
C TYR W 190 -16.54 74.14 -40.31
N PHE W 191 -16.56 72.81 -40.34
CA PHE W 191 -17.00 72.07 -39.16
C PHE W 191 -16.10 70.91 -38.79
N LYS W 192 -16.37 70.31 -37.63
CA LYS W 192 -15.58 69.22 -37.09
C LYS W 192 -16.47 68.02 -36.83
N GLU W 193 -15.92 66.82 -36.97
CA GLU W 193 -16.72 65.59 -36.81
C GLU W 193 -16.05 64.55 -35.91
N GLU W 194 -16.88 63.64 -35.41
CA GLU W 194 -16.55 62.53 -34.48
C GLU W 194 -17.46 62.58 -33.25
N MET X 31 12.01 70.93 -16.12
CA MET X 31 11.21 69.77 -16.46
C MET X 31 11.26 68.71 -15.35
N GLU X 32 12.18 68.92 -14.42
CA GLU X 32 12.38 68.00 -13.29
C GLU X 32 11.46 68.28 -12.11
N ALA X 33 10.86 69.47 -12.09
CA ALA X 33 9.98 69.86 -10.98
C ALA X 33 8.63 69.13 -10.99
N ILE X 34 8.13 68.85 -12.18
CA ILE X 34 6.85 68.16 -12.30
C ILE X 34 6.98 66.65 -12.07
N GLN X 35 8.19 66.12 -12.23
CA GLN X 35 8.43 64.69 -12.04
C GLN X 35 8.44 64.25 -10.58
N LYS X 36 8.97 65.10 -9.71
CA LYS X 36 9.07 64.77 -8.28
C LYS X 36 7.79 65.03 -7.48
N GLN X 37 6.97 65.96 -7.94
CA GLN X 37 5.74 66.29 -7.22
C GLN X 37 4.62 65.29 -7.42
N GLU X 38 4.69 64.49 -8.48
CA GLU X 38 3.67 63.47 -8.68
C GLU X 38 3.88 62.31 -7.73
N GLU X 39 5.13 62.09 -7.34
CA GLU X 39 5.45 61.05 -6.37
C GLU X 39 5.10 61.50 -4.95
N ILE X 40 5.16 62.80 -4.70
CA ILE X 40 4.83 63.36 -3.40
C ILE X 40 3.32 63.33 -3.13
N ASN X 41 2.55 63.82 -4.11
CA ASN X 41 1.09 63.79 -4.03
C ASN X 41 0.61 62.36 -3.84
N PHE X 42 1.29 61.44 -4.55
CA PHE X 42 0.97 60.02 -4.46
C PHE X 42 1.04 59.54 -3.01
N ARG X 43 2.09 59.95 -2.29
CA ARG X 43 2.27 59.53 -0.91
C ARG X 43 1.22 60.15 0.02
N LEU X 44 0.89 61.42 -0.23
CA LEU X 44 -0.11 62.12 0.57
C LEU X 44 -1.45 61.40 0.51
N GLN X 45 -1.79 60.92 -0.68
CA GLN X 45 -3.07 60.25 -0.89
C GLN X 45 -3.09 58.88 -0.22
N ASP X 46 -1.97 58.15 -0.31
CA ASP X 46 -1.86 56.84 0.31
C ASP X 46 -2.02 56.94 1.82
N TYR X 47 -1.58 58.06 2.38
CA TYR X 47 -1.76 58.33 3.80
C TYR X 47 -3.22 58.54 4.14
N ILE X 48 -3.88 59.37 3.34
CA ILE X 48 -5.28 59.69 3.57
C ILE X 48 -6.14 58.44 3.51
N ASP X 49 -5.83 57.55 2.57
CA ASP X 49 -6.58 56.31 2.46
C ASP X 49 -6.43 55.44 3.71
N ARG X 50 -5.19 55.19 4.14
CA ARG X 50 -4.94 54.34 5.30
C ARG X 50 -5.64 54.87 6.56
N ILE X 51 -5.52 56.17 6.79
CA ILE X 51 -6.11 56.82 7.95
C ILE X 51 -7.63 56.77 7.86
N ILE X 52 -8.15 56.91 6.65
CA ILE X 52 -9.59 56.86 6.42
C ILE X 52 -10.14 55.50 6.79
N VAL X 53 -9.41 54.44 6.45
CA VAL X 53 -9.80 53.08 6.81
C VAL X 53 -10.01 52.98 8.31
N ALA X 54 -9.08 53.53 9.07
CA ALA X 54 -9.15 53.53 10.52
C ALA X 54 -10.35 54.33 11.03
N ILE X 55 -10.57 55.52 10.47
CA ILE X 55 -11.64 56.40 10.93
C ILE X 55 -13.02 55.76 10.81
N MET X 56 -13.22 55.00 9.74
CA MET X 56 -14.47 54.29 9.51
C MET X 56 -14.57 52.97 10.29
N GLU X 57 -13.42 52.31 10.46
CA GLU X 57 -13.36 51.02 11.16
C GLU X 57 -13.72 51.14 12.64
N THR X 58 -13.65 52.35 13.20
CA THR X 58 -13.95 52.55 14.61
C THR X 58 -15.02 53.62 14.85
N ASN X 59 -14.65 54.89 14.73
CA ASN X 59 -15.62 55.97 14.94
C ASN X 59 -15.74 56.90 13.72
N PRO X 60 -16.58 56.50 12.75
CA PRO X 60 -16.85 57.18 11.48
C PRO X 60 -17.59 58.50 11.63
N SER X 61 -18.07 58.83 12.82
CA SER X 61 -18.78 60.09 13.07
C SER X 61 -17.98 61.29 12.55
N ILE X 62 -16.66 61.14 12.52
CA ILE X 62 -15.75 62.19 12.10
C ILE X 62 -15.97 62.64 10.66
N LEU X 63 -16.30 61.68 9.78
CA LEU X 63 -16.35 61.92 8.34
C LEU X 63 -17.62 62.56 7.82
N GLU X 64 -18.49 63.00 8.72
CA GLU X 64 -19.72 63.66 8.32
C GLU X 64 -19.46 65.09 7.88
N VAL X 65 -20.20 65.54 6.86
CA VAL X 65 -20.10 66.90 6.39
C VAL X 65 -20.94 67.84 7.23
N LYS X 66 -22.25 67.84 6.97
CA LYS X 66 -23.25 68.60 7.72
C LYS X 66 -22.88 68.91 9.18
PG GNP Y . -50.60 -26.86 17.25
O1G GNP Y . -49.39 -27.02 16.35
O2G GNP Y . -50.47 -25.49 17.86
O3G GNP Y . -51.93 -27.16 16.59
N3B GNP Y . -50.48 -27.85 18.49
PB GNP Y . -51.40 -27.70 19.76
O1B GNP Y . -51.06 -26.49 20.54
O2B GNP Y . -52.79 -27.78 19.25
O3A GNP Y . -51.12 -28.90 20.69
PA GNP Y . -51.79 -30.29 20.58
O1A GNP Y . -53.12 -30.25 21.24
O2A GNP Y . -51.70 -30.81 19.19
O5' GNP Y . -50.94 -31.26 21.47
C5' GNP Y . -49.54 -31.36 21.31
C4' GNP Y . -49.06 -32.60 22.03
O4' GNP Y . -49.13 -32.38 23.47
C3' GNP Y . -49.89 -33.85 21.74
O3' GNP Y . -49.04 -34.98 21.71
C2' GNP Y . -50.83 -33.88 22.92
O2' GNP Y . -51.30 -35.17 23.25
C1' GNP Y . -49.94 -33.38 24.05
N9 GNP Y . -50.77 -32.81 25.11
C8 GNP Y . -51.77 -31.90 24.95
N7 GNP Y . -52.35 -31.58 26.07
C5 GNP Y . -51.68 -32.33 27.03
C6 GNP Y . -51.88 -32.39 28.43
O6 GNP Y . -52.71 -31.79 29.11
N1 GNP Y . -50.99 -33.29 29.02
C2 GNP Y . -50.03 -34.02 28.35
N2 GNP Y . -49.27 -34.83 29.10
N3 GNP Y . -49.84 -33.96 27.04
C4 GNP Y . -50.71 -33.10 26.44
MG MG Z . -53.44 -27.90 17.42
PG GNP AA . 23.75 -23.87 27.98
O1G GNP AA . 22.34 -24.17 28.44
O2G GNP AA . 24.54 -23.81 29.26
O3G GNP AA . 24.28 -24.83 26.93
N3B GNP AA . 23.89 -22.42 27.35
PB GNP AA . 25.31 -21.84 26.93
O1B GNP AA . 26.09 -21.43 28.11
O2B GNP AA . 25.88 -22.90 26.04
O3A GNP AA . 25.14 -20.60 26.06
PA GNP AA . 25.40 -20.57 24.56
O1A GNP AA . 26.86 -20.69 24.31
O2A GNP AA . 24.47 -21.47 23.85
O5' GNP AA . 25.03 -19.14 24.05
C5' GNP AA . 23.84 -18.55 24.52
C4' GNP AA . 23.55 -17.36 23.63
O4' GNP AA . 24.53 -16.34 23.91
C3' GNP AA . 23.65 -17.69 22.16
O3' GNP AA . 22.67 -16.97 21.45
C2' GNP AA . 25.07 -17.21 21.83
O2' GNP AA . 25.24 -16.84 20.48
C1' GNP AA . 25.14 -15.97 22.70
N9 GNP AA . 26.51 -15.57 22.98
C8 GNP AA . 27.52 -16.40 23.40
N7 GNP AA . 28.65 -15.79 23.58
C5 GNP AA . 28.38 -14.47 23.26
C6 GNP AA . 29.23 -13.35 23.28
O6 GNP AA . 30.43 -13.29 23.58
N1 GNP AA . 28.57 -12.19 22.90
C2 GNP AA . 27.24 -12.12 22.54
N2 GNP AA . 26.79 -10.91 22.21
N3 GNP AA . 26.42 -13.18 22.53
C4 GNP AA . 27.07 -14.32 22.89
MG MG BA . 26.20 -25.00 26.58
PG GNP CA . 7.21 -51.05 22.23
O1G GNP CA . 6.59 -49.76 21.75
O2G GNP CA . 7.88 -51.58 20.99
O3G GNP CA . 8.07 -50.91 23.48
N3B GNP CA . 6.06 -52.07 22.57
PB GNP CA . 6.35 -53.52 23.17
O1B GNP CA . 6.52 -54.51 22.09
O2B GNP CA . 7.50 -53.34 24.09
O3A GNP CA . 5.13 -53.90 24.01
PA GNP CA . 5.12 -53.81 25.54
O1A GNP CA . 5.40 -55.17 26.05
O2A GNP CA . 5.93 -52.67 26.06
O5' GNP CA . 3.64 -53.51 25.98
C5' GNP CA . 2.57 -54.22 25.43
C4' GNP CA . 1.32 -53.72 26.10
O4' GNP CA . 0.33 -54.76 26.01
C3' GNP CA . 1.48 -53.44 27.58
O3' GNP CA . 0.47 -52.57 28.06
C2' GNP CA . 1.27 -54.81 28.20
O2' GNP CA . 0.61 -54.67 29.44
C1' GNP CA . 0.34 -55.51 27.20
N9 GNP CA . 0.78 -56.88 26.95
C8 GNP CA . 2.03 -57.33 26.65
N7 GNP CA . 2.10 -58.62 26.50
C5 GNP CA . 0.80 -59.04 26.73
C6 GNP CA . 0.26 -60.34 26.70
O6 GNP CA . 0.85 -61.39 26.48
N1 GNP CA . -1.12 -60.31 26.98
C2 GNP CA . -1.85 -59.18 27.25
N2 GNP CA . -3.15 -59.33 27.50
N3 GNP CA . -1.34 -57.96 27.28
C4 GNP CA . -0.02 -57.98 27.01
MG MG DA . 9.54 -52.67 23.65
PG GNP EA . -24.08 7.53 32.65
O1G GNP EA . -23.08 6.76 33.48
O2G GNP EA . -25.16 6.52 32.33
O3G GNP EA . -24.53 8.84 33.28
N3B GNP EA . -23.42 7.92 31.26
PB GNP EA . -24.23 8.68 30.11
O1B GNP EA . -25.08 7.72 29.39
O2B GNP EA . -24.88 9.83 30.80
O3A GNP EA . -23.25 9.25 29.09
PA GNP EA . -22.62 10.63 29.26
O1A GNP EA . -23.55 11.62 28.68
O2A GNP EA . -22.18 10.82 30.68
O5' GNP EA . -21.35 10.72 28.35
C5' GNP EA . -20.37 9.73 28.42
C4' GNP EA . -19.16 10.20 27.63
O4' GNP EA . -19.49 10.14 26.22
C3' GNP EA . -18.76 11.63 27.91
O3' GNP EA . -17.36 11.73 27.85
C2' GNP EA . -19.47 12.41 26.81
O2' GNP EA . -18.83 13.60 26.42
C1' GNP EA . -19.38 11.43 25.66
N9 GNP EA . -20.45 11.63 24.70
C8 GNP EA . -21.80 11.67 24.95
N7 GNP EA . -22.51 11.88 23.87
C5 GNP EA . -21.57 11.99 22.86
C6 GNP EA . -21.72 12.23 21.48
O6 GNP EA . -22.76 12.38 20.84
N1 GNP EA . -20.49 12.26 20.81
C2 GNP EA . -19.27 12.10 21.42
N2 GNP EA . -18.19 12.16 20.61
N3 GNP EA . -19.11 11.87 22.71
C4 GNP EA . -20.29 11.84 23.36
MG MG FA . -26.32 9.66 32.91
PG GNP GA . 41.21 21.84 -13.18
O1G GNP GA . 42.37 20.89 -13.09
O2G GNP GA . 40.01 20.98 -12.88
O3G GNP GA . 41.36 23.11 -12.35
N3B GNP GA . 41.08 22.33 -14.68
PB GNP GA . 40.06 23.46 -15.16
O1B GNP GA . 38.81 22.84 -15.66
O2B GNP GA . 39.96 24.45 -14.06
O3A GNP GA . 40.70 24.17 -16.33
PA GNP GA . 41.19 25.61 -16.21
O1A GNP GA . 40.02 26.52 -16.18
O2A GNP GA . 42.22 25.70 -15.14
O5' GNP GA . 41.95 25.92 -17.56
C5' GNP GA . 42.99 25.05 -17.92
C4' GNP GA . 43.71 25.61 -19.11
O4' GNP GA . 42.72 25.78 -20.16
C3' GNP GA . 44.30 26.99 -18.86
O3' GNP GA . 45.50 27.14 -19.61
C2' GNP GA . 43.18 27.90 -19.35
O2' GNP GA . 43.63 29.20 -19.71
C1' GNP GA . 42.73 27.13 -20.57
N9 GNP GA . 41.38 27.52 -20.98
C8 GNP GA . 40.25 27.52 -20.20
N7 GNP GA . 39.19 27.93 -20.83
C5 GNP GA . 39.65 28.22 -22.10
C6 GNP GA . 38.95 28.71 -23.21
O6 GNP GA . 37.74 28.98 -23.27
N1 GNP GA . 39.79 28.88 -24.32
C2 GNP GA . 41.14 28.60 -24.33
N2 GNP GA . 41.80 28.82 -25.49
N3 GNP GA . 41.81 28.14 -23.28
C4 GNP GA . 41.00 27.98 -22.21
MG MG HA . 39.32 23.91 -11.98
S SO4 IA . 22.96 24.85 -29.44
O1 SO4 IA . 22.53 23.46 -29.29
O2 SO4 IA . 21.90 25.76 -29.02
O3 SO4 IA . 24.15 25.10 -28.62
O4 SO4 IA . 23.27 25.11 -30.85
PG GNP JA . -19.35 27.36 -37.95
O1G GNP JA . -19.63 28.35 -39.06
O2G GNP JA . -19.76 28.08 -36.70
O3G GNP JA . -19.88 25.94 -38.09
N3B GNP JA . -17.79 27.16 -37.85
PB GNP JA . -17.17 26.53 -36.54
O1B GNP JA . -16.66 27.62 -35.69
O2B GNP JA . -18.18 25.59 -35.99
O3A GNP JA . -15.98 25.70 -36.99
PA GNP JA . -16.13 24.26 -37.49
O1A GNP JA . -16.18 23.37 -36.30
O2A GNP JA . -17.24 24.17 -38.45
O5' GNP JA . -14.77 23.94 -38.25
C5' GNP JA . -14.10 24.99 -38.94
C4' GNP JA . -12.96 24.44 -39.79
O4' GNP JA . -11.74 24.36 -39.00
C3' GNP JA . -13.18 23.04 -40.34
O3' GNP JA . -12.55 22.90 -41.60
C2' GNP JA . -12.51 22.16 -39.30
O2' GNP JA . -12.09 20.92 -39.82
C1' GNP JA . -11.30 23.03 -38.91
N9 GNP JA . -10.87 22.72 -37.56
C8 GNP JA . -11.69 22.59 -36.47
N7 GNP JA . -11.07 22.30 -35.37
C5 GNP JA . -9.74 22.22 -35.75
C6 GNP JA . -8.58 21.92 -34.98
O6 GNP JA . -8.53 21.67 -33.77
N1 GNP JA . -7.42 21.94 -35.74
C2 GNP JA . -7.38 22.21 -37.09
N2 GNP JA . -6.15 22.18 -37.64
N3 GNP JA . -8.45 22.49 -37.83
C4 GNP JA . -9.59 22.48 -37.10
MG MG KA . -20.74 25.86 -36.20
PG GNP LA . 26.91 -16.43 -32.69
O1G GNP LA . 27.62 -16.26 -34.02
O2G GNP LA . 26.85 -15.01 -32.17
O3G GNP LA . 25.61 -17.19 -32.72
N3B GNP LA . 27.87 -17.25 -31.72
PB GNP LA . 27.62 -17.48 -30.17
O1B GNP LA . 28.23 -16.37 -29.39
O2B GNP LA . 26.16 -17.75 -29.99
O3A GNP LA . 28.37 -18.74 -29.74
PA GNP LA . 27.75 -20.14 -29.71
O1A GNP LA . 27.15 -20.38 -28.39
O2A GNP LA . 26.89 -20.33 -30.90
O5' GNP LA . 28.95 -21.14 -29.82
C5' GNP LA . 30.28 -20.69 -29.84
C4' GNP LA . 31.17 -21.92 -29.73
O4' GNP LA . 31.74 -22.02 -28.41
C3' GNP LA . 30.39 -23.21 -29.94
O3' GNP LA . 31.27 -24.21 -30.38
C2' GNP LA . 29.91 -23.47 -28.52
O2' GNP LA . 29.55 -24.82 -28.29
C1' GNP LA . 31.18 -23.13 -27.75
N9 GNP LA . 30.90 -22.80 -26.36
C8 GNP LA . 29.82 -22.11 -25.85
N7 GNP LA . 29.86 -21.98 -24.55
C5 GNP LA . 31.03 -22.63 -24.18
C6 GNP LA . 31.61 -22.82 -22.91
O6 GNP LA . 31.18 -22.43 -21.80
N1 GNP LA . 32.80 -23.54 -22.97
C2 GNP LA . 33.37 -24.01 -24.14
N2 GNP LA . 34.53 -24.68 -24.03
N3 GNP LA . 32.84 -23.83 -25.34
C4 GNP LA . 31.68 -23.14 -25.28
MG MG MA . 24.38 -16.70 -31.22
PG GNP NA . -15.60 62.87 -8.28
O1G GNP NA . -14.16 63.20 -8.62
O2G GNP NA . -15.87 61.55 -8.98
O3G GNP NA . -15.97 62.90 -6.81
N3B GNP NA . -16.52 63.94 -9.01
PB GNP NA . -18.10 63.77 -9.13
O1B GNP NA . -18.41 62.59 -9.97
O2B GNP NA . -18.64 63.78 -7.75
O3A GNP NA . -18.65 64.96 -9.90
PA GNP NA . -18.78 66.41 -9.41
O1A GNP NA . -19.95 66.53 -8.51
O2A GNP NA . -17.47 66.94 -8.93
O5' GNP NA . -19.11 67.25 -10.70
C5' GNP NA . -18.44 66.96 -11.92
C4' GNP NA . -18.56 68.13 -12.87
O4' GNP NA . -19.82 68.06 -13.59
C3' GNP NA . -18.55 69.51 -12.23
O3' GNP NA . -18.10 70.46 -13.18
C2' GNP NA . -20.02 69.72 -11.94
O2' GNP NA . -20.34 71.09 -11.84
C1' GNP NA . -20.64 69.15 -13.22
N9 GNP NA . -22.00 68.67 -13.03
C8 GNP NA . -22.46 67.87 -12.02
N7 GNP NA . -23.74 67.61 -12.12
C5 GNP NA . -24.14 68.28 -13.25
C6 GNP NA . -25.43 68.38 -13.86
O6 GNP NA . -26.50 67.86 -13.50
N1 GNP NA . -25.40 69.17 -15.01
C2 GNP NA . -24.27 69.79 -15.51
N2 GNP NA . -24.44 70.51 -16.63
N3 GNP NA . -23.07 69.71 -14.95
C4 GNP NA . -23.09 68.94 -13.83
MG MG OA . -17.09 64.42 -6.25
O1 PG4 PA . -20.14 69.84 -16.62
C1 PG4 PA . -20.14 71.18 -17.11
C2 PG4 PA . -21.47 71.50 -17.76
O2 PG4 PA . -21.37 72.63 -18.64
C3 PG4 PA . -21.24 72.34 -20.05
C4 PG4 PA . -21.27 73.63 -20.85
O3 PG4 PA . -19.98 74.27 -20.78
C5 PG4 PA . -19.96 75.66 -21.03
C6 PG4 PA . -18.51 76.19 -20.87
O4 PG4 PA . -17.97 75.86 -19.57
C7 PG4 PA . -16.85 76.66 -19.13
C8 PG4 PA . -16.37 76.20 -17.80
O5 PG4 PA . -17.35 76.48 -16.80
HO1 PG4 PA . -17.18 75.99 -16.08
H11 PG4 PA . -15.54 76.65 -17.58
H12 PG4 PA . -16.21 75.25 -17.84
H21 PG4 PA . -17.14 77.61 -19.06
H22 PG4 PA . -16.14 76.59 -19.78
H31 PG4 PA . -18.51 77.17 -20.99
H32 PG4 PA . -17.95 75.80 -21.56
H41 PG4 PA . -20.52 76.09 -20.41
H42 PG4 PA . -20.27 75.83 -21.94
H51 PG4 PA . -21.95 74.23 -20.47
H52 PG4 PA . -21.49 73.44 -21.76
H61 PG4 PA . -21.95 71.79 -20.32
H62 PG4 PA . -20.40 71.89 -20.20
H71 PG4 PA . -22.14 71.69 -17.06
H72 PG4 PA . -21.76 70.73 -18.26
H81 PG4 PA . -20.01 71.79 -16.36
H82 PG4 PA . -19.41 71.31 -17.76
HO5 PG4 PA . -20.47 69.82 -15.81
#